data_7M3T
#
_entry.id   7M3T
#
_cell.length_a   234.050
_cell.length_b   234.050
_cell.length_c   234.050
_cell.angle_alpha   90.000
_cell.angle_beta   90.000
_cell.angle_gamma   90.000
#
_symmetry.space_group_name_H-M   'P 2 3'
#
loop_
_entity.id
_entity.type
_entity.pdbx_description
1 polymer 'Coat protein'
2 polymer 'Coat protein'
3 polymer 'Coat protein'
4 polymer "RNA (5'-R(P*AP*AP*AP*AP*AP*AP*AP*AP*AP*A)-3')"
5 polymer "RNA (5'-R(P*UP*UP*UP*UP*UP*UP*UP*UP*UP*UP*UP*U)-3')"
6 polymer "RNA (5'-R(P*UP*AP*UP*UP*UP*UP*UP*UP*UP*UP*UP*U)-3')"
7 polymer "RNA (5'-R(P*UP*UP*UP*UP*UP*UP*UP*UP*UP*UP*U)-3')"
8 polymer "RNA (5'-R(P*UP*UP*UP*UP*UP*UP*UP*UP*UP*U)-3')"
9 polymer "RNA (5'-R(P*UP*UP*UP*UP*UP*UP*UP*U)-3')"
10 polymer "RNA (5'-R(P*AP*AP*AP*AP*AP*AP*AP*AP*AP*AP*AP*A)-3')"
11 non-polymer 'PHOSPHATE ION'
12 non-polymer 'CHLORIDE ION'
13 non-polymer 'MAGNESIUM ION'
14 water water
#
loop_
_entity_poly.entity_id
_entity_poly.type
_entity_poly.pdbx_seq_one_letter_code
_entity_poly.pdbx_strand_id
1 'polypeptide(L)'
;MGRGKVKPNRKSTGDNSNVVTMIRAGSYPKVNPTPTWVRAIPFEVSVQSGIAFKVPVGSLFSANFRTDSFTSVTVMSVRA
WTQLTPPVNEYSFVRLKPLFKTGDSTEEFEGRASNINTRASVGYRIPTNLRQNTVAADNVCEVRSNCRQVALVISCCFN
;
A,B,C,D,E,F,H,I,J,K,L,M,O,GG,HH,II,JJ,KK
2 'polypeptide(L)'
;MGRGKVKPNRKSTGDNSNVVTMIRAGSYPKVNPTPTWVRAIPFEVSVQSGIAFKVPVGSLFSANFRTDSFTSVTVMSVRA
WTQLTPPVNEYSFVRLKPLFKTGDSTEEFEGRASNINTRASVGYRIPSNLRQNTVAADNVCEVRSNCRQVALVISCCFN
;
G
3 'polypeptide(L)'
;MGRGKVKPNRKSTGDNSNVVTMIRAGSYPKVNPTPTWVRAIPFEVSVQSGIAFKVPVGSLFSANFRTDSFTSVTVMSVRA
WTQLTPPVNEYSFVRLKPLFKTGDSTEEFEGRASNINTRASVGYRIPTNLRQNTVAVDNVCEVRSNCRQVALVISCCFN
;
N
4 'polyribonucleotide' AAAAAAAAAA P,S,T,V,X,Y,a,TT,UU
5 'polyribonucleotide' UUUUUUUUUUUU e,WW
6 'polyribonucleotide' UAUUUUUUUUUU h
7 'polyribonucleotide' UUUUUUUUUUU i,ll
8 'polyribonucleotide' UUUUUUUUUU m,kk
9 'polyribonucleotide' UUUUUUUU n,qq
10 'polyribonucleotide' AAAAAAAAAAAA bb
#
# COMPACT_ATOMS: atom_id res chain seq x y z
N ASN A 16 20.43 25.84 36.21
CA ASN A 16 21.16 25.83 37.47
C ASN A 16 20.44 26.65 38.55
N SER A 17 20.42 26.12 39.77
CA SER A 17 19.82 26.79 40.93
C SER A 17 20.22 26.07 42.20
N ASN A 18 20.62 26.82 43.24
CA ASN A 18 21.23 26.23 44.42
C ASN A 18 20.44 26.49 45.70
N VAL A 19 19.27 27.11 45.62
CA VAL A 19 18.44 27.40 46.78
C VAL A 19 16.98 27.16 46.43
N VAL A 20 16.13 27.21 47.46
CA VAL A 20 14.69 27.09 47.26
C VAL A 20 14.15 28.37 46.64
N THR A 21 13.17 28.23 45.76
CA THR A 21 12.53 29.36 45.10
C THR A 21 11.02 29.32 45.37
N MET A 22 10.40 30.49 45.43
CA MET A 22 8.98 30.58 45.71
C MET A 22 8.16 30.22 44.48
N ILE A 23 7.01 29.59 44.71
CA ILE A 23 6.06 29.24 43.65
C ILE A 23 4.83 30.12 43.85
N ARG A 24 4.47 30.88 42.81
CA ARG A 24 3.31 31.76 42.87
C ARG A 24 2.07 30.94 42.48
N ALA A 25 1.62 30.12 43.43
CA ALA A 25 0.48 29.25 43.18
C ALA A 25 -0.80 30.07 43.04
N GLY A 26 -1.86 29.40 42.60
CA GLY A 26 -3.15 30.05 42.41
C GLY A 26 -4.30 29.37 43.13
N SER A 27 -5.32 28.99 42.38
CA SER A 27 -6.47 28.31 42.97
C SER A 27 -6.11 26.86 43.30
N TYR A 28 -6.90 26.27 44.19
CA TYR A 28 -6.69 24.87 44.54
C TYR A 28 -7.02 24.00 43.34
N PRO A 29 -6.13 23.13 42.92
CA PRO A 29 -6.30 22.40 41.66
C PRO A 29 -7.22 21.19 41.83
N LYS A 30 -7.37 20.45 40.74
CA LYS A 30 -8.07 19.17 40.77
C LYS A 30 -7.08 18.10 41.24
N VAL A 31 -7.44 17.36 42.29
CA VAL A 31 -6.53 16.40 42.90
C VAL A 31 -7.15 15.00 42.81
N ASN A 32 -6.33 14.01 43.12
CA ASN A 32 -6.75 12.62 43.13
C ASN A 32 -5.78 11.80 43.97
N PRO A 33 -6.19 11.34 45.15
CA PRO A 33 -5.25 10.61 46.02
C PRO A 33 -4.95 9.20 45.56
N THR A 34 -5.80 8.60 44.72
CA THR A 34 -5.64 7.21 44.29
C THR A 34 -5.73 7.16 42.77
N PRO A 35 -4.70 7.63 42.08
CA PRO A 35 -4.78 7.76 40.62
C PRO A 35 -4.55 6.42 39.93
N THR A 36 -4.72 6.46 38.61
CA THR A 36 -4.47 5.28 37.80
C THR A 36 -2.97 5.01 37.71
N TRP A 37 -2.62 3.73 37.62
CA TRP A 37 -1.23 3.30 37.50
C TRP A 37 -1.13 2.19 36.48
N VAL A 38 -0.24 2.35 35.51
CA VAL A 38 -0.01 1.36 34.46
C VAL A 38 1.32 0.69 34.74
N ARG A 39 1.34 -0.64 34.69
CA ARG A 39 2.48 -1.39 35.18
C ARG A 39 2.78 -2.55 34.25
N ALA A 40 3.94 -3.16 34.49
CA ALA A 40 4.31 -4.45 33.91
C ALA A 40 4.64 -5.36 35.09
N ILE A 41 3.74 -6.27 35.41
CA ILE A 41 3.80 -7.05 36.64
C ILE A 41 4.56 -8.35 36.35
N PRO A 42 5.67 -8.61 37.03
CA PRO A 42 6.36 -9.90 36.87
C PRO A 42 6.03 -10.87 38.01
N PHE A 43 5.36 -11.97 37.68
CA PHE A 43 5.05 -12.99 38.67
C PHE A 43 5.12 -14.36 38.02
N GLU A 44 5.24 -15.39 38.85
CA GLU A 44 5.40 -16.76 38.39
C GLU A 44 4.20 -17.60 38.80
N VAL A 45 3.94 -18.63 38.00
CA VAL A 45 2.88 -19.60 38.27
C VAL A 45 3.45 -21.00 38.13
N SER A 46 2.86 -21.94 38.86
CA SER A 46 3.22 -23.35 38.76
C SER A 46 2.32 -24.04 37.75
N VAL A 47 2.93 -24.77 36.82
CA VAL A 47 2.22 -25.44 35.74
C VAL A 47 2.49 -26.94 35.84
N GLN A 48 1.49 -27.74 35.48
CA GLN A 48 1.60 -29.18 35.48
C GLN A 48 1.60 -29.70 34.05
N SER A 49 2.28 -30.83 33.85
CA SER A 49 2.41 -31.39 32.52
C SER A 49 1.06 -31.85 31.99
N GLY A 50 0.71 -31.42 30.78
CA GLY A 50 -0.55 -31.82 30.18
C GLY A 50 -1.78 -31.19 30.79
N ILE A 51 -1.63 -30.22 31.69
CA ILE A 51 -2.74 -29.61 32.40
C ILE A 51 -2.67 -28.10 32.20
N ALA A 52 -3.79 -27.50 31.83
CA ALA A 52 -3.87 -26.08 31.57
C ALA A 52 -4.17 -25.34 32.88
N PHE A 53 -3.28 -24.43 33.25
CA PHE A 53 -3.44 -23.64 34.47
C PHE A 53 -4.11 -22.31 34.12
N LYS A 54 -5.19 -21.98 34.83
CA LYS A 54 -5.91 -20.73 34.61
C LYS A 54 -5.31 -19.64 35.50
N VAL A 55 -4.76 -18.61 34.88
CA VAL A 55 -4.09 -17.54 35.60
C VAL A 55 -5.12 -16.63 36.25
N PRO A 56 -5.11 -16.50 37.57
CA PRO A 56 -6.08 -15.62 38.23
C PRO A 56 -5.62 -14.17 38.22
N VAL A 57 -6.57 -13.28 38.03
CA VAL A 57 -6.26 -11.85 38.07
C VAL A 57 -5.86 -11.41 39.47
N GLY A 58 -6.32 -12.13 40.50
CA GLY A 58 -6.00 -11.79 41.87
C GLY A 58 -4.53 -11.84 42.21
N SER A 59 -3.72 -12.46 41.35
CA SER A 59 -2.28 -12.44 41.54
C SER A 59 -1.67 -11.09 41.21
N LEU A 60 -2.36 -10.27 40.42
CA LEU A 60 -1.86 -8.94 40.10
C LEU A 60 -2.03 -7.96 41.25
N PHE A 61 -2.97 -8.23 42.16
CA PHE A 61 -3.21 -7.36 43.31
C PHE A 61 -2.43 -7.90 44.50
N SER A 62 -1.36 -7.21 44.85
CA SER A 62 -0.48 -7.67 45.92
C SER A 62 0.33 -6.47 46.41
N ALA A 63 0.84 -6.61 47.64
CA ALA A 63 1.75 -5.61 48.19
C ALA A 63 3.13 -5.71 47.56
N ASN A 64 3.48 -6.87 47.03
CA ASN A 64 4.76 -7.07 46.36
C ASN A 64 4.83 -6.34 45.03
N PHE A 65 3.72 -5.77 44.57
CA PHE A 65 3.68 -4.97 43.35
C PHE A 65 3.18 -3.56 43.63
N ARG A 66 2.94 -3.20 44.88
CA ARG A 66 2.38 -1.91 45.29
C ARG A 66 0.97 -1.73 44.74
N THR A 67 0.28 -2.84 44.42
CA THR A 67 -1.04 -2.81 43.82
C THR A 67 -2.09 -3.48 44.68
N ASP A 68 -1.86 -3.58 45.99
CA ASP A 68 -2.84 -4.18 46.88
C ASP A 68 -4.05 -3.28 47.10
N SER A 69 -3.93 -1.99 46.78
CA SER A 69 -5.05 -1.06 46.95
C SER A 69 -6.05 -1.12 45.81
N PHE A 70 -5.64 -1.60 44.65
CA PHE A 70 -6.54 -1.69 43.50
C PHE A 70 -7.47 -2.89 43.64
N THR A 71 -8.65 -2.77 43.03
CA THR A 71 -9.59 -3.88 42.96
C THR A 71 -9.85 -4.35 41.55
N SER A 72 -9.50 -3.57 40.53
CA SER A 72 -9.68 -3.93 39.14
C SER A 72 -8.43 -3.55 38.36
N VAL A 73 -8.33 -4.10 37.15
CA VAL A 73 -7.17 -3.86 36.29
C VAL A 73 -7.56 -4.18 34.86
N THR A 74 -7.10 -3.34 33.93
CA THR A 74 -7.33 -3.52 32.51
C THR A 74 -6.08 -4.13 31.89
N VAL A 75 -6.14 -5.41 31.55
CA VAL A 75 -4.99 -6.10 30.96
C VAL A 75 -4.88 -5.73 29.49
N MET A 76 -3.70 -5.26 29.08
CA MET A 76 -3.42 -4.88 27.71
C MET A 76 -2.70 -5.97 26.92
N SER A 77 -1.64 -6.55 27.49
CA SER A 77 -0.87 -7.59 26.81
C SER A 77 -0.26 -8.51 27.84
N VAL A 78 -0.03 -9.75 27.42
CA VAL A 78 0.56 -10.78 28.28
C VAL A 78 1.78 -11.35 27.58
N ARG A 79 2.80 -11.70 28.36
CA ARG A 79 4.00 -12.37 27.88
C ARG A 79 4.43 -13.42 28.89
N ALA A 80 4.83 -14.59 28.40
CA ALA A 80 5.16 -15.72 29.25
C ALA A 80 6.53 -16.29 28.89
N TRP A 81 7.24 -16.76 29.92
CA TRP A 81 8.52 -17.44 29.77
C TRP A 81 8.52 -18.69 30.63
N THR A 82 9.22 -19.72 30.17
CA THR A 82 9.37 -20.95 30.92
C THR A 82 10.40 -20.74 32.02
N GLN A 83 9.98 -20.89 33.28
CA GLN A 83 10.82 -20.47 34.40
C GLN A 83 11.81 -21.54 34.82
N LEU A 84 11.49 -22.81 34.57
CA LEU A 84 12.32 -23.94 34.92
C LEU A 84 12.72 -24.71 33.66
N THR A 85 13.61 -25.68 33.84
CA THR A 85 14.17 -26.49 32.76
C THR A 85 13.13 -27.48 32.23
N PRO A 86 13.21 -27.83 30.95
CA PRO A 86 12.25 -28.78 30.38
C PRO A 86 12.59 -30.20 30.79
N PRO A 87 11.73 -31.17 30.48
CA PRO A 87 12.08 -32.57 30.70
C PRO A 87 13.33 -32.96 29.92
N VAL A 88 13.83 -34.16 30.22
CA VAL A 88 14.99 -34.67 29.51
C VAL A 88 14.61 -34.97 28.06
N ASN A 89 15.54 -34.71 27.14
CA ASN A 89 15.40 -34.92 25.70
C ASN A 89 14.34 -34.04 25.05
N GLU A 90 13.88 -33.00 25.74
CA GLU A 90 12.86 -32.11 25.23
C GLU A 90 13.36 -30.67 25.17
N TYR A 91 12.71 -29.88 24.32
CA TYR A 91 12.87 -28.43 24.29
C TYR A 91 11.68 -27.76 24.96
N SER A 92 11.94 -26.65 25.63
CA SER A 92 10.91 -25.95 26.38
C SER A 92 9.84 -25.38 25.44
N PHE A 93 8.60 -25.39 25.90
CA PHE A 93 7.52 -24.72 25.18
C PHE A 93 6.56 -24.10 26.17
N VAL A 94 5.74 -23.19 25.67
CA VAL A 94 4.72 -22.54 26.48
C VAL A 94 3.57 -22.09 25.59
N ARG A 95 2.34 -22.36 26.01
CA ARG A 95 1.15 -22.01 25.25
C ARG A 95 0.26 -21.05 26.06
N LEU A 96 -0.48 -20.21 25.34
CA LEU A 96 -1.35 -19.22 25.94
C LEU A 96 -2.70 -19.19 25.24
N LYS A 97 -3.77 -19.26 26.01
CA LYS A 97 -5.14 -19.15 25.49
C LYS A 97 -5.86 -18.01 26.19
N PRO A 98 -6.14 -16.90 25.49
CA PRO A 98 -6.76 -15.76 26.17
C PRO A 98 -8.16 -16.09 26.69
N LEU A 99 -8.46 -15.58 27.88
CA LEU A 99 -9.75 -15.79 28.52
C LEU A 99 -10.42 -14.44 28.76
N PHE A 100 -11.71 -14.35 28.40
CA PHE A 100 -12.47 -13.13 28.56
C PHE A 100 -13.82 -13.46 29.18
N LYS A 101 -14.34 -12.54 29.99
CA LYS A 101 -15.64 -12.78 30.61
C LYS A 101 -16.76 -12.78 29.58
N THR A 102 -16.61 -12.02 28.50
CA THR A 102 -17.57 -12.00 27.42
C THR A 102 -17.44 -13.21 26.49
N GLY A 103 -16.47 -14.08 26.74
CA GLY A 103 -16.27 -15.22 25.87
C GLY A 103 -14.81 -15.61 25.75
N ASP A 104 -14.47 -16.82 26.19
CA ASP A 104 -13.10 -17.30 26.11
C ASP A 104 -12.71 -17.53 24.65
N SER A 105 -11.41 -17.50 24.40
CA SER A 105 -10.87 -17.80 23.08
C SER A 105 -10.42 -19.25 23.01
N THR A 106 -10.10 -19.68 21.79
CA THR A 106 -9.54 -21.00 21.54
C THR A 106 -8.15 -20.94 20.92
N GLU A 107 -7.57 -19.74 20.79
CA GLU A 107 -6.21 -19.61 20.31
C GLU A 107 -5.24 -20.24 21.30
N GLU A 108 -4.12 -20.75 20.77
CA GLU A 108 -3.06 -21.33 21.59
C GLU A 108 -1.73 -20.78 21.10
N PHE A 109 -1.48 -19.50 21.37
CA PHE A 109 -0.22 -18.88 21.04
C PHE A 109 0.92 -19.64 21.70
N GLU A 110 1.72 -20.35 20.90
CA GLU A 110 2.73 -21.26 21.39
C GLU A 110 4.11 -20.80 20.97
N GLY A 111 5.06 -20.91 21.88
CA GLY A 111 6.45 -20.60 21.60
C GLY A 111 7.38 -21.66 22.15
N ARG A 112 8.29 -22.15 21.31
CA ARG A 112 9.23 -23.19 21.70
C ARG A 112 10.65 -22.64 21.69
N ALA A 113 11.50 -23.23 22.52
CA ALA A 113 12.90 -22.88 22.60
C ALA A 113 13.70 -23.69 21.61
N SER A 114 14.61 -23.02 20.91
CA SER A 114 15.49 -23.71 19.97
C SER A 114 16.68 -24.36 20.66
N ASN A 115 16.92 -24.04 21.93
CA ASN A 115 17.98 -24.61 22.74
C ASN A 115 17.38 -25.17 24.02
N ILE A 116 17.80 -26.36 24.41
CA ILE A 116 17.23 -27.00 25.59
C ILE A 116 17.53 -26.18 26.84
N ASN A 117 18.65 -25.47 26.85
CA ASN A 117 19.05 -24.64 27.99
C ASN A 117 18.44 -23.25 27.95
N THR A 118 17.68 -22.92 26.90
CA THR A 118 17.14 -21.58 26.71
C THR A 118 15.63 -21.58 26.95
N ARG A 119 15.15 -20.49 27.54
CA ARG A 119 13.72 -20.36 27.82
C ARG A 119 12.90 -20.38 26.55
N ALA A 120 11.63 -20.69 26.71
CA ALA A 120 10.65 -20.51 25.64
C ALA A 120 9.78 -19.31 25.99
N SER A 121 9.35 -18.59 24.95
CA SER A 121 8.66 -17.33 25.18
C SER A 121 7.56 -17.14 24.13
N VAL A 122 6.44 -16.58 24.57
CA VAL A 122 5.33 -16.27 23.68
C VAL A 122 4.43 -15.29 24.40
N GLY A 123 3.75 -14.44 23.64
CA GLY A 123 2.82 -13.50 24.21
C GLY A 123 1.72 -13.14 23.24
N TYR A 124 0.72 -12.43 23.77
CA TYR A 124 -0.39 -11.97 22.96
C TYR A 124 -0.82 -10.58 23.42
N ARG A 125 -1.45 -9.84 22.51
CA ARG A 125 -1.93 -8.49 22.75
C ARG A 125 -3.45 -8.49 22.69
N ILE A 126 -4.08 -7.85 23.66
CA ILE A 126 -5.53 -7.76 23.72
C ILE A 126 -5.97 -6.51 22.98
N PRO A 127 -6.91 -6.63 22.02
CA PRO A 127 -7.32 -5.45 21.25
C PRO A 127 -8.05 -4.45 22.12
N THR A 128 -8.12 -3.21 21.61
CA THR A 128 -8.75 -2.12 22.35
C THR A 128 -10.20 -2.43 22.68
N ASN A 129 -10.91 -3.12 21.77
CA ASN A 129 -12.31 -3.41 22.02
C ASN A 129 -12.52 -4.39 23.15
N LEU A 130 -11.51 -5.21 23.45
CA LEU A 130 -11.60 -6.23 24.49
C LEU A 130 -10.90 -5.83 25.78
N ARG A 131 -10.34 -4.62 25.85
CA ARG A 131 -9.62 -4.16 27.04
C ARG A 131 -10.63 -3.59 28.03
N GLN A 132 -11.30 -4.49 28.73
CA GLN A 132 -12.19 -4.16 29.83
C GLN A 132 -11.54 -4.58 31.15
N ASN A 133 -12.12 -4.10 32.25
CA ASN A 133 -11.58 -4.39 33.57
C ASN A 133 -11.79 -5.86 33.94
N THR A 134 -10.96 -6.33 34.87
CA THR A 134 -11.06 -7.68 35.38
C THR A 134 -10.77 -7.66 36.87
N VAL A 135 -11.53 -8.46 37.63
CA VAL A 135 -11.37 -8.48 39.07
C VAL A 135 -10.64 -9.75 39.48
N ALA A 136 -10.35 -9.87 40.77
CA ALA A 136 -9.57 -11.00 41.26
C ALA A 136 -10.23 -12.34 40.92
N ALA A 137 -11.56 -12.38 40.87
CA ALA A 137 -12.25 -13.64 40.61
C ALA A 137 -12.22 -14.01 39.14
N ASP A 138 -11.66 -13.17 38.28
CA ASP A 138 -11.58 -13.42 36.85
C ASP A 138 -10.25 -14.10 36.52
N ASN A 139 -10.09 -14.49 35.26
CA ASN A 139 -8.89 -15.14 34.78
C ASN A 139 -8.40 -14.45 33.53
N VAL A 140 -7.08 -14.46 33.34
CA VAL A 140 -6.47 -13.77 32.20
C VAL A 140 -6.32 -14.72 31.01
N CYS A 141 -5.75 -15.89 31.25
CA CYS A 141 -5.45 -16.84 30.18
C CYS A 141 -5.07 -18.17 30.81
N GLU A 142 -4.97 -19.19 29.96
CA GLU A 142 -4.49 -20.51 30.34
C GLU A 142 -3.07 -20.70 29.85
N VAL A 143 -2.26 -21.40 30.65
CA VAL A 143 -0.86 -21.63 30.36
C VAL A 143 -0.60 -23.13 30.32
N ARG A 144 0.10 -23.59 29.29
CA ARG A 144 0.54 -24.98 29.16
C ARG A 144 2.02 -25.00 28.86
N SER A 145 2.77 -25.84 29.57
CA SER A 145 4.20 -25.92 29.35
C SER A 145 4.72 -27.23 29.90
N ASN A 146 5.81 -27.71 29.29
CA ASN A 146 6.49 -28.89 29.80
C ASN A 146 7.39 -28.58 30.99
N CYS A 147 7.53 -27.30 31.34
CA CYS A 147 8.28 -26.86 32.50
C CYS A 147 7.33 -26.57 33.65
N ARG A 148 7.79 -26.84 34.87
CA ARG A 148 6.90 -26.83 36.02
C ARG A 148 6.58 -25.43 36.53
N GLN A 149 7.22 -24.40 35.99
CA GLN A 149 6.94 -23.02 36.35
C GLN A 149 7.07 -22.13 35.11
N VAL A 150 6.25 -21.09 35.06
CA VAL A 150 6.22 -20.14 33.96
C VAL A 150 6.31 -18.74 34.54
N ALA A 151 7.18 -17.91 33.96
CA ALA A 151 7.34 -16.52 34.37
C ALA A 151 6.48 -15.63 33.48
N LEU A 152 5.55 -14.91 34.09
CA LEU A 152 4.62 -14.05 33.37
C LEU A 152 4.96 -12.58 33.60
N VAL A 153 4.84 -11.80 32.53
CA VAL A 153 4.98 -10.35 32.60
C VAL A 153 3.79 -9.76 31.87
N ILE A 154 2.86 -9.17 32.63
CA ILE A 154 1.60 -8.67 32.10
C ILE A 154 1.63 -7.15 32.13
N SER A 155 1.49 -6.53 30.96
CA SER A 155 1.34 -5.08 30.88
C SER A 155 -0.14 -4.74 31.06
N CYS A 156 -0.43 -3.97 32.10
CA CYS A 156 -1.81 -3.74 32.52
C CYS A 156 -1.93 -2.38 33.17
N CYS A 157 -3.14 -1.82 33.12
CA CYS A 157 -3.45 -0.52 33.72
C CYS A 157 -4.31 -0.75 34.94
N PHE A 158 -3.75 -0.49 36.11
CA PHE A 158 -4.49 -0.65 37.36
C PHE A 158 -5.39 0.56 37.60
N ASN A 159 -6.61 0.28 38.00
CA ASN A 159 -7.56 1.35 38.29
C ASN A 159 -8.56 0.93 39.37
N SER B 17 60.33 14.32 17.10
CA SER B 17 61.34 14.59 18.12
C SER B 17 61.88 13.30 18.74
N ASN B 18 63.19 13.08 18.58
CA ASN B 18 63.87 11.89 19.08
C ASN B 18 64.83 12.22 20.21
N VAL B 19 64.68 13.39 20.85
CA VAL B 19 65.62 13.86 21.86
C VAL B 19 64.86 14.73 22.85
N VAL B 20 65.49 15.02 23.98
CA VAL B 20 64.88 15.85 25.01
C VAL B 20 64.83 17.30 24.54
N THR B 21 63.75 17.99 24.91
CA THR B 21 63.55 19.39 24.59
C THR B 21 63.39 20.19 25.87
N MET B 22 63.59 21.50 25.76
CA MET B 22 63.50 22.39 26.92
CA MET B 22 63.50 22.39 26.91
C MET B 22 62.09 22.95 27.04
N ILE B 23 61.57 22.95 28.25
CA ILE B 23 60.25 23.48 28.57
C ILE B 23 60.44 24.80 29.31
N ARG B 24 59.93 25.88 28.74
CA ARG B 24 60.07 27.20 29.35
C ARG B 24 59.00 27.35 30.41
N ALA B 25 59.28 26.77 31.58
CA ALA B 25 58.33 26.80 32.68
C ALA B 25 58.23 28.20 33.28
N GLY B 26 57.04 28.53 33.77
CA GLY B 26 56.80 29.83 34.36
C GLY B 26 56.72 29.80 35.88
N SER B 27 55.67 30.38 36.44
CA SER B 27 55.48 30.37 37.88
C SER B 27 55.10 28.96 38.36
N TYR B 28 55.17 28.77 39.67
CA TYR B 28 54.79 27.48 40.24
C TYR B 28 53.29 27.29 40.12
N PRO B 29 52.83 26.19 39.53
CA PRO B 29 51.39 26.02 39.29
C PRO B 29 50.69 25.41 40.49
N LYS B 30 49.36 25.43 40.44
CA LYS B 30 48.58 24.78 41.49
C LYS B 30 48.77 23.28 41.39
N VAL B 31 48.99 22.64 42.54
CA VAL B 31 49.28 21.21 42.58
C VAL B 31 48.32 20.52 43.54
N ASN B 32 48.15 19.22 43.33
CA ASN B 32 47.31 18.39 44.19
C ASN B 32 47.90 16.99 44.18
N PRO B 33 48.58 16.59 45.26
CA PRO B 33 49.22 15.27 45.27
C PRO B 33 48.25 14.11 45.42
N THR B 34 47.00 14.38 45.74
CA THR B 34 45.98 13.35 46.01
C THR B 34 44.71 13.75 45.28
N PRO B 35 44.58 13.42 44.00
CA PRO B 35 43.38 13.79 43.25
C PRO B 35 42.21 12.86 43.51
N THR B 36 41.16 12.97 42.69
CA THR B 36 39.92 12.24 42.96
C THR B 36 39.87 10.86 42.29
N TRP B 37 40.07 10.80 40.96
CA TRP B 37 40.06 9.54 40.21
C TRP B 37 38.67 8.90 40.12
N VAL B 38 38.16 8.74 38.90
CA VAL B 38 36.90 8.06 38.63
C VAL B 38 37.20 6.63 38.21
N ARG B 39 36.47 5.68 38.78
CA ARG B 39 36.81 4.26 38.65
C ARG B 39 35.56 3.43 38.38
N ALA B 40 35.79 2.19 37.96
CA ALA B 40 34.76 1.16 37.88
C ALA B 40 35.32 -0.07 38.60
N ILE B 41 34.86 -0.29 39.84
CA ILE B 41 35.50 -1.22 40.76
C ILE B 41 34.83 -2.58 40.61
N PRO B 42 35.57 -3.64 40.27
CA PRO B 42 34.96 -4.98 40.25
C PRO B 42 35.25 -5.76 41.51
N PHE B 43 34.23 -6.39 42.08
CA PHE B 43 34.43 -7.26 43.24
C PHE B 43 33.24 -8.20 43.35
N GLU B 44 33.39 -9.22 44.19
CA GLU B 44 32.40 -10.26 44.36
C GLU B 44 31.88 -10.28 45.78
N VAL B 45 30.65 -10.78 45.94
CA VAL B 45 30.00 -10.89 47.24
C VAL B 45 29.33 -12.26 47.33
N SER B 46 29.26 -12.80 48.54
CA SER B 46 28.60 -14.07 48.79
C SER B 46 27.15 -13.83 49.18
N VAL B 47 26.24 -14.60 48.58
CA VAL B 47 24.81 -14.44 48.79
C VAL B 47 24.23 -15.78 49.24
N GLN B 48 23.30 -15.73 50.19
CA GLN B 48 22.57 -16.90 50.64
C GLN B 48 21.19 -16.95 50.00
N SER B 49 20.59 -18.12 50.05
CA SER B 49 19.28 -18.30 49.42
C SER B 49 18.19 -17.67 50.28
N GLY B 50 17.40 -16.79 49.67
CA GLY B 50 16.31 -16.12 50.36
C GLY B 50 16.71 -14.94 51.21
N ILE B 51 17.99 -14.76 51.49
CA ILE B 51 18.47 -13.69 52.36
C ILE B 51 19.05 -12.58 51.50
N ALA B 52 18.79 -11.34 51.89
CA ALA B 52 19.35 -10.18 51.21
C ALA B 52 20.63 -9.73 51.92
N PHE B 53 21.66 -9.45 51.12
CA PHE B 53 22.96 -9.06 51.62
C PHE B 53 23.19 -7.58 51.36
N LYS B 54 23.67 -6.86 52.37
CA LYS B 54 24.00 -5.45 52.24
C LYS B 54 25.45 -5.31 51.80
N VAL B 55 25.66 -4.63 50.68
CA VAL B 55 27.00 -4.44 50.12
C VAL B 55 27.69 -3.27 50.80
N PRO B 56 28.77 -3.51 51.53
CA PRO B 56 29.44 -2.40 52.21
C PRO B 56 30.25 -1.54 51.25
N VAL B 57 30.27 -0.24 51.53
CA VAL B 57 31.05 0.68 50.72
C VAL B 57 32.55 0.46 50.95
N GLY B 58 32.92 -0.04 52.12
CA GLY B 58 34.33 -0.24 52.44
C GLY B 58 35.06 -1.17 51.48
N SER B 59 34.33 -2.01 50.76
CA SER B 59 34.97 -2.89 49.78
C SER B 59 35.59 -2.09 48.65
N LEU B 60 35.12 -0.87 48.41
CA LEU B 60 35.66 -0.02 47.37
C LEU B 60 37.03 0.54 47.73
N PHE B 61 37.40 0.52 49.00
CA PHE B 61 38.70 1.01 49.46
C PHE B 61 39.58 -0.20 49.78
N SER B 62 40.52 -0.49 48.87
CA SER B 62 41.39 -1.64 49.00
C SER B 62 42.67 -1.41 48.22
N ALA B 63 43.75 -2.04 48.66
CA ALA B 63 45.00 -2.01 47.91
C ALA B 63 44.91 -2.79 46.61
N ASN B 64 43.92 -3.67 46.46
CA ASN B 64 43.70 -4.40 45.23
C ASN B 64 43.06 -3.55 44.16
N PHE B 65 42.60 -2.34 44.51
CA PHE B 65 42.01 -1.39 43.57
C PHE B 65 42.80 -0.10 43.50
N ARG B 66 43.93 -0.02 44.21
CA ARG B 66 44.75 1.19 44.32
C ARG B 66 44.04 2.31 45.07
N THR B 67 43.03 1.99 45.88
CA THR B 67 42.20 2.99 46.53
C THR B 67 42.25 2.92 48.04
N ASP B 68 43.32 2.35 48.61
CA ASP B 68 43.45 2.32 50.06
C ASP B 68 43.81 3.67 50.65
N SER B 69 44.04 4.67 49.82
CA SER B 69 44.31 6.03 50.26
C SER B 69 43.06 6.89 50.33
N PHE B 70 41.90 6.34 49.96
CA PHE B 70 40.64 7.07 49.98
C PHE B 70 39.81 6.66 51.18
N THR B 71 39.02 7.62 51.67
CA THR B 71 38.08 7.39 52.75
C THR B 71 36.63 7.66 52.36
N SER B 72 36.39 8.32 51.23
CA SER B 72 35.04 8.61 50.76
C SER B 72 34.95 8.32 49.27
N VAL B 73 33.72 8.22 48.77
CA VAL B 73 33.48 7.93 47.37
C VAL B 73 32.05 8.31 47.03
N THR B 74 31.83 8.79 45.80
CA THR B 74 30.52 9.14 45.28
C THR B 74 30.10 8.08 44.26
N VAL B 75 29.11 7.28 44.62
CA VAL B 75 28.63 6.21 43.74
C VAL B 75 27.68 6.80 42.71
N MET B 76 27.80 6.33 41.47
CA MET B 76 26.98 6.80 40.36
C MET B 76 26.10 5.72 39.76
N SER B 77 26.62 4.50 39.55
CA SER B 77 25.82 3.41 39.01
C SER B 77 26.37 2.08 39.52
N VAL B 78 25.47 1.13 39.72
CA VAL B 78 25.81 -0.20 40.21
C VAL B 78 25.31 -1.24 39.21
N ARG B 79 26.17 -2.21 38.90
CA ARG B 79 25.82 -3.31 38.01
C ARG B 79 26.20 -4.64 38.65
N ALA B 80 25.34 -5.65 38.44
CA ALA B 80 25.46 -6.93 39.11
C ALA B 80 25.33 -8.08 38.12
N TRP B 81 26.17 -9.10 38.30
CA TRP B 81 26.16 -10.33 37.52
C TRP B 81 26.29 -11.52 38.45
N THR B 82 25.56 -12.59 38.16
CA THR B 82 25.68 -13.81 38.94
C THR B 82 27.00 -14.49 38.64
N GLN B 83 27.74 -14.84 39.70
CA GLN B 83 29.11 -15.30 39.55
C GLN B 83 29.23 -16.82 39.56
N LEU B 84 28.27 -17.53 40.13
CA LEU B 84 28.27 -18.98 40.15
C LEU B 84 27.02 -19.50 39.47
N THR B 85 26.99 -20.81 39.29
CA THR B 85 25.87 -21.42 38.60
C THR B 85 24.63 -21.44 39.51
N PRO B 86 23.45 -21.37 38.92
CA PRO B 86 22.23 -21.36 39.72
C PRO B 86 21.91 -22.75 40.22
N PRO B 87 20.91 -22.89 41.11
CA PRO B 87 20.47 -24.21 41.52
C PRO B 87 19.98 -25.03 40.34
N VAL B 88 19.82 -26.33 40.58
CA VAL B 88 19.38 -27.22 39.52
C VAL B 88 17.97 -26.86 39.10
N ASN B 89 17.71 -27.02 37.79
CA ASN B 89 16.43 -26.76 37.14
C ASN B 89 16.04 -25.28 37.08
N GLU B 90 16.88 -24.37 37.58
CA GLU B 90 16.54 -22.96 37.62
C GLU B 90 17.40 -22.16 36.65
N TYR B 91 16.94 -20.94 36.35
CA TYR B 91 17.71 -19.93 35.63
C TYR B 91 18.20 -18.87 36.61
N SER B 92 19.36 -18.30 36.33
CA SER B 92 19.97 -17.33 37.24
C SER B 92 19.15 -16.05 37.29
N PHE B 93 19.05 -15.47 38.49
CA PHE B 93 18.46 -14.15 38.67
C PHE B 93 19.27 -13.37 39.69
N VAL B 94 19.04 -12.06 39.71
CA VAL B 94 19.70 -11.15 40.64
C VAL B 94 18.83 -9.91 40.81
N ARG B 95 18.74 -9.41 42.04
CA ARG B 95 17.96 -8.23 42.38
C ARG B 95 18.84 -7.23 43.11
N LEU B 96 18.55 -5.94 42.91
CA LEU B 96 19.30 -4.86 43.54
C LEU B 96 18.35 -3.87 44.17
N LYS B 97 18.52 -3.62 45.47
CA LYS B 97 17.72 -2.61 46.16
C LYS B 97 18.63 -1.47 46.59
N PRO B 98 18.52 -0.28 46.00
CA PRO B 98 19.42 0.80 46.38
C PRO B 98 19.21 1.22 47.83
N LEU B 99 20.29 1.66 48.44
CA LEU B 99 20.28 2.10 49.84
C LEU B 99 20.96 3.45 49.94
N PHE B 100 20.38 4.33 50.75
CA PHE B 100 20.95 5.64 50.96
C PHE B 100 20.88 5.97 52.45
N LYS B 101 21.76 6.87 52.88
CA LYS B 101 21.72 7.29 54.26
C LYS B 101 20.53 8.21 54.54
N THR B 102 20.14 9.01 53.55
CA THR B 102 18.96 9.84 53.68
C THR B 102 17.67 9.04 53.65
N GLY B 103 17.74 7.75 53.31
CA GLY B 103 16.56 6.93 53.21
C GLY B 103 16.75 5.80 52.23
N ASP B 104 16.46 4.57 52.66
CA ASP B 104 16.61 3.41 51.80
C ASP B 104 15.48 3.35 50.78
N SER B 105 15.76 2.74 49.64
CA SER B 105 14.75 2.54 48.62
C SER B 105 14.08 1.17 48.77
N THR B 106 12.95 1.02 48.11
CA THR B 106 12.22 -0.24 48.09
C THR B 106 12.17 -0.87 46.70
N GLU B 107 12.92 -0.34 45.74
CA GLU B 107 12.96 -0.94 44.41
C GLU B 107 13.78 -2.22 44.42
N GLU B 108 13.41 -3.14 43.54
CA GLU B 108 14.11 -4.43 43.40
C GLU B 108 14.37 -4.67 41.92
N PHE B 109 15.32 -3.93 41.36
CA PHE B 109 15.69 -4.08 39.96
C PHE B 109 16.21 -5.48 39.70
N GLU B 110 15.42 -6.29 38.99
CA GLU B 110 15.73 -7.70 38.81
C GLU B 110 16.06 -8.01 37.36
N GLY B 111 17.02 -8.90 37.16
CA GLY B 111 17.34 -9.41 35.84
C GLY B 111 17.50 -10.91 35.88
N ARG B 112 16.89 -11.62 34.94
CA ARG B 112 16.95 -13.07 34.93
C ARG B 112 17.66 -13.55 33.68
N ALA B 113 18.09 -14.81 33.72
CA ALA B 113 18.84 -15.40 32.63
C ALA B 113 17.93 -16.26 31.77
N SER B 114 17.99 -16.06 30.47
CA SER B 114 17.22 -16.89 29.56
C SER B 114 17.93 -18.20 29.21
N ASN B 115 19.13 -18.41 29.74
CA ASN B 115 19.88 -19.66 29.56
C ASN B 115 20.42 -20.08 30.91
N ILE B 116 20.32 -21.38 31.22
CA ILE B 116 20.74 -21.84 32.54
C ILE B 116 22.26 -21.71 32.71
N ASN B 117 23.01 -21.85 31.61
CA ASN B 117 24.46 -21.73 31.66
C ASN B 117 24.95 -20.30 31.50
N THR B 118 24.05 -19.32 31.47
CA THR B 118 24.40 -17.93 31.26
C THR B 118 24.05 -17.12 32.51
N ARG B 119 24.85 -16.08 32.77
CA ARG B 119 24.65 -15.24 33.93
C ARG B 119 23.33 -14.47 33.82
N ALA B 120 22.98 -13.79 34.92
CA ALA B 120 21.88 -12.85 34.96
C ALA B 120 22.43 -11.48 35.38
N SER B 121 21.92 -10.43 34.76
CA SER B 121 22.45 -9.09 34.98
C SER B 121 21.33 -8.11 35.23
N VAL B 122 21.65 -7.07 35.99
CA VAL B 122 20.75 -5.94 36.21
C VAL B 122 21.60 -4.82 36.79
N GLY B 123 21.11 -3.59 36.66
CA GLY B 123 21.83 -2.46 37.22
C GLY B 123 20.93 -1.28 37.42
N TYR B 124 21.42 -0.31 38.20
CA TYR B 124 20.67 0.91 38.44
C TYR B 124 21.63 2.09 38.49
N ARG B 125 21.16 3.24 38.02
CA ARG B 125 21.93 4.47 38.02
C ARG B 125 21.44 5.40 39.12
N ILE B 126 22.37 5.97 39.86
CA ILE B 126 22.06 6.90 40.94
C ILE B 126 21.94 8.29 40.34
N PRO B 127 20.83 8.99 40.52
CA PRO B 127 20.67 10.31 39.92
C PRO B 127 21.63 11.30 40.55
N THR B 128 21.70 12.48 39.93
CA THR B 128 22.63 13.50 40.39
C THR B 128 22.30 13.97 41.81
N ASN B 129 21.02 14.14 42.13
CA ASN B 129 20.65 14.69 43.43
C ASN B 129 21.03 13.76 44.58
N LEU B 130 21.17 12.46 44.31
CA LEU B 130 21.48 11.46 45.32
C LEU B 130 22.94 11.01 45.27
N ARG B 131 23.80 11.76 44.57
CA ARG B 131 25.21 11.39 44.43
C ARG B 131 26.05 12.12 45.47
N GLN B 132 25.85 11.74 46.72
CA GLN B 132 26.66 12.22 47.83
C GLN B 132 27.70 11.17 48.20
N ASN B 133 28.56 11.54 49.14
CA ASN B 133 29.65 10.66 49.56
C ASN B 133 29.14 9.57 50.49
N THR B 134 29.92 8.48 50.54
CA THR B 134 29.66 7.36 51.44
C THR B 134 31.00 6.86 51.98
N VAL B 135 31.00 6.50 53.26
CA VAL B 135 32.20 6.01 53.93
C VAL B 135 32.12 4.49 54.06
N ALA B 136 33.15 3.89 54.67
CA ALA B 136 33.24 2.43 54.71
C ALA B 136 32.12 1.79 55.52
N ALA B 137 31.60 2.50 56.52
CA ALA B 137 30.54 1.93 57.36
C ALA B 137 29.19 1.88 56.64
N ASP B 138 29.04 2.61 55.54
CA ASP B 138 27.77 2.67 54.85
C ASP B 138 27.56 1.42 54.00
N ASN B 139 26.43 1.38 53.30
CA ASN B 139 26.09 0.27 52.41
C ASN B 139 25.60 0.82 51.08
N VAL B 140 25.88 0.09 50.01
CA VAL B 140 25.53 0.52 48.66
C VAL B 140 24.12 0.08 48.32
N CYS B 141 23.86 -1.22 48.43
CA CYS B 141 22.58 -1.77 48.01
C CYS B 141 22.41 -3.15 48.64
N GLU B 142 21.19 -3.68 48.51
CA GLU B 142 20.89 -5.05 48.91
C GLU B 142 20.83 -5.93 47.68
N VAL B 143 21.45 -7.11 47.78
CA VAL B 143 21.54 -8.04 46.66
C VAL B 143 20.81 -9.34 47.03
N ARG B 144 19.93 -9.80 46.15
CA ARG B 144 19.29 -11.10 46.27
C ARG B 144 19.50 -11.88 44.98
N SER B 145 19.74 -13.19 45.12
CA SER B 145 19.99 -14.05 43.97
C SER B 145 19.89 -15.50 44.41
N ASN B 146 19.67 -16.38 43.42
CA ASN B 146 19.66 -17.81 43.67
C ASN B 146 21.06 -18.42 43.60
N CYS B 147 22.01 -17.70 43.03
CA CYS B 147 23.40 -18.12 43.00
C CYS B 147 24.12 -17.69 44.26
N ARG B 148 25.13 -18.46 44.65
CA ARG B 148 25.84 -18.26 45.90
C ARG B 148 26.90 -17.18 45.83
N GLN B 149 27.12 -16.58 44.66
CA GLN B 149 28.03 -15.46 44.50
C GLN B 149 27.49 -14.51 43.44
N VAL B 150 27.82 -13.23 43.58
CA VAL B 150 27.44 -12.20 42.63
C VAL B 150 28.65 -11.31 42.36
N ALA B 151 28.87 -10.97 41.08
CA ALA B 151 29.94 -10.07 40.68
C ALA B 151 29.39 -8.68 40.47
N LEU B 152 29.96 -7.70 41.16
CA LEU B 152 29.51 -6.32 41.11
C LEU B 152 30.53 -5.44 40.40
N VAL B 153 30.03 -4.46 39.64
CA VAL B 153 30.85 -3.44 39.01
C VAL B 153 30.19 -2.10 39.30
N ILE B 154 30.86 -1.27 40.11
CA ILE B 154 30.31 -0.02 40.60
C ILE B 154 31.11 1.12 40.00
N SER B 155 30.45 1.92 39.17
CA SER B 155 31.04 3.14 38.63
C SER B 155 30.89 4.25 39.67
N CYS B 156 32.00 4.65 40.29
CA CYS B 156 31.95 5.62 41.37
C CYS B 156 33.13 6.58 41.24
N CYS B 157 33.02 7.70 41.98
CA CYS B 157 34.04 8.75 41.99
C CYS B 157 34.64 8.85 43.40
N PHE B 158 35.87 8.40 43.54
CA PHE B 158 36.56 8.52 44.82
C PHE B 158 37.00 9.97 45.07
N ASN B 159 37.07 10.33 46.34
CA ASN B 159 37.65 11.62 46.74
C ASN B 159 38.12 11.60 48.19
N ASN C 18 49.72 -15.89 -22.04
CA ASN C 18 49.65 -17.12 -21.25
C ASN C 18 50.99 -17.83 -21.22
N VAL C 19 52.05 -17.08 -21.54
CA VAL C 19 53.41 -17.60 -21.56
C VAL C 19 54.32 -16.63 -20.84
N VAL C 20 55.59 -17.02 -20.71
CA VAL C 20 56.58 -16.20 -20.03
C VAL C 20 56.88 -14.96 -20.87
N THR C 21 57.18 -13.87 -20.17
CA THR C 21 57.52 -12.60 -20.78
C THR C 21 58.85 -12.11 -20.23
N MET C 22 59.59 -11.42 -21.10
CA MET C 22 60.91 -10.93 -20.73
C MET C 22 60.81 -9.73 -19.81
N ILE C 23 61.69 -9.69 -18.81
CA ILE C 23 61.78 -8.58 -17.87
C ILE C 23 63.07 -7.83 -18.16
N ARG C 24 62.96 -6.52 -18.39
CA ARG C 24 64.15 -5.71 -18.66
C ARG C 24 64.74 -5.22 -17.33
N ALA C 25 65.32 -6.17 -16.61
CA ALA C 25 65.96 -5.90 -15.33
C ALA C 25 67.17 -4.99 -15.52
N GLY C 26 67.41 -4.13 -14.53
CA GLY C 26 68.51 -3.19 -14.62
C GLY C 26 69.67 -3.53 -13.70
N SER C 27 70.04 -2.58 -12.86
CA SER C 27 71.11 -2.82 -11.89
C SER C 27 70.69 -3.87 -10.88
N TYR C 28 71.68 -4.41 -10.17
CA TYR C 28 71.40 -5.35 -9.09
C TYR C 28 70.78 -4.59 -7.93
N PRO C 29 69.60 -4.99 -7.45
CA PRO C 29 68.90 -4.20 -6.45
C PRO C 29 69.44 -4.46 -5.06
N LYS C 30 68.86 -3.77 -4.08
CA LYS C 30 69.15 -4.06 -2.69
C LYS C 30 68.37 -5.30 -2.26
N VAL C 31 69.06 -6.24 -1.62
CA VAL C 31 68.46 -7.50 -1.23
C VAL C 31 68.61 -7.69 0.27
N ASN C 32 67.88 -8.66 0.78
CA ASN C 32 67.92 -9.02 2.20
C ASN C 32 67.45 -10.46 2.36
N PRO C 33 68.37 -11.40 2.60
CA PRO C 33 67.95 -12.81 2.64
C PRO C 33 67.14 -13.17 3.87
N THR C 34 67.32 -12.46 4.98
CA THR C 34 66.64 -12.75 6.24
C THR C 34 65.86 -11.51 6.66
N PRO C 35 64.66 -11.30 6.11
CA PRO C 35 63.89 -10.09 6.43
C PRO C 35 63.07 -10.29 7.71
N THR C 36 62.37 -9.22 8.08
CA THR C 36 61.48 -9.25 9.22
C THR C 36 60.18 -9.96 8.86
N TRP C 37 59.33 -10.17 9.87
CA TRP C 37 58.08 -10.89 9.65
C TRP C 37 57.12 -10.48 10.76
N VAL C 38 56.10 -9.72 10.41
CA VAL C 38 54.96 -9.48 11.29
C VAL C 38 54.10 -10.73 11.30
N ARG C 39 53.92 -11.33 12.47
CA ARG C 39 53.24 -12.61 12.59
C ARG C 39 52.19 -12.55 13.70
N ALA C 40 51.36 -13.59 13.75
CA ALA C 40 50.47 -13.86 14.87
C ALA C 40 50.67 -15.31 15.28
N ILE C 41 51.21 -15.52 16.49
CA ILE C 41 51.69 -16.82 16.95
C ILE C 41 50.66 -17.40 17.92
N PRO C 42 49.91 -18.43 17.53
CA PRO C 42 49.01 -19.08 18.47
C PRO C 42 49.67 -20.23 19.21
N PHE C 43 49.66 -20.16 20.54
CA PHE C 43 50.26 -21.19 21.35
C PHE C 43 49.53 -21.21 22.69
N GLU C 44 49.70 -22.32 23.41
CA GLU C 44 49.02 -22.56 24.67
C GLU C 44 50.04 -22.66 25.79
N VAL C 45 49.57 -22.42 27.01
CA VAL C 45 50.39 -22.56 28.20
C VAL C 45 49.60 -23.31 29.26
N SER C 46 50.31 -23.98 30.16
CA SER C 46 49.66 -24.68 31.26
C SER C 46 49.68 -23.79 32.51
N VAL C 47 48.50 -23.60 33.11
CA VAL C 47 48.33 -22.71 34.24
C VAL C 47 47.82 -23.51 35.42
N GLN C 48 48.34 -23.22 36.62
CA GLN C 48 47.84 -23.79 37.85
C GLN C 48 46.88 -22.81 38.51
N SER C 49 45.79 -23.33 39.07
CA SER C 49 44.79 -22.48 39.68
C SER C 49 45.39 -21.67 40.82
N GLY C 50 45.03 -20.39 40.87
CA GLY C 50 45.51 -19.47 41.88
C GLY C 50 46.96 -19.06 41.74
N ILE C 51 47.64 -19.50 40.67
CA ILE C 51 49.07 -19.28 40.47
C ILE C 51 49.27 -18.55 39.15
N ALA C 52 50.20 -17.59 39.15
CA ALA C 52 50.51 -16.84 37.95
C ALA C 52 51.64 -17.50 37.17
N PHE C 53 51.48 -17.52 35.84
CA PHE C 53 52.45 -18.16 34.94
C PHE C 53 53.08 -17.10 34.06
N LYS C 54 54.40 -17.00 34.11
CA LYS C 54 55.14 -16.05 33.29
C LYS C 54 55.31 -16.62 31.89
N VAL C 55 54.62 -16.05 30.92
CA VAL C 55 54.70 -16.51 29.54
C VAL C 55 56.07 -16.16 28.98
N PRO C 56 56.87 -17.15 28.58
CA PRO C 56 58.20 -16.84 28.05
C PRO C 56 58.13 -16.38 26.60
N VAL C 57 59.04 -15.46 26.26
CA VAL C 57 59.14 -14.99 24.88
C VAL C 57 59.69 -16.09 23.99
N GLY C 58 60.44 -17.03 24.56
CA GLY C 58 61.04 -18.10 23.78
C GLY C 58 60.03 -19.04 23.15
N SER C 59 58.77 -18.97 23.60
CA SER C 59 57.71 -19.76 22.99
C SER C 59 57.40 -19.30 21.57
N LEU C 60 57.77 -18.06 21.22
CA LEU C 60 57.47 -17.55 19.89
C LEU C 60 58.47 -18.03 18.84
N PHE C 61 59.67 -18.41 19.27
CA PHE C 61 60.71 -18.88 18.36
C PHE C 61 60.66 -20.40 18.31
N SER C 62 60.15 -20.94 17.22
CA SER C 62 60.04 -22.38 17.07
C SER C 62 59.91 -22.70 15.59
N ALA C 63 60.33 -23.90 15.21
CA ALA C 63 60.08 -24.38 13.86
C ALA C 63 58.60 -24.60 13.60
N ASN C 64 57.80 -24.78 14.67
CA ASN C 64 56.36 -24.96 14.52
C ASN C 64 55.66 -23.67 14.12
N PHE C 65 56.36 -22.54 14.16
CA PHE C 65 55.85 -21.24 13.76
C PHE C 65 56.68 -20.62 12.64
N ARG C 66 57.61 -21.37 12.06
CA ARG C 66 58.54 -20.89 11.04
C ARG C 66 59.44 -19.76 11.55
N THR C 67 59.61 -19.65 12.87
CA THR C 67 60.31 -18.53 13.47
C THR C 67 61.52 -18.98 14.30
N ASP C 68 62.00 -20.20 14.11
CA ASP C 68 63.17 -20.63 14.85
C ASP C 68 64.44 -19.93 14.38
N SER C 69 64.38 -19.21 13.27
CA SER C 69 65.54 -18.52 12.71
C SER C 69 65.76 -17.13 13.30
N PHE C 70 64.82 -16.63 14.10
CA PHE C 70 64.88 -15.33 14.73
C PHE C 70 65.45 -15.45 16.14
N THR C 71 66.14 -14.39 16.59
CA THR C 71 66.66 -14.33 17.95
C THR C 71 65.95 -13.30 18.81
N SER C 72 65.25 -12.35 18.19
CA SER C 72 64.54 -11.30 18.91
C SER C 72 63.18 -11.05 18.27
N VAL C 73 62.31 -10.37 19.00
CA VAL C 73 60.98 -10.08 18.50
C VAL C 73 60.48 -8.83 19.20
N THR C 74 59.60 -8.10 18.53
CA THR C 74 58.94 -6.92 19.08
C THR C 74 57.45 -7.21 19.18
N VAL C 75 57.00 -7.50 20.39
CA VAL C 75 55.59 -7.77 20.66
C VAL C 75 54.81 -6.45 20.61
N MET C 76 53.69 -6.47 19.90
CA MET C 76 52.80 -5.33 19.77
C MET C 76 51.55 -5.43 20.63
N SER C 77 50.93 -6.61 20.68
CA SER C 77 49.78 -6.83 21.55
C SER C 77 49.74 -8.29 21.96
N VAL C 78 49.04 -8.56 23.07
CA VAL C 78 48.88 -9.90 23.61
C VAL C 78 47.40 -10.15 23.85
N ARG C 79 46.97 -11.39 23.65
CA ARG C 79 45.60 -11.79 23.92
C ARG C 79 45.58 -13.22 24.45
N ALA C 80 44.51 -13.56 25.16
CA ALA C 80 44.43 -14.84 25.83
C ALA C 80 43.01 -15.40 25.76
N TRP C 81 42.92 -16.73 25.70
CA TRP C 81 41.65 -17.46 25.73
C TRP C 81 41.82 -18.71 26.57
N THR C 82 40.81 -19.01 27.38
CA THR C 82 40.84 -20.20 28.23
C THR C 82 40.71 -21.45 27.36
N GLN C 83 41.71 -22.32 27.43
CA GLN C 83 41.76 -23.48 26.54
C GLN C 83 41.02 -24.69 27.10
N LEU C 84 40.81 -24.75 28.42
CA LEU C 84 40.11 -25.85 29.07
C LEU C 84 38.94 -25.31 29.87
N THR C 85 38.05 -26.23 30.25
CA THR C 85 36.84 -25.84 30.99
C THR C 85 37.19 -25.41 32.42
N PRO C 86 36.37 -24.55 33.02
CA PRO C 86 36.65 -24.08 34.37
C PRO C 86 36.25 -25.12 35.41
N PRO C 87 36.56 -24.89 36.69
CA PRO C 87 36.03 -25.77 37.73
C PRO C 87 34.50 -25.73 37.73
N VAL C 88 33.92 -26.81 38.25
CA VAL C 88 32.47 -26.91 38.28
C VAL C 88 31.89 -25.74 39.06
N ASN C 89 30.77 -25.21 38.57
CA ASN C 89 29.97 -24.12 39.13
C ASN C 89 30.59 -22.74 38.88
N GLU C 90 31.74 -22.66 38.21
CA GLU C 90 32.41 -21.39 37.95
C GLU C 90 32.32 -20.99 36.49
N TYR C 91 32.42 -19.68 36.24
CA TYR C 91 32.56 -19.13 34.90
C TYR C 91 34.03 -18.88 34.61
N SER C 92 34.43 -19.12 33.36
CA SER C 92 35.83 -19.00 32.99
C SER C 92 36.31 -17.56 33.11
N PHE C 93 37.55 -17.39 33.55
CA PHE C 93 38.18 -16.08 33.58
C PHE C 93 39.66 -16.22 33.28
N VAL C 94 40.27 -15.11 32.90
CA VAL C 94 41.69 -15.06 32.57
C VAL C 94 42.17 -13.63 32.75
N ARG C 95 43.31 -13.47 33.42
CA ARG C 95 43.92 -12.16 33.64
C ARG C 95 45.29 -12.12 32.97
N LEU C 96 45.69 -10.93 32.56
CA LEU C 96 46.95 -10.70 31.88
C LEU C 96 47.63 -9.50 32.50
N LYS C 97 48.86 -9.68 32.96
CA LYS C 97 49.64 -8.60 33.58
C LYS C 97 50.89 -8.37 32.76
N PRO C 98 51.02 -7.24 32.07
CA PRO C 98 52.18 -7.03 31.20
C PRO C 98 53.48 -7.01 31.97
N LEU C 99 54.56 -7.37 31.28
CA LEU C 99 55.90 -7.40 31.86
C LEU C 99 56.87 -6.75 30.91
N PHE C 100 57.73 -5.88 31.43
CA PHE C 100 58.72 -5.18 30.63
C PHE C 100 60.05 -5.22 31.35
N LYS C 101 61.13 -5.26 30.56
CA LYS C 101 62.46 -5.29 31.15
C LYS C 101 62.77 -3.98 31.86
N THR C 102 62.29 -2.86 31.31
CA THR C 102 62.49 -1.56 31.92
C THR C 102 61.57 -1.33 33.12
N GLY C 103 60.67 -2.26 33.41
CA GLY C 103 59.76 -2.09 34.53
C GLY C 103 58.47 -2.84 34.30
N ASP C 104 58.16 -3.78 35.19
CA ASP C 104 56.94 -4.57 35.05
C ASP C 104 55.72 -3.74 35.43
N SER C 105 54.59 -4.10 34.84
CA SER C 105 53.34 -3.41 35.11
C SER C 105 52.59 -4.11 36.25
N THR C 106 51.50 -3.48 36.69
CA THR C 106 50.65 -4.04 37.73
C THR C 106 49.20 -4.12 37.29
N GLU C 107 48.92 -3.91 36.01
CA GLU C 107 47.57 -4.03 35.49
C GLU C 107 47.17 -5.48 35.33
N GLU C 108 45.92 -5.78 35.69
CA GLU C 108 45.36 -7.13 35.61
C GLU C 108 44.14 -7.07 34.69
N PHE C 109 44.40 -7.01 33.39
CA PHE C 109 43.31 -7.04 32.41
C PHE C 109 42.58 -8.36 32.47
N GLU C 110 41.35 -8.35 32.97
CA GLU C 110 40.59 -9.58 33.21
C GLU C 110 39.37 -9.64 32.31
N GLY C 111 39.10 -10.83 31.82
CA GLY C 111 37.88 -11.09 31.06
C GLY C 111 37.23 -12.37 31.55
N ARG C 112 35.92 -12.33 31.72
CA ARG C 112 35.15 -13.45 32.26
C ARG C 112 34.12 -13.89 31.25
N ALA C 113 33.79 -15.19 31.28
CA ALA C 113 32.78 -15.76 30.40
C ALA C 113 31.41 -15.63 31.03
N SER C 114 30.46 -15.14 30.24
CA SER C 114 29.07 -15.08 30.68
C SER C 114 28.35 -16.41 30.53
N ASN C 115 28.95 -17.36 29.82
CA ASN C 115 28.43 -18.71 29.70
C ASN C 115 29.50 -19.68 30.19
N ILE C 116 29.11 -20.62 31.06
CA ILE C 116 30.09 -21.54 31.62
C ILE C 116 30.72 -22.41 30.55
N ASN C 117 30.06 -22.58 29.40
CA ASN C 117 30.57 -23.38 28.32
C ASN C 117 31.36 -22.58 27.30
N THR C 118 31.56 -21.29 27.53
CA THR C 118 32.20 -20.41 26.57
C THR C 118 33.54 -19.91 27.13
N ARG C 119 34.52 -19.75 26.23
CA ARG C 119 35.82 -19.25 26.61
C ARG C 119 35.74 -17.85 27.19
N ALA C 120 36.77 -17.49 27.94
CA ALA C 120 36.94 -16.15 28.47
C ALA C 120 38.09 -15.50 27.72
N SER C 121 37.87 -14.27 27.26
CA SER C 121 38.82 -13.58 26.41
C SER C 121 39.26 -12.29 27.07
N VAL C 122 40.53 -11.93 26.84
CA VAL C 122 41.05 -10.64 27.28
C VAL C 122 42.35 -10.39 26.55
N GLY C 123 42.78 -9.13 26.51
CA GLY C 123 44.07 -8.81 25.93
C GLY C 123 44.46 -7.39 26.29
N TYR C 124 45.62 -6.99 25.76
CA TYR C 124 46.12 -5.63 25.92
C TYR C 124 47.03 -5.28 24.75
N ARG C 125 47.31 -3.99 24.61
CA ARG C 125 48.14 -3.45 23.54
C ARG C 125 49.33 -2.71 24.13
N ILE C 126 50.52 -2.99 23.62
CA ILE C 126 51.74 -2.33 24.07
C ILE C 126 51.91 -1.00 23.32
N PRO C 127 52.06 0.11 24.02
CA PRO C 127 52.22 1.39 23.33
C PRO C 127 53.52 1.44 22.55
N THR C 128 53.55 2.32 21.56
CA THR C 128 54.72 2.43 20.71
C THR C 128 55.98 2.73 21.52
N ASN C 129 55.84 3.53 22.58
CA ASN C 129 57.00 3.88 23.39
C ASN C 129 57.57 2.70 24.17
N LEU C 130 56.83 1.59 24.24
CA LEU C 130 57.24 0.43 25.02
C LEU C 130 57.46 -0.80 24.15
N ARG C 131 57.46 -0.63 22.82
CA ARG C 131 57.68 -1.74 21.89
C ARG C 131 59.16 -1.82 21.57
N GLN C 132 59.89 -2.49 22.45
CA GLN C 132 61.29 -2.82 22.23
C GLN C 132 61.43 -4.31 22.00
N ASN C 133 62.67 -4.75 21.77
CA ASN C 133 62.93 -6.15 21.47
C ASN C 133 62.96 -6.99 22.75
N THR C 134 62.65 -8.27 22.59
CA THR C 134 62.67 -9.24 23.67
C THR C 134 63.22 -10.55 23.14
N VAL C 135 64.11 -11.18 23.92
CA VAL C 135 64.74 -12.43 23.51
C VAL C 135 64.08 -13.59 24.23
N ALA C 136 64.55 -14.81 23.96
CA ALA C 136 63.89 -16.01 24.47
C ALA C 136 63.90 -16.07 26.00
N ALA C 137 64.86 -15.42 26.64
CA ALA C 137 64.97 -15.46 28.09
C ALA C 137 64.03 -14.50 28.80
N ASP C 138 63.35 -13.62 28.07
CA ASP C 138 62.44 -12.65 28.66
C ASP C 138 61.07 -13.28 28.90
N ASN C 139 60.15 -12.49 29.45
CA ASN C 139 58.78 -12.93 29.70
C ASN C 139 57.81 -11.88 29.17
N VAL C 140 56.71 -12.35 28.60
CA VAL C 140 55.73 -11.44 28.00
C VAL C 140 54.80 -10.88 29.06
N CYS C 141 54.10 -11.76 29.77
CA CYS C 141 53.11 -11.35 30.76
C CYS C 141 52.84 -12.52 31.69
N GLU C 142 52.15 -12.22 32.79
CA GLU C 142 51.65 -13.23 33.71
C GLU C 142 50.23 -13.61 33.35
N VAL C 143 49.88 -14.87 33.62
CA VAL C 143 48.58 -15.42 33.29
C VAL C 143 47.99 -16.07 34.53
N ARG C 144 46.76 -15.67 34.88
CA ARG C 144 46.02 -16.27 35.98
C ARG C 144 44.66 -16.70 35.47
N SER C 145 44.26 -17.93 35.77
CA SER C 145 42.97 -18.42 35.31
C SER C 145 42.54 -19.59 36.16
N ASN C 146 41.22 -19.78 36.26
CA ASN C 146 40.68 -20.96 36.91
C ASN C 146 40.77 -22.19 36.02
N CYS C 147 41.04 -22.00 34.74
CA CYS C 147 41.22 -23.11 33.81
C CYS C 147 42.69 -23.51 33.78
N ARG C 148 42.93 -24.76 33.43
CA ARG C 148 44.28 -25.30 33.51
C ARG C 148 45.16 -24.93 32.34
N GLN C 149 44.57 -24.49 31.22
CA GLN C 149 45.32 -24.06 30.06
C GLN C 149 44.70 -22.81 29.47
N VAL C 150 45.55 -21.99 28.86
CA VAL C 150 45.16 -20.74 28.23
C VAL C 150 45.77 -20.66 26.84
N ALA C 151 44.96 -20.33 25.84
CA ALA C 151 45.42 -20.15 24.48
C ALA C 151 45.73 -18.68 24.24
N LEU C 152 46.93 -18.40 23.75
CA LEU C 152 47.36 -17.04 23.47
C LEU C 152 47.61 -16.86 21.98
N VAL C 153 47.35 -15.64 21.50
CA VAL C 153 47.63 -15.25 20.13
C VAL C 153 48.34 -13.90 20.21
N ILE C 154 49.65 -13.90 20.10
CA ILE C 154 50.48 -12.73 20.32
C ILE C 154 50.82 -12.09 18.98
N SER C 155 50.46 -10.82 18.83
CA SER C 155 50.77 -10.04 17.64
C SER C 155 52.14 -9.39 17.84
N CYS C 156 53.14 -9.88 17.13
CA CYS C 156 54.51 -9.42 17.33
C CYS C 156 55.22 -9.30 15.99
N CYS C 157 56.28 -8.49 15.98
CA CYS C 157 57.15 -8.29 14.83
C CYS C 157 58.45 -9.05 15.06
N PHE C 158 58.65 -10.13 14.30
CA PHE C 158 59.92 -10.84 14.36
C PHE C 158 60.99 -10.10 13.58
N ASN C 159 62.20 -10.09 14.12
CA ASN C 159 63.34 -9.44 13.48
C ASN C 159 64.66 -9.99 14.01
N ASN D 16 0.14 -14.97 -18.39
CA ASN D 16 1.03 -15.83 -19.17
C ASN D 16 0.21 -16.84 -19.96
N SER D 17 0.90 -17.66 -20.76
CA SER D 17 0.23 -18.63 -21.60
C SER D 17 -0.27 -19.81 -20.76
N ASN D 18 -1.49 -20.26 -21.08
CA ASN D 18 -2.11 -21.39 -20.40
C ASN D 18 -2.08 -22.67 -21.23
N VAL D 19 -1.60 -22.60 -22.47
CA VAL D 19 -1.52 -23.74 -23.37
C VAL D 19 -0.12 -23.80 -23.96
N VAL D 20 0.12 -24.88 -24.72
CA VAL D 20 1.41 -25.06 -25.39
C VAL D 20 1.49 -24.15 -26.61
N THR D 21 2.67 -23.59 -26.84
CA THR D 21 2.91 -22.72 -27.97
C THR D 21 3.90 -23.39 -28.92
N MET D 22 3.98 -22.86 -30.14
CA MET D 22 4.91 -23.37 -31.13
C MET D 22 6.27 -22.69 -30.98
N ILE D 23 7.33 -23.46 -31.13
CA ILE D 23 8.70 -22.94 -31.08
C ILE D 23 9.26 -23.02 -32.49
N ARG D 24 9.46 -21.87 -33.11
CA ARG D 24 10.01 -21.82 -34.47
C ARG D 24 11.50 -22.12 -34.41
N ALA D 25 11.82 -23.40 -34.27
CA ALA D 25 13.21 -23.81 -34.17
C ALA D 25 13.91 -23.73 -35.52
N GLY D 26 15.22 -23.57 -35.48
CA GLY D 26 16.01 -23.49 -36.68
C GLY D 26 16.94 -24.66 -36.86
N SER D 27 18.21 -24.37 -37.18
CA SER D 27 19.18 -25.44 -37.36
C SER D 27 19.41 -26.19 -36.05
N TYR D 28 20.06 -27.34 -36.16
CA TYR D 28 20.38 -28.12 -34.98
C TYR D 28 21.47 -27.41 -34.18
N PRO D 29 21.31 -27.25 -32.87
CA PRO D 29 22.26 -26.44 -32.12
C PRO D 29 23.54 -27.20 -31.77
N LYS D 30 24.35 -26.62 -30.88
CA LYS D 30 25.48 -27.35 -30.31
C LYS D 30 25.06 -27.97 -29.00
N VAL D 31 25.39 -29.24 -28.80
CA VAL D 31 24.87 -29.99 -27.66
C VAL D 31 26.03 -30.62 -26.91
N ASN D 32 25.78 -30.95 -25.64
CA ASN D 32 26.72 -31.69 -24.80
C ASN D 32 25.89 -32.54 -23.87
N PRO D 33 25.79 -33.85 -24.14
CA PRO D 33 25.03 -34.73 -23.24
C PRO D 33 25.68 -34.88 -21.85
N THR D 34 26.94 -34.51 -21.69
CA THR D 34 27.68 -34.70 -20.44
C THR D 34 28.32 -33.40 -20.02
N PRO D 35 27.56 -32.49 -19.34
CA PRO D 35 28.10 -31.16 -19.05
C PRO D 35 28.89 -31.09 -17.76
N THR D 36 29.42 -29.90 -17.46
CA THR D 36 30.09 -29.62 -16.21
C THR D 36 29.07 -29.25 -15.14
N TRP D 37 29.54 -29.21 -13.90
CA TRP D 37 28.66 -28.96 -12.77
C TRP D 37 29.46 -28.37 -11.62
N VAL D 38 29.11 -27.16 -11.20
CA VAL D 38 29.67 -26.55 -10.00
C VAL D 38 28.82 -26.96 -8.82
N ARG D 39 29.46 -27.55 -7.81
CA ARG D 39 28.75 -28.18 -6.70
C ARG D 39 29.36 -27.82 -5.36
N ALA D 40 28.61 -28.09 -4.31
CA ALA D 40 29.09 -28.01 -2.93
C ALA D 40 28.80 -29.36 -2.28
N ILE D 41 29.84 -30.17 -2.11
CA ILE D 41 29.70 -31.58 -1.75
C ILE D 41 29.85 -31.71 -0.24
N PRO D 42 28.81 -32.11 0.50
CA PRO D 42 28.96 -32.35 1.94
C PRO D 42 29.21 -33.81 2.27
N PHE D 43 30.32 -34.09 2.95
CA PHE D 43 30.63 -35.45 3.35
C PHE D 43 31.51 -35.40 4.58
N GLU D 44 31.54 -36.52 5.30
CA GLU D 44 32.23 -36.62 6.59
C GLU D 44 33.35 -37.64 6.51
N VAL D 45 34.41 -37.39 7.26
CA VAL D 45 35.56 -38.28 7.33
C VAL D 45 35.91 -38.52 8.79
N SER D 46 36.49 -39.69 9.05
CA SER D 46 36.87 -40.07 10.41
C SER D 46 38.33 -39.68 10.67
N VAL D 47 38.57 -39.11 11.85
CA VAL D 47 39.87 -38.59 12.24
C VAL D 47 40.29 -39.25 13.55
N GLN D 48 41.58 -39.58 13.65
CA GLN D 48 42.16 -40.17 14.85
C GLN D 48 42.94 -39.11 15.62
N SER D 49 43.09 -39.36 16.93
CA SER D 49 43.77 -38.40 17.79
C SER D 49 45.26 -38.34 17.45
N GLY D 50 45.76 -37.12 17.28
CA GLY D 50 47.16 -36.91 16.94
C GLY D 50 47.57 -37.42 15.58
N ILE D 51 46.62 -37.81 14.73
CA ILE D 51 46.91 -38.37 13.42
C ILE D 51 46.20 -37.51 12.38
N ALA D 52 46.93 -37.16 11.31
CA ALA D 52 46.36 -36.40 10.21
C ALA D 52 45.79 -37.34 9.16
N PHE D 53 44.57 -37.03 8.72
CA PHE D 53 43.87 -37.83 7.73
C PHE D 53 43.90 -37.15 6.38
N LYS D 54 44.35 -37.89 5.36
CA LYS D 54 44.35 -37.41 3.98
C LYS D 54 42.97 -37.65 3.38
N VAL D 55 42.27 -36.57 3.05
CA VAL D 55 40.93 -36.64 2.47
C VAL D 55 41.03 -37.07 1.01
N PRO D 56 40.53 -38.26 0.67
CA PRO D 56 40.61 -38.71 -0.72
C PRO D 56 39.62 -37.98 -1.60
N VAL D 57 40.05 -37.67 -2.82
CA VAL D 57 39.17 -36.98 -3.75
C VAL D 57 38.03 -37.89 -4.18
N GLY D 58 38.22 -39.22 -4.15
CA GLY D 58 37.19 -40.15 -4.56
C GLY D 58 35.93 -40.04 -3.74
N SER D 59 36.00 -39.44 -2.55
CA SER D 59 34.80 -39.18 -1.77
C SER D 59 33.83 -38.26 -2.48
N LEU D 60 34.34 -37.44 -3.41
CA LEU D 60 33.48 -36.51 -4.15
C LEU D 60 32.71 -37.20 -5.25
N PHE D 61 33.30 -38.20 -5.89
CA PHE D 61 32.64 -38.97 -6.93
C PHE D 61 31.79 -40.05 -6.28
N SER D 62 30.47 -39.89 -6.34
CA SER D 62 29.57 -40.83 -5.70
C SER D 62 28.20 -40.70 -6.33
N ALA D 63 27.45 -41.80 -6.31
CA ALA D 63 26.03 -41.74 -6.66
C ALA D 63 25.22 -40.99 -5.62
N ASN D 64 25.73 -40.86 -4.40
CA ASN D 64 25.06 -40.08 -3.38
C ASN D 64 25.15 -38.58 -3.63
N PHE D 65 25.94 -38.17 -4.62
CA PHE D 65 26.07 -36.76 -4.99
C PHE D 65 25.67 -36.50 -6.43
N ARG D 66 25.18 -37.53 -7.14
CA ARG D 66 24.90 -37.47 -8.58
C ARG D 66 26.16 -37.25 -9.39
N THR D 67 27.32 -37.58 -8.83
CA THR D 67 28.62 -37.31 -9.46
C THR D 67 29.41 -38.57 -9.77
N ASP D 68 28.77 -39.75 -9.75
CA ASP D 68 29.48 -40.98 -10.09
C ASP D 68 29.78 -41.10 -11.58
N SER D 69 29.37 -40.15 -12.39
CA SER D 69 29.69 -40.12 -13.82
C SER D 69 30.94 -39.30 -14.12
N PHE D 70 31.44 -38.53 -13.17
CA PHE D 70 32.65 -37.75 -13.35
C PHE D 70 33.87 -38.56 -12.94
N THR D 71 35.00 -38.26 -13.56
CA THR D 71 36.27 -38.85 -13.19
C THR D 71 37.32 -37.82 -12.77
N SER D 72 37.03 -36.53 -12.91
CA SER D 72 37.94 -35.46 -12.54
C SER D 72 37.13 -34.31 -11.96
N VAL D 73 37.76 -33.57 -11.06
CA VAL D 73 37.10 -32.44 -10.40
C VAL D 73 38.14 -31.36 -10.13
N THR D 74 37.71 -30.11 -10.21
CA THR D 74 38.54 -28.94 -9.93
C THR D 74 38.07 -28.33 -8.62
N VAL D 75 38.83 -28.55 -7.56
CA VAL D 75 38.45 -28.02 -6.26
C VAL D 75 38.70 -26.52 -6.21
N MET D 76 37.75 -25.78 -5.65
CA MET D 76 37.88 -24.34 -5.50
C MET D 76 38.14 -23.90 -4.06
N SER D 77 37.40 -24.45 -3.10
CA SER D 77 37.62 -24.14 -1.69
C SER D 77 37.23 -25.36 -0.86
N VAL D 78 37.71 -25.37 0.38
CA VAL D 78 37.42 -26.43 1.33
C VAL D 78 37.02 -25.78 2.65
N ARG D 79 35.93 -26.25 3.23
CA ARG D 79 35.49 -25.82 4.55
C ARG D 79 35.26 -27.04 5.41
N ALA D 80 35.70 -26.97 6.66
CA ALA D 80 35.67 -28.10 7.57
C ALA D 80 34.98 -27.72 8.87
N TRP D 81 34.07 -28.57 9.33
CA TRP D 81 33.41 -28.44 10.61
C TRP D 81 33.58 -29.73 11.40
N THR D 82 33.70 -29.61 12.71
CA THR D 82 33.72 -30.78 13.56
C THR D 82 32.33 -31.42 13.63
N GLN D 83 32.28 -32.74 13.51
CA GLN D 83 31.02 -33.45 13.42
C GLN D 83 30.58 -34.09 14.73
N LEU D 84 31.49 -34.35 15.65
CA LEU D 84 31.16 -34.91 16.96
C LEU D 84 31.71 -34.02 18.06
N THR D 85 31.43 -34.40 19.31
CA THR D 85 31.84 -33.60 20.44
C THR D 85 33.35 -33.75 20.70
N PRO D 86 33.97 -32.74 21.33
CA PRO D 86 35.39 -32.85 21.66
C PRO D 86 35.58 -33.66 22.94
N PRO D 87 36.82 -34.00 23.30
CA PRO D 87 37.05 -34.71 24.55
C PRO D 87 36.61 -33.87 25.75
N VAL D 88 36.61 -34.53 26.91
CA VAL D 88 36.16 -33.84 28.11
C VAL D 88 37.13 -32.73 28.45
N ASN D 89 36.59 -31.61 28.94
CA ASN D 89 37.31 -30.42 29.41
C ASN D 89 37.97 -29.65 28.28
N GLU D 90 37.78 -30.03 27.02
CA GLU D 90 38.43 -29.37 25.90
C GLU D 90 37.41 -28.68 25.01
N TYR D 91 37.91 -27.73 24.22
CA TYR D 91 37.16 -27.09 23.15
C TYR D 91 37.53 -27.72 21.82
N SER D 92 36.60 -27.67 20.88
CA SER D 92 36.81 -28.27 19.57
C SER D 92 37.80 -27.45 18.76
N PHE D 93 38.63 -28.15 17.99
CA PHE D 93 39.49 -27.50 17.01
C PHE D 93 39.60 -28.39 15.78
N VAL D 94 40.04 -27.78 14.69
CA VAL D 94 40.21 -28.49 13.42
C VAL D 94 41.28 -27.76 12.63
N ARG D 95 42.17 -28.52 12.00
CA ARG D 95 43.24 -27.99 11.17
C ARG D 95 43.10 -28.51 9.75
N LEU D 96 43.58 -27.72 8.79
CA LEU D 96 43.56 -28.08 7.38
C LEU D 96 44.93 -27.80 6.77
N LYS D 97 45.50 -28.82 6.13
CA LYS D 97 46.75 -28.66 5.38
C LYS D 97 46.50 -28.95 3.92
N PRO D 98 46.51 -27.94 3.04
CA PRO D 98 46.23 -28.20 1.63
C PRO D 98 47.31 -29.08 1.01
N LEU D 99 46.86 -29.97 0.14
CA LEU D 99 47.74 -30.92 -0.53
C LEU D 99 47.60 -30.77 -2.05
N PHE D 100 48.73 -30.81 -2.73
CA PHE D 100 48.76 -30.61 -4.18
C PHE D 100 49.73 -31.60 -4.80
N LYS D 101 49.48 -31.96 -6.06
CA LYS D 101 50.38 -32.86 -6.76
C LYS D 101 51.69 -32.17 -7.13
N THR D 102 51.60 -30.90 -7.54
CA THR D 102 52.79 -30.11 -7.83
C THR D 102 53.60 -29.79 -6.58
N GLY D 103 53.00 -29.92 -5.39
CA GLY D 103 53.69 -29.60 -4.16
C GLY D 103 52.76 -29.37 -3.00
N ASP D 104 52.82 -30.23 -1.99
CA ASP D 104 51.95 -30.08 -0.83
C ASP D 104 52.29 -28.80 -0.07
N SER D 105 51.31 -28.31 0.67
CA SER D 105 51.49 -27.14 1.52
C SER D 105 51.78 -27.58 2.95
N THR D 106 52.35 -26.66 3.71
CA THR D 106 52.64 -26.86 5.13
C THR D 106 51.80 -25.96 6.02
N GLU D 107 50.77 -25.31 5.46
CA GLU D 107 49.87 -24.48 6.25
C GLU D 107 48.94 -25.35 7.08
N GLU D 108 48.57 -24.85 8.26
CA GLU D 108 47.67 -25.55 9.18
C GLU D 108 46.57 -24.57 9.58
N PHE D 109 45.66 -24.30 8.63
CA PHE D 109 44.53 -23.42 8.90
C PHE D 109 43.67 -24.00 10.01
N GLU D 110 43.77 -23.42 11.21
CA GLU D 110 43.12 -23.95 12.40
C GLU D 110 41.94 -23.07 12.78
N GLY D 111 40.84 -23.70 13.14
CA GLY D 111 39.70 -23.01 13.69
C GLY D 111 39.25 -23.66 14.99
N ARG D 112 39.16 -22.89 16.06
CA ARG D 112 38.78 -23.42 17.35
C ARG D 112 37.40 -22.89 17.75
N ALA D 113 36.71 -23.64 18.60
CA ALA D 113 35.37 -23.30 19.05
C ALA D 113 35.44 -22.59 20.38
N SER D 114 34.73 -21.47 20.49
CA SER D 114 34.67 -20.74 21.76
C SER D 114 33.68 -21.36 22.73
N ASN D 115 32.83 -22.25 22.26
CA ASN D 115 31.88 -22.97 23.10
C ASN D 115 32.13 -24.45 22.94
N ILE D 116 32.17 -25.18 24.08
CA ILE D 116 32.43 -26.61 24.03
C ILE D 116 31.33 -27.35 23.29
N ASN D 117 30.11 -26.81 23.31
CA ASN D 117 28.98 -27.43 22.64
C ASN D 117 28.84 -27.01 21.20
N THR D 118 29.73 -26.16 20.70
CA THR D 118 29.63 -25.60 19.36
C THR D 118 30.74 -26.16 18.47
N ARG D 119 30.42 -26.39 17.20
CA ARG D 119 31.40 -26.85 16.23
C ARG D 119 32.53 -25.84 16.08
N ALA D 120 33.71 -26.35 15.72
CA ALA D 120 34.84 -25.54 15.32
C ALA D 120 34.98 -25.58 13.81
N SER D 121 35.15 -24.41 13.20
CA SER D 121 35.12 -24.31 11.75
C SER D 121 36.36 -23.60 11.23
N VAL D 122 36.80 -24.02 10.04
CA VAL D 122 37.93 -23.40 9.37
C VAL D 122 37.86 -23.81 7.91
N GLY D 123 38.40 -22.96 7.04
CA GLY D 123 38.38 -23.23 5.62
C GLY D 123 39.50 -22.51 4.90
N TYR D 124 39.71 -22.91 3.66
CA TYR D 124 40.72 -22.29 2.82
C TYR D 124 40.28 -22.29 1.37
N ARG D 125 40.75 -21.29 0.63
CA ARG D 125 40.43 -21.11 -0.77
C ARG D 125 41.66 -21.39 -1.63
N ILE D 126 41.44 -22.05 -2.75
CA ILE D 126 42.50 -22.39 -3.70
C ILE D 126 42.57 -21.30 -4.76
N PRO D 127 43.74 -20.71 -5.00
CA PRO D 127 43.83 -19.63 -5.99
C PRO D 127 43.66 -20.16 -7.42
N THR D 128 43.37 -19.22 -8.33
CA THR D 128 43.11 -19.58 -9.71
C THR D 128 44.29 -20.33 -10.33
N ASN D 129 45.51 -19.93 -9.98
CA ASN D 129 46.68 -20.58 -10.56
C ASN D 129 46.88 -22.01 -10.06
N LEU D 130 46.18 -22.41 -8.99
CA LEU D 130 46.27 -23.76 -8.46
C LEU D 130 44.98 -24.55 -8.64
N ARG D 131 44.12 -24.13 -9.55
CA ARG D 131 42.84 -24.79 -9.76
C ARG D 131 42.92 -25.71 -10.98
N GLN D 132 43.62 -26.83 -10.79
CA GLN D 132 43.68 -27.89 -11.78
C GLN D 132 42.78 -29.04 -11.35
N ASN D 133 42.70 -30.06 -12.20
CA ASN D 133 41.87 -31.22 -11.91
C ASN D 133 42.57 -32.18 -10.97
N THR D 134 41.76 -32.98 -10.28
CA THR D 134 42.25 -34.05 -9.42
C THR D 134 41.42 -35.29 -9.66
N VAL D 135 42.03 -36.45 -9.41
CA VAL D 135 41.36 -37.74 -9.59
C VAL D 135 41.18 -38.39 -8.22
N ALA D 136 40.43 -39.50 -8.21
CA ALA D 136 40.08 -40.16 -6.96
C ALA D 136 41.31 -40.59 -6.17
N ALA D 137 42.41 -40.90 -6.86
CA ALA D 137 43.62 -41.34 -6.18
C ALA D 137 44.34 -40.19 -5.48
N ASP D 138 44.04 -38.95 -5.84
CA ASP D 138 44.67 -37.80 -5.22
C ASP D 138 44.02 -37.48 -3.88
N ASN D 139 44.67 -36.60 -3.13
CA ASN D 139 44.17 -36.13 -1.85
C ASN D 139 43.97 -34.62 -1.88
N VAL D 140 42.96 -34.17 -1.14
CA VAL D 140 42.63 -32.74 -1.10
C VAL D 140 43.47 -32.06 -0.03
N CYS D 141 43.39 -32.54 1.19
CA CYS D 141 44.03 -31.88 2.32
C CYS D 141 44.24 -32.91 3.43
N GLU D 142 44.93 -32.48 4.48
CA GLU D 142 45.05 -33.25 5.70
C GLU D 142 44.21 -32.62 6.80
N VAL D 143 43.49 -33.46 7.54
CA VAL D 143 42.59 -33.02 8.58
C VAL D 143 43.13 -33.49 9.93
N ARG D 144 43.29 -32.56 10.87
CA ARG D 144 43.63 -32.86 12.25
C ARG D 144 42.57 -32.25 13.16
N SER D 145 42.10 -33.03 14.14
CA SER D 145 41.08 -32.54 15.05
C SER D 145 41.03 -33.41 16.30
N ASN D 146 40.62 -32.81 17.41
CA ASN D 146 40.41 -33.56 18.64
C ASN D 146 39.07 -34.28 18.65
N CYS D 147 38.23 -34.04 17.66
CA CYS D 147 36.97 -34.75 17.51
C CYS D 147 37.13 -35.93 16.56
N ARG D 148 36.34 -36.97 16.83
CA ARG D 148 36.51 -38.22 16.10
C ARG D 148 35.99 -38.16 14.67
N GLN D 149 35.29 -37.10 14.29
CA GLN D 149 34.71 -37.00 12.96
C GLN D 149 34.65 -35.55 12.54
N VAL D 150 34.86 -35.29 11.25
CA VAL D 150 34.90 -33.95 10.70
C VAL D 150 34.04 -33.91 9.45
N ALA D 151 33.18 -32.89 9.35
CA ALA D 151 32.37 -32.69 8.16
C ALA D 151 33.09 -31.76 7.19
N LEU D 152 32.88 -32.01 5.91
CA LEU D 152 33.56 -31.29 4.85
C LEU D 152 32.55 -30.84 3.80
N VAL D 153 32.58 -29.56 3.47
CA VAL D 153 31.79 -29.01 2.37
C VAL D 153 32.79 -28.45 1.36
N ILE D 154 32.99 -29.18 0.27
CA ILE D 154 33.98 -28.83 -0.74
C ILE D 154 33.27 -28.22 -1.94
N SER D 155 33.55 -26.94 -2.20
CA SER D 155 33.05 -26.27 -3.40
C SER D 155 34.00 -26.57 -4.56
N CYS D 156 33.47 -27.18 -5.62
CA CYS D 156 34.31 -27.67 -6.68
C CYS D 156 33.54 -27.71 -7.98
N CYS D 157 34.27 -27.77 -9.09
CA CYS D 157 33.69 -27.82 -10.44
C CYS D 157 33.94 -29.21 -11.01
N PHE D 158 32.87 -29.97 -11.23
CA PHE D 158 32.99 -31.29 -11.81
C PHE D 158 33.07 -31.20 -13.33
N ASN D 159 33.89 -32.06 -13.92
CA ASN D 159 34.06 -32.05 -15.36
C ASN D 159 34.60 -33.39 -15.87
N ASN E 16 -14.02 8.11 17.01
CA ASN E 16 -14.78 7.13 16.24
C ASN E 16 -16.20 7.03 16.79
N SER E 17 -17.08 6.34 16.05
CA SER E 17 -18.47 6.20 16.49
C SER E 17 -18.55 5.34 17.74
N ASN E 18 -19.49 5.70 18.62
CA ASN E 18 -19.68 5.01 19.89
C ASN E 18 -21.01 4.30 19.99
N VAL E 19 -21.82 4.30 18.92
CA VAL E 19 -23.11 3.64 18.91
C VAL E 19 -23.28 2.92 17.57
N VAL E 20 -24.39 2.21 17.44
CA VAL E 20 -24.67 1.46 16.23
C VAL E 20 -25.01 2.42 15.09
N THR E 21 -24.57 2.05 13.88
CA THR E 21 -24.69 2.90 12.71
C THR E 21 -25.42 2.13 11.61
N MET E 22 -26.42 2.76 10.99
CA MET E 22 -27.17 2.11 9.92
C MET E 22 -26.29 1.92 8.69
N ILE E 23 -26.49 0.79 8.02
CA ILE E 23 -25.80 0.45 6.78
C ILE E 23 -26.83 0.40 5.66
N ARG E 24 -26.67 1.28 4.67
CA ARG E 24 -27.59 1.32 3.53
C ARG E 24 -27.22 0.18 2.57
N ALA E 25 -27.67 -1.02 2.92
CA ALA E 25 -27.35 -2.19 2.13
C ALA E 25 -28.12 -2.19 0.82
N GLY E 26 -27.58 -2.93 -0.14
CA GLY E 26 -28.19 -2.99 -1.46
C GLY E 26 -28.67 -4.38 -1.79
N SER E 27 -28.32 -4.85 -2.98
CA SER E 27 -28.73 -6.18 -3.39
C SER E 27 -28.00 -7.25 -2.59
N TYR E 28 -28.58 -8.43 -2.55
CA TYR E 28 -27.94 -9.56 -1.89
C TYR E 28 -26.66 -9.92 -2.63
N PRO E 29 -25.54 -10.00 -1.96
CA PRO E 29 -24.27 -10.15 -2.66
C PRO E 29 -23.94 -11.60 -3.00
N LYS E 30 -22.71 -11.84 -3.43
CA LYS E 30 -22.21 -13.20 -3.57
C LYS E 30 -21.63 -13.64 -2.23
N VAL E 31 -21.91 -14.88 -1.85
CA VAL E 31 -21.54 -15.40 -0.55
C VAL E 31 -20.83 -16.74 -0.72
N ASN E 32 -20.23 -17.22 0.37
CA ASN E 32 -19.49 -18.46 0.43
C ASN E 32 -19.35 -18.90 1.88
N PRO E 33 -20.16 -19.86 2.34
CA PRO E 33 -20.07 -20.29 3.74
C PRO E 33 -18.82 -21.10 4.04
N THR E 34 -18.20 -21.71 3.04
CA THR E 34 -17.02 -22.54 3.21
C THR E 34 -15.91 -22.00 2.32
N PRO E 35 -15.18 -20.98 2.77
CA PRO E 35 -14.12 -20.40 1.93
C PRO E 35 -12.79 -21.12 2.05
N THR E 36 -11.73 -20.52 1.49
CA THR E 36 -10.39 -21.06 1.60
C THR E 36 -9.73 -20.54 2.88
N TRP E 37 -8.51 -20.99 3.15
CA TRP E 37 -7.79 -20.56 4.34
C TRP E 37 -6.30 -20.80 4.13
N VAL E 38 -5.52 -19.72 4.06
CA VAL E 38 -4.07 -19.81 4.05
C VAL E 38 -3.59 -19.92 5.49
N ARG E 39 -2.82 -20.96 5.77
CA ARG E 39 -2.46 -21.30 7.14
C ARG E 39 -0.99 -21.69 7.21
N ALA E 40 -0.48 -21.80 8.44
CA ALA E 40 0.83 -22.36 8.72
C ALA E 40 0.61 -23.41 9.81
N ILE E 41 0.56 -24.68 9.42
CA ILE E 41 0.10 -25.76 10.28
C ILE E 41 1.31 -26.36 10.99
N PRO E 42 1.38 -26.31 12.33
CA PRO E 42 2.48 -27.00 13.04
C PRO E 42 2.07 -28.33 13.63
N PHE E 43 2.92 -29.33 13.49
CA PHE E 43 2.71 -30.61 14.16
C PHE E 43 4.06 -31.30 14.29
N GLU E 44 4.03 -32.51 14.83
CA GLU E 44 5.24 -33.28 15.06
C GLU E 44 5.05 -34.69 14.53
N VAL E 45 6.16 -35.33 14.18
CA VAL E 45 6.16 -36.70 13.68
C VAL E 45 7.33 -37.43 14.32
N SER E 46 7.12 -38.71 14.64
CA SER E 46 8.18 -39.55 15.19
C SER E 46 8.99 -40.16 14.06
N VAL E 47 10.31 -40.06 14.16
CA VAL E 47 11.24 -40.53 13.14
C VAL E 47 12.18 -41.55 13.77
N GLN E 48 12.56 -42.55 12.99
CA GLN E 48 13.49 -43.58 13.43
C GLN E 48 14.88 -43.32 12.86
N SER E 49 15.83 -44.17 13.22
CA SER E 49 17.20 -43.98 12.81
C SER E 49 17.45 -44.63 11.46
N GLY E 50 18.03 -43.87 10.54
CA GLY E 50 18.33 -44.34 9.21
C GLY E 50 17.13 -44.60 8.31
N ILE E 51 15.91 -44.55 8.85
CA ILE E 51 14.70 -44.84 8.08
C ILE E 51 13.99 -43.53 7.78
N ALA E 52 13.43 -43.42 6.57
CA ALA E 52 12.72 -42.23 6.13
C ALA E 52 11.23 -42.32 6.44
N PHE E 53 10.68 -41.23 6.94
CA PHE E 53 9.28 -41.15 7.34
C PHE E 53 8.50 -40.32 6.33
N LYS E 54 7.52 -40.93 5.69
CA LYS E 54 6.65 -40.21 4.76
C LYS E 54 5.57 -39.48 5.54
N VAL E 55 5.56 -38.16 5.43
CA VAL E 55 4.61 -37.32 6.16
C VAL E 55 3.27 -37.33 5.43
N PRO E 56 2.20 -37.83 6.05
CA PRO E 56 0.90 -37.86 5.37
C PRO E 56 0.25 -36.48 5.36
N VAL E 57 -0.40 -36.17 4.24
CA VAL E 57 -1.16 -34.94 4.15
C VAL E 57 -2.35 -34.95 5.10
N GLY E 58 -2.84 -36.13 5.48
CA GLY E 58 -3.99 -36.22 6.36
C GLY E 58 -3.79 -35.60 7.73
N SER E 59 -2.55 -35.39 8.14
CA SER E 59 -2.26 -34.73 9.41
C SER E 59 -2.66 -33.26 9.40
N LEU E 60 -2.84 -32.68 8.22
CA LEU E 60 -3.24 -31.28 8.14
C LEU E 60 -4.72 -31.11 8.42
N PHE E 61 -5.53 -32.14 8.16
CA PHE E 61 -6.97 -32.07 8.38
C PHE E 61 -7.27 -32.61 9.77
N SER E 62 -7.48 -31.70 10.71
CA SER E 62 -7.83 -32.09 12.06
C SER E 62 -8.59 -30.96 12.72
N ALA E 63 -9.31 -31.31 13.79
CA ALA E 63 -9.96 -30.29 14.61
C ALA E 63 -8.95 -29.48 15.42
N ASN E 64 -7.73 -29.98 15.56
CA ASN E 64 -6.71 -29.26 16.30
C ASN E 64 -6.23 -28.01 15.58
N PHE E 65 -6.43 -27.96 14.26
CA PHE E 65 -6.05 -26.82 13.42
C PHE E 65 -7.25 -26.12 12.81
N ARG E 66 -8.46 -26.46 13.25
CA ARG E 66 -9.71 -25.95 12.67
C ARG E 66 -9.86 -26.37 11.20
N THR E 67 -9.39 -27.56 10.84
CA THR E 67 -9.30 -27.94 9.44
C THR E 67 -10.00 -29.26 9.13
N ASP E 68 -10.80 -29.79 10.07
CA ASP E 68 -11.50 -31.04 9.81
C ASP E 68 -12.63 -30.90 8.80
N SER E 69 -12.88 -29.70 8.29
CA SER E 69 -13.91 -29.50 7.27
C SER E 69 -13.36 -29.50 5.85
N PHE E 70 -12.04 -29.44 5.69
CA PHE E 70 -11.40 -29.48 4.39
C PHE E 70 -11.05 -30.92 4.02
N THR E 71 -11.04 -31.20 2.72
CA THR E 71 -10.59 -32.49 2.22
C THR E 71 -9.33 -32.41 1.36
N SER E 72 -9.03 -31.25 0.80
CA SER E 72 -7.86 -31.03 -0.05
C SER E 72 -7.09 -29.82 0.47
N VAL E 73 -5.85 -29.69 0.01
CA VAL E 73 -4.99 -28.58 0.45
C VAL E 73 -3.89 -28.42 -0.58
N THR E 74 -3.47 -27.18 -0.82
CA THR E 74 -2.39 -26.86 -1.75
C THR E 74 -1.18 -26.46 -0.93
N VAL E 75 -0.21 -27.36 -0.83
CA VAL E 75 1.00 -27.08 -0.07
C VAL E 75 1.90 -26.13 -0.84
N MET E 76 2.46 -25.16 -0.13
CA MET E 76 3.33 -24.13 -0.72
C MET E 76 4.77 -24.23 -0.26
N SER E 77 5.01 -24.46 1.03
CA SER E 77 6.37 -24.60 1.53
C SER E 77 6.36 -25.41 2.81
N VAL E 78 7.44 -26.16 3.02
CA VAL E 78 7.60 -27.03 4.17
C VAL E 78 8.89 -26.66 4.89
N ARG E 79 8.83 -26.63 6.22
CA ARG E 79 9.99 -26.41 7.07
C ARG E 79 10.01 -27.44 8.18
N ALA E 80 11.22 -27.77 8.66
CA ALA E 80 11.39 -28.82 9.65
C ALA E 80 12.35 -28.39 10.73
N TRP E 81 12.11 -28.90 11.94
CA TRP E 81 12.98 -28.71 13.09
C TRP E 81 13.06 -30.03 13.85
N THR E 82 14.21 -30.27 14.48
CA THR E 82 14.36 -31.44 15.33
C THR E 82 13.73 -31.16 16.69
N GLN E 83 12.82 -32.03 17.11
CA GLN E 83 11.98 -31.80 18.28
C GLN E 83 12.59 -32.34 19.57
N LEU E 84 13.43 -33.37 19.49
CA LEU E 84 14.07 -33.96 20.65
C LEU E 84 15.58 -33.84 20.53
N THR E 85 16.30 -34.26 21.59
CA THR E 85 17.76 -34.17 21.60
C THR E 85 18.37 -35.29 20.76
N PRO E 86 19.52 -35.02 20.13
CA PRO E 86 20.15 -36.02 19.28
C PRO E 86 20.85 -37.09 20.10
N PRO E 87 21.37 -38.14 19.47
CA PRO E 87 22.17 -39.11 20.21
C PRO E 87 23.37 -38.45 20.87
N VAL E 88 24.01 -39.21 21.76
CA VAL E 88 25.14 -38.69 22.48
C VAL E 88 26.27 -38.39 21.51
N ASN E 89 26.99 -37.30 21.77
CA ASN E 89 28.16 -36.84 21.01
C ASN E 89 27.81 -36.35 19.61
N GLU E 90 26.57 -36.43 19.18
CA GLU E 90 26.18 -36.03 17.84
C GLU E 90 25.60 -34.62 17.84
N TYR E 91 25.57 -34.02 16.64
CA TYR E 91 24.83 -32.80 16.38
C TYR E 91 23.54 -33.14 15.64
N SER E 92 22.50 -32.34 15.87
CA SER E 92 21.21 -32.61 15.25
C SER E 92 21.25 -32.31 13.76
N PHE E 93 20.64 -33.19 12.98
CA PHE E 93 20.43 -32.93 11.56
C PHE E 93 19.00 -33.31 11.20
N VAL E 94 18.57 -32.83 10.04
CA VAL E 94 17.24 -33.14 9.53
C VAL E 94 17.26 -32.96 8.02
N ARG E 95 16.75 -33.95 7.29
CA ARG E 95 16.67 -33.94 5.85
C ARG E 95 15.22 -33.87 5.40
N LEU E 96 15.01 -33.42 4.16
CA LEU E 96 13.67 -33.35 3.59
C LEU E 96 13.71 -33.74 2.12
N LYS E 97 12.82 -34.64 1.71
CA LYS E 97 12.74 -35.06 0.31
C LYS E 97 11.32 -34.84 -0.22
N PRO E 98 11.10 -33.89 -1.13
CA PRO E 98 9.73 -33.59 -1.58
C PRO E 98 9.12 -34.74 -2.37
N LEU E 99 7.84 -34.99 -2.13
CA LEU E 99 7.09 -36.02 -2.84
C LEU E 99 5.94 -35.37 -3.61
N PHE E 100 5.71 -35.86 -4.82
CA PHE E 100 4.62 -35.37 -5.66
C PHE E 100 3.96 -36.56 -6.36
N LYS E 101 2.63 -36.48 -6.53
CA LYS E 101 1.91 -37.60 -7.12
C LYS E 101 2.33 -37.83 -8.56
N THR E 102 2.65 -36.75 -9.28
CA THR E 102 3.17 -36.90 -10.64
C THR E 102 4.60 -37.40 -10.65
N GLY E 103 5.34 -37.22 -9.56
CA GLY E 103 6.69 -37.73 -9.50
C GLY E 103 7.44 -37.22 -8.28
N ASP E 104 7.99 -38.13 -7.50
CA ASP E 104 8.71 -37.75 -6.29
C ASP E 104 10.10 -37.23 -6.63
N SER E 105 10.61 -36.33 -5.79
CA SER E 105 11.93 -35.78 -5.99
C SER E 105 12.97 -36.60 -5.21
N THR E 106 14.23 -36.42 -5.61
CA THR E 106 15.35 -37.07 -4.95
C THR E 106 16.24 -36.07 -4.20
N GLU E 107 15.77 -34.84 -4.03
CA GLU E 107 16.49 -33.83 -3.26
C GLU E 107 16.38 -34.12 -1.78
N GLU E 108 17.51 -34.11 -1.09
CA GLU E 108 17.56 -34.31 0.36
C GLU E 108 18.05 -33.03 1.03
N PHE E 109 17.19 -32.01 0.99
CA PHE E 109 17.50 -30.75 1.65
C PHE E 109 17.82 -31.00 3.12
N GLU E 110 19.03 -30.67 3.54
CA GLU E 110 19.51 -31.01 4.87
C GLU E 110 20.06 -29.79 5.59
N GLY E 111 19.71 -29.67 6.87
CA GLY E 111 20.28 -28.65 7.72
C GLY E 111 20.70 -29.23 9.05
N ARG E 112 21.91 -28.89 9.50
CA ARG E 112 22.45 -29.39 10.75
C ARG E 112 22.56 -28.26 11.77
N ALA E 113 22.82 -28.67 13.01
CA ALA E 113 22.97 -27.75 14.13
C ALA E 113 24.46 -27.59 14.46
N SER E 114 24.88 -26.34 14.65
CA SER E 114 26.26 -26.07 15.08
C SER E 114 26.41 -26.11 16.59
N ASN E 115 25.32 -26.33 17.32
CA ASN E 115 25.36 -26.50 18.77
C ASN E 115 24.55 -27.74 19.10
N ILE E 116 25.12 -28.61 19.96
CA ILE E 116 24.44 -29.86 20.29
C ILE E 116 23.12 -29.60 20.99
N ASN E 117 23.03 -28.53 21.77
CA ASN E 117 21.79 -28.21 22.48
C ASN E 117 20.77 -27.51 21.59
N THR E 118 21.11 -27.22 20.34
CA THR E 118 20.26 -26.44 19.46
C THR E 118 19.64 -27.34 18.38
N ARG E 119 18.43 -26.97 17.96
CA ARG E 119 17.71 -27.70 16.93
C ARG E 119 18.44 -27.61 15.59
N ALA E 120 18.07 -28.52 14.69
CA ALA E 120 18.45 -28.46 13.30
C ALA E 120 17.25 -28.02 12.47
N SER E 121 17.50 -27.24 11.44
CA SER E 121 16.40 -26.68 10.66
C SER E 121 16.70 -26.77 9.17
N VAL E 122 15.66 -27.01 8.39
CA VAL E 122 15.77 -27.07 6.93
C VAL E 122 14.36 -27.00 6.37
N GLY E 123 14.25 -26.49 5.15
CA GLY E 123 12.96 -26.41 4.50
C GLY E 123 13.11 -26.39 2.99
N TYR E 124 11.96 -26.31 2.31
CA TYR E 124 11.95 -26.16 0.87
C TYR E 124 10.65 -25.50 0.44
N ARG E 125 10.70 -24.80 -0.69
CA ARG E 125 9.56 -24.11 -1.27
C ARG E 125 9.12 -24.81 -2.54
N ILE E 126 7.81 -24.98 -2.69
CA ILE E 126 7.22 -25.65 -3.85
C ILE E 126 6.92 -24.62 -4.93
N PRO E 127 7.36 -24.83 -6.16
CA PRO E 127 7.08 -23.86 -7.21
C PRO E 127 5.60 -23.81 -7.55
N THR E 128 5.22 -22.74 -8.23
CA THR E 128 3.82 -22.53 -8.59
C THR E 128 3.32 -23.65 -9.49
N ASN E 129 4.11 -24.01 -10.51
CA ASN E 129 3.67 -25.05 -11.44
C ASN E 129 3.42 -26.38 -10.73
N LEU E 130 4.09 -26.62 -9.61
CA LEU E 130 3.95 -27.84 -8.84
C LEU E 130 3.05 -27.67 -7.61
N ARG E 131 2.20 -26.63 -7.62
CA ARG E 131 1.27 -26.39 -6.52
C ARG E 131 -0.12 -26.83 -6.96
N GLN E 132 -0.39 -28.12 -6.75
CA GLN E 132 -1.70 -28.70 -6.97
C GLN E 132 -2.27 -29.16 -5.63
N ASN E 133 -3.50 -29.64 -5.67
CA ASN E 133 -4.18 -30.12 -4.47
C ASN E 133 -3.65 -31.49 -4.06
N THR E 134 -3.71 -31.78 -2.77
CA THR E 134 -3.32 -33.07 -2.23
C THR E 134 -4.34 -33.51 -1.19
N VAL E 135 -4.74 -34.78 -1.26
CA VAL E 135 -5.74 -35.30 -0.34
C VAL E 135 -5.06 -36.01 0.82
N ALA E 136 -5.84 -36.55 1.76
CA ALA E 136 -5.27 -37.19 2.94
C ALA E 136 -4.44 -38.42 2.58
N ALA E 137 -4.79 -39.10 1.49
CA ALA E 137 -4.08 -40.30 1.08
C ALA E 137 -2.75 -40.01 0.39
N ASP E 138 -2.36 -38.74 0.28
CA ASP E 138 -1.13 -38.36 -0.38
C ASP E 138 -0.05 -38.03 0.66
N ASN E 139 1.19 -37.99 0.19
CA ASN E 139 2.34 -37.68 1.01
C ASN E 139 3.04 -36.44 0.47
N VAL E 140 3.60 -35.65 1.38
CA VAL E 140 4.18 -34.36 1.02
C VAL E 140 5.70 -34.44 0.90
N CYS E 141 6.35 -35.16 1.82
CA CYS E 141 7.80 -35.29 1.78
C CYS E 141 8.21 -36.40 2.73
N GLU E 142 9.48 -36.80 2.61
CA GLU E 142 10.13 -37.71 3.53
C GLU E 142 10.99 -36.92 4.50
N VAL E 143 11.14 -37.46 5.71
CA VAL E 143 11.91 -36.81 6.77
C VAL E 143 12.94 -37.79 7.29
N ARG E 144 14.18 -37.34 7.41
CA ARG E 144 15.24 -38.12 8.03
C ARG E 144 15.93 -37.27 9.09
N SER E 145 16.21 -37.88 10.23
CA SER E 145 16.90 -37.17 11.31
C SER E 145 17.48 -38.18 12.28
N ASN E 146 18.44 -37.72 13.07
CA ASN E 146 19.00 -38.56 14.12
C ASN E 146 18.26 -38.41 15.44
N CYS E 147 17.40 -37.41 15.55
CA CYS E 147 16.49 -37.25 16.67
C CYS E 147 15.23 -38.07 16.46
N ARG E 148 14.55 -38.37 17.56
CA ARG E 148 13.42 -39.27 17.54
C ARG E 148 12.12 -38.58 17.12
N GLN E 149 12.08 -37.25 17.12
CA GLN E 149 10.91 -36.50 16.71
C GLN E 149 11.35 -35.26 15.94
N VAL E 150 10.50 -34.85 15.01
CA VAL E 150 10.75 -33.71 14.13
C VAL E 150 9.52 -32.81 14.15
N ALA E 151 9.74 -31.53 14.38
CA ALA E 151 8.66 -30.53 14.33
C ALA E 151 8.57 -29.96 12.92
N LEU E 152 7.35 -29.93 12.38
CA LEU E 152 7.10 -29.49 11.02
C LEU E 152 6.13 -28.31 11.02
N VAL E 153 6.44 -27.31 10.20
CA VAL E 153 5.54 -26.20 9.91
C VAL E 153 5.35 -26.15 8.41
N ILE E 154 4.10 -26.26 7.96
CA ILE E 154 3.78 -26.35 6.54
C ILE E 154 2.87 -25.19 6.17
N SER E 155 3.35 -24.32 5.29
CA SER E 155 2.53 -23.26 4.71
C SER E 155 1.75 -23.83 3.54
N CYS E 156 0.44 -23.69 3.58
CA CYS E 156 -0.45 -24.36 2.65
C CYS E 156 -1.71 -23.54 2.51
N CYS E 157 -2.48 -23.84 1.46
CA CYS E 157 -3.73 -23.16 1.16
C CYS E 157 -4.84 -24.22 1.17
N PHE E 158 -5.59 -24.27 2.27
CA PHE E 158 -6.69 -25.21 2.38
C PHE E 158 -7.85 -24.78 1.47
N ASN E 159 -8.41 -25.76 0.77
CA ASN E 159 -9.55 -25.54 -0.09
C ASN E 159 -10.44 -26.77 -0.14
N ASN F 16 10.07 -16.12 -9.97
CA ASN F 16 9.43 -17.43 -10.10
C ASN F 16 10.46 -18.55 -10.01
N SER F 17 10.00 -19.79 -10.22
CA SER F 17 10.87 -20.96 -10.18
C SER F 17 10.10 -22.14 -10.75
N ASN F 18 10.84 -23.11 -11.29
CA ASN F 18 10.23 -24.31 -11.85
C ASN F 18 10.49 -25.56 -11.03
N VAL F 19 11.32 -25.48 -10.00
CA VAL F 19 11.65 -26.63 -9.16
C VAL F 19 11.63 -26.20 -7.71
N VAL F 20 11.80 -27.19 -6.82
CA VAL F 20 11.88 -26.92 -5.39
C VAL F 20 13.22 -26.27 -5.07
N THR F 21 13.19 -25.31 -4.16
CA THR F 21 14.39 -24.62 -3.71
C THR F 21 14.46 -24.68 -2.19
N MET F 22 15.68 -24.66 -1.66
CA MET F 22 15.90 -24.78 -0.23
C MET F 22 15.61 -23.48 0.49
N ILE F 23 15.03 -23.59 1.69
CA ILE F 23 14.72 -22.45 2.55
C ILE F 23 15.68 -22.51 3.73
N ARG F 24 16.58 -21.54 3.83
CA ARG F 24 17.53 -21.50 4.94
C ARG F 24 16.79 -21.04 6.18
N ALA F 25 16.11 -22.00 6.82
CA ALA F 25 15.30 -21.71 7.99
C ALA F 25 16.19 -21.43 9.20
N GLY F 26 15.62 -20.72 10.17
CA GLY F 26 16.35 -20.38 11.37
C GLY F 26 15.78 -21.05 12.61
N SER F 27 15.76 -20.31 13.71
CA SER F 27 15.22 -20.83 14.95
CA SER F 27 15.22 -20.83 14.95
C SER F 27 13.72 -21.09 14.82
N TYR F 28 13.22 -21.97 15.69
CA TYR F 28 11.80 -22.31 15.67
C TYR F 28 10.97 -21.06 15.96
N PRO F 29 9.97 -20.75 15.14
CA PRO F 29 9.24 -19.50 15.33
C PRO F 29 8.19 -19.58 16.42
N LYS F 30 7.30 -18.59 16.44
CA LYS F 30 6.14 -18.58 17.31
C LYS F 30 4.94 -19.05 16.50
N VAL F 31 4.28 -20.11 16.95
CA VAL F 31 3.22 -20.76 16.20
C VAL F 31 1.92 -20.66 16.98
N ASN F 32 0.83 -20.99 16.28
CA ASN F 32 -0.52 -21.00 16.84
C ASN F 32 -1.40 -21.90 15.99
N PRO F 33 -1.78 -23.07 16.50
CA PRO F 33 -2.54 -24.01 15.67
C PRO F 33 -3.99 -23.62 15.44
N THR F 34 -4.58 -22.82 16.34
CA THR F 34 -5.98 -22.44 16.28
C THR F 34 -6.09 -20.93 16.21
N PRO F 35 -5.84 -20.32 15.06
CA PRO F 35 -5.82 -18.87 14.94
C PRO F 35 -7.23 -18.29 14.89
N THR F 36 -7.29 -16.97 14.72
CA THR F 36 -8.55 -16.28 14.55
C THR F 36 -9.00 -16.37 13.09
N TRP F 37 -10.15 -15.78 12.80
CA TRP F 37 -10.73 -15.88 11.45
C TRP F 37 -11.80 -14.81 11.31
N VAL F 38 -11.51 -13.78 10.52
CA VAL F 38 -12.49 -12.75 10.21
C VAL F 38 -13.34 -13.24 9.04
N ARG F 39 -14.65 -13.35 9.25
CA ARG F 39 -15.54 -14.04 8.32
C ARG F 39 -16.78 -13.21 8.06
N ALA F 40 -17.47 -13.56 6.98
CA ALA F 40 -18.82 -13.06 6.69
C ALA F 40 -19.73 -14.26 6.55
N ILE F 41 -20.58 -14.49 7.53
CA ILE F 41 -21.33 -15.73 7.67
C ILE F 41 -22.73 -15.52 7.13
N PRO F 42 -23.15 -16.24 6.07
CA PRO F 42 -24.54 -16.17 5.61
C PRO F 42 -25.40 -17.30 6.12
N PHE F 43 -26.62 -16.98 6.56
CA PHE F 43 -27.57 -17.99 6.98
C PHE F 43 -28.96 -17.35 6.98
N GLU F 44 -29.97 -18.21 7.10
CA GLU F 44 -31.36 -17.78 7.06
C GLU F 44 -32.05 -18.10 8.37
N VAL F 45 -33.08 -17.34 8.68
CA VAL F 45 -33.88 -17.53 9.88
C VAL F 45 -35.35 -17.39 9.49
N SER F 46 -36.20 -18.20 10.12
CA SER F 46 -37.64 -18.07 9.91
C SER F 46 -38.20 -17.00 10.84
N VAL F 47 -39.07 -16.16 10.29
CA VAL F 47 -39.69 -15.09 11.05
C VAL F 47 -41.19 -15.11 10.80
N GLN F 48 -41.96 -14.86 11.85
CA GLN F 48 -43.41 -14.84 11.77
C GLN F 48 -43.92 -13.40 11.69
N SER F 49 -45.11 -13.24 11.13
CA SER F 49 -45.66 -11.91 10.90
C SER F 49 -46.01 -11.25 12.23
N GLY F 50 -45.48 -10.04 12.45
CA GLY F 50 -45.77 -9.28 13.64
C GLY F 50 -44.98 -9.66 14.87
N ILE F 51 -44.15 -10.69 14.81
CA ILE F 51 -43.38 -11.19 15.94
C ILE F 51 -41.91 -10.91 15.68
N ALA F 52 -41.19 -10.48 16.71
CA ALA F 52 -39.76 -10.21 16.62
C ALA F 52 -38.96 -11.45 17.00
N PHE F 53 -38.06 -11.87 16.11
CA PHE F 53 -37.25 -13.06 16.29
C PHE F 53 -35.83 -12.69 16.68
N LYS F 54 -35.34 -13.26 17.78
CA LYS F 54 -33.98 -13.06 18.24
C LYS F 54 -33.01 -13.99 17.51
N VAL F 55 -31.99 -13.41 16.89
CA VAL F 55 -31.01 -14.17 16.11
C VAL F 55 -29.94 -14.68 17.06
N PRO F 56 -29.80 -16.00 17.23
CA PRO F 56 -28.82 -16.53 18.18
C PRO F 56 -27.42 -16.52 17.62
N VAL F 57 -26.45 -16.27 18.50
CA VAL F 57 -25.05 -16.31 18.09
C VAL F 57 -24.64 -17.74 17.76
N GLY F 58 -25.34 -18.73 18.32
CA GLY F 58 -24.99 -20.12 18.10
C GLY F 58 -25.11 -20.57 16.66
N SER F 59 -25.87 -19.84 15.84
CA SER F 59 -25.98 -20.16 14.43
C SER F 59 -24.70 -19.89 13.67
N LEU F 60 -23.81 -19.05 14.23
CA LEU F 60 -22.54 -18.77 13.59
C LEU F 60 -21.55 -19.91 13.76
N PHE F 61 -21.66 -20.67 14.85
CA PHE F 61 -20.77 -21.80 15.11
C PHE F 61 -21.39 -23.03 14.46
N SER F 62 -20.81 -23.47 13.36
CA SER F 62 -21.31 -24.64 12.64
C SER F 62 -20.20 -25.20 11.78
N ALA F 63 -20.28 -26.52 11.53
CA ALA F 63 -19.38 -27.13 10.55
C ALA F 63 -19.70 -26.65 9.14
N ASN F 64 -20.94 -26.22 8.89
CA ASN F 64 -21.30 -25.69 7.59
C ASN F 64 -20.60 -24.36 7.29
N PHE F 65 -19.97 -23.74 8.28
CA PHE F 65 -19.22 -22.49 8.11
C PHE F 65 -17.74 -22.66 8.48
N ARG F 66 -17.30 -23.89 8.78
CA ARG F 66 -15.95 -24.17 9.26
C ARG F 66 -15.65 -23.44 10.57
N THR F 67 -16.65 -23.36 11.45
CA THR F 67 -16.52 -22.62 12.70
C THR F 67 -16.97 -23.42 13.90
N ASP F 68 -17.10 -24.74 13.77
CA ASP F 68 -17.52 -25.55 14.90
C ASP F 68 -16.42 -25.72 15.95
N SER F 69 -15.22 -25.20 15.70
CA SER F 69 -14.14 -25.24 16.66
C SER F 69 -14.07 -24.00 17.54
N PHE F 70 -14.85 -22.98 17.23
CA PHE F 70 -14.91 -21.76 18.02
C PHE F 70 -16.01 -21.85 19.06
N THR F 71 -15.83 -21.11 20.15
CA THR F 71 -16.85 -20.98 21.18
C THR F 71 -17.24 -19.52 21.45
N SER F 72 -16.53 -18.56 20.88
CA SER F 72 -16.86 -17.15 21.03
C SER F 72 -16.53 -16.42 19.73
N VAL F 73 -17.13 -15.25 19.57
CA VAL F 73 -16.97 -14.46 18.35
C VAL F 73 -17.22 -13.00 18.69
N THR F 74 -16.55 -12.11 17.97
CA THR F 74 -16.71 -10.66 18.10
C THR F 74 -17.44 -10.17 16.86
N VAL F 75 -18.71 -9.80 17.02
CA VAL F 75 -19.53 -9.35 15.90
C VAL F 75 -19.22 -7.89 15.60
N MET F 76 -19.10 -7.58 14.31
CA MET F 76 -18.76 -6.24 13.85
C MET F 76 -19.92 -5.54 13.14
N SER F 77 -20.58 -6.22 12.21
CA SER F 77 -21.69 -5.63 11.49
C SER F 77 -22.62 -6.73 11.01
N VAL F 78 -23.92 -6.40 10.94
CA VAL F 78 -24.96 -7.34 10.55
C VAL F 78 -25.78 -6.70 9.43
N ARG F 79 -25.99 -7.44 8.34
CA ARG F 79 -26.88 -7.04 7.27
C ARG F 79 -27.97 -8.08 7.07
N ALA F 80 -29.12 -7.64 6.58
CA ALA F 80 -30.27 -8.51 6.43
C ALA F 80 -30.93 -8.30 5.07
N TRP F 81 -31.46 -9.39 4.52
CA TRP F 81 -32.25 -9.37 3.29
C TRP F 81 -33.45 -10.27 3.46
N THR F 82 -34.55 -9.88 2.82
CA THR F 82 -35.76 -10.70 2.83
C THR F 82 -35.58 -11.90 1.91
N GLN F 83 -35.70 -13.10 2.47
CA GLN F 83 -35.43 -14.33 1.73
C GLN F 83 -36.63 -14.82 0.93
N LEU F 84 -37.85 -14.48 1.33
CA LEU F 84 -39.05 -14.94 0.66
C LEU F 84 -39.90 -13.74 0.23
N THR F 85 -40.95 -14.03 -0.53
CA THR F 85 -41.80 -12.97 -1.06
C THR F 85 -42.73 -12.42 0.02
N PRO F 86 -43.08 -11.14 -0.05
CA PRO F 86 -43.95 -10.55 0.95
C PRO F 86 -45.40 -10.97 0.72
N PRO F 87 -46.30 -10.60 1.63
CA PRO F 87 -47.73 -10.86 1.39
C PRO F 87 -48.24 -10.10 0.18
N VAL F 88 -49.43 -10.50 -0.28
CA VAL F 88 -50.01 -9.90 -1.46
C VAL F 88 -50.20 -8.41 -1.21
N ASN F 89 -49.91 -7.60 -2.24
CA ASN F 89 -50.14 -6.16 -2.26
C ASN F 89 -49.10 -5.42 -1.42
N GLU F 90 -48.28 -6.15 -0.68
CA GLU F 90 -47.33 -5.53 0.23
C GLU F 90 -45.93 -5.52 -0.38
N TYR F 91 -45.14 -4.53 0.04
CA TYR F 91 -43.72 -4.47 -0.28
C TYR F 91 -42.92 -5.03 0.88
N SER F 92 -41.77 -5.61 0.55
CA SER F 92 -40.93 -6.23 1.56
C SER F 92 -40.29 -5.19 2.48
N PHE F 93 -40.16 -5.55 3.75
CA PHE F 93 -39.42 -4.73 4.71
C PHE F 93 -38.70 -5.66 5.66
N VAL F 94 -37.75 -5.10 6.40
CA VAL F 94 -37.00 -5.85 7.40
C VAL F 94 -36.43 -4.84 8.40
N ARG F 95 -36.53 -5.18 9.68
CA ARG F 95 -36.04 -4.34 10.77
C ARG F 95 -34.99 -5.10 11.56
N LEU F 96 -34.06 -4.35 12.15
CA LEU F 96 -32.96 -4.92 12.92
C LEU F 96 -32.80 -4.13 14.21
N LYS F 97 -33.07 -4.77 15.34
CA LYS F 97 -32.85 -4.12 16.63
C LYS F 97 -31.62 -4.72 17.27
N PRO F 98 -30.53 -3.97 17.41
CA PRO F 98 -29.31 -4.55 17.98
C PRO F 98 -29.52 -5.00 19.42
N LEU F 99 -28.75 -6.01 19.82
CA LEU F 99 -28.81 -6.54 21.18
C LEU F 99 -27.41 -6.68 21.74
N PHE F 100 -27.24 -6.28 23.00
CA PHE F 100 -25.96 -6.37 23.66
C PHE F 100 -26.16 -6.89 25.07
N LYS F 101 -25.18 -7.64 25.57
CA LYS F 101 -25.29 -8.23 26.90
C LYS F 101 -25.29 -7.16 27.98
N THR F 102 -24.57 -6.06 27.76
CA THR F 102 -24.56 -4.96 28.72
C THR F 102 -25.85 -4.14 28.66
N GLY F 103 -26.63 -4.28 27.58
CA GLY F 103 -27.85 -3.53 27.43
C GLY F 103 -28.33 -3.54 26.00
N ASP F 104 -29.56 -4.00 25.78
CA ASP F 104 -30.13 -4.01 24.45
C ASP F 104 -30.46 -2.61 23.97
N SER F 105 -30.50 -2.45 22.66
CA SER F 105 -30.87 -1.18 22.05
C SER F 105 -32.36 -1.19 21.70
N THR F 106 -32.86 0.01 21.41
CA THR F 106 -34.24 0.21 20.95
C THR F 106 -34.28 0.73 19.51
N GLU F 107 -33.16 0.71 18.80
CA GLU F 107 -33.15 1.08 17.39
C GLU F 107 -33.87 0.02 16.56
N GLU F 108 -34.45 0.47 15.46
CA GLU F 108 -35.13 -0.41 14.51
C GLU F 108 -34.70 -0.01 13.10
N PHE F 109 -33.45 -0.32 12.76
CA PHE F 109 -32.93 -0.07 11.43
C PHE F 109 -33.73 -0.84 10.39
N GLU F 110 -34.56 -0.13 9.62
CA GLU F 110 -35.51 -0.73 8.71
C GLU F 110 -35.20 -0.34 7.27
N GLY F 111 -35.37 -1.31 6.37
CA GLY F 111 -35.21 -1.07 4.96
C GLY F 111 -36.35 -1.69 4.18
N ARG F 112 -36.92 -0.94 3.25
CA ARG F 112 -38.07 -1.39 2.47
C ARG F 112 -37.71 -1.43 0.99
N ALA F 113 -38.33 -2.37 0.28
CA ALA F 113 -38.11 -2.54 -1.14
C ALA F 113 -39.05 -1.66 -1.94
N SER F 114 -38.51 -1.00 -2.95
CA SER F 114 -39.30 -0.18 -3.86
C SER F 114 -39.92 -0.98 -4.99
N ASN F 115 -39.70 -2.29 -5.00
CA ASN F 115 -40.30 -3.20 -5.98
C ASN F 115 -40.81 -4.42 -5.22
N ILE F 116 -42.04 -4.84 -5.52
CA ILE F 116 -42.63 -5.98 -4.82
C ILE F 116 -41.85 -7.25 -5.11
N ASN F 117 -41.14 -7.30 -6.23
CA ASN F 117 -40.38 -8.49 -6.62
C ASN F 117 -38.97 -8.51 -6.08
N THR F 118 -38.51 -7.41 -5.51
CA THR F 118 -37.14 -7.29 -5.01
C THR F 118 -37.09 -7.41 -3.50
N ARG F 119 -35.89 -7.72 -3.01
CA ARG F 119 -35.66 -7.87 -1.59
C ARG F 119 -35.59 -6.52 -0.89
N ALA F 120 -35.84 -6.53 0.41
CA ALA F 120 -35.65 -5.36 1.25
C ALA F 120 -34.42 -5.58 2.12
N SER F 121 -33.51 -4.62 2.11
CA SER F 121 -32.22 -4.80 2.75
C SER F 121 -31.98 -3.68 3.75
N VAL F 122 -31.28 -4.02 4.84
CA VAL F 122 -30.88 -3.06 5.84
C VAL F 122 -29.79 -3.71 6.68
N GLY F 123 -29.03 -2.89 7.41
CA GLY F 123 -28.00 -3.43 8.28
C GLY F 123 -27.57 -2.40 9.30
N TYR F 124 -26.63 -2.81 10.15
CA TYR F 124 -26.06 -1.90 11.14
C TYR F 124 -24.66 -2.35 11.53
N ARG F 125 -23.84 -1.37 11.92
CA ARG F 125 -22.45 -1.59 12.31
C ARG F 125 -22.28 -1.39 13.80
N ILE F 126 -21.55 -2.31 14.45
CA ILE F 126 -21.30 -2.25 15.88
C ILE F 126 -20.05 -1.41 16.13
N PRO F 127 -20.11 -0.40 17.00
CA PRO F 127 -18.92 0.42 17.25
C PRO F 127 -17.83 -0.38 17.92
N THR F 128 -16.60 0.14 17.81
CA THR F 128 -15.46 -0.56 18.38
C THR F 128 -15.63 -0.79 19.88
N ASN F 129 -16.15 0.22 20.59
CA ASN F 129 -16.31 0.09 22.04
C ASN F 129 -17.27 -1.02 22.42
N LEU F 130 -18.14 -1.44 21.52
CA LEU F 130 -19.11 -2.50 21.78
C LEU F 130 -18.73 -3.82 21.11
N ARG F 131 -17.48 -3.96 20.68
CA ARG F 131 -17.02 -5.17 20.01
C ARG F 131 -16.33 -6.09 21.01
N GLN F 132 -17.15 -6.71 21.85
CA GLN F 132 -16.70 -7.74 22.78
C GLN F 132 -17.12 -9.12 22.26
N ASN F 133 -16.60 -10.15 22.91
CA ASN F 133 -16.91 -11.52 22.50
C ASN F 133 -18.36 -11.85 22.82
N THR F 134 -18.91 -12.80 22.06
CA THR F 134 -20.25 -13.31 22.26
C THR F 134 -20.23 -14.82 22.10
N VAL F 135 -20.84 -15.52 23.06
CA VAL F 135 -20.90 -16.98 23.04
C VAL F 135 -22.19 -17.42 22.37
N ALA F 136 -22.36 -18.73 22.21
CA ALA F 136 -23.50 -19.25 21.45
C ALA F 136 -24.83 -18.90 22.11
N ALA F 137 -24.86 -18.84 23.45
CA ALA F 137 -26.09 -18.59 24.19
C ALA F 137 -26.61 -17.17 24.02
N ASP F 138 -25.81 -16.26 23.49
CA ASP F 138 -26.23 -14.87 23.35
C ASP F 138 -27.05 -14.70 22.07
N ASN F 139 -27.52 -13.47 21.86
CA ASN F 139 -28.30 -13.08 20.69
C ASN F 139 -27.68 -11.85 20.06
N VAL F 140 -27.74 -11.78 18.74
CA VAL F 140 -27.13 -10.68 17.99
C VAL F 140 -28.09 -9.52 17.83
N CYS F 141 -29.31 -9.80 17.36
CA CYS F 141 -30.30 -8.77 17.12
C CYS F 141 -31.67 -9.42 16.97
N GLU F 142 -32.71 -8.60 17.06
CA GLU F 142 -34.05 -9.01 16.70
C GLU F 142 -34.33 -8.64 15.26
N VAL F 143 -35.13 -9.46 14.60
CA VAL F 143 -35.49 -9.23 13.21
C VAL F 143 -37.00 -9.24 13.09
N ARG F 144 -37.55 -8.26 12.39
CA ARG F 144 -38.97 -8.15 12.11
C ARG F 144 -39.17 -8.00 10.61
N SER F 145 -40.13 -8.72 10.05
CA SER F 145 -40.38 -8.64 8.62
C SER F 145 -41.74 -9.22 8.31
N ASN F 146 -42.29 -8.82 7.18
CA ASN F 146 -43.54 -9.38 6.69
C ASN F 146 -43.33 -10.66 5.89
N CYS F 147 -42.10 -10.93 5.45
CA CYS F 147 -41.77 -12.18 4.80
C CYS F 147 -41.46 -13.25 5.85
N ARG F 148 -41.60 -14.50 5.46
CA ARG F 148 -41.52 -15.60 6.41
C ARG F 148 -40.09 -16.08 6.64
N GLN F 149 -39.12 -15.57 5.90
CA GLN F 149 -37.72 -15.92 6.08
C GLN F 149 -36.85 -14.71 5.76
N VAL F 150 -35.73 -14.61 6.46
CA VAL F 150 -34.80 -13.50 6.32
C VAL F 150 -33.40 -14.07 6.17
N ALA F 151 -32.65 -13.54 5.20
CA ALA F 151 -31.26 -13.91 4.99
C ALA F 151 -30.35 -12.89 5.67
N LEU F 152 -29.34 -13.38 6.36
CA LEU F 152 -28.43 -12.55 7.14
C LEU F 152 -27.00 -12.81 6.76
N VAL F 153 -26.20 -11.75 6.67
CA VAL F 153 -24.76 -11.85 6.49
C VAL F 153 -24.10 -11.07 7.61
N ILE F 154 -23.29 -11.75 8.41
CA ILE F 154 -22.72 -11.18 9.61
C ILE F 154 -21.21 -11.17 9.46
N SER F 155 -20.62 -9.99 9.34
CA SER F 155 -19.17 -9.83 9.35
C SER F 155 -18.70 -9.85 10.79
N CYS F 156 -17.95 -10.89 11.16
CA CYS F 156 -17.52 -11.07 12.54
C CYS F 156 -16.09 -11.58 12.57
N CYS F 157 -15.55 -11.70 13.78
CA CYS F 157 -14.17 -12.13 14.01
C CYS F 157 -14.19 -13.30 14.97
N PHE F 158 -14.13 -14.51 14.44
CA PHE F 158 -14.10 -15.70 15.28
C PHE F 158 -12.77 -15.83 16.01
N ASN F 159 -12.85 -16.13 17.30
CA ASN F 159 -11.66 -16.31 18.11
C ASN F 159 -11.85 -17.41 19.14
N ASN G 16 -6.90 2.22 -49.85
CA ASN G 16 -6.31 0.88 -49.74
C ASN G 16 -6.16 0.25 -51.12
N SER G 17 -5.84 -1.03 -51.17
CA SER G 17 -5.63 -1.72 -52.42
C SER G 17 -6.95 -2.20 -53.01
N ASN G 18 -6.94 -2.45 -54.32
CA ASN G 18 -8.13 -2.88 -55.04
C ASN G 18 -7.91 -4.12 -55.90
N VAL G 19 -6.69 -4.60 -56.06
CA VAL G 19 -6.40 -5.79 -56.85
C VAL G 19 -5.45 -6.68 -56.07
N VAL G 20 -5.29 -7.92 -56.56
CA VAL G 20 -4.38 -8.87 -55.94
C VAL G 20 -2.94 -8.41 -56.10
N THR G 21 -2.11 -8.75 -55.13
CA THR G 21 -0.71 -8.35 -55.13
C THR G 21 0.16 -9.56 -54.81
N MET G 22 1.34 -9.60 -55.40
CA MET G 22 2.24 -10.71 -55.18
C MET G 22 2.83 -10.66 -53.77
N ILE G 23 3.05 -11.84 -53.20
CA ILE G 23 3.69 -11.98 -51.90
C ILE G 23 5.04 -12.66 -52.11
N ARG G 24 6.11 -11.96 -51.74
CA ARG G 24 7.46 -12.53 -51.86
C ARG G 24 7.70 -13.52 -50.73
N ALA G 25 7.05 -14.68 -50.86
CA ALA G 25 7.16 -15.72 -49.83
C ALA G 25 8.55 -16.33 -49.83
N GLY G 26 8.94 -16.86 -48.67
CA GLY G 26 10.26 -17.43 -48.51
C GLY G 26 10.26 -18.92 -48.22
N SER G 27 10.99 -19.32 -47.18
CA SER G 27 11.02 -20.72 -46.77
C SER G 27 9.65 -21.16 -46.25
N TYR G 28 9.44 -22.46 -46.26
CA TYR G 28 8.18 -23.00 -45.76
C TYR G 28 8.12 -22.77 -44.24
N PRO G 29 7.03 -22.23 -43.73
CA PRO G 29 6.98 -21.85 -42.32
C PRO G 29 6.64 -23.04 -41.44
N LYS G 30 6.65 -22.80 -40.14
CA LYS G 30 6.17 -23.78 -39.18
C LYS G 30 4.65 -23.75 -39.17
N VAL G 31 4.02 -24.88 -39.42
CA VAL G 31 2.58 -24.96 -39.55
C VAL G 31 2.02 -25.84 -38.44
N ASN G 32 0.70 -25.80 -38.28
CA ASN G 32 -0.01 -26.65 -37.34
C ASN G 32 -1.46 -26.77 -37.79
N PRO G 33 -1.89 -27.94 -38.28
CA PRO G 33 -3.27 -28.04 -38.78
C PRO G 33 -4.31 -28.08 -37.67
N THR G 34 -3.95 -28.58 -36.50
CA THR G 34 -4.85 -28.74 -35.36
C THR G 34 -4.36 -27.83 -34.23
N PRO G 35 -4.77 -26.58 -34.20
CA PRO G 35 -4.25 -25.64 -33.21
C PRO G 35 -5.04 -25.63 -31.91
N THR G 36 -4.69 -24.71 -31.01
CA THR G 36 -5.43 -24.50 -29.78
C THR G 36 -6.51 -23.43 -29.99
N TRP G 37 -7.35 -23.26 -28.97
CA TRP G 37 -8.50 -22.37 -29.11
C TRP G 37 -9.00 -21.98 -27.73
N VAL G 38 -8.91 -20.69 -27.41
CA VAL G 38 -9.49 -20.15 -26.19
C VAL G 38 -10.95 -19.82 -26.47
N ARG G 39 -11.85 -20.37 -25.67
CA ARG G 39 -13.27 -20.32 -25.94
C ARG G 39 -14.05 -20.02 -24.68
N ALA G 40 -15.26 -19.49 -24.87
CA ALA G 40 -16.26 -19.36 -23.81
C ALA G 40 -17.45 -20.20 -24.22
N ILE G 41 -17.59 -21.37 -23.62
CA ILE G 41 -18.55 -22.38 -24.06
C ILE G 41 -19.84 -22.19 -23.29
N PRO G 42 -20.97 -21.92 -23.95
CA PRO G 42 -22.25 -21.86 -23.24
C PRO G 42 -23.06 -23.14 -23.36
N PHE G 43 -23.53 -23.67 -22.23
CA PHE G 43 -24.38 -24.85 -22.26
C PHE G 43 -25.16 -24.91 -20.95
N GLU G 44 -26.25 -25.67 -20.96
CA GLU G 44 -27.15 -25.78 -19.82
C GLU G 44 -27.10 -27.19 -19.23
N VAL G 45 -27.43 -27.26 -17.94
CA VAL G 45 -27.52 -28.52 -17.21
C VAL G 45 -28.84 -28.54 -16.46
N SER G 46 -29.43 -29.74 -16.35
CA SER G 46 -30.66 -29.94 -15.59
C SER G 46 -30.31 -30.31 -14.16
N VAL G 47 -30.77 -29.51 -13.20
CA VAL G 47 -30.45 -29.67 -11.80
C VAL G 47 -31.73 -30.01 -11.03
N GLN G 48 -31.62 -30.89 -10.05
CA GLN G 48 -32.71 -31.24 -9.16
C GLN G 48 -32.54 -30.50 -7.83
N SER G 49 -33.66 -30.27 -7.15
CA SER G 49 -33.64 -29.53 -5.90
C SER G 49 -32.95 -30.32 -4.79
N GLY G 50 -31.95 -29.71 -4.17
CA GLY G 50 -31.24 -30.32 -3.07
C GLY G 50 -30.28 -31.42 -3.44
N ILE G 51 -29.90 -31.52 -4.72
CA ILE G 51 -29.02 -32.56 -5.20
C ILE G 51 -27.90 -31.92 -6.01
N ALA G 52 -26.66 -32.30 -5.72
CA ALA G 52 -25.51 -31.77 -6.44
C ALA G 52 -25.31 -32.52 -7.76
N PHE G 53 -25.22 -31.76 -8.85
CA PHE G 53 -25.01 -32.32 -10.17
C PHE G 53 -23.57 -32.09 -10.58
N LYS G 54 -22.85 -33.16 -10.89
CA LYS G 54 -21.48 -33.06 -11.33
C LYS G 54 -21.46 -32.78 -12.83
N VAL G 55 -21.01 -31.58 -13.20
CA VAL G 55 -20.94 -31.18 -14.59
C VAL G 55 -19.81 -31.93 -15.27
N PRO G 56 -20.09 -32.73 -16.30
CA PRO G 56 -19.03 -33.46 -16.99
C PRO G 56 -18.24 -32.55 -17.93
N VAL G 57 -16.95 -32.91 -18.08
CA VAL G 57 -16.10 -32.23 -19.05
C VAL G 57 -16.44 -32.62 -20.47
N GLY G 58 -17.04 -33.79 -20.68
CA GLY G 58 -17.44 -34.20 -22.01
C GLY G 58 -18.49 -33.33 -22.65
N SER G 59 -19.10 -32.42 -21.88
CA SER G 59 -20.08 -31.48 -22.44
C SER G 59 -19.43 -30.33 -23.19
N LEU G 60 -18.15 -30.11 -22.97
CA LEU G 60 -17.43 -29.06 -23.70
C LEU G 60 -17.06 -29.51 -25.11
N PHE G 61 -16.79 -30.79 -25.29
CA PHE G 61 -16.40 -31.34 -26.59
C PHE G 61 -17.67 -31.72 -27.34
N SER G 62 -18.04 -30.91 -28.31
CA SER G 62 -19.26 -31.13 -29.07
C SER G 62 -19.16 -30.42 -30.40
N ALA G 63 -19.84 -30.97 -31.40
CA ALA G 63 -19.89 -30.32 -32.70
C ALA G 63 -20.69 -29.02 -32.66
N ASN G 64 -21.62 -28.89 -31.71
CA ASN G 64 -22.34 -27.64 -31.53
C ASN G 64 -21.44 -26.49 -31.13
N PHE G 65 -20.25 -26.79 -30.62
CA PHE G 65 -19.27 -25.78 -30.22
C PHE G 65 -18.04 -25.79 -31.12
N ARG G 66 -18.09 -26.52 -32.23
CA ARG G 66 -16.95 -26.73 -33.13
C ARG G 66 -15.78 -27.41 -32.43
N THR G 67 -16.03 -28.07 -31.30
CA THR G 67 -14.97 -28.65 -30.47
C THR G 67 -15.04 -30.16 -30.41
N ASP G 68 -15.64 -30.81 -31.40
CA ASP G 68 -15.69 -32.27 -31.41
C ASP G 68 -14.35 -32.89 -31.76
N SER G 69 -13.35 -32.08 -32.14
CA SER G 69 -12.04 -32.59 -32.51
C SER G 69 -11.06 -32.61 -31.35
N PHE G 70 -11.43 -32.05 -30.21
CA PHE G 70 -10.58 -32.01 -29.03
C PHE G 70 -10.91 -33.18 -28.10
N THR G 71 -9.91 -33.56 -27.30
CA THR G 71 -10.09 -34.58 -26.28
C THR G 71 -9.78 -34.07 -24.87
N SER G 72 -9.05 -32.97 -24.74
CA SER G 72 -8.73 -32.39 -23.45
C SER G 72 -8.95 -30.90 -23.50
N VAL G 73 -9.00 -30.29 -22.32
CA VAL G 73 -9.25 -28.85 -22.20
C VAL G 73 -8.72 -28.39 -20.86
N THR G 74 -8.23 -27.16 -20.82
CA THR G 74 -7.70 -26.52 -19.62
C THR G 74 -8.70 -25.45 -19.19
N VAL G 75 -9.47 -25.75 -18.15
CA VAL G 75 -10.49 -24.83 -17.68
C VAL G 75 -9.84 -23.72 -16.87
N MET G 76 -10.29 -22.48 -17.09
CA MET G 76 -9.75 -21.30 -16.44
C MET G 76 -10.72 -20.67 -15.45
N SER G 77 -11.97 -20.49 -15.85
CA SER G 77 -12.98 -19.91 -14.98
C SER G 77 -14.34 -20.44 -15.39
N VAL G 78 -15.21 -20.62 -14.40
CA VAL G 78 -16.55 -21.15 -14.58
C VAL G 78 -17.55 -20.14 -14.03
N ARG G 79 -18.56 -19.81 -14.83
CA ARG G 79 -19.65 -18.95 -14.41
C ARG G 79 -20.99 -19.65 -14.65
N ALA G 80 -21.96 -19.36 -13.79
CA ALA G 80 -23.26 -20.04 -13.81
C ALA G 80 -24.40 -19.04 -13.67
N TRP G 81 -25.49 -19.33 -14.37
CA TRP G 81 -26.74 -18.55 -14.31
C TRP G 81 -27.91 -19.51 -14.22
N THR G 82 -28.90 -19.16 -13.41
CA THR G 82 -30.12 -19.96 -13.33
C THR G 82 -30.95 -19.77 -14.60
N GLN G 83 -31.27 -20.88 -15.25
CA GLN G 83 -31.93 -20.84 -16.56
C GLN G 83 -33.45 -20.81 -16.47
N LEU G 84 -34.04 -21.23 -15.35
CA LEU G 84 -35.48 -21.27 -15.17
C LEU G 84 -35.85 -20.47 -13.93
N THR G 85 -37.17 -20.29 -13.74
CA THR G 85 -37.65 -19.53 -12.59
C THR G 85 -37.58 -20.37 -11.33
N PRO G 86 -37.41 -19.72 -10.17
CA PRO G 86 -37.31 -20.47 -8.92
C PRO G 86 -38.67 -20.93 -8.45
N PRO G 87 -38.73 -21.77 -7.41
CA PRO G 87 -40.03 -22.15 -6.85
C PRO G 87 -40.80 -20.94 -6.35
N VAL G 88 -42.07 -21.18 -6.03
CA VAL G 88 -42.95 -20.11 -5.60
C VAL G 88 -42.47 -19.54 -4.26
N ASN G 89 -42.53 -18.21 -4.16
CA ASN G 89 -42.21 -17.42 -2.97
C ASN G 89 -40.72 -17.32 -2.70
N GLU G 90 -39.87 -17.90 -3.55
CA GLU G 90 -38.43 -17.90 -3.33
C GLU G 90 -37.73 -17.07 -4.39
N TYR G 91 -36.46 -16.77 -4.11
CA TYR G 91 -35.55 -16.15 -5.07
C TYR G 91 -34.56 -17.18 -5.59
N SER G 92 -34.06 -16.95 -6.80
CA SER G 92 -33.13 -17.88 -7.41
C SER G 92 -31.78 -17.87 -6.70
N PHE G 93 -31.18 -19.05 -6.58
CA PHE G 93 -29.80 -19.16 -6.12
C PHE G 93 -29.11 -20.28 -6.89
N VAL G 94 -27.78 -20.18 -6.92
CA VAL G 94 -26.95 -21.16 -7.62
C VAL G 94 -25.60 -21.23 -6.90
N ARG G 95 -25.09 -22.45 -6.76
CA ARG G 95 -23.83 -22.71 -6.07
C ARG G 95 -22.88 -23.45 -7.00
N LEU G 96 -21.58 -23.34 -6.70
CA LEU G 96 -20.54 -24.02 -7.47
C LEU G 96 -19.46 -24.53 -6.53
N LYS G 97 -19.12 -25.81 -6.66
CA LYS G 97 -18.03 -26.42 -5.90
C LYS G 97 -16.95 -26.91 -6.85
N PRO G 98 -15.78 -26.26 -6.87
CA PRO G 98 -14.73 -26.67 -7.82
C PRO G 98 -14.21 -28.08 -7.53
N LEU G 99 -14.06 -28.87 -8.59
CA LEU G 99 -13.55 -30.22 -8.51
C LEU G 99 -12.21 -30.32 -9.24
N PHE G 100 -11.30 -31.14 -8.70
CA PHE G 100 -9.99 -31.32 -9.30
C PHE G 100 -9.58 -32.78 -9.16
N LYS G 101 -8.90 -33.31 -10.17
CA LYS G 101 -8.46 -34.70 -10.11
C LYS G 101 -7.38 -34.92 -9.05
N THR G 102 -6.69 -33.85 -8.64
CA THR G 102 -5.70 -33.89 -7.57
C THR G 102 -6.30 -33.62 -6.20
N GLY G 103 -7.59 -33.33 -6.14
CA GLY G 103 -8.26 -33.08 -4.88
C GLY G 103 -9.43 -32.15 -5.07
N ASP G 104 -10.62 -32.61 -4.74
CA ASP G 104 -11.80 -31.75 -4.84
C ASP G 104 -11.80 -30.72 -3.73
N SER G 105 -12.41 -29.57 -4.00
CA SER G 105 -12.53 -28.50 -3.03
C SER G 105 -13.90 -28.55 -2.37
N THR G 106 -14.02 -27.86 -1.24
CA THR G 106 -15.25 -27.81 -0.47
C THR G 106 -15.94 -26.46 -0.53
N GLU G 107 -15.43 -25.54 -1.33
CA GLU G 107 -16.05 -24.22 -1.44
C GLU G 107 -17.42 -24.32 -2.09
N GLU G 108 -18.31 -23.41 -1.70
CA GLU G 108 -19.67 -23.33 -2.19
C GLU G 108 -19.95 -21.89 -2.59
N PHE G 109 -19.31 -21.43 -3.66
CA PHE G 109 -19.52 -20.09 -4.17
C PHE G 109 -20.97 -19.91 -4.59
N GLU G 110 -21.73 -19.14 -3.82
CA GLU G 110 -23.16 -19.00 -4.02
C GLU G 110 -23.50 -17.59 -4.48
N GLY G 111 -24.48 -17.50 -5.37
CA GLY G 111 -25.02 -16.21 -5.79
C GLY G 111 -26.53 -16.25 -5.80
N ARG G 112 -27.16 -15.30 -5.12
CA ARG G 112 -28.62 -15.24 -5.03
C ARG G 112 -29.13 -14.00 -5.75
N ALA G 113 -30.38 -14.08 -6.19
CA ALA G 113 -31.00 -12.98 -6.90
C ALA G 113 -31.79 -12.10 -5.95
N SER G 114 -31.69 -10.79 -6.12
CA SER G 114 -32.48 -9.83 -5.39
C SER G 114 -33.80 -9.53 -6.09
N ASN G 115 -34.28 -10.46 -6.91
CA ASN G 115 -35.51 -10.29 -7.67
C ASN G 115 -35.97 -11.67 -8.10
N ILE G 116 -37.24 -12.00 -7.82
CA ILE G 116 -37.73 -13.33 -8.12
C ILE G 116 -37.74 -13.60 -9.62
N ASN G 117 -37.91 -12.56 -10.44
CA ASN G 117 -37.95 -12.75 -11.88
C ASN G 117 -36.56 -12.81 -12.50
N THR G 118 -35.53 -12.42 -11.77
CA THR G 118 -34.16 -12.29 -12.28
C THR G 118 -33.35 -13.54 -11.98
N ARG G 119 -32.41 -13.83 -12.87
CA ARG G 119 -31.49 -14.95 -12.68
C ARG G 119 -30.59 -14.73 -11.47
N ALA G 120 -30.07 -15.83 -10.94
CA ALA G 120 -28.96 -15.79 -10.00
C ALA G 120 -27.66 -16.10 -10.73
N SER G 121 -26.55 -15.58 -10.20
CA SER G 121 -25.28 -15.71 -10.88
C SER G 121 -24.14 -15.82 -9.89
N VAL G 122 -23.14 -16.63 -10.25
CA VAL G 122 -21.92 -16.76 -9.46
C VAL G 122 -20.86 -17.36 -10.37
N GLY G 123 -19.60 -17.27 -9.95
CA GLY G 123 -18.52 -17.83 -10.73
C GLY G 123 -17.25 -17.94 -9.90
N TYR G 124 -16.33 -18.75 -10.39
CA TYR G 124 -15.03 -18.90 -9.76
C TYR G 124 -13.95 -18.98 -10.84
N ARG G 125 -12.72 -18.66 -10.43
CA ARG G 125 -11.57 -18.69 -11.31
C ARG G 125 -10.60 -19.75 -10.82
N ILE G 126 -10.12 -20.58 -11.73
CA ILE G 126 -9.14 -21.61 -11.37
C ILE G 126 -7.75 -20.98 -11.39
N PRO G 127 -6.98 -21.07 -10.31
CA PRO G 127 -5.64 -20.47 -10.31
C PRO G 127 -4.72 -21.20 -11.27
N SER G 128 -3.68 -20.48 -11.71
CA SER G 128 -2.78 -21.01 -12.72
C SER G 128 -2.16 -22.33 -12.27
N ASN G 129 -1.82 -22.44 -11.00
CA ASN G 129 -1.20 -23.66 -10.50
C ASN G 129 -2.14 -24.87 -10.60
N LEU G 130 -3.45 -24.64 -10.64
CA LEU G 130 -4.44 -25.70 -10.76
C LEU G 130 -5.06 -25.75 -12.16
N ARG G 131 -4.40 -25.16 -13.16
CA ARG G 131 -4.92 -25.15 -14.53
C ARG G 131 -4.19 -26.21 -15.34
N GLN G 132 -4.59 -27.46 -15.12
CA GLN G 132 -4.15 -28.60 -15.89
C GLN G 132 -5.27 -29.03 -16.84
N ASN G 133 -5.00 -30.10 -17.58
CA ASN G 133 -5.96 -30.60 -18.56
C ASN G 133 -7.00 -31.50 -17.90
N THR G 134 -8.15 -31.60 -18.56
CA THR G 134 -9.23 -32.47 -18.12
C THR G 134 -9.83 -33.15 -19.33
N VAL G 135 -10.07 -34.45 -19.22
CA VAL G 135 -10.64 -35.22 -20.31
C VAL G 135 -12.14 -35.36 -20.08
N ALA G 136 -12.82 -36.00 -21.03
CA ALA G 136 -14.28 -36.06 -20.99
C ALA G 136 -14.78 -36.78 -19.75
N ALA G 137 -14.08 -37.83 -19.32
CA ALA G 137 -14.52 -38.60 -18.16
C ALA G 137 -14.42 -37.83 -16.86
N ASP G 138 -13.75 -36.68 -16.85
CA ASP G 138 -13.60 -35.89 -15.64
C ASP G 138 -14.84 -35.03 -15.42
N ASN G 139 -14.83 -34.28 -14.32
CA ASN G 139 -15.90 -33.36 -13.98
C ASN G 139 -15.32 -32.01 -13.61
N VAL G 140 -16.10 -30.96 -13.84
CA VAL G 140 -15.61 -29.60 -13.61
C VAL G 140 -15.97 -29.16 -12.20
N CYS G 141 -17.25 -29.20 -11.88
CA CYS G 141 -17.70 -28.75 -10.57
C CYS G 141 -19.10 -29.30 -10.31
N GLU G 142 -19.56 -29.07 -9.10
CA GLU G 142 -20.91 -29.43 -8.69
C GLU G 142 -21.78 -28.19 -8.63
N VAL G 143 -23.02 -28.32 -9.07
CA VAL G 143 -23.98 -27.22 -9.12
C VAL G 143 -25.15 -27.56 -8.22
N ARG G 144 -25.58 -26.58 -7.42
CA ARG G 144 -26.77 -26.69 -6.58
C ARG G 144 -27.64 -25.48 -6.81
N SER G 145 -28.95 -25.71 -6.96
CA SER G 145 -29.85 -24.62 -7.24
C SER G 145 -31.29 -25.06 -6.95
N ASN G 146 -32.12 -24.08 -6.63
CA ASN G 146 -33.55 -24.33 -6.52
C ASN G 146 -34.25 -24.34 -7.87
N CYS G 147 -33.61 -23.77 -8.89
CA CYS G 147 -34.12 -23.82 -10.25
C CYS G 147 -33.72 -25.12 -10.92
N ARG G 148 -34.54 -25.56 -11.87
CA ARG G 148 -34.37 -26.88 -12.46
C ARG G 148 -33.40 -26.89 -13.64
N GLN G 149 -32.93 -25.73 -14.09
CA GLN G 149 -31.90 -25.66 -15.11
C GLN G 149 -30.93 -24.53 -14.79
N VAL G 150 -29.67 -24.73 -15.15
CA VAL G 150 -28.62 -23.76 -14.91
C VAL G 150 -27.82 -23.59 -16.20
N ALA G 151 -27.60 -22.35 -16.60
CA ALA G 151 -26.76 -22.03 -17.76
C ALA G 151 -25.33 -21.79 -17.30
N LEU G 152 -24.39 -22.45 -17.96
CA LEU G 152 -22.97 -22.36 -17.63
C LEU G 152 -22.20 -21.73 -18.78
N VAL G 153 -21.34 -20.77 -18.47
CA VAL G 153 -20.40 -20.19 -19.44
C VAL G 153 -18.99 -20.42 -18.89
N ILE G 154 -18.25 -21.32 -19.54
CA ILE G 154 -16.96 -21.77 -19.03
C ILE G 154 -15.87 -21.24 -19.95
N SER G 155 -14.97 -20.44 -19.39
CA SER G 155 -13.80 -19.95 -20.11
C SER G 155 -12.68 -20.97 -19.95
N CYS G 156 -12.24 -21.53 -21.09
CA CYS G 156 -11.26 -22.61 -21.07
C CYS G 156 -10.38 -22.48 -22.30
N CYS G 157 -9.38 -23.36 -22.38
CA CYS G 157 -8.42 -23.40 -23.49
C CYS G 157 -8.38 -24.81 -24.03
N PHE G 158 -8.98 -25.02 -25.20
CA PHE G 158 -8.97 -26.34 -25.82
C PHE G 158 -7.62 -26.64 -26.44
N ASN G 159 -7.18 -27.89 -26.29
CA ASN G 159 -5.91 -28.31 -26.87
C ASN G 159 -5.92 -29.79 -27.21
N ASP H 15 -29.33 39.89 -36.00
CA ASP H 15 -30.38 38.87 -35.93
C ASP H 15 -30.49 38.07 -37.22
N ASN H 16 -31.50 37.22 -37.30
CA ASN H 16 -31.73 36.43 -38.50
C ASN H 16 -32.42 37.28 -39.57
N SER H 17 -32.31 36.82 -40.82
CA SER H 17 -33.03 37.45 -41.91
C SER H 17 -34.52 37.11 -41.80
N ASN H 18 -35.37 38.12 -41.99
CA ASN H 18 -36.81 37.96 -41.85
C ASN H 18 -37.55 38.01 -43.19
N VAL H 19 -36.83 38.15 -44.31
CA VAL H 19 -37.45 38.24 -45.63
C VAL H 19 -36.71 37.32 -46.60
N VAL H 20 -37.29 37.17 -47.78
CA VAL H 20 -36.66 36.39 -48.84
C VAL H 20 -35.47 37.16 -49.39
N THR H 21 -34.37 36.44 -49.62
CA THR H 21 -33.12 37.03 -50.08
C THR H 21 -32.68 36.36 -51.38
N MET H 22 -32.09 37.15 -52.28
CA MET H 22 -31.74 36.65 -53.60
C MET H 22 -30.51 35.75 -53.51
N ILE H 23 -30.53 34.66 -54.28
CA ILE H 23 -29.39 33.75 -54.42
C ILE H 23 -28.77 33.98 -55.79
N ARG H 24 -27.45 34.15 -55.83
CA ARG H 24 -26.73 34.39 -57.07
C ARG H 24 -26.24 33.05 -57.63
N ALA H 25 -27.22 32.29 -58.14
CA ALA H 25 -26.94 30.97 -58.68
C ALA H 25 -26.16 31.08 -59.99
N GLY H 26 -25.48 29.99 -60.33
CA GLY H 26 -24.62 29.97 -61.50
C GLY H 26 -25.03 28.92 -62.50
N SER H 27 -24.08 28.13 -62.99
CA SER H 27 -24.40 27.07 -63.94
C SER H 27 -25.27 26.00 -63.30
N TYR H 28 -25.97 25.26 -64.14
CA TYR H 28 -26.84 24.20 -63.64
C TYR H 28 -25.99 23.11 -63.01
N PRO H 29 -26.29 22.69 -61.79
CA PRO H 29 -25.42 21.73 -61.10
C PRO H 29 -25.70 20.27 -61.45
N LYS H 30 -24.98 19.36 -60.82
CA LYS H 30 -25.27 17.94 -60.95
C LYS H 30 -26.38 17.56 -59.99
N VAL H 31 -27.42 16.93 -60.50
CA VAL H 31 -28.62 16.62 -59.73
C VAL H 31 -28.81 15.10 -59.72
N ASN H 32 -29.70 14.65 -58.82
CA ASN H 32 -30.03 13.24 -58.66
C ASN H 32 -31.39 13.12 -57.98
N PRO H 33 -32.45 12.74 -58.70
CA PRO H 33 -33.77 12.71 -58.08
C PRO H 33 -34.00 11.52 -57.17
N THR H 34 -33.28 10.41 -57.38
CA THR H 34 -33.43 9.17 -56.62
C THR H 34 -32.11 8.85 -55.95
N PRO H 35 -31.79 9.53 -54.86
CA PRO H 35 -30.51 9.29 -54.19
C PRO H 35 -30.56 8.09 -53.27
N THR H 36 -29.49 7.90 -52.50
CA THR H 36 -29.43 6.80 -51.56
C THR H 36 -29.98 7.23 -50.21
N TRP H 37 -29.92 6.32 -49.24
CA TRP H 37 -30.49 6.58 -47.93
C TRP H 37 -29.96 5.57 -46.92
N VAL H 38 -29.19 6.05 -45.96
CA VAL H 38 -28.78 5.23 -44.82
C VAL H 38 -29.90 5.26 -43.79
N ARG H 39 -30.37 4.09 -43.38
CA ARG H 39 -31.58 3.98 -42.56
C ARG H 39 -31.38 2.96 -41.44
N ALA H 40 -32.33 2.94 -40.52
CA ALA H 40 -32.46 1.89 -39.50
C ALA H 40 -33.91 1.44 -39.49
N ILE H 41 -34.18 0.31 -40.14
CA ILE H 41 -35.54 -0.11 -40.47
C ILE H 41 -36.07 -1.01 -39.35
N PRO H 42 -37.19 -0.65 -38.70
CA PRO H 42 -37.79 -1.56 -37.71
C PRO H 42 -38.93 -2.38 -38.27
N PHE H 43 -38.87 -3.70 -38.11
CA PHE H 43 -39.98 -4.55 -38.52
C PHE H 43 -39.93 -5.83 -37.70
N GLU H 44 -41.07 -6.54 -37.67
CA GLU H 44 -41.23 -7.72 -36.84
C GLU H 44 -41.42 -8.96 -37.70
N VAL H 45 -40.97 -10.10 -37.17
CA VAL H 45 -41.11 -11.39 -37.82
C VAL H 45 -41.64 -12.40 -36.82
N SER H 46 -42.35 -13.40 -37.33
CA SER H 46 -42.94 -14.44 -36.50
C SER H 46 -42.04 -15.67 -36.49
N VAL H 47 -41.76 -16.19 -35.30
CA VAL H 47 -40.85 -17.31 -35.12
C VAL H 47 -41.57 -18.42 -34.38
N GLN H 48 -41.34 -19.65 -34.80
CA GLN H 48 -41.88 -20.83 -34.13
C GLN H 48 -40.83 -21.42 -33.19
N SER H 49 -41.28 -22.35 -32.35
CA SER H 49 -40.40 -22.97 -31.38
C SER H 49 -39.57 -24.06 -32.04
N GLY H 50 -38.25 -23.99 -31.86
CA GLY H 50 -37.38 -25.00 -32.42
C GLY H 50 -37.20 -24.93 -33.92
N ILE H 51 -37.58 -23.81 -34.54
CA ILE H 51 -37.49 -23.64 -35.99
C ILE H 51 -36.85 -22.29 -36.28
N ALA H 52 -35.97 -22.26 -37.27
CA ALA H 52 -35.30 -21.03 -37.69
C ALA H 52 -36.02 -20.41 -38.88
N PHE H 53 -36.22 -19.09 -38.81
CA PHE H 53 -36.95 -18.33 -39.81
C PHE H 53 -35.97 -17.44 -40.58
N LYS H 54 -35.91 -17.66 -41.90
CA LYS H 54 -35.01 -16.88 -42.76
C LYS H 54 -35.62 -15.50 -43.01
N VAL H 55 -34.94 -14.45 -42.56
CA VAL H 55 -35.41 -13.08 -42.71
C VAL H 55 -35.23 -12.63 -44.15
N PRO H 56 -36.30 -12.36 -44.89
CA PRO H 56 -36.14 -11.92 -46.28
C PRO H 56 -35.74 -10.46 -46.39
N VAL H 57 -34.92 -10.15 -47.38
CA VAL H 57 -34.51 -8.77 -47.62
C VAL H 57 -35.69 -7.96 -48.12
N GLY H 58 -36.66 -8.61 -48.77
CA GLY H 58 -37.82 -7.92 -49.29
C GLY H 58 -38.68 -7.26 -48.22
N SER H 59 -38.52 -7.67 -46.96
CA SER H 59 -39.23 -7.01 -45.87
C SER H 59 -38.78 -5.57 -45.67
N LEU H 60 -37.61 -5.20 -46.20
CA LEU H 60 -37.11 -3.84 -46.06
C LEU H 60 -37.72 -2.87 -47.07
N PHE H 61 -38.33 -3.39 -48.14
CA PHE H 61 -38.91 -2.56 -49.19
C PHE H 61 -40.41 -2.51 -48.99
N SER H 62 -40.91 -1.37 -48.53
CA SER H 62 -42.33 -1.19 -48.25
C SER H 62 -42.62 0.30 -48.16
N ALA H 63 -43.86 0.66 -48.47
CA ALA H 63 -44.31 2.04 -48.32
C ALA H 63 -44.37 2.46 -46.85
N ASN H 64 -44.47 1.49 -45.94
CA ASN H 64 -44.44 1.78 -44.51
C ASN H 64 -43.07 2.24 -44.04
N PHE H 65 -42.04 2.17 -44.89
CA PHE H 65 -40.70 2.64 -44.56
C PHE H 65 -40.21 3.69 -45.54
N ARG H 66 -41.06 4.14 -46.46
CA ARG H 66 -40.66 5.04 -47.54
C ARG H 66 -39.58 4.42 -48.43
N THR H 67 -39.57 3.08 -48.56
CA THR H 67 -38.50 2.40 -49.26
C THR H 67 -39.00 1.44 -50.33
N ASP H 68 -40.21 1.64 -50.85
CA ASP H 68 -40.69 0.78 -51.92
C ASP H 68 -40.14 1.16 -53.29
N SER H 69 -39.35 2.22 -53.38
CA SER H 69 -38.68 2.59 -54.62
C SER H 69 -37.32 1.96 -54.77
N PHE H 70 -36.79 1.36 -53.71
CA PHE H 70 -35.48 0.71 -53.74
C PHE H 70 -35.63 -0.75 -54.08
N THR H 71 -34.75 -1.24 -54.95
CA THR H 71 -34.71 -2.66 -55.28
C THR H 71 -33.50 -3.38 -54.66
N SER H 72 -32.49 -2.64 -54.23
CA SER H 72 -31.31 -3.22 -53.61
C SER H 72 -30.99 -2.46 -52.33
N VAL H 73 -30.21 -3.11 -51.46
CA VAL H 73 -29.83 -2.50 -50.20
C VAL H 73 -28.58 -3.20 -49.68
N THR H 74 -27.67 -2.41 -49.12
CA THR H 74 -26.44 -2.91 -48.53
C THR H 74 -26.58 -2.92 -47.02
N VAL H 75 -26.68 -4.11 -46.44
CA VAL H 75 -26.88 -4.25 -45.01
C VAL H 75 -25.53 -4.12 -44.30
N MET H 76 -25.52 -3.33 -43.24
CA MET H 76 -24.33 -3.09 -42.43
C MET H 76 -24.35 -3.78 -41.08
N SER H 77 -25.50 -3.82 -40.41
CA SER H 77 -25.60 -4.46 -39.12
C SER H 77 -27.06 -4.81 -38.86
N VAL H 78 -27.26 -5.87 -38.08
CA VAL H 78 -28.59 -6.34 -37.70
C VAL H 78 -28.66 -6.38 -36.19
N ARG H 79 -29.81 -6.02 -35.63
CA ARG H 79 -30.07 -6.15 -34.21
C ARG H 79 -31.48 -6.70 -34.01
N ALA H 80 -31.66 -7.54 -32.99
CA ALA H 80 -32.92 -8.20 -32.74
C ALA H 80 -33.34 -8.04 -31.28
N TRP H 81 -34.66 -8.08 -31.06
CA TRP H 81 -35.25 -8.02 -29.73
C TRP H 81 -36.47 -8.93 -29.71
N THR H 82 -36.69 -9.62 -28.58
CA THR H 82 -37.87 -10.45 -28.44
C THR H 82 -39.12 -9.58 -28.27
N GLN H 83 -40.12 -9.80 -29.12
CA GLN H 83 -41.30 -8.95 -29.15
C GLN H 83 -42.42 -9.44 -28.24
N LEU H 84 -42.48 -10.74 -27.96
CA LEU H 84 -43.52 -11.30 -27.10
C LEU H 84 -42.89 -11.99 -25.91
N THR H 85 -43.73 -12.33 -24.94
CA THR H 85 -43.24 -12.96 -23.72
C THR H 85 -42.79 -14.39 -23.99
N PRO H 86 -41.84 -14.90 -23.21
CA PRO H 86 -41.35 -16.26 -23.42
C PRO H 86 -42.31 -17.28 -22.84
N PRO H 87 -42.04 -18.57 -23.02
CA PRO H 87 -42.87 -19.60 -22.35
C PRO H 87 -42.75 -19.51 -20.85
N VAL H 88 -43.65 -20.22 -20.16
CA VAL H 88 -43.66 -20.18 -18.71
C VAL H 88 -42.35 -20.72 -18.17
N ASN H 89 -41.87 -20.08 -17.09
CA ASN H 89 -40.67 -20.43 -16.31
C ASN H 89 -39.38 -20.23 -17.08
N GLU H 90 -39.43 -19.81 -18.34
CA GLU H 90 -38.24 -19.63 -19.15
C GLU H 90 -37.88 -18.15 -19.26
N TYR H 91 -36.61 -17.90 -19.59
CA TYR H 91 -36.14 -16.57 -19.93
C TYR H 91 -36.04 -16.43 -21.45
N SER H 92 -36.24 -15.22 -21.95
CA SER H 92 -36.23 -14.99 -23.38
C SER H 92 -34.82 -15.13 -23.93
N PHE H 93 -34.73 -15.69 -25.14
CA PHE H 93 -33.46 -15.73 -25.86
C PHE H 93 -33.75 -15.48 -27.34
N VAL H 94 -32.68 -15.24 -28.09
CA VAL H 94 -32.79 -15.02 -29.52
C VAL H 94 -31.41 -15.24 -30.13
N ARG H 95 -31.38 -15.89 -31.29
CA ARG H 95 -30.14 -16.18 -32.00
C ARG H 95 -30.21 -15.61 -33.41
N LEU H 96 -29.05 -15.25 -33.94
CA LEU H 96 -28.95 -14.69 -35.29
C LEU H 96 -27.86 -15.39 -36.07
N LYS H 97 -28.16 -15.78 -37.31
CA LYS H 97 -27.25 -16.52 -38.17
C LYS H 97 -27.06 -15.75 -39.47
N PRO H 98 -25.94 -15.06 -39.64
CA PRO H 98 -25.72 -14.27 -40.86
C PRO H 98 -25.75 -15.15 -42.11
N LEU H 99 -26.42 -14.65 -43.14
CA LEU H 99 -26.56 -15.34 -44.41
C LEU H 99 -26.10 -14.41 -45.53
N PHE H 100 -25.33 -14.96 -46.46
CA PHE H 100 -24.83 -14.19 -47.59
C PHE H 100 -24.97 -15.02 -48.86
N LYS H 101 -25.07 -14.32 -50.00
CA LYS H 101 -25.21 -15.03 -51.26
C LYS H 101 -23.90 -15.71 -51.66
N THR H 102 -22.76 -15.21 -51.18
CA THR H 102 -21.48 -15.85 -51.41
C THR H 102 -21.19 -16.97 -50.43
N GLY H 103 -21.98 -17.07 -49.36
CA GLY H 103 -21.82 -18.14 -48.38
C GLY H 103 -22.53 -17.84 -47.08
N ASP H 104 -23.33 -18.80 -46.61
CA ASP H 104 -24.02 -18.65 -45.32
C ASP H 104 -23.05 -18.91 -44.18
N SER H 105 -23.13 -18.06 -43.16
CA SER H 105 -22.32 -18.29 -41.97
C SER H 105 -22.95 -19.40 -41.12
N THR H 106 -22.22 -19.78 -40.07
CA THR H 106 -22.70 -20.75 -39.11
C THR H 106 -22.74 -20.18 -37.70
N GLU H 107 -22.53 -18.88 -37.54
CA GLU H 107 -22.59 -18.27 -36.23
C GLU H 107 -24.02 -18.19 -35.73
N GLU H 108 -24.17 -18.24 -34.41
CA GLU H 108 -25.47 -18.15 -33.75
C GLU H 108 -25.34 -17.17 -32.59
N PHE H 109 -25.11 -15.90 -32.92
CA PHE H 109 -25.03 -14.84 -31.93
C PHE H 109 -26.30 -14.83 -31.09
N GLU H 110 -26.18 -15.20 -29.82
CA GLU H 110 -27.33 -15.37 -28.94
C GLU H 110 -27.28 -14.37 -27.80
N GLY H 111 -28.45 -13.87 -27.43
CA GLY H 111 -28.60 -13.06 -26.23
C GLY H 111 -29.78 -13.54 -25.42
N ARG H 112 -29.60 -13.58 -24.11
CA ARG H 112 -30.63 -14.04 -23.20
C ARG H 112 -30.99 -12.92 -22.22
N ALA H 113 -32.26 -12.87 -21.86
CA ALA H 113 -32.74 -11.93 -20.86
C ALA H 113 -32.56 -12.48 -19.45
N SER H 114 -31.96 -11.68 -18.59
CA SER H 114 -31.78 -12.05 -17.19
C SER H 114 -33.03 -11.86 -16.35
N ASN H 115 -34.09 -11.25 -16.90
CA ASN H 115 -35.38 -11.13 -16.24
C ASN H 115 -36.47 -11.63 -17.18
N ILE H 116 -37.38 -12.45 -16.63
CA ILE H 116 -38.42 -13.05 -17.47
C ILE H 116 -39.28 -11.99 -18.13
N ASN H 117 -39.46 -10.85 -17.46
CA ASN H 117 -40.28 -9.76 -17.99
C ASN H 117 -39.54 -8.88 -18.98
N THR H 118 -38.23 -9.08 -19.14
CA THR H 118 -37.41 -8.22 -19.99
C THR H 118 -37.07 -8.94 -21.29
N ARG H 119 -36.92 -8.15 -22.36
CA ARG H 119 -36.56 -8.68 -23.66
C ARG H 119 -35.13 -9.20 -23.67
N ALA H 120 -34.85 -10.11 -24.60
CA ALA H 120 -33.51 -10.55 -24.90
C ALA H 120 -33.05 -9.90 -26.19
N SER H 121 -31.77 -9.53 -26.25
CA SER H 121 -31.28 -8.75 -27.36
C SER H 121 -29.91 -9.25 -27.78
N VAL H 122 -29.62 -9.11 -29.08
CA VAL H 122 -28.32 -9.43 -29.64
C VAL H 122 -28.27 -8.84 -31.04
N GLY H 123 -27.06 -8.61 -31.54
CA GLY H 123 -26.90 -8.09 -32.88
C GLY H 123 -25.56 -8.49 -33.47
N TYR H 124 -25.44 -8.34 -34.78
CA TYR H 124 -24.19 -8.64 -35.46
C TYR H 124 -23.91 -7.59 -36.53
N ARG H 125 -22.63 -7.25 -36.66
CA ARG H 125 -22.15 -6.25 -37.61
C ARG H 125 -21.50 -6.94 -38.81
N ILE H 126 -21.77 -6.41 -39.99
CA ILE H 126 -21.27 -6.99 -41.25
C ILE H 126 -20.01 -6.24 -41.64
N PRO H 127 -18.90 -6.92 -41.94
CA PRO H 127 -17.68 -6.21 -42.31
C PRO H 127 -17.80 -5.61 -43.70
N THR H 128 -17.00 -4.57 -43.92
CA THR H 128 -17.07 -3.84 -45.18
C THR H 128 -16.83 -4.75 -46.38
N ASN H 129 -16.05 -5.81 -46.22
CA ASN H 129 -15.80 -6.69 -47.37
C ASN H 129 -17.02 -7.49 -47.75
N LEU H 130 -17.91 -7.78 -46.79
CA LEU H 130 -19.14 -8.52 -47.00
C LEU H 130 -20.35 -7.61 -47.13
N ARG H 131 -20.13 -6.32 -47.39
CA ARG H 131 -21.21 -5.37 -47.56
C ARG H 131 -21.48 -5.16 -49.05
N GLN H 132 -22.06 -6.19 -49.65
CA GLN H 132 -22.60 -6.13 -50.99
C GLN H 132 -24.10 -5.85 -50.92
N ASN H 133 -24.73 -5.77 -52.08
CA ASN H 133 -26.17 -5.53 -52.15
C ASN H 133 -26.95 -6.83 -52.08
N THR H 134 -28.19 -6.71 -51.63
CA THR H 134 -29.09 -7.85 -51.52
C THR H 134 -30.46 -7.43 -52.00
N VAL H 135 -31.05 -8.24 -52.88
CA VAL H 135 -32.37 -7.95 -53.43
C VAL H 135 -33.44 -8.68 -52.64
N ALA H 136 -34.70 -8.48 -53.02
CA ALA H 136 -35.83 -8.95 -52.22
C ALA H 136 -35.83 -10.46 -52.03
N ALA H 137 -35.37 -11.21 -53.04
CA ALA H 137 -35.35 -12.66 -52.98
C ALA H 137 -34.27 -13.20 -52.07
N ASP H 138 -33.42 -12.35 -51.52
CA ASP H 138 -32.33 -12.80 -50.66
C ASP H 138 -32.77 -12.81 -49.20
N ASN H 139 -31.93 -13.43 -48.36
CA ASN H 139 -32.20 -13.58 -46.94
C ASN H 139 -31.10 -12.92 -46.13
N VAL H 140 -31.49 -12.13 -45.13
CA VAL H 140 -30.51 -11.45 -44.31
C VAL H 140 -29.88 -12.40 -43.29
N CYS H 141 -30.71 -13.16 -42.59
CA CYS H 141 -30.24 -14.01 -41.51
C CYS H 141 -31.38 -14.95 -41.12
N GLU H 142 -31.06 -15.88 -40.23
CA GLU H 142 -32.03 -16.72 -39.58
C GLU H 142 -32.21 -16.30 -38.14
N VAL H 143 -33.44 -16.42 -37.65
CA VAL H 143 -33.80 -15.99 -36.30
C VAL H 143 -34.38 -17.18 -35.56
N ARG H 144 -33.79 -17.51 -34.42
CA ARG H 144 -34.32 -18.52 -33.51
C ARG H 144 -34.66 -17.85 -32.18
N SER H 145 -35.74 -18.32 -31.54
CA SER H 145 -36.15 -17.77 -30.26
C SER H 145 -37.26 -18.63 -29.67
N ASN H 146 -37.40 -18.57 -28.36
CA ASN H 146 -38.53 -19.19 -27.69
C ASN H 146 -39.74 -18.27 -27.64
N CYS H 147 -39.61 -17.02 -28.08
CA CYS H 147 -40.72 -16.09 -28.19
C CYS H 147 -41.30 -16.15 -29.59
N ARG H 148 -42.62 -16.02 -29.68
CA ARG H 148 -43.31 -16.21 -30.94
C ARG H 148 -43.19 -15.02 -31.88
N GLN H 149 -42.41 -13.99 -31.53
CA GLN H 149 -42.23 -12.85 -32.41
C GLN H 149 -40.96 -12.11 -32.00
N VAL H 150 -40.25 -11.59 -33.00
CA VAL H 150 -38.98 -10.90 -32.80
C VAL H 150 -39.01 -9.58 -33.56
N ALA H 151 -38.55 -8.52 -32.92
CA ALA H 151 -38.43 -7.20 -33.53
C ALA H 151 -37.02 -7.00 -34.07
N LEU H 152 -36.91 -6.51 -35.30
CA LEU H 152 -35.63 -6.36 -35.98
C LEU H 152 -35.36 -4.90 -36.32
N VAL H 153 -34.14 -4.46 -36.06
CA VAL H 153 -33.67 -3.13 -36.44
C VAL H 153 -32.41 -3.31 -37.26
N ILE H 154 -32.47 -2.98 -38.54
CA ILE H 154 -31.39 -3.26 -39.48
C ILE H 154 -30.85 -1.94 -40.00
N SER H 155 -29.64 -1.58 -39.58
CA SER H 155 -28.94 -0.43 -40.12
C SER H 155 -28.42 -0.80 -41.49
N CYS H 156 -28.96 -0.19 -42.54
CA CYS H 156 -28.61 -0.55 -43.90
C CYS H 156 -28.57 0.71 -44.75
N CYS H 157 -27.99 0.57 -45.95
CA CYS H 157 -27.84 1.65 -46.90
C CYS H 157 -28.64 1.29 -48.16
N PHE H 158 -29.76 1.96 -48.35
CA PHE H 158 -30.58 1.73 -49.52
C PHE H 158 -29.99 2.43 -50.75
N ASN H 159 -30.11 1.78 -51.89
CA ASN H 159 -29.63 2.33 -53.15
C ASN H 159 -30.41 1.78 -54.33
N ASN I 16 -31.29 38.77 4.55
CA ASN I 16 -31.44 40.22 4.61
C ASN I 16 -31.84 40.69 6.01
N SER I 17 -32.69 41.73 6.06
CA SER I 17 -33.10 42.32 7.32
C SER I 17 -34.25 41.54 7.93
N ASN I 18 -34.80 42.05 9.02
CA ASN I 18 -35.92 41.43 9.72
C ASN I 18 -37.18 42.28 9.70
N VAL I 19 -37.13 43.49 9.14
CA VAL I 19 -38.26 44.40 9.10
C VAL I 19 -38.44 44.92 7.69
N VAL I 20 -39.57 45.59 7.48
CA VAL I 20 -39.87 46.15 6.16
C VAL I 20 -38.92 47.31 5.88
N THR I 21 -38.65 47.52 4.59
CA THR I 21 -37.78 48.59 4.14
C THR I 21 -38.50 49.42 3.09
N MET I 22 -38.07 50.67 2.95
CA MET I 22 -38.68 51.56 1.98
C MET I 22 -38.06 51.36 0.60
N ILE I 23 -38.91 51.41 -0.42
CA ILE I 23 -38.51 51.32 -1.81
C ILE I 23 -38.67 52.70 -2.43
N ARG I 24 -37.57 53.25 -2.96
CA ARG I 24 -37.58 54.55 -3.63
C ARG I 24 -38.04 54.37 -5.07
N ALA I 25 -39.32 54.02 -5.21
CA ALA I 25 -39.88 53.75 -6.52
C ALA I 25 -39.91 55.03 -7.36
N GLY I 26 -39.89 54.84 -8.68
CA GLY I 26 -39.89 55.95 -9.60
C GLY I 26 -41.16 56.01 -10.42
N SER I 27 -41.03 56.31 -11.70
CA SER I 27 -42.20 56.41 -12.57
C SER I 27 -42.97 55.09 -12.59
N TYR I 28 -44.24 55.18 -12.97
CA TYR I 28 -45.06 53.99 -13.08
C TYR I 28 -44.49 53.08 -14.17
N PRO I 29 -44.32 51.79 -13.90
CA PRO I 29 -43.63 50.92 -14.86
C PRO I 29 -44.59 50.38 -15.91
N LYS I 30 -44.01 49.79 -16.95
CA LYS I 30 -44.82 49.13 -17.96
C LYS I 30 -45.30 47.79 -17.41
N VAL I 31 -46.61 47.61 -17.35
CA VAL I 31 -47.20 46.48 -16.67
C VAL I 31 -47.99 45.62 -17.66
N ASN I 32 -48.29 44.40 -17.24
CA ASN I 32 -49.07 43.45 -18.01
C ASN I 32 -49.83 42.54 -17.03
N PRO I 33 -51.15 42.70 -16.94
CA PRO I 33 -51.91 41.87 -15.99
C PRO I 33 -52.08 40.43 -16.42
N THR I 34 -51.96 40.12 -17.71
CA THR I 34 -52.15 38.77 -18.24
C THR I 34 -50.92 38.39 -19.06
N PRO I 35 -49.85 37.96 -18.39
CA PRO I 35 -48.61 37.64 -19.11
C PRO I 35 -48.64 36.21 -19.66
N THR I 36 -47.57 35.85 -20.36
CA THR I 36 -47.42 34.50 -20.89
C THR I 36 -46.99 33.55 -19.79
N TRP I 37 -46.90 32.26 -20.13
CA TRP I 37 -46.56 31.20 -19.17
C TRP I 37 -46.14 29.92 -19.88
N VAL I 38 -44.87 29.57 -19.79
CA VAL I 38 -44.39 28.31 -20.35
C VAL I 38 -44.51 27.24 -19.28
N ARG I 39 -45.05 26.08 -19.67
CA ARG I 39 -45.41 25.04 -18.71
C ARG I 39 -45.11 23.68 -19.32
N ALA I 40 -45.29 22.65 -18.49
CA ALA I 40 -45.42 21.27 -18.92
C ALA I 40 -46.75 20.77 -18.39
N ILE I 41 -47.67 20.45 -19.29
CA ILE I 41 -49.05 20.13 -18.93
C ILE I 41 -49.21 18.61 -18.95
N PRO I 42 -49.35 17.94 -17.80
CA PRO I 42 -49.66 16.51 -17.82
C PRO I 42 -51.14 16.22 -17.95
N PHE I 43 -51.53 15.54 -19.03
CA PHE I 43 -52.92 15.12 -19.19
C PHE I 43 -52.95 13.80 -19.96
N GLU I 44 -53.96 12.99 -19.65
CA GLU I 44 -54.10 11.65 -20.20
C GLU I 44 -55.18 11.62 -21.27
N VAL I 45 -55.04 10.68 -22.20
CA VAL I 45 -56.01 10.49 -23.27
C VAL I 45 -56.34 8.99 -23.36
N SER I 46 -57.51 8.69 -23.91
CA SER I 46 -57.96 7.32 -24.10
C SER I 46 -57.72 6.88 -25.54
N VAL I 47 -57.09 5.73 -25.71
CA VAL I 47 -56.74 5.20 -27.02
C VAL I 47 -57.46 3.88 -27.23
N GLN I 48 -57.81 3.59 -28.47
CA GLN I 48 -58.44 2.33 -28.83
C GLN I 48 -57.46 1.49 -29.64
N SER I 49 -57.68 0.17 -29.63
CA SER I 49 -56.77 -0.74 -30.29
C SER I 49 -56.77 -0.51 -31.80
N GLY I 50 -55.58 -0.28 -32.36
CA GLY I 50 -55.39 -0.28 -33.80
C GLY I 50 -55.98 0.96 -34.43
N ILE I 51 -56.33 1.93 -33.56
CA ILE I 51 -56.96 3.17 -33.97
C ILE I 51 -56.13 4.35 -33.44
N ALA I 52 -55.84 5.30 -34.31
CA ALA I 52 -55.13 6.52 -33.93
C ALA I 52 -56.09 7.55 -33.33
N PHE I 53 -55.58 8.32 -32.37
CA PHE I 53 -56.37 9.33 -31.68
C PHE I 53 -55.69 10.69 -31.80
N LYS I 54 -56.41 11.68 -32.31
CA LYS I 54 -55.90 13.03 -32.43
C LYS I 54 -55.99 13.75 -31.09
N VAL I 55 -54.88 14.32 -30.65
CA VAL I 55 -54.81 15.06 -29.39
C VAL I 55 -55.31 16.48 -29.60
N PRO I 56 -56.37 16.89 -28.92
CA PRO I 56 -56.89 18.25 -29.10
C PRO I 56 -56.09 19.26 -28.29
N VAL I 57 -55.88 20.43 -28.90
CA VAL I 57 -55.19 21.50 -28.21
C VAL I 57 -56.02 22.04 -27.06
N GLY I 58 -57.34 21.90 -27.13
CA GLY I 58 -58.21 22.39 -26.06
C GLY I 58 -58.05 21.66 -24.74
N SER I 59 -57.34 20.53 -24.73
CA SER I 59 -57.04 19.83 -23.49
C SER I 59 -56.04 20.58 -22.63
N LEU I 60 -55.25 21.47 -23.24
CA LEU I 60 -54.29 22.25 -22.48
C LEU I 60 -54.97 23.36 -21.69
N PHE I 61 -55.98 23.99 -22.28
CA PHE I 61 -56.71 25.06 -21.64
C PHE I 61 -57.71 24.47 -20.67
N SER I 62 -57.43 24.60 -19.38
CA SER I 62 -58.29 24.03 -18.35
C SER I 62 -58.03 24.72 -17.03
N ALA I 63 -59.06 24.78 -16.19
CA ALA I 63 -58.88 25.30 -14.84
C ALA I 63 -58.05 24.37 -13.98
N ASN I 64 -57.93 23.11 -14.38
CA ASN I 64 -57.04 22.16 -13.70
C ASN I 64 -55.57 22.41 -14.03
N PHE I 65 -55.28 23.27 -15.00
CA PHE I 65 -53.91 23.60 -15.37
C PHE I 65 -53.62 25.09 -15.18
N ARG I 66 -54.55 25.83 -14.57
CA ARG I 66 -54.45 27.28 -14.39
C ARG I 66 -54.39 28.04 -15.71
N THR I 67 -54.78 27.39 -16.81
CA THR I 67 -54.66 27.99 -18.14
C THR I 67 -56.01 28.26 -18.79
N ASP I 68 -57.11 28.19 -18.03
CA ASP I 68 -58.41 28.48 -18.61
C ASP I 68 -58.54 29.93 -19.05
N SER I 69 -57.59 30.79 -18.70
CA SER I 69 -57.62 32.19 -19.12
C SER I 69 -56.99 32.39 -20.50
N PHE I 70 -56.24 31.41 -20.99
CA PHE I 70 -55.61 31.47 -22.29
C PHE I 70 -56.55 30.94 -23.37
N THR I 71 -56.30 31.37 -24.61
CA THR I 71 -57.01 30.83 -25.76
C THR I 71 -56.09 30.24 -26.82
N SER I 72 -54.83 30.67 -26.88
CA SER I 72 -53.86 30.14 -27.82
C SER I 72 -52.63 29.65 -27.06
N VAL I 73 -51.84 28.81 -27.73
CA VAL I 73 -50.64 28.24 -27.13
C VAL I 73 -49.69 27.84 -28.25
N THR I 74 -48.39 27.99 -27.99
CA THR I 74 -47.34 27.57 -28.91
C THR I 74 -46.66 26.34 -28.32
N VAL I 75 -46.90 25.19 -28.93
CA VAL I 75 -46.34 23.93 -28.47
C VAL I 75 -44.89 23.85 -28.93
N MET I 76 -44.01 23.44 -28.02
CA MET I 76 -42.58 23.28 -28.30
C MET I 76 -42.15 21.84 -28.42
N SER I 77 -42.69 20.95 -27.58
CA SER I 77 -42.36 19.55 -27.65
C SER I 77 -43.49 18.72 -27.05
N VAL I 78 -43.55 17.46 -27.47
CA VAL I 78 -44.52 16.51 -26.97
C VAL I 78 -43.79 15.29 -26.45
N ARG I 79 -44.26 14.74 -25.32
CA ARG I 79 -43.75 13.50 -24.76
C ARG I 79 -44.92 12.64 -24.31
N ALA I 80 -44.83 11.33 -24.60
CA ALA I 80 -45.92 10.40 -24.37
C ALA I 80 -45.44 9.18 -23.58
N TRP I 81 -46.32 8.68 -22.70
CA TRP I 81 -46.08 7.46 -21.94
C TRP I 81 -47.35 6.61 -21.96
N THR I 82 -47.17 5.30 -21.93
CA THR I 82 -48.32 4.40 -21.85
C THR I 82 -48.84 4.40 -20.42
N GLN I 83 -50.13 4.73 -20.26
CA GLN I 83 -50.68 4.98 -18.94
C GLN I 83 -51.18 3.70 -18.27
N LEU I 84 -51.55 2.68 -19.05
CA LEU I 84 -52.07 1.44 -18.51
C LEU I 84 -51.25 0.28 -19.07
N THR I 85 -51.59 -0.94 -18.64
CA THR I 85 -50.83 -2.11 -19.02
C THR I 85 -51.14 -2.51 -20.47
N PRO I 86 -50.20 -3.18 -21.14
CA PRO I 86 -50.44 -3.62 -22.51
C PRO I 86 -51.25 -4.89 -22.54
N PRO I 87 -51.70 -5.33 -23.72
CA PRO I 87 -52.35 -6.63 -23.83
C PRO I 87 -51.41 -7.75 -23.41
N VAL I 88 -52.01 -8.89 -23.10
CA VAL I 88 -51.24 -10.01 -22.57
C VAL I 88 -50.23 -10.46 -23.62
N ASN I 89 -49.04 -10.86 -23.15
CA ASN I 89 -47.92 -11.36 -23.93
C ASN I 89 -47.19 -10.27 -24.70
N GLU I 90 -47.64 -9.02 -24.64
CA GLU I 90 -47.07 -7.94 -25.42
C GLU I 90 -46.30 -6.97 -24.53
N TYR I 91 -45.36 -6.27 -25.14
CA TYR I 91 -44.68 -5.13 -24.53
C TYR I 91 -45.35 -3.85 -25.01
N SER I 92 -45.39 -2.85 -24.12
CA SER I 92 -46.06 -1.60 -24.46
C SER I 92 -45.34 -0.90 -25.60
N PHE I 93 -46.11 -0.20 -26.43
CA PHE I 93 -45.55 0.67 -27.45
C PHE I 93 -46.43 1.90 -27.58
N VAL I 94 -45.83 3.01 -28.01
CA VAL I 94 -46.54 4.25 -28.25
C VAL I 94 -45.91 4.96 -29.43
N ARG I 95 -46.74 5.47 -30.34
CA ARG I 95 -46.29 6.23 -31.49
C ARG I 95 -46.84 7.64 -31.42
N LEU I 96 -46.17 8.54 -32.14
CA LEU I 96 -46.57 9.95 -32.18
C LEU I 96 -46.37 10.49 -33.58
N LYS I 97 -47.46 10.96 -34.19
CA LYS I 97 -47.39 11.57 -35.52
C LYS I 97 -47.70 13.06 -35.41
N PRO I 98 -46.73 13.94 -35.65
CA PRO I 98 -46.97 15.38 -35.50
C PRO I 98 -48.00 15.89 -36.50
N LEU I 99 -48.77 16.89 -36.06
CA LEU I 99 -49.79 17.50 -36.90
C LEU I 99 -49.61 19.01 -36.88
N PHE I 100 -49.85 19.63 -38.03
CA PHE I 100 -49.70 21.07 -38.18
C PHE I 100 -50.81 21.59 -39.08
N LYS I 101 -51.18 22.86 -38.88
CA LYS I 101 -52.22 23.46 -39.72
C LYS I 101 -51.70 23.76 -41.11
N THR I 102 -50.39 23.99 -41.24
CA THR I 102 -49.77 24.20 -42.53
C THR I 102 -49.49 22.90 -43.27
N GLY I 103 -49.56 21.76 -42.57
CA GLY I 103 -49.31 20.47 -43.17
C GLY I 103 -49.00 19.41 -42.14
N ASP I 104 -49.77 18.33 -42.15
CA ASP I 104 -49.57 17.25 -41.20
C ASP I 104 -48.37 16.39 -41.60
N SER I 105 -47.68 15.86 -40.60
CA SER I 105 -46.50 15.04 -40.84
C SER I 105 -46.90 13.57 -41.00
N THR I 106 -45.93 12.78 -41.45
CA THR I 106 -46.09 11.33 -41.58
C THR I 106 -45.09 10.57 -40.72
N GLU I 107 -44.35 11.26 -39.85
CA GLU I 107 -43.42 10.60 -38.96
C GLU I 107 -44.16 9.84 -37.87
N GLU I 108 -43.63 8.67 -37.51
CA GLU I 108 -44.20 7.82 -36.46
C GLU I 108 -43.12 7.56 -35.43
N PHE I 109 -42.80 8.59 -34.64
CA PHE I 109 -41.85 8.45 -33.55
C PHE I 109 -42.38 7.44 -32.53
N GLU I 110 -41.85 6.23 -32.58
CA GLU I 110 -42.36 5.11 -31.80
C GLU I 110 -41.38 4.74 -30.71
N GLY I 111 -41.90 4.47 -29.52
CA GLY I 111 -41.12 4.00 -28.39
C GLY I 111 -41.74 2.77 -27.76
N ARG I 112 -40.93 1.72 -27.56
CA ARG I 112 -41.39 0.48 -26.99
C ARG I 112 -40.73 0.23 -25.64
N ALA I 113 -41.29 -0.69 -24.90
CA ALA I 113 -40.77 -1.05 -23.59
C ALA I 113 -40.05 -2.39 -23.66
N SER I 114 -38.90 -2.48 -23.00
CA SER I 114 -38.17 -3.74 -22.92
C SER I 114 -38.66 -4.63 -21.78
N ASN I 115 -39.47 -4.09 -20.87
CA ASN I 115 -40.08 -4.85 -19.78
C ASN I 115 -41.58 -4.69 -19.87
N ILE I 116 -42.32 -5.80 -19.77
CA ILE I 116 -43.76 -5.77 -19.93
C ILE I 116 -44.42 -4.85 -18.91
N ASN I 117 -43.86 -4.77 -17.70
CA ASN I 117 -44.41 -3.96 -16.63
C ASN I 117 -44.01 -2.49 -16.72
N THR I 118 -43.16 -2.13 -17.67
CA THR I 118 -42.62 -0.78 -17.77
C THR I 118 -43.33 0.01 -18.86
N ARG I 119 -43.48 1.31 -18.62
CA ARG I 119 -44.11 2.18 -19.60
C ARG I 119 -43.27 2.27 -20.87
N ALA I 120 -43.95 2.48 -21.98
CA ALA I 120 -43.31 2.77 -23.26
C ALA I 120 -43.38 4.28 -23.50
N SER I 121 -42.26 4.88 -23.83
CA SER I 121 -42.18 6.33 -23.92
C SER I 121 -41.57 6.76 -25.23
N VAL I 122 -41.97 7.94 -25.68
CA VAL I 122 -41.40 8.55 -26.88
C VAL I 122 -41.78 10.02 -26.87
N GLY I 123 -41.00 10.84 -27.57
CA GLY I 123 -41.33 12.24 -27.70
C GLY I 123 -40.70 12.84 -28.94
N TYR I 124 -41.24 13.99 -29.34
CA TYR I 124 -40.68 14.74 -30.46
C TYR I 124 -40.60 16.21 -30.12
N ARG I 125 -39.71 16.91 -30.82
CA ARG I 125 -39.50 18.34 -30.66
C ARG I 125 -39.95 19.07 -31.93
N ILE I 126 -40.59 20.21 -31.74
CA ILE I 126 -41.05 21.05 -32.84
C ILE I 126 -39.98 22.09 -33.12
N PRO I 127 -39.53 22.25 -34.37
CA PRO I 127 -38.53 23.28 -34.66
C PRO I 127 -39.11 24.68 -34.50
N THR I 128 -38.21 25.65 -34.38
CA THR I 128 -38.64 27.03 -34.17
C THR I 128 -39.50 27.52 -35.33
N ASN I 129 -39.17 27.13 -36.55
CA ASN I 129 -39.92 27.59 -37.71
C ASN I 129 -41.35 27.07 -37.74
N LEU I 130 -41.62 25.99 -37.01
CA LEU I 130 -42.95 25.39 -36.95
C LEU I 130 -43.67 25.67 -35.63
N ARG I 131 -43.20 26.68 -34.89
CA ARG I 131 -43.77 26.99 -33.58
C ARG I 131 -44.70 28.19 -33.70
N GLN I 132 -45.86 27.94 -34.30
CA GLN I 132 -46.92 28.92 -34.38
C GLN I 132 -47.96 28.64 -33.30
N ASN I 133 -48.94 29.53 -33.19
CA ASN I 133 -49.99 29.36 -32.21
C ASN I 133 -51.01 28.34 -32.67
N THR I 134 -51.69 27.74 -31.68
CA THR I 134 -52.74 26.76 -31.95
C THR I 134 -53.89 27.03 -31.00
N VAL I 135 -55.11 27.00 -31.55
CA VAL I 135 -56.31 27.25 -30.76
C VAL I 135 -56.93 25.93 -30.36
N ALA I 136 -58.00 25.99 -29.56
CA ALA I 136 -58.57 24.78 -28.97
C ALA I 136 -59.15 23.85 -30.03
N ALA I 137 -59.55 24.39 -31.19
CA ALA I 137 -60.12 23.58 -32.25
C ALA I 137 -59.08 22.77 -33.01
N ASP I 138 -57.80 23.12 -32.87
CA ASP I 138 -56.74 22.45 -33.60
C ASP I 138 -56.38 21.12 -32.93
N ASN I 139 -55.39 20.43 -33.48
CA ASN I 139 -54.92 19.17 -32.94
C ASN I 139 -53.41 19.17 -32.85
N VAL I 140 -52.88 18.45 -31.87
CA VAL I 140 -51.44 18.41 -31.63
C VAL I 140 -50.82 17.30 -32.45
N CYS I 141 -51.23 16.05 -32.19
CA CYS I 141 -50.63 14.89 -32.83
C CYS I 141 -51.58 13.72 -32.73
N GLU I 142 -51.18 12.59 -33.31
CA GLU I 142 -51.90 11.33 -33.22
C GLU I 142 -51.14 10.37 -32.32
N VAL I 143 -51.88 9.58 -31.55
CA VAL I 143 -51.33 8.66 -30.56
C VAL I 143 -51.84 7.26 -30.87
N ARG I 144 -50.92 6.35 -31.18
CA ARG I 144 -51.23 4.94 -31.37
C ARG I 144 -50.56 4.13 -30.27
N SER I 145 -51.26 3.10 -29.79
CA SER I 145 -50.72 2.29 -28.72
C SER I 145 -51.60 1.06 -28.53
N ASN I 146 -50.97 -0.05 -28.12
CA ASN I 146 -51.74 -1.23 -27.76
C ASN I 146 -52.40 -1.08 -26.40
N CYS I 147 -51.98 -0.11 -25.60
CA CYS I 147 -52.63 0.23 -24.35
C CYS I 147 -53.80 1.16 -24.63
N ARG I 148 -54.74 1.20 -23.70
CA ARG I 148 -55.97 1.96 -23.88
C ARG I 148 -55.89 3.38 -23.32
N GLN I 149 -54.81 3.74 -22.63
CA GLN I 149 -54.61 5.09 -22.15
C GLN I 149 -53.16 5.48 -22.31
N VAL I 150 -52.92 6.76 -22.66
CA VAL I 150 -51.59 7.29 -22.88
C VAL I 150 -51.47 8.62 -22.16
N ALA I 151 -50.47 8.73 -21.28
CA ALA I 151 -50.18 9.97 -20.59
C ALA I 151 -49.30 10.86 -21.46
N LEU I 152 -49.52 12.17 -21.35
CA LEU I 152 -48.80 13.16 -22.15
C LEU I 152 -48.26 14.26 -21.25
N VAL I 153 -47.06 14.75 -21.58
CA VAL I 153 -46.47 15.91 -20.91
C VAL I 153 -45.96 16.85 -22.00
N ILE I 154 -46.73 17.88 -22.32
CA ILE I 154 -46.44 18.76 -23.44
C ILE I 154 -45.79 20.02 -22.91
N SER I 155 -44.61 20.35 -23.44
CA SER I 155 -43.91 21.59 -23.15
C SER I 155 -44.30 22.63 -24.19
N CYS I 156 -44.95 23.69 -23.73
CA CYS I 156 -45.58 24.66 -24.61
C CYS I 156 -45.54 26.04 -23.96
N CYS I 157 -45.87 27.05 -24.75
CA CYS I 157 -45.91 28.43 -24.30
C CYS I 157 -47.32 28.96 -24.48
N PHE I 158 -47.99 29.24 -23.37
CA PHE I 158 -49.33 29.80 -23.40
C PHE I 158 -49.25 31.31 -23.65
N ASN I 159 -50.02 31.79 -24.60
CA ASN I 159 -50.07 33.21 -24.91
C ASN I 159 -51.47 33.63 -25.27
N ASN J 16 -6.53 6.69 22.08
CA ASN J 16 -6.45 7.42 23.34
C ASN J 16 -5.94 6.52 24.46
N SER J 17 -6.52 6.66 25.65
CA SER J 17 -6.07 5.94 26.83
C SER J 17 -6.87 4.66 27.04
N ASN J 18 -6.38 3.82 27.94
CA ASN J 18 -7.08 2.62 28.37
C ASN J 18 -7.70 2.77 29.76
N VAL J 19 -7.67 3.97 30.33
CA VAL J 19 -8.17 4.23 31.68
C VAL J 19 -8.88 5.56 31.69
N VAL J 20 -9.51 5.84 32.84
CA VAL J 20 -10.23 7.10 33.03
C VAL J 20 -9.23 8.21 33.30
N THR J 21 -9.56 9.41 32.84
CA THR J 21 -8.70 10.58 32.98
C THR J 21 -9.50 11.72 33.59
N MET J 22 -8.85 12.48 34.47
CA MET J 22 -9.54 13.58 35.14
C MET J 22 -9.85 14.70 34.17
N ILE J 23 -11.01 15.34 34.37
CA ILE J 23 -11.45 16.48 33.58
C ILE J 23 -11.40 17.71 34.47
N ARG J 24 -10.59 18.70 34.10
CA ARG J 24 -10.47 19.93 34.89
C ARG J 24 -11.63 20.85 34.51
N ALA J 25 -12.80 20.56 35.07
CA ALA J 25 -13.99 21.34 34.77
C ALA J 25 -13.93 22.69 35.48
N GLY J 26 -14.66 23.64 34.93
CA GLY J 26 -14.69 24.97 35.48
C GLY J 26 -16.04 25.31 36.08
N SER J 27 -16.57 26.46 35.69
CA SER J 27 -17.89 26.86 36.17
C SER J 27 -18.98 25.98 35.57
N TYR J 28 -20.13 25.98 36.24
CA TYR J 28 -21.25 25.20 35.75
C TYR J 28 -21.68 25.75 34.40
N PRO J 29 -21.86 24.91 33.40
CA PRO J 29 -22.13 25.40 32.04
C PRO J 29 -23.62 25.70 31.83
N LYS J 30 -23.93 26.17 30.63
CA LYS J 30 -25.31 26.35 30.24
C LYS J 30 -25.91 25.02 29.83
N VAL J 31 -27.04 24.66 30.43
CA VAL J 31 -27.62 23.34 30.25
C VAL J 31 -29.00 23.49 29.63
N ASN J 32 -29.54 22.36 29.19
CA ASN J 32 -30.88 22.28 28.64
C ASN J 32 -31.32 20.83 28.67
N PRO J 33 -32.23 20.46 29.58
CA PRO J 33 -32.63 19.05 29.67
C PRO J 33 -33.57 18.62 28.56
N THR J 34 -34.19 19.54 27.83
CA THR J 34 -35.11 19.22 26.74
C THR J 34 -34.68 19.98 25.49
N PRO J 35 -33.70 19.47 24.76
CA PRO J 35 -33.21 20.17 23.58
C PRO J 35 -34.06 19.89 22.35
N THR J 36 -33.68 20.50 21.23
CA THR J 36 -34.32 20.27 19.95
C THR J 36 -33.87 18.93 19.38
N TRP J 37 -34.42 18.59 18.21
CA TRP J 37 -34.05 17.35 17.54
C TRP J 37 -34.45 17.44 16.07
N VAL J 38 -33.49 17.23 15.18
CA VAL J 38 -33.74 17.15 13.74
C VAL J 38 -33.92 15.67 13.38
N ARG J 39 -35.07 15.34 12.82
CA ARG J 39 -35.46 13.95 12.63
C ARG J 39 -36.00 13.73 11.22
N ALA J 40 -36.01 12.47 10.81
CA ALA J 40 -36.69 12.00 9.60
C ALA J 40 -37.67 10.92 10.04
N ILE J 41 -38.95 11.26 10.03
CA ILE J 41 -39.98 10.44 10.66
C ILE J 41 -40.66 9.59 9.60
N PRO J 42 -40.63 8.26 9.71
CA PRO J 42 -41.37 7.42 8.76
C PRO J 42 -42.69 6.92 9.31
N PHE J 43 -43.78 7.24 8.63
CA PHE J 43 -45.09 6.74 9.06
C PHE J 43 -45.99 6.64 7.85
N GLU J 44 -46.98 5.76 7.94
CA GLU J 44 -47.88 5.45 6.85
C GLU J 44 -49.28 5.95 7.17
N VAL J 45 -50.03 6.25 6.11
CA VAL J 45 -51.40 6.72 6.23
C VAL J 45 -52.28 5.90 5.29
N SER J 46 -53.59 5.98 5.51
CA SER J 46 -54.58 5.28 4.71
C SER J 46 -55.26 6.26 3.77
N VAL J 47 -55.26 5.97 2.47
CA VAL J 47 -55.80 6.86 1.46
C VAL J 47 -56.93 6.15 0.73
N GLN J 48 -58.07 6.82 0.59
CA GLN J 48 -59.19 6.27 -0.15
C GLN J 48 -59.17 6.75 -1.61
N SER J 49 -59.86 5.98 -2.46
CA SER J 49 -59.81 6.26 -3.90
C SER J 49 -60.53 7.56 -4.21
N GLY J 50 -59.84 8.46 -4.90
CA GLY J 50 -60.43 9.72 -5.31
C GLY J 50 -60.76 10.66 -4.17
N ILE J 51 -60.33 10.36 -2.95
CA ILE J 51 -60.59 11.20 -1.78
C ILE J 51 -59.24 11.62 -1.20
N ALA J 52 -59.11 12.91 -0.93
CA ALA J 52 -57.87 13.44 -0.38
C ALA J 52 -57.85 13.26 1.14
N PHE J 53 -56.73 12.74 1.64
CA PHE J 53 -56.53 12.53 3.07
C PHE J 53 -55.61 13.62 3.62
N LYS J 54 -56.06 14.29 4.67
CA LYS J 54 -55.27 15.31 5.33
C LYS J 54 -54.38 14.65 6.38
N VAL J 55 -53.06 14.75 6.19
CA VAL J 55 -52.07 14.15 7.08
C VAL J 55 -51.96 14.98 8.35
N PRO J 56 -52.36 14.46 9.50
CA PRO J 56 -52.28 15.26 10.73
C PRO J 56 -50.84 15.35 11.24
N VAL J 57 -50.52 16.52 11.78
CA VAL J 57 -49.20 16.70 12.39
C VAL J 57 -49.04 15.82 13.61
N GLY J 58 -50.14 15.47 14.28
CA GLY J 58 -50.08 14.63 15.46
C GLY J 58 -49.46 13.26 15.23
N SER J 59 -49.42 12.81 13.98
CA SER J 59 -48.76 11.56 13.64
C SER J 59 -47.26 11.62 13.85
N LEU J 60 -46.69 12.81 14.00
CA LEU J 60 -45.26 12.97 14.24
C LEU J 60 -44.91 12.90 15.72
N PHE J 61 -45.82 13.26 16.61
CA PHE J 61 -45.59 13.18 18.04
C PHE J 61 -46.10 11.83 18.53
N SER J 62 -45.17 10.91 18.75
CA SER J 62 -45.53 9.56 19.18
C SER J 62 -44.33 8.94 19.89
N ALA J 63 -44.62 8.03 20.82
CA ALA J 63 -43.57 7.30 21.50
C ALA J 63 -42.82 6.36 20.55
N ASN J 64 -43.45 5.98 19.44
CA ASN J 64 -42.77 5.14 18.45
C ASN J 64 -41.63 5.88 17.76
N PHE J 65 -41.59 7.21 17.89
CA PHE J 65 -40.53 8.02 17.30
C PHE J 65 -39.68 8.69 18.37
N ARG J 66 -39.90 8.38 19.64
CA ARG J 66 -39.28 9.03 20.78
C ARG J 66 -39.71 10.48 20.94
N THR J 67 -40.74 10.92 20.20
CA THR J 67 -41.14 12.31 20.13
C THR J 67 -42.42 12.61 20.91
N ASP J 68 -42.81 11.73 21.83
CA ASP J 68 -44.00 11.98 22.63
C ASP J 68 -43.80 13.07 23.66
N SER J 69 -42.60 13.65 23.73
CA SER J 69 -42.31 14.76 24.62
C SER J 69 -42.40 16.11 23.92
N PHE J 70 -42.52 16.13 22.60
CA PHE J 70 -42.69 17.36 21.84
C PHE J 70 -44.16 17.66 21.60
N THR J 71 -44.48 18.95 21.47
CA THR J 71 -45.81 19.38 21.10
C THR J 71 -45.87 20.19 19.81
N SER J 72 -44.76 20.80 19.41
CA SER J 72 -44.67 21.59 18.19
C SER J 72 -43.49 21.12 17.36
N VAL J 73 -43.59 21.28 16.05
CA VAL J 73 -42.54 20.83 15.14
C VAL J 73 -42.54 21.73 13.91
N THR J 74 -41.36 21.96 13.37
CA THR J 74 -41.18 22.73 12.14
C THR J 74 -40.84 21.76 11.02
N VAL J 75 -41.75 21.62 10.06
CA VAL J 75 -41.57 20.68 8.96
C VAL J 75 -40.75 21.33 7.86
N MET J 76 -39.78 20.58 7.34
CA MET J 76 -38.88 21.05 6.29
C MET J 76 -39.25 20.49 4.93
N SER J 77 -39.28 19.17 4.79
CA SER J 77 -39.61 18.54 3.51
C SER J 77 -40.46 17.32 3.75
N VAL J 78 -41.42 17.10 2.85
CA VAL J 78 -42.35 15.98 2.93
C VAL J 78 -42.23 15.20 1.64
N ARG J 79 -41.90 13.92 1.76
CA ARG J 79 -41.85 13.01 0.63
C ARG J 79 -42.68 11.77 0.94
N ALA J 80 -43.32 11.22 -0.08
CA ALA J 80 -44.26 10.13 0.10
C ALA J 80 -44.00 9.03 -0.91
N TRP J 81 -44.22 7.78 -0.47
CA TRP J 81 -44.10 6.60 -1.31
C TRP J 81 -45.36 5.76 -1.17
N THR J 82 -45.82 5.18 -2.28
CA THR J 82 -46.94 4.26 -2.23
C THR J 82 -46.54 3.01 -1.45
N GLN J 83 -47.37 2.64 -0.48
CA GLN J 83 -47.07 1.53 0.40
C GLN J 83 -47.69 0.22 -0.06
N LEU J 84 -48.72 0.27 -0.92
CA LEU J 84 -49.38 -0.92 -1.41
C LEU J 84 -49.44 -0.89 -2.93
N THR J 85 -49.86 -2.01 -3.51
CA THR J 85 -49.88 -2.13 -4.96
C THR J 85 -51.04 -1.35 -5.56
N PRO J 86 -50.92 -0.93 -6.82
CA PRO J 86 -52.01 -0.18 -7.45
C PRO J 86 -53.10 -1.12 -7.96
N PRO J 87 -54.23 -0.58 -8.38
CA PRO J 87 -55.28 -1.42 -8.96
C PRO J 87 -54.79 -2.13 -10.22
N VAL J 88 -55.61 -3.07 -10.69
CA VAL J 88 -55.22 -3.86 -11.85
C VAL J 88 -55.13 -2.95 -13.07
N ASN J 89 -54.14 -3.24 -13.92
CA ASN J 89 -53.85 -2.54 -15.17
C ASN J 89 -53.31 -1.13 -14.96
N GLU J 90 -53.05 -0.71 -13.73
CA GLU J 90 -52.68 0.67 -13.44
C GLU J 90 -51.24 0.78 -12.95
N TYR J 91 -50.63 1.92 -13.24
CA TYR J 91 -49.35 2.31 -12.66
C TYR J 91 -49.59 3.18 -11.44
N SER J 92 -48.74 3.02 -10.44
CA SER J 92 -48.92 3.77 -9.19
C SER J 92 -48.70 5.26 -9.40
N PHE J 93 -49.40 6.06 -8.60
CA PHE J 93 -49.16 7.49 -8.56
C PHE J 93 -49.46 8.01 -7.17
N VAL J 94 -48.91 9.17 -6.86
CA VAL J 94 -49.12 9.81 -5.57
C VAL J 94 -49.01 11.32 -5.74
N ARG J 95 -49.96 12.05 -5.15
CA ARG J 95 -49.97 13.50 -5.19
C ARG J 95 -49.86 14.07 -3.78
N LEU J 96 -49.33 15.28 -3.69
CA LEU J 96 -49.17 15.97 -2.41
C LEU J 96 -49.57 17.43 -2.58
N LYS J 97 -50.54 17.89 -1.80
CA LYS J 97 -50.91 19.29 -1.81
C LYS J 97 -50.52 19.92 -0.48
N PRO J 98 -49.51 20.79 -0.45
CA PRO J 98 -49.06 21.35 0.83
C PRO J 98 -50.13 22.21 1.48
N LEU J 99 -50.24 22.08 2.79
CA LEU J 99 -51.19 22.83 3.58
C LEU J 99 -50.46 23.69 4.59
N PHE J 100 -50.98 24.89 4.81
CA PHE J 100 -50.40 25.83 5.76
C PHE J 100 -51.50 26.53 6.51
N LYS J 101 -51.21 26.92 7.75
CA LYS J 101 -52.20 27.62 8.56
C LYS J 101 -52.39 29.05 8.10
N THR J 102 -51.38 29.64 7.45
CA THR J 102 -51.49 30.97 6.88
C THR J 102 -52.08 30.97 5.48
N GLY J 103 -52.31 29.80 4.90
CA GLY J 103 -52.88 29.72 3.57
C GLY J 103 -52.60 28.39 2.90
N ASP J 104 -53.64 27.57 2.71
CA ASP J 104 -53.47 26.31 2.01
C ASP J 104 -53.08 26.54 0.56
N SER J 105 -52.40 25.54 0.00
CA SER J 105 -51.90 25.63 -1.36
C SER J 105 -52.77 24.81 -2.31
N THR J 106 -52.47 24.92 -3.60
CA THR J 106 -53.20 24.21 -4.63
C THR J 106 -52.30 23.38 -5.54
N GLU J 107 -51.00 23.29 -5.22
CA GLU J 107 -50.11 22.47 -6.03
C GLU J 107 -50.38 20.99 -5.79
N GLU J 108 -50.32 20.21 -6.86
CA GLU J 108 -50.49 18.76 -6.79
C GLU J 108 -49.19 18.11 -7.26
N PHE J 109 -48.14 18.21 -6.44
CA PHE J 109 -46.88 17.57 -6.74
C PHE J 109 -47.07 16.07 -6.90
N GLU J 110 -47.13 15.61 -8.15
CA GLU J 110 -47.47 14.23 -8.47
C GLU J 110 -46.22 13.47 -8.92
N GLY J 111 -46.11 12.24 -8.48
CA GLY J 111 -45.09 11.33 -8.98
C GLY J 111 -45.72 9.99 -9.32
N ARG J 112 -45.33 9.46 -10.47
CA ARG J 112 -45.88 8.20 -10.96
C ARG J 112 -44.76 7.17 -11.11
N ALA J 113 -45.16 5.91 -11.09
CA ALA J 113 -44.24 4.79 -11.26
C ALA J 113 -44.26 4.32 -12.70
N SER J 114 -43.07 4.13 -13.28
CA SER J 114 -42.97 3.60 -14.63
C SER J 114 -43.04 2.09 -14.67
N ASN J 115 -43.03 1.42 -13.52
CA ASN J 115 -43.19 -0.02 -13.45
C ASN J 115 -44.30 -0.34 -12.46
N ILE J 116 -45.21 -1.24 -12.85
CA ILE J 116 -46.37 -1.52 -12.01
C ILE J 116 -45.95 -2.16 -10.69
N ASN J 117 -44.83 -2.86 -10.68
CA ASN J 117 -44.34 -3.49 -9.46
C ASN J 117 -43.50 -2.55 -8.61
N THR J 118 -43.37 -1.29 -9.00
CA THR J 118 -42.49 -0.34 -8.34
C THR J 118 -43.31 0.80 -7.74
N ARG J 119 -42.81 1.35 -6.63
CA ARG J 119 -43.48 2.45 -5.95
C ARG J 119 -43.47 3.71 -6.80
N ALA J 120 -44.38 4.62 -6.47
CA ALA J 120 -44.41 5.96 -7.04
C ALA J 120 -44.09 6.94 -5.92
N SER J 121 -43.16 7.86 -6.19
CA SER J 121 -42.65 8.73 -5.15
C SER J 121 -42.63 10.17 -5.64
N VAL J 122 -42.76 11.09 -4.69
CA VAL J 122 -42.66 12.51 -4.97
C VAL J 122 -42.55 13.25 -3.64
N GLY J 123 -42.00 14.46 -3.68
CA GLY J 123 -41.86 15.25 -2.48
C GLY J 123 -41.83 16.72 -2.78
N TYR J 124 -41.99 17.53 -1.74
CA TYR J 124 -41.93 18.97 -1.86
C TYR J 124 -41.18 19.56 -0.68
N ARG J 125 -40.42 20.61 -0.95
CA ARG J 125 -39.64 21.32 0.05
C ARG J 125 -40.36 22.58 0.48
N ILE J 126 -40.29 22.88 1.77
CA ILE J 126 -40.94 24.05 2.35
C ILE J 126 -39.91 25.17 2.44
N PRO J 127 -40.17 26.34 1.87
CA PRO J 127 -39.18 27.41 1.91
C PRO J 127 -38.96 27.91 3.33
N THR J 128 -37.81 28.57 3.53
CA THR J 128 -37.46 29.03 4.87
C THR J 128 -38.49 30.00 5.40
N ASN J 129 -39.10 30.80 4.52
CA ASN J 129 -40.06 31.80 4.96
C ASN J 129 -41.40 31.20 5.40
N LEU J 130 -41.61 29.90 5.17
CA LEU J 130 -42.82 29.20 5.57
C LEU J 130 -42.55 28.09 6.57
N ARG J 131 -41.39 28.12 7.23
CA ARG J 131 -41.01 27.06 8.18
C ARG J 131 -41.31 27.56 9.60
N GLN J 132 -42.57 27.46 9.97
CA GLN J 132 -43.04 27.76 11.32
C GLN J 132 -43.49 26.48 12.00
N ASN J 133 -43.83 26.59 13.27
CA ASN J 133 -44.22 25.42 14.06
C ASN J 133 -45.66 25.02 13.77
N THR J 134 -45.94 23.74 14.00
CA THR J 134 -47.26 23.17 13.86
C THR J 134 -47.52 22.21 15.01
N VAL J 135 -48.77 22.18 15.47
CA VAL J 135 -49.15 21.30 16.58
C VAL J 135 -49.98 20.14 16.05
N ALA J 136 -50.35 19.22 16.94
CA ALA J 136 -51.03 17.99 16.53
C ALA J 136 -52.33 18.26 15.81
N ALA J 137 -53.03 19.34 16.16
CA ALA J 137 -54.30 19.65 15.52
C ALA J 137 -54.13 20.07 14.07
N ASP J 138 -52.93 20.44 13.66
CA ASP J 138 -52.67 20.93 12.32
C ASP J 138 -52.45 19.76 11.35
N ASN J 139 -52.50 20.08 10.06
CA ASN J 139 -52.29 19.11 8.99
C ASN J 139 -51.09 19.53 8.15
N VAL J 140 -50.32 18.54 7.71
CA VAL J 140 -49.13 18.84 6.92
C VAL J 140 -49.50 19.07 5.47
N CYS J 141 -50.25 18.16 4.89
CA CYS J 141 -50.60 18.23 3.48
C CYS J 141 -51.70 17.20 3.22
N GLU J 142 -52.26 17.28 2.02
CA GLU J 142 -53.18 16.28 1.51
C GLU J 142 -52.41 15.25 0.69
N VAL J 143 -53.00 14.06 0.58
CA VAL J 143 -52.40 12.96 -0.16
C VAL J 143 -53.48 12.32 -1.02
N ARG J 144 -53.19 12.19 -2.32
CA ARG J 144 -54.07 11.49 -3.24
C ARG J 144 -53.26 10.43 -3.96
N SER J 145 -53.87 9.26 -4.15
CA SER J 145 -53.18 8.13 -4.77
C SER J 145 -54.20 7.08 -5.14
N ASN J 146 -53.81 6.19 -6.04
CA ASN J 146 -54.62 5.04 -6.39
C ASN J 146 -54.36 3.84 -5.50
N CYS J 147 -53.37 3.93 -4.60
CA CYS J 147 -53.04 2.87 -3.65
C CYS J 147 -53.68 3.16 -2.30
N ARG J 148 -53.90 2.09 -1.54
CA ARG J 148 -54.66 2.19 -0.30
C ARG J 148 -53.83 2.63 0.89
N GLN J 149 -52.50 2.72 0.74
CA GLN J 149 -51.62 3.21 1.79
C GLN J 149 -50.47 3.98 1.16
N VAL J 150 -49.95 4.96 1.91
CA VAL J 150 -48.86 5.81 1.46
C VAL J 150 -47.87 5.94 2.61
N ALA J 151 -46.59 5.66 2.33
CA ALA J 151 -45.53 5.82 3.31
C ALA J 151 -44.92 7.21 3.15
N LEU J 152 -44.83 7.93 4.26
CA LEU J 152 -44.27 9.28 4.26
C LEU J 152 -43.03 9.33 5.12
N VAL J 153 -42.02 10.05 4.64
CA VAL J 153 -40.80 10.30 5.39
C VAL J 153 -40.66 11.80 5.50
N ILE J 154 -41.09 12.37 6.62
CA ILE J 154 -41.15 13.80 6.81
C ILE J 154 -39.89 14.26 7.53
N SER J 155 -39.12 15.12 6.87
CA SER J 155 -37.95 15.73 7.48
C SER J 155 -38.38 16.99 8.21
N CYS J 156 -38.21 17.00 9.53
CA CYS J 156 -38.72 18.09 10.34
C CYS J 156 -37.78 18.34 11.51
N CYS J 157 -38.03 19.44 12.22
CA CYS J 157 -37.25 19.83 13.39
C CYS J 157 -38.19 19.91 14.59
N PHE J 158 -38.00 19.00 15.54
CA PHE J 158 -38.83 18.98 16.74
C PHE J 158 -38.30 19.95 17.79
N ASN J 159 -39.21 20.70 18.38
CA ASN J 159 -38.86 21.70 19.39
C ASN J 159 -39.92 21.79 20.48
N GLY K 14 -32.64 27.49 -3.55
CA GLY K 14 -32.04 27.18 -2.27
C GLY K 14 -31.83 28.40 -1.40
N ASP K 15 -32.57 28.47 -0.29
CA ASP K 15 -32.48 29.54 0.69
C ASP K 15 -32.92 30.89 0.13
N ASN K 16 -33.17 30.96 -1.18
CA ASN K 16 -33.74 32.14 -1.80
C ASN K 16 -35.16 31.92 -2.31
N SER K 17 -35.65 30.69 -2.29
CA SER K 17 -37.01 30.40 -2.72
C SER K 17 -38.02 30.96 -1.72
N ASN K 18 -39.20 31.31 -2.23
CA ASN K 18 -40.26 31.84 -1.39
C ASN K 18 -41.52 30.98 -1.40
N VAL K 19 -41.56 29.91 -2.19
CA VAL K 19 -42.70 29.01 -2.22
C VAL K 19 -42.18 27.58 -2.18
N VAL K 20 -43.11 26.62 -2.25
CA VAL K 20 -42.77 25.21 -2.22
C VAL K 20 -42.21 24.78 -3.57
N THR K 21 -41.27 23.84 -3.52
CA THR K 21 -40.61 23.32 -4.71
C THR K 21 -40.68 21.80 -4.69
N MET K 22 -40.69 21.21 -5.88
CA MET K 22 -40.81 19.76 -6.00
C MET K 22 -39.47 19.07 -5.76
N ILE K 23 -39.54 17.94 -5.08
CA ILE K 23 -38.37 17.09 -4.82
C ILE K 23 -38.53 15.82 -5.64
N ARG K 24 -37.56 15.57 -6.52
CA ARG K 24 -37.59 14.38 -7.38
C ARG K 24 -37.03 13.19 -6.60
N ALA K 25 -37.83 12.73 -5.64
CA ALA K 25 -37.43 11.63 -4.79
C ALA K 25 -37.26 10.35 -5.60
N GLY K 26 -36.45 9.44 -5.08
CA GLY K 26 -36.22 8.18 -5.75
C GLY K 26 -36.86 7.02 -5.01
N SER K 27 -36.15 5.88 -4.97
CA SER K 27 -36.65 4.71 -4.27
C SER K 27 -36.88 5.03 -2.80
N TYR K 28 -37.68 4.19 -2.15
CA TYR K 28 -37.90 4.35 -0.72
C TYR K 28 -36.59 4.06 0.01
N PRO K 29 -36.18 4.90 0.95
CA PRO K 29 -34.86 4.77 1.56
C PRO K 29 -34.86 3.77 2.72
N LYS K 30 -33.74 3.72 3.41
CA LYS K 30 -33.70 3.07 4.72
C LYS K 30 -34.32 4.02 5.74
N VAL K 31 -34.87 3.45 6.82
CA VAL K 31 -35.51 4.24 7.86
C VAL K 31 -35.18 3.66 9.22
N ASN K 32 -35.30 4.51 10.24
CA ASN K 32 -35.16 4.09 11.63
C ASN K 32 -36.00 5.00 12.53
N PRO K 33 -37.17 4.56 13.00
CA PRO K 33 -38.03 5.47 13.77
C PRO K 33 -37.49 5.80 15.15
N THR K 34 -36.54 5.02 15.68
CA THR K 34 -36.00 5.20 17.02
C THR K 34 -34.48 5.23 16.96
N PRO K 35 -33.90 6.30 16.45
CA PRO K 35 -32.44 6.36 16.31
C PRO K 35 -31.77 6.63 17.65
N THR K 36 -30.45 6.80 17.59
CA THR K 36 -29.66 7.11 18.78
C THR K 36 -29.73 8.61 19.07
N TRP K 37 -29.04 9.04 20.13
CA TRP K 37 -29.03 10.46 20.49
C TRP K 37 -27.86 10.72 21.42
N VAL K 38 -26.96 11.62 21.01
CA VAL K 38 -25.87 12.07 21.88
C VAL K 38 -26.34 13.30 22.64
N ARG K 39 -26.21 13.26 23.96
CA ARG K 39 -26.83 14.26 24.82
C ARG K 39 -25.88 14.65 25.94
N ALA K 40 -26.26 15.73 26.64
CA ALA K 40 -25.66 16.10 27.92
C ALA K 40 -26.80 16.28 28.90
N ILE K 41 -26.86 15.43 29.92
CA ILE K 41 -28.03 15.30 30.78
C ILE K 41 -27.71 16.00 32.11
N PRO K 42 -28.38 17.11 32.44
CA PRO K 42 -28.17 17.72 33.75
C PRO K 42 -29.19 17.28 34.78
N PHE K 43 -28.72 16.93 35.97
CA PHE K 43 -29.59 16.54 37.07
C PHE K 43 -28.79 16.61 38.36
N GLU K 44 -29.49 16.44 39.49
CA GLU K 44 -28.90 16.62 40.80
C GLU K 44 -29.17 15.37 41.65
N VAL K 45 -28.32 15.16 42.64
CA VAL K 45 -28.44 14.05 43.57
C VAL K 45 -28.27 14.56 44.99
N SER K 46 -28.89 13.86 45.93
CA SER K 46 -28.76 14.20 47.35
C SER K 46 -27.62 13.37 47.94
N VAL K 47 -26.73 14.05 48.68
N VAL K 47 -26.74 14.04 48.68
CA VAL K 47 -25.56 13.43 49.28
CA VAL K 47 -25.58 13.39 49.29
C VAL K 47 -25.54 13.78 50.77
C VAL K 47 -25.50 13.78 50.76
N GLN K 48 -25.06 12.84 51.59
CA GLN K 48 -24.90 13.05 53.02
C GLN K 48 -23.42 13.15 53.35
N SER K 49 -23.13 13.61 54.58
CA SER K 49 -21.75 13.83 54.99
C SER K 49 -21.04 12.52 55.30
N GLY K 50 -19.81 12.39 54.82
CA GLY K 50 -18.98 11.24 55.11
C GLY K 50 -19.41 9.95 54.45
N ILE K 51 -20.43 9.96 53.61
CA ILE K 51 -20.93 8.76 52.96
C ILE K 51 -20.90 8.98 51.45
N ALA K 52 -20.76 7.88 50.72
CA ALA K 52 -20.70 7.92 49.27
C ALA K 52 -22.02 7.47 48.68
N PHE K 53 -22.49 8.23 47.69
CA PHE K 53 -23.76 7.95 47.02
C PHE K 53 -23.48 7.38 45.64
N LYS K 54 -24.15 6.28 45.32
CA LYS K 54 -24.00 5.63 44.02
C LYS K 54 -25.04 6.21 43.06
N VAL K 55 -24.55 6.86 42.01
CA VAL K 55 -25.40 7.51 41.01
C VAL K 55 -26.00 6.44 40.11
N PRO K 56 -27.32 6.28 40.11
CA PRO K 56 -27.93 5.26 39.25
C PRO K 56 -28.01 5.74 37.80
N VAL K 57 -27.89 4.77 36.90
CA VAL K 57 -28.06 5.11 35.48
C VAL K 57 -29.51 5.40 35.17
N GLY K 58 -30.45 4.88 35.97
CA GLY K 58 -31.85 5.10 35.74
C GLY K 58 -32.27 6.56 35.81
N SER K 59 -31.43 7.41 36.40
CA SER K 59 -31.69 8.84 36.44
C SER K 59 -31.61 9.50 35.07
N LEU K 60 -31.11 8.79 34.06
CA LEU K 60 -31.04 9.33 32.72
C LEU K 60 -32.27 9.00 31.88
N PHE K 61 -33.00 7.93 32.21
CA PHE K 61 -34.18 7.52 31.45
C PHE K 61 -35.41 8.13 32.12
N SER K 62 -35.83 9.30 31.63
CA SER K 62 -36.97 9.99 32.18
C SER K 62 -37.62 10.83 31.09
N ALA K 63 -38.90 11.13 31.30
CA ALA K 63 -39.61 12.00 30.37
C ALA K 63 -39.15 13.45 30.46
N ASN K 64 -38.47 13.83 31.56
CA ASN K 64 -37.95 15.18 31.68
C ASN K 64 -36.77 15.44 30.75
N PHE K 65 -36.16 14.39 30.21
CA PHE K 65 -35.01 14.52 29.32
C PHE K 65 -35.32 14.03 27.91
N ARG K 66 -36.59 13.74 27.61
CA ARG K 66 -37.03 13.15 26.34
C ARG K 66 -36.41 11.78 26.09
N THR K 67 -36.00 11.08 27.14
CA THR K 67 -35.29 9.82 27.00
C THR K 67 -36.00 8.65 27.66
N ASP K 68 -37.29 8.79 27.96
CA ASP K 68 -38.03 7.69 28.57
C ASP K 68 -38.30 6.55 27.59
N SER K 69 -37.90 6.70 26.34
CA SER K 69 -38.06 5.66 25.34
C SER K 69 -36.83 4.77 25.18
N PHE K 70 -35.72 5.14 25.80
CA PHE K 70 -34.49 4.36 25.75
C PHE K 70 -34.43 3.38 26.91
N THR K 71 -33.65 2.31 26.71
CA THR K 71 -33.40 1.30 27.73
C THR K 71 -31.93 1.03 27.97
N SER K 72 -31.03 1.75 27.29
CA SER K 72 -29.59 1.57 27.47
C SER K 72 -28.89 2.86 27.06
N VAL K 73 -27.68 3.04 27.56
CA VAL K 73 -26.91 4.24 27.29
C VAL K 73 -25.43 3.93 27.46
N THR K 74 -24.61 4.60 26.66
CA THR K 74 -23.16 4.48 26.73
C THR K 74 -22.61 5.79 27.27
N VAL K 75 -22.12 5.77 28.51
CA VAL K 75 -21.60 6.96 29.16
C VAL K 75 -20.18 7.23 28.68
N MET K 76 -19.87 8.51 28.48
CA MET K 76 -18.57 8.95 28.00
C MET K 76 -17.79 9.76 29.01
N SER K 77 -18.43 10.73 29.65
CA SER K 77 -17.76 11.59 30.61
C SER K 77 -18.78 12.05 31.64
N VAL K 78 -18.29 12.26 32.86
CA VAL K 78 -19.13 12.68 33.98
C VAL K 78 -18.51 13.93 34.60
N ARG K 79 -19.32 14.97 34.78
CA ARG K 79 -18.90 16.20 35.42
CA ARG K 79 -18.89 16.20 35.43
C ARG K 79 -19.84 16.52 36.57
N ALA K 80 -19.28 16.95 37.69
CA ALA K 80 -20.05 17.21 38.89
C ALA K 80 -19.73 18.58 39.46
N TRP K 81 -20.76 19.26 39.97
CA TRP K 81 -20.64 20.51 40.69
C TRP K 81 -21.41 20.42 42.00
N THR K 82 -20.88 21.07 43.03
CA THR K 82 -21.58 21.14 44.30
C THR K 82 -22.77 22.06 44.18
N GLN K 83 -23.97 21.54 44.43
CA GLN K 83 -25.20 22.28 44.18
C GLN K 83 -25.61 23.16 45.35
N LEU K 84 -25.21 22.83 46.57
CA LEU K 84 -25.57 23.59 47.75
C LEU K 84 -24.31 24.08 48.46
N THR K 85 -24.51 25.00 49.39
CA THR K 85 -23.40 25.62 50.08
C THR K 85 -22.73 24.61 51.02
N PRO K 86 -21.44 24.78 51.28
CA PRO K 86 -20.73 23.84 52.15
C PRO K 86 -21.03 24.12 53.61
N PRO K 87 -20.55 23.28 54.52
CA PRO K 87 -20.67 23.60 55.94
C PRO K 87 -19.94 24.89 56.28
N VAL K 88 -20.23 25.42 57.47
CA VAL K 88 -19.62 26.67 57.88
C VAL K 88 -18.12 26.49 58.07
N ASN K 89 -17.36 27.53 57.73
CA ASN K 89 -15.91 27.60 57.83
C ASN K 89 -15.19 26.65 56.87
N GLU K 90 -15.91 26.02 55.94
CA GLU K 90 -15.33 25.04 55.04
C GLU K 90 -15.47 25.49 53.59
N TYR K 91 -14.61 24.94 52.74
CA TYR K 91 -14.70 25.14 51.29
C TYR K 91 -15.32 23.90 50.65
N SER K 92 -16.03 24.11 49.54
CA SER K 92 -16.71 23.02 48.88
C SER K 92 -15.72 22.05 48.24
N PHE K 93 -16.05 20.77 48.30
CA PHE K 93 -15.29 19.77 47.58
C PHE K 93 -16.26 18.70 47.08
N VAL K 94 -15.80 17.93 46.09
CA VAL K 94 -16.58 16.86 45.49
C VAL K 94 -15.62 15.83 44.93
N ARG K 95 -15.94 14.56 45.12
CA ARG K 95 -15.14 13.45 44.63
C ARG K 95 -15.97 12.57 43.72
N LEU K 96 -15.27 11.80 42.88
CA LEU K 96 -15.91 10.90 41.94
C LEU K 96 -15.09 9.62 41.82
N LYS K 97 -15.75 8.48 41.97
CA LYS K 97 -15.12 7.18 41.77
C LYS K 97 -15.87 6.42 40.68
N PRO K 98 -15.29 6.27 39.49
CA PRO K 98 -16.01 5.59 38.40
C PRO K 98 -16.32 4.15 38.75
N LEU K 99 -17.46 3.67 38.26
CA LEU K 99 -17.92 2.31 38.49
C LEU K 99 -18.17 1.60 37.17
N PHE K 100 -17.73 0.35 37.10
CA PHE K 100 -17.87 -0.45 35.88
C PHE K 100 -18.32 -1.86 36.25
N LYS K 101 -19.20 -2.44 35.44
CA LYS K 101 -19.70 -3.78 35.73
C LYS K 101 -18.62 -4.83 35.63
N THR K 102 -17.64 -4.64 34.74
CA THR K 102 -16.51 -5.55 34.65
C THR K 102 -15.53 -5.38 35.81
N GLY K 103 -15.64 -4.29 36.57
CA GLY K 103 -14.75 -4.03 37.68
C GLY K 103 -14.75 -2.58 38.10
N ASP K 104 -15.17 -2.31 39.34
CA ASP K 104 -15.18 -0.95 39.84
C ASP K 104 -13.75 -0.43 40.02
N SER K 105 -13.61 0.89 39.96
CA SER K 105 -12.32 1.54 40.13
C SER K 105 -12.16 2.04 41.56
N THR K 106 -10.96 2.56 41.85
CA THR K 106 -10.65 3.10 43.16
C THR K 106 -10.16 4.55 43.11
N GLU K 107 -10.30 5.23 41.98
CA GLU K 107 -9.87 6.61 41.86
C GLU K 107 -10.80 7.54 42.62
N GLU K 108 -10.26 8.70 43.00
CA GLU K 108 -11.04 9.70 43.71
C GLU K 108 -10.74 11.07 43.09
N PHE K 109 -11.26 11.28 41.89
CA PHE K 109 -11.05 12.56 41.22
C PHE K 109 -11.74 13.67 42.00
N GLU K 110 -10.96 14.49 42.68
CA GLU K 110 -11.48 15.47 43.62
C GLU K 110 -11.15 16.88 43.15
N GLY K 111 -12.11 17.79 43.31
CA GLY K 111 -11.88 19.20 43.07
C GLY K 111 -12.46 20.05 44.19
N ARG K 112 -11.68 21.00 44.69
CA ARG K 112 -12.10 21.86 45.80
C ARG K 112 -12.27 23.29 45.31
N ALA K 113 -13.23 23.99 45.90
CA ALA K 113 -13.43 25.39 45.57
C ALA K 113 -12.44 26.26 46.33
N SER K 114 -11.86 27.23 45.63
CA SER K 114 -10.95 28.17 46.28
C SER K 114 -11.68 29.34 46.90
N ASN K 115 -13.00 29.37 46.78
CA ASN K 115 -13.83 30.40 47.38
C ASN K 115 -15.03 29.71 48.00
N ILE K 116 -15.35 30.08 49.25
CA ILE K 116 -16.45 29.41 49.94
C ILE K 116 -17.77 29.62 49.20
N ASN K 117 -17.91 30.75 48.50
CA ASN K 117 -19.15 31.05 47.80
C ASN K 117 -19.23 30.38 46.43
N THR K 118 -18.14 29.76 45.96
CA THR K 118 -18.07 29.20 44.63
C THR K 118 -18.17 27.68 44.67
N ARG K 119 -18.77 27.12 43.62
CA ARG K 119 -18.91 25.67 43.52
C ARG K 119 -17.55 24.99 43.45
N ALA K 120 -17.56 23.68 43.69
CA ALA K 120 -16.40 22.83 43.47
C ALA K 120 -16.72 21.85 42.35
N SER K 121 -15.85 21.80 41.34
CA SER K 121 -16.10 21.03 40.13
C SER K 121 -14.99 20.04 39.88
N VAL K 122 -15.36 18.92 39.27
CA VAL K 122 -14.41 17.88 38.88
C VAL K 122 -15.11 17.00 37.86
N GLY K 123 -14.33 16.22 37.11
CA GLY K 123 -14.89 15.33 36.13
C GLY K 123 -13.89 14.28 35.71
N TYR K 124 -14.41 13.27 35.02
CA TYR K 124 -13.57 12.21 34.48
C TYR K 124 -14.12 11.72 33.15
N ARG K 125 -13.21 11.36 32.25
CA ARG K 125 -13.53 10.86 30.93
C ARG K 125 -13.29 9.36 30.85
N ILE K 126 -14.26 8.65 30.27
CA ILE K 126 -14.20 7.20 30.15
C ILE K 126 -13.49 6.82 28.86
N PRO K 127 -12.50 5.93 28.91
CA PRO K 127 -11.80 5.55 27.68
C PRO K 127 -12.68 4.74 26.76
N THR K 128 -12.29 4.73 25.48
CA THR K 128 -13.09 4.06 24.46
C THR K 128 -13.25 2.57 24.76
N ASN K 129 -12.21 1.94 25.30
CA ASN K 129 -12.31 0.53 25.62
C ASN K 129 -13.34 0.22 26.71
N LEU K 130 -13.66 1.21 27.55
CA LEU K 130 -14.59 1.04 28.67
C LEU K 130 -15.91 1.75 28.43
N ARG K 131 -16.28 1.90 27.16
CA ARG K 131 -17.51 2.57 26.77
C ARG K 131 -18.48 1.54 26.19
N GLN K 132 -19.05 0.73 27.08
CA GLN K 132 -20.10 -0.20 26.74
C GLN K 132 -21.43 0.38 27.22
N ASN K 133 -22.49 -0.43 27.16
CA ASN K 133 -23.81 0.02 27.53
C ASN K 133 -24.08 -0.24 29.02
N THR K 134 -25.00 0.56 29.56
CA THR K 134 -25.45 0.43 30.94
C THR K 134 -26.96 0.57 30.99
N VAL K 135 -27.57 -0.10 31.97
CA VAL K 135 -29.01 -0.11 32.15
C VAL K 135 -29.34 0.60 33.47
N ALA K 136 -30.64 0.81 33.68
CA ALA K 136 -31.11 1.57 34.85
C ALA K 136 -30.67 0.92 36.16
N ALA K 137 -30.53 -0.40 36.20
CA ALA K 137 -30.10 -1.08 37.41
C ALA K 137 -28.63 -0.84 37.72
N ASP K 138 -27.85 -0.36 36.74
CA ASP K 138 -26.43 -0.16 36.93
C ASP K 138 -26.16 1.20 37.59
N ASN K 139 -24.91 1.41 37.98
CA ASN K 139 -24.48 2.65 38.59
C ASN K 139 -23.34 3.26 37.79
N VAL K 140 -23.22 4.59 37.85
CA VAL K 140 -22.20 5.31 37.09
C VAL K 140 -20.95 5.48 37.94
N CYS K 141 -21.08 6.19 39.06
CA CYS K 141 -19.93 6.47 39.92
C CYS K 141 -20.45 6.78 41.32
N GLU K 142 -19.50 6.97 42.24
CA GLU K 142 -19.79 7.36 43.60
C GLU K 142 -19.46 8.83 43.80
N VAL K 143 -20.33 9.54 44.49
CA VAL K 143 -20.18 10.97 44.74
C VAL K 143 -19.97 11.19 46.23
N ARG K 144 -18.97 11.98 46.57
CA ARG K 144 -18.69 12.39 47.94
C ARG K 144 -18.53 13.89 47.99
N SER K 145 -19.11 14.52 49.01
CA SER K 145 -19.02 15.96 49.17
C SER K 145 -19.44 16.34 50.57
N ASN K 146 -18.95 17.50 51.03
CA ASN K 146 -19.42 18.08 52.28
C ASN K 146 -20.74 18.81 52.10
N CYS K 147 -21.10 19.16 50.87
CA CYS K 147 -22.40 19.72 50.57
C CYS K 147 -23.45 18.62 50.50
N ARG K 148 -24.70 19.03 50.63
CA ARG K 148 -25.80 18.08 50.68
C ARG K 148 -26.36 17.71 49.31
N GLN K 149 -26.12 18.54 48.30
CA GLN K 149 -26.65 18.27 46.97
C GLN K 149 -25.57 18.55 45.94
N VAL K 150 -25.48 17.68 44.93
CA VAL K 150 -24.46 17.76 43.90
C VAL K 150 -25.14 17.71 42.55
N ALA K 151 -24.91 18.71 41.73
CA ALA K 151 -25.43 18.74 40.37
C ALA K 151 -24.45 18.05 39.43
N LEU K 152 -24.99 17.22 38.55
CA LEU K 152 -24.19 16.43 37.62
C LEU K 152 -24.59 16.73 36.20
N VAL K 153 -23.59 16.74 35.31
CA VAL K 153 -23.80 16.85 33.87
C VAL K 153 -23.04 15.71 33.22
N ILE K 154 -23.77 14.81 32.56
CA ILE K 154 -23.20 13.59 32.00
C ILE K 154 -23.38 13.61 30.50
N SER K 155 -22.27 13.47 29.77
CA SER K 155 -22.29 13.28 28.32
C SER K 155 -22.34 11.80 28.03
N CYS K 156 -23.25 11.40 27.14
CA CYS K 156 -23.50 10.00 26.88
C CYS K 156 -24.22 9.87 25.55
N CYS K 157 -24.38 8.62 25.09
CA CYS K 157 -25.03 8.31 23.82
C CYS K 157 -26.18 7.35 24.09
N PHE K 158 -27.42 7.86 24.02
CA PHE K 158 -28.58 7.01 24.21
C PHE K 158 -28.82 6.13 22.99
N ASN K 159 -29.10 4.86 23.24
CA ASN K 159 -29.37 3.90 22.18
C ASN K 159 -30.38 2.85 22.62
N ARG L 3 -17.59 75.30 -15.73
CA ARG L 3 -18.60 75.46 -14.70
C ARG L 3 -19.05 76.91 -14.56
N GLY L 4 -18.52 77.59 -13.56
CA GLY L 4 -18.86 78.98 -13.33
C GLY L 4 -18.12 79.58 -12.15
N LYS L 5 -18.71 80.59 -11.51
CA LYS L 5 -18.11 81.24 -10.36
C LYS L 5 -18.98 81.00 -9.12
N VAL L 6 -18.60 81.63 -8.02
CA VAL L 6 -18.90 81.12 -6.68
C VAL L 6 -20.01 81.91 -6.01
N LYS L 7 -20.74 81.20 -5.13
CA LYS L 7 -21.53 81.79 -4.06
C LYS L 7 -20.81 81.46 -2.76
N PRO L 8 -20.22 82.43 -2.07
CA PRO L 8 -19.21 82.13 -1.04
C PRO L 8 -19.76 81.51 0.23
N ASN L 9 -19.92 80.19 0.23
CA ASN L 9 -20.14 79.43 1.45
C ASN L 9 -18.78 78.87 1.86
N ARG L 10 -18.16 79.50 2.87
CA ARG L 10 -16.80 79.18 3.26
C ARG L 10 -16.79 77.88 4.07
N LYS L 11 -16.76 76.77 3.36
CA LYS L 11 -16.60 75.45 3.96
C LYS L 11 -15.10 75.17 4.03
N SER L 12 -14.50 75.47 5.18
CA SER L 12 -13.05 75.39 5.30
C SER L 12 -12.59 73.93 5.31
N THR L 13 -11.77 73.56 4.34
CA THR L 13 -11.18 72.23 4.24
C THR L 13 -12.25 71.13 4.20
N GLY L 14 -13.44 71.47 3.73
CA GLY L 14 -14.51 70.50 3.62
C GLY L 14 -15.05 70.01 4.96
N ASP L 15 -14.28 69.18 5.65
CA ASP L 15 -14.72 68.54 6.89
C ASP L 15 -14.51 69.42 8.13
N ASN L 16 -14.42 70.74 7.98
CA ASN L 16 -14.16 71.59 9.14
C ASN L 16 -14.67 73.01 8.94
N SER L 17 -15.94 73.16 8.62
CA SER L 17 -16.54 74.47 8.48
C SER L 17 -17.16 74.92 9.80
N ASN L 18 -17.09 76.23 10.05
CA ASN L 18 -17.62 76.82 11.27
C ASN L 18 -18.86 77.68 11.03
N VAL L 19 -19.45 77.61 9.83
CA VAL L 19 -20.65 78.37 9.51
C VAL L 19 -21.65 77.46 8.83
N VAL L 20 -22.89 77.96 8.73
CA VAL L 20 -23.93 77.21 8.04
C VAL L 20 -23.67 77.23 6.54
N THR L 21 -23.92 76.10 5.89
CA THR L 21 -23.62 75.94 4.48
C THR L 21 -24.86 75.47 3.74
N MET L 22 -25.07 76.02 2.55
CA MET L 22 -26.26 75.72 1.79
C MET L 22 -26.24 74.29 1.27
N ILE L 23 -27.37 73.61 1.41
CA ILE L 23 -27.56 72.27 0.87
C ILE L 23 -28.39 72.37 -0.40
N ARG L 24 -27.80 71.98 -1.53
CA ARG L 24 -28.48 72.01 -2.83
C ARG L 24 -29.44 70.82 -2.89
N ALA L 25 -30.63 71.02 -2.34
CA ALA L 25 -31.68 70.02 -2.32
C ALA L 25 -32.38 69.93 -3.67
N GLY L 26 -33.05 68.81 -3.89
CA GLY L 26 -33.75 68.58 -5.14
C GLY L 26 -35.21 68.22 -4.94
N SER L 27 -35.68 67.18 -5.61
CA SER L 27 -37.07 66.76 -5.46
C SER L 27 -37.33 66.28 -4.03
N TYR L 28 -38.60 66.27 -3.66
CA TYR L 28 -38.97 65.84 -2.31
C TYR L 28 -38.72 64.35 -2.16
N PRO L 29 -38.03 63.91 -1.11
CA PRO L 29 -37.60 62.52 -1.02
C PRO L 29 -38.72 61.62 -0.51
N LYS L 30 -38.36 60.35 -0.31
CA LYS L 30 -39.27 59.42 0.33
C LYS L 30 -39.14 59.56 1.84
N VAL L 31 -40.28 59.74 2.51
CA VAL L 31 -40.27 60.01 3.94
C VAL L 31 -41.08 58.95 4.67
N ASN L 32 -40.81 58.84 5.97
CA ASN L 32 -41.56 57.96 6.87
C ASN L 32 -41.55 58.51 8.29
N PRO L 33 -42.61 59.18 8.73
CA PRO L 33 -42.59 59.79 10.06
C PRO L 33 -42.55 58.79 11.20
N THR L 34 -42.92 57.54 10.96
CA THR L 34 -42.97 56.51 12.00
C THR L 34 -42.17 55.31 11.51
N PRO L 35 -40.85 55.34 11.64
CA PRO L 35 -40.03 54.24 11.13
C PRO L 35 -39.92 53.07 12.10
N THR L 36 -39.03 52.14 11.81
CA THR L 36 -38.76 51.02 12.68
C THR L 36 -37.64 51.35 13.66
N TRP L 37 -37.43 50.45 14.62
CA TRP L 37 -36.43 50.69 15.65
C TRP L 37 -35.99 49.33 16.22
N VAL L 38 -34.76 48.95 15.93
CA VAL L 38 -34.16 47.76 16.53
C VAL L 38 -33.63 48.15 17.91
N ARG L 39 -34.06 47.42 18.93
CA ARG L 39 -33.80 47.81 20.31
C ARG L 39 -33.45 46.60 21.16
N ALA L 40 -32.79 46.86 22.29
CA ALA L 40 -32.53 45.87 23.33
C ALA L 40 -33.15 46.39 24.62
N ILE L 41 -34.33 45.84 24.95
CA ILE L 41 -35.20 46.43 25.97
C ILE L 41 -34.89 45.78 27.31
N PRO L 42 -34.45 46.55 28.31
CA PRO L 42 -34.22 45.96 29.65
C PRO L 42 -35.40 46.15 30.59
N PHE L 43 -35.99 45.04 31.03
CA PHE L 43 -37.08 45.10 31.99
C PHE L 43 -37.04 43.84 32.84
N GLU L 44 -37.71 43.91 33.98
CA GLU L 44 -37.67 42.84 34.97
C GLU L 44 -39.04 42.17 35.08
N VAL L 45 -39.02 40.86 35.28
CA VAL L 45 -40.22 40.09 35.54
C VAL L 45 -40.03 39.32 36.84
N SER L 46 -41.13 39.04 37.53
CA SER L 46 -41.11 38.41 38.84
C SER L 46 -41.61 36.97 38.76
N VAL L 47 -40.87 36.06 39.41
CA VAL L 47 -41.11 34.63 39.36
C VAL L 47 -41.29 34.10 40.78
N GLN L 48 -42.03 33.01 40.91
CA GLN L 48 -42.19 32.30 42.17
C GLN L 48 -41.42 30.99 42.14
N SER L 49 -40.97 30.55 43.31
CA SER L 49 -40.15 29.35 43.42
C SER L 49 -40.99 28.12 43.15
N GLY L 50 -40.89 27.57 41.94
CA GLY L 50 -41.56 26.34 41.57
C GLY L 50 -42.59 26.47 40.49
N ILE L 51 -42.95 27.69 40.09
CA ILE L 51 -43.95 27.90 39.06
C ILE L 51 -43.30 28.66 37.91
N ALA L 52 -43.87 28.51 36.73
CA ALA L 52 -43.41 29.24 35.56
C ALA L 52 -44.19 30.55 35.42
N PHE L 53 -43.61 31.46 34.64
CA PHE L 53 -44.21 32.78 34.40
C PHE L 53 -44.09 33.12 32.92
N LYS L 54 -45.23 33.34 32.27
CA LYS L 54 -45.23 33.73 30.87
C LYS L 54 -44.98 35.24 30.75
N VAL L 55 -44.00 35.61 29.94
CA VAL L 55 -43.60 37.01 29.80
C VAL L 55 -44.44 37.63 28.69
N PRO L 56 -45.34 38.57 29.01
CA PRO L 56 -46.16 39.17 27.96
C PRO L 56 -45.34 40.07 27.06
N VAL L 57 -45.71 40.09 25.78
CA VAL L 57 -45.03 40.97 24.83
C VAL L 57 -45.37 42.43 25.12
N GLY L 58 -46.50 42.67 25.78
CA GLY L 58 -46.93 44.04 26.07
C GLY L 58 -45.99 44.80 26.96
N SER L 59 -45.09 44.11 27.66
CA SER L 59 -44.09 44.78 28.48
C SER L 59 -43.08 45.55 27.65
N LEU L 60 -42.96 45.23 26.36
CA LEU L 60 -41.99 45.91 25.51
C LEU L 60 -42.49 47.29 25.10
N PHE L 61 -43.79 47.43 24.87
CA PHE L 61 -44.40 48.69 24.50
C PHE L 61 -44.66 49.50 25.76
N SER L 62 -43.95 50.60 25.93
CA SER L 62 -44.13 51.46 27.08
C SER L 62 -43.47 52.80 26.81
N ALA L 63 -43.92 53.82 27.54
CA ALA L 63 -43.25 55.10 27.47
C ALA L 63 -41.88 55.06 28.15
N ASN L 64 -41.63 54.06 29.01
CA ASN L 64 -40.34 53.91 29.65
C ASN L 64 -39.27 53.45 28.68
N PHE L 65 -39.66 52.96 27.50
CA PHE L 65 -38.74 52.49 26.50
C PHE L 65 -38.80 53.29 25.21
N ARG L 66 -39.64 54.33 25.15
CA ARG L 66 -39.88 55.13 23.96
C ARG L 66 -40.59 54.31 22.89
N THR L 67 -40.95 53.06 23.21
CA THR L 67 -41.64 52.17 22.28
C THR L 67 -43.14 52.16 22.52
N ASP L 68 -43.70 53.31 22.86
CA ASP L 68 -45.12 53.42 23.18
C ASP L 68 -46.01 53.57 21.96
N SER L 69 -45.45 54.00 20.83
CA SER L 69 -46.23 54.18 19.61
C SER L 69 -46.34 52.91 18.78
N PHE L 70 -45.67 51.83 19.19
CA PHE L 70 -45.70 50.58 18.46
C PHE L 70 -46.80 49.67 19.00
N THR L 71 -47.33 48.83 18.11
CA THR L 71 -48.28 47.80 18.50
C THR L 71 -47.80 46.39 18.15
N SER L 72 -46.68 46.27 17.43
CA SER L 72 -46.13 44.98 17.03
C SER L 72 -44.61 45.07 17.10
N VAL L 73 -43.98 43.91 17.28
CA VAL L 73 -42.54 43.83 17.46
C VAL L 73 -42.07 42.44 17.01
N THR L 74 -40.86 42.38 16.46
CA THR L 74 -40.25 41.13 16.02
C THR L 74 -39.09 40.82 16.94
N VAL L 75 -39.26 39.81 17.79
CA VAL L 75 -38.23 39.44 18.76
C VAL L 75 -37.17 38.58 18.08
N MET L 76 -35.90 38.88 18.35
CA MET L 76 -34.77 38.16 17.78
C MET L 76 -34.09 37.24 18.77
N SER L 77 -33.80 37.72 19.98
CA SER L 77 -33.12 36.91 20.97
C SER L 77 -33.50 37.40 22.36
N VAL L 78 -33.58 36.46 23.30
CA VAL L 78 -33.96 36.73 24.68
C VAL L 78 -32.81 36.29 25.58
N ARG L 79 -32.40 37.18 26.48
CA ARG L 79 -31.41 36.87 27.50
C ARG L 79 -32.00 37.19 28.87
N ALA L 80 -31.63 36.38 29.87
CA ALA L 80 -32.21 36.49 31.20
C ALA L 80 -31.12 36.48 32.27
N TRP L 81 -31.38 37.21 33.34
CA TRP L 81 -30.51 37.26 34.50
C TRP L 81 -31.36 37.31 35.76
N THR L 82 -30.96 36.54 36.77
CA THR L 82 -31.67 36.59 38.05
C THR L 82 -31.39 37.92 38.73
N GLN L 83 -32.46 38.60 39.15
CA GLN L 83 -32.36 39.95 39.68
C GLN L 83 -32.27 39.99 41.20
N LEU L 84 -32.72 38.95 41.88
CA LEU L 84 -32.67 38.88 43.33
C LEU L 84 -31.86 37.68 43.78
N THR L 85 -31.50 37.68 45.07
CA THR L 85 -30.67 36.64 45.61
C THR L 85 -31.42 35.31 45.67
N PRO L 86 -30.71 34.18 45.59
CA PRO L 86 -31.35 32.88 45.66
C PRO L 86 -31.70 32.53 47.10
N PRO L 87 -32.54 31.52 47.31
CA PRO L 87 -32.80 31.05 48.67
C PRO L 87 -31.52 30.61 49.36
N VAL L 88 -31.62 30.49 50.69
CA VAL L 88 -30.45 30.13 51.48
C VAL L 88 -29.93 28.77 51.05
N ASN L 89 -28.61 28.63 51.08
CA ASN L 89 -27.89 27.40 50.75
C ASN L 89 -27.89 27.11 49.25
N GLU L 90 -28.67 27.85 48.48
CA GLU L 90 -28.85 27.56 47.07
C GLU L 90 -28.06 28.52 46.19
N TYR L 91 -27.69 28.04 45.01
CA TYR L 91 -27.14 28.90 43.96
C TYR L 91 -28.26 29.33 43.03
N SER L 92 -28.03 30.43 42.32
CA SER L 92 -29.06 30.97 41.43
C SER L 92 -29.16 30.16 40.16
N PHE L 93 -30.38 30.00 39.66
CA PHE L 93 -30.63 29.37 38.39
C PHE L 93 -31.81 30.03 37.71
N VAL L 94 -31.84 29.92 36.38
CA VAL L 94 -32.91 30.52 35.58
C VAL L 94 -33.11 29.65 34.35
N ARG L 95 -34.38 29.41 34.00
CA ARG L 95 -34.73 28.61 32.84
C ARG L 95 -35.61 29.43 31.90
N LEU L 96 -35.41 29.24 30.59
CA LEU L 96 -36.18 29.92 29.56
C LEU L 96 -36.80 28.89 28.63
N LYS L 97 -38.11 28.98 28.43
CA LYS L 97 -38.83 28.12 27.49
C LYS L 97 -39.48 28.96 26.42
N PRO L 98 -39.01 28.92 25.18
CA PRO L 98 -39.56 29.79 24.14
C PRO L 98 -41.02 29.49 23.87
N LEU L 99 -41.77 30.54 23.57
CA LEU L 99 -43.17 30.44 23.24
C LEU L 99 -43.44 31.13 21.91
N PHE L 100 -44.26 30.51 21.09
CA PHE L 100 -44.61 31.04 19.78
C PHE L 100 -46.09 30.82 19.53
N LYS L 101 -46.68 31.69 18.72
CA LYS L 101 -48.10 31.58 18.44
C LYS L 101 -48.40 30.36 17.60
N THR L 102 -47.52 30.02 16.65
CA THR L 102 -47.69 28.84 15.83
C THR L 102 -47.46 27.55 16.60
N GLY L 103 -46.86 27.62 17.79
CA GLY L 103 -46.64 26.45 18.60
C GLY L 103 -45.59 26.66 19.66
N ASP L 104 -45.98 26.49 20.93
CA ASP L 104 -45.04 26.64 22.01
C ASP L 104 -43.97 25.55 21.96
N SER L 105 -42.78 25.90 22.42
CA SER L 105 -41.64 24.98 22.49
C SER L 105 -41.51 24.41 23.89
N THR L 106 -40.60 23.44 24.02
CA THR L 106 -40.40 22.73 25.29
C THR L 106 -38.95 22.77 25.76
N GLU L 107 -38.11 23.62 25.19
CA GLU L 107 -36.74 23.71 25.68
C GLU L 107 -36.70 24.43 27.02
N GLU L 108 -35.64 24.16 27.78
CA GLU L 108 -35.43 24.78 29.09
C GLU L 108 -33.96 25.23 29.18
N PHE L 109 -33.60 26.18 28.31
CA PHE L 109 -32.27 26.78 28.33
C PHE L 109 -31.97 27.35 29.73
N GLU L 110 -31.15 26.66 30.50
CA GLU L 110 -30.92 26.99 31.89
C GLU L 110 -29.48 27.39 32.13
N GLY L 111 -29.29 28.40 32.96
CA GLY L 111 -27.97 28.77 33.43
C GLY L 111 -27.96 28.85 34.94
N ARG L 112 -26.85 28.43 35.53
CA ARG L 112 -26.71 28.38 36.98
C ARG L 112 -25.45 29.10 37.40
N ALA L 113 -25.56 29.92 38.45
CA ALA L 113 -24.44 30.70 38.93
C ALA L 113 -23.53 29.85 39.79
N SER L 114 -22.24 29.81 39.45
CA SER L 114 -21.29 29.04 40.24
C SER L 114 -20.94 29.73 41.55
N ASN L 115 -21.33 30.98 41.73
CA ASN L 115 -21.11 31.70 42.97
C ASN L 115 -22.45 32.15 43.52
N ILE L 116 -22.68 31.92 44.81
CA ILE L 116 -23.98 32.22 45.40
C ILE L 116 -24.30 33.70 45.29
N ASN L 117 -23.28 34.55 45.23
CA ASN L 117 -23.48 35.99 45.13
C ASN L 117 -23.60 36.48 43.70
N THR L 118 -23.43 35.60 42.71
CA THR L 118 -23.44 35.99 41.31
C THR L 118 -24.76 35.58 40.66
N ARG L 119 -25.18 36.37 39.67
CA ARG L 119 -26.39 36.08 38.93
C ARG L 119 -26.22 34.80 38.10
N ALA L 120 -27.35 34.20 37.76
CA ALA L 120 -27.40 33.09 36.82
C ALA L 120 -27.95 33.60 35.50
N SER L 121 -27.25 33.28 34.42
CA SER L 121 -27.58 33.84 33.11
C SER L 121 -27.74 32.75 32.07
N VAL L 122 -28.64 33.00 31.13
CA VAL L 122 -28.90 32.09 30.02
C VAL L 122 -29.77 32.82 29.00
N GLY L 123 -29.57 32.53 27.71
CA GLY L 123 -30.37 33.13 26.67
C GLY L 123 -30.64 32.14 25.55
N TYR L 124 -31.46 32.58 24.61
CA TYR L 124 -31.74 31.79 23.42
C TYR L 124 -32.02 32.72 22.25
N ARG L 125 -31.55 32.33 21.07
CA ARG L 125 -31.74 33.08 19.84
C ARG L 125 -32.87 32.48 19.02
N ILE L 126 -33.74 33.33 18.50
CA ILE L 126 -34.87 32.89 17.69
C ILE L 126 -34.41 32.80 16.24
N PRO L 127 -34.64 31.68 15.57
CA PRO L 127 -34.20 31.57 14.16
C PRO L 127 -35.01 32.50 13.27
N THR L 128 -34.46 32.73 12.07
CA THR L 128 -35.08 33.69 11.14
C THR L 128 -36.45 33.21 10.68
N ASN L 129 -36.64 31.90 10.53
CA ASN L 129 -37.91 31.36 10.08
C ASN L 129 -39.02 31.51 11.12
N LEU L 130 -38.69 31.92 12.35
CA LEU L 130 -39.67 32.11 13.41
C LEU L 130 -39.74 33.57 13.87
N ARG L 131 -39.26 34.51 13.06
CA ARG L 131 -39.23 35.91 13.44
C ARG L 131 -40.40 36.64 12.79
N GLN L 132 -41.57 36.45 13.36
CA GLN L 132 -42.77 37.18 12.97
C GLN L 132 -43.08 38.23 14.03
N ASN L 133 -44.21 38.92 13.86
CA ASN L 133 -44.62 39.93 14.82
C ASN L 133 -45.40 39.33 15.97
N THR L 134 -45.32 40.00 17.12
CA THR L 134 -46.04 39.63 18.32
C THR L 134 -46.64 40.87 18.94
N VAL L 135 -47.94 40.83 19.21
CA VAL L 135 -48.64 41.96 19.81
C VAL L 135 -48.66 41.82 21.32
N ALA L 136 -49.22 42.83 22.01
CA ALA L 136 -49.19 42.88 23.46
C ALA L 136 -49.85 41.66 24.10
N ALA L 137 -50.89 41.11 23.45
CA ALA L 137 -51.59 39.97 24.01
C ALA L 137 -50.79 38.68 23.94
N ASP L 138 -49.66 38.67 23.25
CA ASP L 138 -48.85 37.48 23.07
C ASP L 138 -47.83 37.34 24.20
N ASN L 139 -47.23 36.16 24.28
CA ASN L 139 -46.20 35.86 25.27
C ASN L 139 -44.88 35.57 24.58
N VAL L 140 -43.78 35.86 25.27
CA VAL L 140 -42.45 35.64 24.74
C VAL L 140 -41.95 34.26 25.16
N CYS L 141 -41.78 34.05 26.45
CA CYS L 141 -41.24 32.80 26.96
C CYS L 141 -41.72 32.59 28.39
N GLU L 142 -41.44 31.39 28.90
CA GLU L 142 -41.69 31.04 30.29
C GLU L 142 -40.38 31.08 31.06
N VAL L 143 -40.39 31.78 32.19
CA VAL L 143 -39.21 31.95 33.02
C VAL L 143 -39.41 31.16 34.32
N ARG L 144 -38.40 30.37 34.67
CA ARG L 144 -38.37 29.65 35.93
C ARG L 144 -37.09 30.01 36.66
N SER L 145 -37.15 30.09 37.98
CA SER L 145 -36.00 30.45 38.79
C SER L 145 -36.33 30.21 40.25
N ASN L 146 -35.28 30.02 41.05
CA ASN L 146 -35.43 30.01 42.50
C ASN L 146 -35.40 31.41 43.10
N CYS L 147 -35.02 32.41 42.31
CA CYS L 147 -35.04 33.80 42.74
C CYS L 147 -36.41 34.40 42.46
N ARG L 148 -36.74 35.45 43.23
CA ARG L 148 -38.07 36.05 43.14
C ARG L 148 -38.21 37.01 41.96
N GLN L 149 -37.12 37.43 41.34
CA GLN L 149 -37.19 38.37 40.23
C GLN L 149 -36.10 38.04 39.22
N VAL L 150 -36.41 38.21 37.95
CA VAL L 150 -35.50 37.89 36.85
C VAL L 150 -35.43 39.09 35.93
N ALA L 151 -34.20 39.48 35.55
CA ALA L 151 -34.01 40.60 34.64
C ALA L 151 -33.93 40.10 33.21
N LEU L 152 -34.58 40.81 32.30
CA LEU L 152 -34.66 40.43 30.89
C LEU L 152 -34.12 41.54 30.01
N VAL L 153 -33.33 41.17 29.03
CA VAL L 153 -32.85 42.09 28.00
C VAL L 153 -33.23 41.47 26.65
N ILE L 154 -34.30 41.98 26.04
CA ILE L 154 -34.87 41.39 24.84
C ILE L 154 -34.42 42.20 23.63
N SER L 155 -33.70 41.55 22.73
CA SER L 155 -33.29 42.15 21.46
C SER L 155 -34.39 41.92 20.45
N CYS L 156 -34.96 43.01 19.92
CA CYS L 156 -36.12 42.93 19.07
C CYS L 156 -36.15 44.13 18.15
N CYS L 157 -37.04 44.07 17.15
CA CYS L 157 -37.25 45.15 16.20
C CYS L 157 -38.69 45.63 16.32
N PHE L 158 -38.87 46.91 16.66
CA PHE L 158 -40.19 47.50 16.79
C PHE L 158 -40.65 48.06 15.46
N ASN L 159 -41.88 47.73 15.08
CA ASN L 159 -42.44 48.18 13.81
C ASN L 159 -43.93 48.47 13.96
N ASN M 16 24.48 61.21 32.32
CA ASN M 16 24.16 62.55 31.85
C ASN M 16 24.91 63.60 32.63
N SER M 17 24.45 64.84 32.55
CA SER M 17 25.15 65.94 33.21
C SER M 17 24.99 65.83 34.73
N ASN M 18 26.04 66.22 35.45
CA ASN M 18 26.05 66.18 36.90
C ASN M 18 26.16 67.55 37.55
N VAL M 19 26.27 68.62 36.76
CA VAL M 19 26.35 69.98 37.28
C VAL M 19 25.41 70.86 36.48
N VAL M 20 25.30 72.12 36.91
CA VAL M 20 24.44 73.07 36.22
C VAL M 20 25.06 73.44 34.88
N THR M 21 24.20 73.68 33.90
CA THR M 21 24.62 74.08 32.56
C THR M 21 23.89 75.36 32.18
N MET M 22 24.56 76.21 31.42
CA MET M 22 23.96 77.47 31.03
C MET M 22 22.93 77.26 29.92
N ILE M 23 21.85 78.03 29.98
CA ILE M 23 20.80 78.01 28.98
C ILE M 23 20.89 79.32 28.20
N ARG M 24 21.29 79.24 26.93
CA ARG M 24 21.41 80.42 26.09
C ARG M 24 20.02 80.87 25.67
N ALA M 25 19.33 81.52 26.60
CA ALA M 25 17.99 82.03 26.34
C ALA M 25 18.04 83.23 25.41
N GLY M 26 16.88 83.57 24.86
CA GLY M 26 16.81 84.66 23.91
C GLY M 26 15.82 85.73 24.33
N SER M 27 14.84 86.00 23.48
CA SER M 27 13.82 86.97 23.83
C SER M 27 12.89 86.39 24.90
N TYR M 28 12.16 87.28 25.56
CA TYR M 28 11.20 86.86 26.58
C TYR M 28 10.04 86.13 25.89
N PRO M 29 9.61 84.99 26.42
CA PRO M 29 8.61 84.18 25.74
C PRO M 29 7.18 84.54 26.16
N LYS M 30 6.22 83.97 25.43
CA LYS M 30 4.82 84.13 25.79
C LYS M 30 4.52 83.28 27.01
N VAL M 31 3.91 83.89 28.02
CA VAL M 31 3.70 83.24 29.30
C VAL M 31 2.20 83.14 29.59
N ASN M 32 1.89 82.41 30.65
CA ASN M 32 0.53 82.27 31.16
C ASN M 32 0.58 81.69 32.57
N PRO M 33 0.35 82.51 33.61
CA PRO M 33 0.45 82.00 34.97
C PRO M 33 -0.71 81.11 35.39
N THR M 34 -1.87 81.20 34.71
CA THR M 34 -3.08 80.48 35.05
C THR M 34 -3.52 79.66 33.85
N PRO M 35 -2.86 78.55 33.55
CA PRO M 35 -3.20 77.77 32.36
C PRO M 35 -4.37 76.84 32.59
N THR M 36 -4.74 76.11 31.54
CA THR M 36 -5.80 75.12 31.63
C THR M 36 -5.26 73.84 32.28
N TRP M 37 -6.15 72.88 32.50
CA TRP M 37 -5.75 71.64 33.18
C TRP M 37 -6.80 70.57 32.89
N VAL M 38 -6.36 69.46 32.29
CA VAL M 38 -7.22 68.30 32.05
C VAL M 38 -7.06 67.35 33.22
N ARG M 39 -8.19 66.97 33.82
CA ARG M 39 -8.18 66.23 35.07
C ARG M 39 -9.18 65.09 35.01
N ALA M 40 -9.14 64.26 36.05
CA ALA M 40 -10.12 63.18 36.27
C ALA M 40 -10.50 63.26 37.74
N ILE M 41 -11.53 64.06 38.03
CA ILE M 41 -11.90 64.44 39.40
C ILE M 41 -12.70 63.35 40.09
N PRO M 42 -12.21 62.79 41.20
CA PRO M 42 -13.01 61.81 41.96
C PRO M 42 -13.72 62.41 43.16
N PHE M 43 -15.03 62.25 43.22
CA PHE M 43 -15.80 62.73 44.36
C PHE M 43 -17.06 61.89 44.48
N GLU M 44 -17.71 62.00 45.63
CA GLU M 44 -18.89 61.21 45.95
C GLU M 44 -20.09 62.12 46.17
N VAL M 45 -21.29 61.55 46.01
CA VAL M 45 -22.54 62.24 46.25
C VAL M 45 -23.48 61.30 46.98
N SER M 46 -24.42 61.87 47.72
CA SER M 46 -25.45 61.09 48.38
C SER M 46 -26.66 60.92 47.47
N VAL M 47 -27.23 59.72 47.46
CA VAL M 47 -28.35 59.38 46.59
C VAL M 47 -29.44 58.73 47.44
N GLN M 48 -30.66 59.22 47.29
CA GLN M 48 -31.81 58.65 47.97
C GLN M 48 -32.50 57.63 47.09
N SER M 49 -33.26 56.73 47.72
CA SER M 49 -33.94 55.67 46.98
C SER M 49 -35.10 56.24 46.19
N GLY M 50 -35.17 55.89 44.90
CA GLY M 50 -36.24 56.35 44.03
C GLY M 50 -36.20 57.82 43.68
N ILE M 51 -35.12 58.54 44.02
CA ILE M 51 -35.00 59.96 43.77
C ILE M 51 -33.72 60.21 42.97
N ALA M 52 -33.79 61.14 42.02
CA ALA M 52 -32.63 61.54 41.24
C ALA M 52 -31.92 62.70 41.91
N PHE M 53 -30.59 62.71 41.82
CA PHE M 53 -29.77 63.76 42.40
C PHE M 53 -29.04 64.49 41.28
N LYS M 54 -29.26 65.79 41.18
CA LYS M 54 -28.59 66.62 40.19
C LYS M 54 -27.19 66.94 40.68
N VAL M 55 -26.19 66.29 40.09
CA VAL M 55 -24.79 66.49 40.47
C VAL M 55 -24.36 67.90 40.12
N PRO M 56 -24.00 68.72 41.11
CA PRO M 56 -23.64 70.10 40.80
C PRO M 56 -22.24 70.19 40.21
N VAL M 57 -22.07 71.14 39.28
CA VAL M 57 -20.75 71.36 38.69
C VAL M 57 -19.79 71.91 39.74
N GLY M 58 -20.29 72.64 40.72
CA GLY M 58 -19.43 73.27 41.71
C GLY M 58 -18.63 72.29 42.55
N SER M 59 -19.00 71.01 42.52
CA SER M 59 -18.26 69.99 43.25
C SER M 59 -16.87 69.76 42.69
N LEU M 60 -16.64 70.16 41.44
CA LEU M 60 -15.33 70.04 40.82
C LEU M 60 -14.37 71.13 41.29
N PHE M 61 -14.89 72.32 41.60
CA PHE M 61 -14.05 73.43 42.06
C PHE M 61 -13.86 73.30 43.56
N SER M 62 -12.66 72.91 43.99
CA SER M 62 -12.37 72.70 45.40
C SER M 62 -10.86 72.72 45.59
N ALA M 63 -10.44 73.12 46.80
CA ALA M 63 -9.03 73.05 47.15
C ALA M 63 -8.57 71.61 47.36
N ASN M 64 -9.51 70.69 47.58
CA ASN M 64 -9.18 69.27 47.66
C ASN M 64 -8.87 68.67 46.29
N PHE M 65 -9.10 69.41 45.20
CA PHE M 65 -8.79 68.96 43.85
C PHE M 65 -7.80 69.86 43.14
N ARG M 66 -7.28 70.89 43.82
CA ARG M 66 -6.42 71.94 43.30
C ARG M 66 -7.09 72.80 42.24
N THR M 67 -8.42 72.75 42.12
CA THR M 67 -9.14 73.43 41.06
C THR M 67 -10.00 74.58 41.55
N ASP M 68 -9.84 74.99 42.80
CA ASP M 68 -10.64 76.09 43.34
C ASP M 68 -10.30 77.43 42.69
N SER M 69 -9.20 77.51 41.94
CA SER M 69 -8.86 78.73 41.23
C SER M 69 -9.67 78.91 39.95
N PHE M 70 -10.31 77.85 39.47
CA PHE M 70 -11.14 77.92 38.27
C PHE M 70 -12.56 78.33 38.62
N THR M 71 -13.26 78.87 37.63
CA THR M 71 -14.68 79.15 37.74
C THR M 71 -15.53 78.42 36.72
N SER M 72 -14.92 77.91 35.64
CA SER M 72 -15.62 77.16 34.60
C SER M 72 -14.85 75.90 34.27
N VAL M 73 -15.56 74.93 33.68
CA VAL M 73 -14.97 73.64 33.34
C VAL M 73 -15.74 73.06 32.16
N THR M 74 -15.03 72.32 31.32
CA THR M 74 -15.60 71.65 30.15
C THR M 74 -15.60 70.16 30.41
N VAL M 75 -16.79 69.59 30.62
CA VAL M 75 -16.91 68.17 30.91
C VAL M 75 -16.84 67.38 29.62
N MET M 76 -16.03 66.31 29.61
CA MET M 76 -15.88 65.44 28.44
C MET M 76 -16.52 64.08 28.62
N SER M 77 -16.34 63.44 29.78
CA SER M 77 -16.98 62.17 30.05
C SER M 77 -17.30 62.08 31.53
N VAL M 78 -18.30 61.28 31.86
CA VAL M 78 -18.75 61.08 33.22
C VAL M 78 -18.83 59.58 33.48
N ARG M 79 -18.28 59.13 34.60
CA ARG M 79 -18.30 57.74 35.02
C ARG M 79 -18.75 57.65 36.47
N ALA M 80 -19.51 56.60 36.79
CA ALA M 80 -20.16 56.48 38.09
C ALA M 80 -20.06 55.06 38.60
N TRP M 81 -19.73 54.94 39.89
CA TRP M 81 -19.71 53.65 40.59
C TRP M 81 -20.54 53.76 41.86
N THR M 82 -21.10 52.64 42.29
CA THR M 82 -21.84 52.60 43.56
C THR M 82 -20.85 52.53 44.71
N GLN M 83 -20.97 53.47 45.65
CA GLN M 83 -19.98 53.59 46.71
C GLN M 83 -20.34 52.79 47.96
N LEU M 84 -21.61 52.46 48.14
CA LEU M 84 -22.08 51.72 49.29
C LEU M 84 -22.83 50.47 48.84
N THR M 85 -23.13 49.60 49.80
CA THR M 85 -23.75 48.34 49.48
C THR M 85 -25.23 48.51 49.17
N PRO M 86 -25.79 47.66 48.32
CA PRO M 86 -27.20 47.77 47.95
C PRO M 86 -28.10 47.29 49.07
N PRO M 87 -29.41 47.46 48.93
CA PRO M 87 -30.35 46.88 49.90
C PRO M 87 -30.27 45.36 49.89
N VAL M 88 -30.89 44.76 50.91
CA VAL M 88 -30.85 43.31 51.06
C VAL M 88 -31.54 42.64 49.88
N ASN M 89 -30.91 41.56 49.40
CA ASN M 89 -31.37 40.69 48.31
C ASN M 89 -31.26 41.32 46.93
N GLU M 90 -30.72 42.53 46.81
CA GLU M 90 -30.66 43.23 45.54
C GLU M 90 -29.22 43.29 45.00
N TYR M 91 -29.11 43.53 43.70
CA TYR M 91 -27.84 43.81 43.05
C TYR M 91 -27.73 45.30 42.78
N SER M 92 -26.54 45.86 43.00
CA SER M 92 -26.34 47.30 42.86
C SER M 92 -26.63 47.75 41.42
N PHE M 93 -27.21 48.94 41.29
CA PHE M 93 -27.39 49.56 39.99
C PHE M 93 -27.12 51.06 40.10
N VAL M 94 -26.90 51.69 38.95
CA VAL M 94 -26.65 53.13 38.89
C VAL M 94 -27.08 53.62 37.52
N ARG M 95 -27.70 54.80 37.47
CA ARG M 95 -28.15 55.41 36.23
C ARG M 95 -27.57 56.81 36.11
N LEU M 96 -27.45 57.28 34.87
CA LEU M 96 -26.92 58.62 34.60
C LEU M 96 -27.75 59.26 33.49
N LYS M 97 -28.26 60.46 33.75
CA LYS M 97 -28.99 61.22 32.74
C LYS M 97 -28.23 62.49 32.41
N PRO M 98 -27.65 62.61 31.22
CA PRO M 98 -26.87 63.81 30.88
C PRO M 98 -27.74 65.07 30.90
N LEU M 99 -27.22 66.12 31.51
CA LEU M 99 -27.91 67.39 31.62
C LEU M 99 -27.14 68.46 30.86
N PHE M 100 -27.87 69.28 30.11
CA PHE M 100 -27.28 70.35 29.34
C PHE M 100 -28.12 71.61 29.51
N LYS M 101 -27.46 72.76 29.59
CA LYS M 101 -28.17 74.02 29.73
C LYS M 101 -28.99 74.33 28.48
N THR M 102 -28.50 73.95 27.31
CA THR M 102 -29.24 74.13 26.07
C THR M 102 -30.38 73.14 25.92
N GLY M 103 -30.47 72.14 26.80
CA GLY M 103 -31.52 71.15 26.74
C GLY M 103 -31.11 69.86 27.41
N ASP M 104 -31.78 69.51 28.50
CA ASP M 104 -31.49 68.27 29.20
C ASP M 104 -31.87 67.08 28.34
N SER M 105 -31.18 65.97 28.55
CA SER M 105 -31.47 64.75 27.82
C SER M 105 -32.42 63.86 28.62
N THR M 106 -32.83 62.76 27.99
CA THR M 106 -33.69 61.78 28.63
C THR M 106 -33.09 60.38 28.63
N GLU M 107 -31.80 60.25 28.34
CA GLU M 107 -31.14 58.95 28.41
C GLU M 107 -30.88 58.58 29.88
N GLU M 108 -30.99 57.28 30.17
CA GLU M 108 -30.73 56.75 31.50
C GLU M 108 -29.70 55.63 31.39
N PHE M 109 -28.45 56.02 31.10
CA PHE M 109 -27.38 55.05 30.99
C PHE M 109 -27.22 54.28 32.29
N GLU M 110 -27.73 53.06 32.33
CA GLU M 110 -27.78 52.27 33.54
C GLU M 110 -26.73 51.15 33.50
N GLY M 111 -26.12 50.89 34.65
CA GLY M 111 -25.21 49.77 34.83
C GLY M 111 -25.52 49.01 36.11
N ARG M 112 -25.62 47.69 36.01
CA ARG M 112 -25.94 46.84 37.14
C ARG M 112 -24.79 45.88 37.42
N ALA M 113 -24.69 45.45 38.67
CA ALA M 113 -23.66 44.52 39.07
C ALA M 113 -24.16 43.08 38.95
N SER M 114 -23.26 42.18 38.58
CA SER M 114 -23.59 40.77 38.52
C SER M 114 -23.26 40.04 39.83
N ASN M 115 -22.63 40.71 40.77
CA ASN M 115 -22.36 40.16 42.08
C ASN M 115 -22.83 41.17 43.11
N ILE M 116 -23.57 40.69 44.12
CA ILE M 116 -24.11 41.60 45.13
C ILE M 116 -22.98 42.33 45.85
N ASN M 117 -21.82 41.69 46.00
CA ASN M 117 -20.72 42.32 46.70
C ASN M 117 -19.91 43.27 45.83
N THR M 118 -20.22 43.35 44.55
CA THR M 118 -19.45 44.15 43.60
C THR M 118 -20.21 45.42 43.24
N ARG M 119 -19.45 46.46 42.92
CA ARG M 119 -20.03 47.74 42.53
C ARG M 119 -20.77 47.63 41.20
N ALA M 120 -21.57 48.65 40.91
CA ALA M 120 -22.21 48.82 39.62
C ALA M 120 -21.64 50.07 38.96
N SER M 121 -21.22 49.93 37.71
CA SER M 121 -20.54 51.00 36.99
C SER M 121 -21.23 51.28 35.67
N VAL M 122 -21.18 52.55 35.28
CA VAL M 122 -21.74 52.99 34.00
C VAL M 122 -21.17 54.37 33.72
N GLY M 123 -21.24 54.80 32.46
CA GLY M 123 -20.73 56.10 32.09
C GLY M 123 -21.29 56.52 30.75
N TYR M 124 -21.03 57.78 30.40
CA TYR M 124 -21.42 58.30 29.11
C TYR M 124 -20.41 59.34 28.65
N ARG M 125 -20.13 59.35 27.35
CA ARG M 125 -19.21 60.30 26.75
C ARG M 125 -20.00 61.44 26.11
N ILE M 126 -19.52 62.67 26.33
CA ILE M 126 -20.15 63.86 25.77
C ILE M 126 -19.56 64.11 24.38
N PRO M 127 -20.40 64.34 23.37
CA PRO M 127 -19.87 64.64 22.04
C PRO M 127 -19.20 65.99 22.00
N THR M 128 -18.29 66.14 21.03
CA THR M 128 -17.52 67.38 20.93
C THR M 128 -18.42 68.58 20.72
N ASN M 129 -19.54 68.41 20.00
CA ASN M 129 -20.46 69.52 19.76
C ASN M 129 -21.19 69.96 21.02
N LEU M 130 -21.22 69.12 22.07
CA LEU M 130 -21.88 69.46 23.33
C LEU M 130 -20.88 69.66 24.46
N ARG M 131 -19.65 70.05 24.14
CA ARG M 131 -18.61 70.28 25.13
C ARG M 131 -18.42 71.79 25.28
N GLN M 132 -19.25 72.40 26.12
CA GLN M 132 -19.16 73.81 26.43
C GLN M 132 -18.84 73.99 27.91
N ASN M 133 -18.59 75.24 28.29
CA ASN M 133 -18.25 75.54 29.67
C ASN M 133 -19.47 75.47 30.57
N THR M 134 -19.23 75.12 31.83
CA THR M 134 -20.26 75.05 32.86
C THR M 134 -19.73 75.69 34.12
N VAL M 135 -20.59 76.43 34.82
CA VAL M 135 -20.22 77.12 36.04
C VAL M 135 -20.75 76.35 37.24
N ALA M 136 -20.42 76.81 38.45
CA ALA M 136 -20.74 76.05 39.66
C ALA M 136 -22.23 75.85 39.85
N ALA M 137 -23.04 76.82 39.44
CA ALA M 137 -24.48 76.71 39.61
C ALA M 137 -25.09 75.64 38.71
N ASP M 138 -24.41 75.28 37.63
CA ASP M 138 -24.95 74.29 36.71
C ASP M 138 -24.88 72.90 37.32
N ASN M 139 -25.51 71.95 36.64
CA ASN M 139 -25.55 70.56 37.05
C ASN M 139 -24.99 69.67 35.95
N VAL M 140 -24.33 68.59 36.36
CA VAL M 140 -23.70 67.69 35.40
C VAL M 140 -24.70 66.68 34.87
N CYS M 141 -25.31 65.90 35.77
CA CYS M 141 -26.24 64.87 35.37
C CYS M 141 -27.09 64.48 36.56
N GLU M 142 -28.16 63.75 36.26
CA GLU M 142 -28.99 63.14 37.28
C GLU M 142 -28.50 61.71 37.53
N VAL M 143 -28.46 61.33 38.80
CA VAL M 143 -27.96 60.02 39.21
C VAL M 143 -29.06 59.31 39.98
N ARG M 144 -29.28 58.04 39.66
CA ARG M 144 -30.28 57.20 40.32
C ARG M 144 -29.66 55.87 40.70
N SER M 145 -29.87 55.45 41.94
CA SER M 145 -29.28 54.22 42.44
C SER M 145 -30.03 53.75 43.67
N ASN M 146 -29.98 52.43 43.90
CA ASN M 146 -30.48 51.85 45.14
C ASN M 146 -29.49 51.96 46.28
N CYS M 147 -28.27 52.40 46.01
CA CYS M 147 -27.26 52.62 47.03
C CYS M 147 -27.28 54.09 47.46
N ARG M 148 -26.87 54.33 48.70
CA ARG M 148 -26.99 55.68 49.25
C ARG M 148 -25.88 56.62 48.80
N GLN M 149 -24.80 56.09 48.25
CA GLN M 149 -23.70 56.92 47.77
C GLN M 149 -23.21 56.39 46.42
N VAL M 150 -22.74 57.32 45.58
CA VAL M 150 -22.23 57.01 44.25
C VAL M 150 -20.87 57.68 44.09
N ALA M 151 -19.87 56.88 43.70
CA ALA M 151 -18.53 57.38 43.43
C ALA M 151 -18.45 57.83 41.99
N LEU M 152 -18.04 59.08 41.78
CA LEU M 152 -17.98 59.69 40.46
C LEU M 152 -16.55 60.00 40.07
N VAL M 153 -16.22 59.78 38.81
CA VAL M 153 -14.94 60.17 38.23
C VAL M 153 -15.25 60.85 36.90
N ILE M 154 -15.02 62.16 36.83
CA ILE M 154 -15.43 62.98 35.70
C ILE M 154 -14.18 63.50 35.00
N SER M 155 -14.00 63.06 33.74
CA SER M 155 -12.94 63.59 32.90
C SER M 155 -13.41 64.92 32.30
N CYS M 156 -12.70 65.99 32.63
CA CYS M 156 -13.13 67.33 32.25
C CYS M 156 -11.90 68.19 31.98
N CYS M 157 -12.16 69.41 31.52
CA CYS M 157 -11.13 70.37 31.15
C CYS M 157 -11.36 71.66 31.93
N PHE M 158 -10.51 71.94 32.90
CA PHE M 158 -10.62 73.17 33.67
C PHE M 158 -10.01 74.32 32.88
N ASN M 159 -10.73 75.44 32.84
CA ASN M 159 -10.23 76.64 32.18
C ASN M 159 -10.73 77.88 32.88
N ASN N 16 27.25 17.97 34.12
CA ASN N 16 27.75 18.44 35.41
C ASN N 16 28.75 17.43 35.96
N SER N 17 29.18 17.63 37.20
CA SER N 17 30.24 16.85 37.80
C SER N 17 29.70 15.96 38.91
N ASN N 18 30.61 15.25 39.56
CA ASN N 18 30.28 14.45 40.73
C ASN N 18 31.29 14.57 41.86
N VAL N 19 32.42 15.25 41.65
CA VAL N 19 33.42 15.45 42.69
C VAL N 19 33.89 16.90 42.64
N VAL N 20 34.78 17.25 43.57
CA VAL N 20 35.29 18.61 43.68
C VAL N 20 36.33 18.86 42.59
N THR N 21 36.45 20.13 42.21
CA THR N 21 37.38 20.55 41.17
C THR N 21 38.27 21.67 41.71
N MET N 22 39.49 21.73 41.21
CA MET N 22 40.43 22.75 41.66
CA MET N 22 40.44 22.75 41.65
C MET N 22 40.20 24.05 40.90
N ILE N 23 40.27 25.16 41.64
CA ILE N 23 40.10 26.50 41.09
C ILE N 23 41.45 27.19 41.10
N ARG N 24 41.94 27.56 39.92
CA ARG N 24 43.22 28.25 39.79
C ARG N 24 43.03 29.72 40.14
N ALA N 25 43.01 29.99 41.44
CA ALA N 25 42.79 31.35 41.92
C ALA N 25 44.04 32.20 41.70
N GLY N 26 43.85 33.52 41.78
CA GLY N 26 44.94 34.44 41.59
C GLY N 26 45.16 35.38 42.76
N SER N 27 45.22 36.68 42.48
CA SER N 27 45.40 37.66 43.54
C SER N 27 44.14 37.77 44.40
N TYR N 28 44.32 38.27 45.61
CA TYR N 28 43.20 38.47 46.50
C TYR N 28 42.26 39.51 45.91
N PRO N 29 40.99 39.19 45.72
CA PRO N 29 40.09 40.11 45.00
C PRO N 29 39.63 41.24 45.91
N LYS N 30 38.78 42.10 45.35
CA LYS N 30 38.11 43.12 46.13
C LYS N 30 36.93 42.50 46.86
N VAL N 31 36.92 42.62 48.19
CA VAL N 31 35.92 41.99 49.02
C VAL N 31 35.15 43.06 49.78
N ASN N 32 33.97 42.67 50.27
CA ASN N 32 33.10 43.53 51.06
C ASN N 32 32.24 42.63 51.94
N PRO N 33 32.47 42.61 53.26
CA PRO N 33 31.70 41.73 54.14
C PRO N 33 30.27 42.21 54.38
N THR N 34 29.96 43.46 54.06
CA THR N 34 28.63 44.03 54.31
C THR N 34 28.17 44.75 53.05
N PRO N 35 27.61 44.00 52.08
CA PRO N 35 27.15 44.64 50.84
C PRO N 35 25.77 45.23 50.94
N THR N 36 25.21 45.66 49.81
CA THR N 36 23.86 46.18 49.76
C THR N 36 22.89 45.03 49.49
N TRP N 37 21.61 45.37 49.39
CA TRP N 37 20.58 44.36 49.22
C TRP N 37 19.29 45.03 48.74
N VAL N 38 18.86 44.69 47.53
CA VAL N 38 17.59 45.18 47.02
C VAL N 38 16.50 44.23 47.49
N ARG N 39 15.47 44.77 48.13
CA ARG N 39 14.46 43.97 48.79
C ARG N 39 13.07 44.52 48.51
N ALA N 40 12.07 43.71 48.83
CA ALA N 40 10.68 44.13 48.96
C ALA N 40 10.19 43.72 50.34
N ILE N 41 10.08 44.69 51.23
CA ILE N 41 9.86 44.43 52.66
C ILE N 41 8.35 44.40 52.91
N PRO N 42 7.77 43.26 53.32
CA PRO N 42 6.35 43.24 53.67
C PRO N 42 6.10 43.38 55.16
N PHE N 43 5.37 44.42 55.55
CA PHE N 43 5.02 44.62 56.94
C PHE N 43 3.68 45.32 57.02
N GLU N 44 3.07 45.27 58.20
CA GLU N 44 1.74 45.82 58.41
C GLU N 44 1.82 47.04 59.32
N VAL N 45 0.84 47.93 59.15
CA VAL N 45 0.71 49.12 59.99
C VAL N 45 -0.74 49.26 60.40
N SER N 46 -0.96 49.94 61.51
CA SER N 46 -2.31 50.17 62.03
C SER N 46 -2.77 51.55 61.60
N VAL N 47 -3.94 51.62 60.97
CA VAL N 47 -4.51 52.85 60.44
C VAL N 47 -5.90 53.03 61.03
N GLN N 48 -6.25 54.28 61.35
CA GLN N 48 -7.56 54.63 61.87
C GLN N 48 -8.39 55.34 60.81
N SER N 49 -9.67 55.53 61.12
CA SER N 49 -10.63 56.07 60.16
C SER N 49 -10.47 57.58 60.04
N GLY N 50 -10.20 58.05 58.81
CA GLY N 50 -10.13 59.48 58.56
C GLY N 50 -8.88 60.16 59.04
N ILE N 51 -7.85 59.41 59.43
CA ILE N 51 -6.59 59.98 59.89
C ILE N 51 -5.43 59.24 59.22
N ALA N 52 -4.41 59.99 58.82
CA ALA N 52 -3.27 59.43 58.11
C ALA N 52 -2.20 58.95 59.09
N PHE N 53 -1.56 57.84 58.74
CA PHE N 53 -0.47 57.29 59.53
C PHE N 53 0.83 57.43 58.76
N LYS N 54 1.81 58.10 59.37
CA LYS N 54 3.13 58.28 58.78
C LYS N 54 3.93 56.99 58.97
N VAL N 55 4.14 56.26 57.89
CA VAL N 55 4.88 55.00 57.95
C VAL N 55 6.36 55.31 58.17
N PRO N 56 6.93 54.89 59.29
CA PRO N 56 8.34 55.18 59.55
C PRO N 56 9.27 54.24 58.78
N VAL N 57 10.42 54.78 58.40
CA VAL N 57 11.44 53.98 57.73
C VAL N 57 12.07 52.96 58.68
N GLY N 58 12.01 53.22 60.00
CA GLY N 58 12.58 52.29 60.95
C GLY N 58 11.90 50.93 60.96
N SER N 59 10.70 50.83 60.39
CA SER N 59 10.03 49.53 60.29
C SER N 59 10.72 48.60 59.32
N LEU N 60 11.48 49.14 58.37
CA LEU N 60 12.21 48.32 57.42
C LEU N 60 13.44 47.65 58.04
N PHE N 61 14.03 48.25 59.06
CA PHE N 61 15.21 47.70 59.72
C PHE N 61 14.76 46.86 60.91
N SER N 62 14.90 45.54 60.78
CA SER N 62 14.50 44.62 61.83
C SER N 62 15.10 43.25 61.53
N ALA N 63 15.20 42.43 62.57
CA ALA N 63 15.70 41.07 62.42
C ALA N 63 14.71 40.15 61.71
N ASN N 64 13.45 40.56 61.64
CA ASN N 64 12.44 39.80 60.91
C ASN N 64 12.56 39.98 59.40
N PHE N 65 13.43 40.87 58.94
CA PHE N 65 13.66 41.09 57.52
C PHE N 65 15.13 40.91 57.14
N ARG N 66 15.96 40.45 58.07
CA ARG N 66 17.40 40.31 57.86
C ARG N 66 18.06 41.64 57.56
N THR N 67 17.48 42.74 58.08
CA THR N 67 18.00 44.08 57.83
C THR N 67 18.31 44.84 59.12
N ASP N 68 18.55 44.13 60.22
CA ASP N 68 18.91 44.81 61.46
C ASP N 68 20.34 45.35 61.44
N SER N 69 21.13 44.99 60.42
CA SER N 69 22.48 45.49 60.28
C SER N 69 22.57 46.76 59.45
N PHE N 70 21.53 47.07 58.67
CA PHE N 70 21.51 48.30 57.90
C PHE N 70 21.01 49.47 58.75
N THR N 71 21.53 50.65 58.46
CA THR N 71 21.07 51.88 59.10
C THR N 71 20.37 52.81 58.13
N SER N 72 20.56 52.65 56.83
CA SER N 72 19.94 53.46 55.81
C SER N 72 19.35 52.57 54.73
N VAL N 73 18.51 53.17 53.89
CA VAL N 73 17.83 52.45 52.82
C VAL N 73 17.38 53.46 51.78
N THR N 74 17.26 52.99 50.54
CA THR N 74 16.80 53.81 49.42
C THR N 74 15.49 53.22 48.90
N VAL N 75 14.38 53.87 49.21
CA VAL N 75 13.08 53.39 48.77
C VAL N 75 12.88 53.73 47.30
N MET N 76 12.38 52.77 46.54
CA MET N 76 12.08 52.92 45.12
C MET N 76 10.60 53.02 44.82
N SER N 77 9.81 52.06 45.28
CA SER N 77 8.36 52.07 45.08
C SER N 77 7.68 51.50 46.32
N VAL N 78 6.47 52.01 46.58
CA VAL N 78 5.69 51.62 47.75
C VAL N 78 4.33 51.14 47.29
N ARG N 79 3.89 49.99 47.82
CA ARG N 79 2.58 49.45 47.53
C ARG N 79 1.82 49.17 48.81
N ALA N 80 0.50 49.35 48.76
CA ALA N 80 -0.35 49.19 49.92
C ALA N 80 -1.51 48.26 49.60
N TRP N 81 -1.94 47.52 50.63
CA TRP N 81 -3.10 46.65 50.55
C TRP N 81 -3.85 46.70 51.88
N THR N 82 -5.18 46.82 51.80
CA THR N 82 -6.00 46.82 53.01
C THR N 82 -5.97 45.44 53.65
N GLN N 83 -5.47 45.37 54.88
CA GLN N 83 -5.25 44.09 55.55
C GLN N 83 -6.46 43.57 56.30
N LEU N 84 -7.45 44.43 56.59
CA LEU N 84 -8.64 44.02 57.30
C LEU N 84 -9.88 44.43 56.51
N THR N 85 -11.03 43.92 56.94
CA THR N 85 -12.28 44.18 56.24
C THR N 85 -12.75 45.61 56.49
N PRO N 86 -13.45 46.20 55.51
CA PRO N 86 -13.89 47.58 55.64
C PRO N 86 -15.07 47.68 56.61
N PRO N 87 -15.48 48.89 56.98
CA PRO N 87 -16.69 49.04 57.79
C PRO N 87 -17.91 48.50 57.06
N VAL N 88 -19.00 48.38 57.83
CA VAL N 88 -20.23 47.84 57.27
C VAL N 88 -20.75 48.78 56.20
N ASN N 89 -21.19 48.20 55.08
CA ASN N 89 -21.80 48.88 53.93
C ASN N 89 -20.79 49.64 53.09
N GLU N 90 -19.49 49.51 53.36
CA GLU N 90 -18.47 50.28 52.64
C GLU N 90 -17.55 49.36 51.85
N TYR N 91 -16.90 49.95 50.84
CA TYR N 91 -15.83 49.30 50.10
C TYR N 91 -14.48 49.81 50.61
N SER N 92 -13.49 48.92 50.60
CA SER N 92 -12.16 49.27 51.08
C SER N 92 -11.49 50.28 50.16
N PHE N 93 -10.78 51.23 50.75
CA PHE N 93 -9.93 52.15 50.01
C PHE N 93 -8.64 52.37 50.79
N VAL N 94 -7.63 52.87 50.09
CA VAL N 94 -6.32 53.12 50.69
C VAL N 94 -5.65 54.25 49.92
N ARG N 95 -5.14 55.24 50.67
CA ARG N 95 -4.45 56.39 50.09
C ARG N 95 -2.97 56.37 50.48
N LEU N 96 -2.15 56.93 49.60
CA LEU N 96 -0.70 56.98 49.83
C LEU N 96 -0.19 58.37 49.47
N LYS N 97 0.32 59.09 50.46
CA LYS N 97 0.92 60.40 50.22
C LYS N 97 2.43 60.29 50.37
N PRO N 98 3.19 60.43 49.29
CA PRO N 98 4.65 60.29 49.39
C PRO N 98 5.25 61.41 50.23
N LEU N 99 6.19 61.04 51.07
CA LEU N 99 6.89 61.97 51.95
C LEU N 99 8.37 61.98 51.59
N PHE N 100 8.97 63.17 51.64
CA PHE N 100 10.38 63.35 51.32
C PHE N 100 10.97 64.38 52.27
N LYS N 101 12.22 64.18 52.66
CA LYS N 101 12.87 65.09 53.59
C LYS N 101 13.09 66.46 52.99
N THR N 102 13.35 66.53 51.69
CA THR N 102 13.50 67.82 51.01
C THR N 102 12.17 68.52 50.80
N GLY N 103 11.05 67.83 50.99
CA GLY N 103 9.74 68.42 50.80
C GLY N 103 8.65 67.38 50.66
N ASP N 104 7.74 67.31 51.64
CA ASP N 104 6.64 66.37 51.57
C ASP N 104 5.70 66.72 50.42
N SER N 105 5.07 65.69 49.86
CA SER N 105 4.15 65.87 48.75
C SER N 105 2.72 66.04 49.25
N THR N 106 1.82 66.33 48.32
CA THR N 106 0.39 66.44 48.61
C THR N 106 -0.44 65.48 47.78
N GLU N 107 0.20 64.59 47.02
CA GLU N 107 -0.55 63.61 46.24
C GLU N 107 -1.23 62.60 47.16
N GLU N 108 -2.35 62.06 46.70
CA GLU N 108 -3.11 61.06 47.44
C GLU N 108 -3.47 59.93 46.49
N PHE N 109 -2.48 59.14 46.11
CA PHE N 109 -2.73 58.01 45.22
C PHE N 109 -3.67 57.04 45.91
N GLU N 110 -4.88 56.91 45.39
CA GLU N 110 -5.93 56.14 46.05
C GLU N 110 -6.39 55.01 45.15
N GLY N 111 -6.54 53.82 45.75
CA GLY N 111 -7.17 52.69 45.09
C GLY N 111 -8.32 52.15 45.92
N ARG N 112 -9.47 51.94 45.28
CA ARG N 112 -10.65 51.44 45.96
C ARG N 112 -10.95 50.01 45.52
N ALA N 113 -11.59 49.27 46.41
CA ALA N 113 -12.00 47.90 46.11
C ALA N 113 -13.38 47.92 45.45
N SER N 114 -13.51 47.20 44.34
CA SER N 114 -14.81 47.10 43.69
C SER N 114 -15.68 46.01 44.30
N ASN N 115 -15.10 45.14 45.14
CA ASN N 115 -15.83 44.12 45.87
C ASN N 115 -15.59 44.33 47.35
N ILE N 116 -16.65 44.26 48.15
CA ILE N 116 -16.53 44.54 49.59
C ILE N 116 -15.61 43.52 50.26
N ASN N 117 -15.56 42.29 49.75
CA ASN N 117 -14.75 41.24 50.34
C ASN N 117 -13.33 41.21 49.77
N THR N 118 -12.97 42.20 48.95
CA THR N 118 -11.67 42.22 48.27
C THR N 118 -10.85 43.40 48.76
N ARG N 119 -9.53 43.20 48.81
CA ARG N 119 -8.63 44.25 49.24
C ARG N 119 -8.68 45.45 48.30
N ALA N 120 -8.19 46.58 48.80
CA ALA N 120 -7.99 47.77 48.00
C ALA N 120 -6.50 47.99 47.83
N SER N 121 -6.07 48.13 46.59
CA SER N 121 -4.65 48.17 46.26
C SER N 121 -4.30 49.47 45.54
N VAL N 122 -3.19 50.06 45.96
CA VAL N 122 -2.66 51.24 45.30
C VAL N 122 -1.16 51.29 45.58
N GLY N 123 -0.43 52.04 44.76
CA GLY N 123 1.01 52.16 44.94
C GLY N 123 1.55 53.31 44.12
N TYR N 124 2.77 53.70 44.46
CA TYR N 124 3.45 54.79 43.77
C TYR N 124 4.93 54.50 43.63
N ARG N 125 5.55 55.11 42.63
CA ARG N 125 6.96 54.92 42.33
C ARG N 125 7.71 56.21 42.58
N ILE N 126 8.83 56.11 43.27
CA ILE N 126 9.68 57.28 43.52
C ILE N 126 10.59 57.50 42.31
N PRO N 127 10.65 58.70 41.75
CA PRO N 127 11.54 58.93 40.61
C PRO N 127 13.00 58.79 41.02
N THR N 128 13.86 58.70 40.00
CA THR N 128 15.28 58.52 40.26
C THR N 128 15.89 59.75 40.94
N ASN N 129 15.36 60.93 40.66
CA ASN N 129 15.93 62.14 41.22
C ASN N 129 15.62 62.28 42.71
N LEU N 130 14.63 61.54 43.21
CA LEU N 130 14.23 61.60 44.62
C LEU N 130 14.65 60.37 45.40
N ARG N 131 15.44 59.48 44.80
CA ARG N 131 15.84 58.24 45.46
C ARG N 131 17.14 58.48 46.23
N GLN N 132 16.98 59.04 47.43
CA GLN N 132 18.07 59.22 48.38
C GLN N 132 17.85 58.29 49.57
N ASN N 133 18.82 58.29 50.48
CA ASN N 133 18.76 57.44 51.65
C ASN N 133 17.83 58.02 52.71
N THR N 134 17.18 57.13 53.46
CA THR N 134 16.32 57.52 54.56
C THR N 134 16.65 56.70 55.79
N VAL N 135 16.73 57.35 56.94
CA VAL N 135 17.10 56.69 58.18
C VAL N 135 15.82 56.32 58.94
N ALA N 136 15.98 55.67 60.09
CA ALA N 136 14.82 55.19 60.84
C ALA N 136 13.93 56.32 61.31
N VAL N 137 14.51 57.50 61.56
CA VAL N 137 13.73 58.64 62.03
C VAL N 137 12.78 59.13 60.93
N ASP N 138 13.16 58.93 59.68
CA ASP N 138 12.38 59.45 58.57
C ASP N 138 11.10 58.63 58.38
N ASN N 139 10.26 59.13 57.47
CA ASN N 139 9.00 58.50 57.13
C ASN N 139 8.94 58.28 55.63
N VAL N 140 8.22 57.23 55.23
CA VAL N 140 8.10 56.90 53.81
C VAL N 140 6.90 57.64 53.23
N CYS N 141 5.72 57.36 53.77
CA CYS N 141 4.50 57.91 53.22
C CYS N 141 3.42 57.90 54.30
N GLU N 142 2.35 58.65 54.04
CA GLU N 142 1.17 58.62 54.89
C GLU N 142 0.16 57.65 54.31
N VAL N 143 -0.44 56.85 55.18
CA VAL N 143 -1.40 55.82 54.78
C VAL N 143 -2.75 56.17 55.36
N ARG N 144 -3.74 56.35 54.48
CA ARG N 144 -5.12 56.53 54.88
C ARG N 144 -5.94 55.34 54.40
N SER N 145 -6.86 54.88 55.24
CA SER N 145 -7.72 53.77 54.88
C SER N 145 -8.89 53.70 55.85
N ASN N 146 -10.05 53.31 55.34
CA ASN N 146 -11.19 52.99 56.19
C ASN N 146 -11.03 51.64 56.88
N CYS N 147 -10.02 50.85 56.50
CA CYS N 147 -9.72 49.60 57.18
C CYS N 147 -8.74 49.84 58.33
N ARG N 148 -8.81 48.98 59.34
CA ARG N 148 -8.03 49.18 60.55
C ARG N 148 -6.54 48.88 60.38
N GLN N 149 -6.16 48.11 59.36
CA GLN N 149 -4.77 47.81 59.08
C GLN N 149 -4.54 47.84 57.59
N VAL N 150 -3.27 48.04 57.20
CA VAL N 150 -2.88 48.10 55.80
C VAL N 150 -1.61 47.27 55.63
N ALA N 151 -1.59 46.43 54.60
CA ALA N 151 -0.38 45.69 54.24
C ALA N 151 0.44 46.52 53.27
N LEU N 152 1.74 46.58 53.52
CA LEU N 152 2.67 47.37 52.73
C LEU N 152 3.79 46.50 52.21
N VAL N 153 4.13 46.64 50.93
CA VAL N 153 5.27 45.97 50.32
C VAL N 153 6.13 47.05 49.68
N ILE N 154 7.27 47.33 50.28
CA ILE N 154 8.11 48.46 49.90
C ILE N 154 9.35 47.94 49.18
N SER N 155 9.47 48.26 47.90
CA SER N 155 10.65 47.90 47.12
C SER N 155 11.73 48.94 47.37
N CYS N 156 12.79 48.53 48.06
CA CYS N 156 13.84 49.46 48.46
C CYS N 156 15.21 48.81 48.24
N CYS N 157 16.25 49.60 48.48
CA CYS N 157 17.63 49.16 48.36
C CYS N 157 18.34 49.48 49.67
N PHE N 158 18.63 48.46 50.46
CA PHE N 158 19.30 48.63 51.74
C PHE N 158 20.79 48.86 51.54
N ASN N 159 21.32 49.91 52.16
CA ASN N 159 22.75 50.19 52.12
C ASN N 159 23.24 50.77 53.43
N ARG O 10 -2.68 2.34 -1.33
CA ARG O 10 -4.05 1.84 -1.19
C ARG O 10 -4.17 0.90 0.00
N LYS O 11 -3.53 -0.27 -0.11
CA LYS O 11 -3.60 -1.30 0.93
C LYS O 11 -2.47 -1.07 1.94
N SER O 12 -2.76 -0.24 2.95
CA SER O 12 -1.81 0.05 4.02
C SER O 12 -2.50 0.75 5.18
N THR O 13 -3.68 0.29 5.55
CA THR O 13 -4.46 0.87 6.65
C THR O 13 -4.57 -0.16 7.77
N GLY O 14 -3.84 0.05 8.86
CA GLY O 14 -3.87 -0.91 9.94
C GLY O 14 -3.27 -0.52 11.28
N ASP O 15 -4.13 -0.05 12.18
CA ASP O 15 -3.77 0.21 13.57
C ASP O 15 -4.93 -0.07 14.53
N ASN O 16 -6.09 -0.52 14.02
CA ASN O 16 -7.28 -0.80 14.82
C ASN O 16 -7.53 -2.31 14.80
N SER O 17 -7.08 -2.99 15.84
CA SER O 17 -7.22 -4.44 15.95
C SER O 17 -8.52 -4.78 16.67
N ASN O 18 -9.18 -5.85 16.20
CA ASN O 18 -10.41 -6.34 16.82
C ASN O 18 -10.26 -7.68 17.52
N VAL O 19 -9.20 -8.42 17.23
CA VAL O 19 -8.95 -9.72 17.85
C VAL O 19 -7.56 -9.68 18.49
N VAL O 20 -7.25 -10.75 19.21
CA VAL O 20 -5.95 -10.87 19.84
C VAL O 20 -4.89 -11.17 18.78
N THR O 21 -3.72 -10.58 18.96
CA THR O 21 -2.59 -10.82 18.08
C THR O 21 -1.44 -11.41 18.88
N MET O 22 -0.52 -12.04 18.18
CA MET O 22 0.61 -12.70 18.81
CA MET O 22 0.62 -12.71 18.80
C MET O 22 1.78 -11.74 18.96
N ILE O 23 2.49 -11.86 20.09
CA ILE O 23 3.64 -11.04 20.41
C ILE O 23 4.87 -11.93 20.38
N ARG O 24 5.74 -11.71 19.40
CA ARG O 24 6.98 -12.50 19.25
C ARG O 24 8.01 -11.98 20.25
N ALA O 25 7.94 -12.50 21.46
CA ALA O 25 8.83 -12.11 22.54
C ALA O 25 10.15 -12.86 22.44
N GLY O 26 11.18 -12.26 23.04
CA GLY O 26 12.52 -12.82 22.95
C GLY O 26 13.02 -13.29 24.30
N SER O 27 14.22 -12.83 24.67
CA SER O 27 14.76 -13.23 25.96
C SER O 27 14.01 -12.54 27.10
N TYR O 28 14.22 -13.05 28.30
CA TYR O 28 13.50 -12.51 29.46
C TYR O 28 14.02 -11.10 29.76
N PRO O 29 13.14 -10.12 29.91
CA PRO O 29 13.59 -8.74 30.07
C PRO O 29 13.97 -8.44 31.52
N LYS O 30 14.55 -7.26 31.70
CA LYS O 30 14.84 -6.76 33.04
C LYS O 30 13.55 -6.26 33.67
N VAL O 31 13.25 -6.74 34.87
CA VAL O 31 11.98 -6.46 35.52
C VAL O 31 12.23 -5.78 36.85
N ASN O 32 11.19 -5.12 37.36
CA ASN O 32 11.23 -4.48 38.68
C ASN O 32 9.82 -4.45 39.23
N PRO O 33 9.51 -5.33 40.19
CA PRO O 33 8.11 -5.42 40.67
C PRO O 33 7.70 -4.26 41.55
N THR O 34 8.63 -3.47 42.08
CA THR O 34 8.33 -2.36 42.99
C THR O 34 9.05 -1.11 42.50
N PRO O 35 8.60 -0.51 41.40
CA PRO O 35 9.32 0.62 40.81
C PRO O 35 9.01 1.92 41.53
N THR O 36 9.59 3.01 41.00
CA THR O 36 9.35 4.33 41.56
C THR O 36 8.01 4.87 41.11
N TRP O 37 7.66 6.07 41.57
CA TRP O 37 6.37 6.67 41.23
C TRP O 37 6.43 8.16 41.52
N VAL O 38 6.14 8.98 40.52
CA VAL O 38 6.02 10.41 40.71
C VAL O 38 4.55 10.71 41.00
N ARG O 39 4.31 11.50 42.05
CA ARG O 39 2.95 11.70 42.55
C ARG O 39 2.77 13.15 43.00
N ALA O 40 1.51 13.49 43.25
CA ALA O 40 1.10 14.78 43.82
C ALA O 40 0.12 14.44 44.94
N ILE O 41 0.64 14.35 46.17
CA ILE O 41 -0.12 13.83 47.30
C ILE O 41 -0.89 14.98 47.93
N PRO O 42 -2.23 14.91 47.98
CA PRO O 42 -2.98 15.94 48.70
C PRO O 42 -3.39 15.51 50.11
N PHE O 43 -3.14 16.36 51.11
CA PHE O 43 -3.55 16.06 52.47
C PHE O 43 -3.62 17.36 53.26
N GLU O 44 -4.23 17.29 54.43
CA GLU O 44 -4.47 18.46 55.27
C GLU O 44 -3.84 18.25 56.64
N VAL O 45 -3.57 19.36 57.32
CA VAL O 45 -2.99 19.34 58.66
C VAL O 45 -3.70 20.40 59.52
N SER O 46 -3.72 20.16 60.83
CA SER O 46 -4.30 21.10 61.78
C SER O 46 -3.26 22.14 62.16
N VAL O 47 -3.67 23.40 62.17
CA VAL O 47 -2.79 24.53 62.46
C VAL O 47 -3.40 25.35 63.58
N GLN O 48 -2.55 25.76 64.53
CA GLN O 48 -2.95 26.62 65.63
C GLN O 48 -2.45 28.04 65.38
N SER O 49 -3.12 29.00 66.03
CA SER O 49 -2.79 30.40 65.80
C SER O 49 -1.45 30.75 66.42
N GLY O 50 -0.57 31.34 65.62
CA GLY O 50 0.75 31.75 66.07
C GLY O 50 1.73 30.63 66.31
N ILE O 51 1.34 29.38 66.12
CA ILE O 51 2.19 28.22 66.38
C ILE O 51 2.51 27.53 65.06
N ALA O 52 3.76 27.16 64.89
CA ALA O 52 4.23 26.51 63.67
C ALA O 52 4.09 25.00 63.80
N PHE O 53 3.48 24.38 62.79
CA PHE O 53 3.26 22.95 62.76
C PHE O 53 4.24 22.31 61.79
N LYS O 54 4.99 21.32 62.28
CA LYS O 54 5.93 20.59 61.44
C LYS O 54 5.20 19.48 60.70
N VAL O 55 5.26 19.53 59.37
CA VAL O 55 4.57 18.53 58.54
C VAL O 55 5.42 17.28 58.45
N PRO O 56 4.95 16.15 58.98
CA PRO O 56 5.75 14.93 58.93
C PRO O 56 5.73 14.29 57.55
N VAL O 57 6.87 13.68 57.20
CA VAL O 57 6.96 12.98 55.92
C VAL O 57 6.13 11.71 55.96
N GLY O 58 5.91 11.14 57.15
CA GLY O 58 5.09 9.94 57.26
C GLY O 58 3.68 10.12 56.77
N SER O 59 3.22 11.37 56.62
CA SER O 59 1.90 11.63 56.07
C SER O 59 1.82 11.26 54.60
N LEU O 60 2.97 11.14 53.93
CA LEU O 60 3.00 10.77 52.52
C LEU O 60 2.85 9.26 52.34
N PHE O 61 3.42 8.47 53.25
CA PHE O 61 3.31 7.02 53.18
C PHE O 61 1.99 6.62 53.81
N SER O 62 1.01 6.27 52.97
CA SER O 62 -0.31 5.93 53.47
C SER O 62 -1.00 5.04 52.44
N ALA O 63 -1.92 4.21 52.94
CA ALA O 63 -2.75 3.43 52.04
C ALA O 63 -3.77 4.30 51.32
N ASN O 64 -4.10 5.47 51.88
CA ASN O 64 -5.02 6.39 51.22
C ASN O 64 -4.39 7.05 50.00
N PHE O 65 -3.10 6.85 49.76
CA PHE O 65 -2.40 7.40 48.61
C PHE O 65 -1.76 6.32 47.75
N ARG O 66 -1.99 5.05 48.07
CA ARG O 66 -1.29 3.92 47.44
C ARG O 66 0.22 3.98 47.68
N THR O 67 0.65 4.68 48.73
CA THR O 67 2.08 4.86 48.99
C THR O 67 2.50 4.22 50.31
N ASP O 68 1.66 3.34 50.88
CA ASP O 68 2.00 2.70 52.14
C ASP O 68 3.14 1.70 52.01
N SER O 69 3.53 1.35 50.79
CA SER O 69 4.62 0.41 50.55
C SER O 69 5.99 1.07 50.51
N PHE O 70 6.04 2.39 50.42
CA PHE O 70 7.31 3.12 50.39
C PHE O 70 7.79 3.43 51.79
N THR O 71 9.11 3.57 51.92
CA THR O 71 9.74 4.00 53.16
C THR O 71 10.53 5.29 53.02
N SER O 72 10.80 5.74 51.79
CA SER O 72 11.51 6.97 51.55
C SER O 72 10.88 7.68 50.36
N VAL O 73 11.13 8.98 50.26
CA VAL O 73 10.57 9.80 49.19
C VAL O 73 11.48 10.99 48.95
N THR O 74 11.57 11.41 47.70
CA THR O 74 12.35 12.57 47.29
C THR O 74 11.38 13.71 46.98
N VAL O 75 11.22 14.62 47.93
CA VAL O 75 10.31 15.74 47.77
C VAL O 75 10.93 16.75 46.80
N MET O 76 10.12 17.21 45.85
CA MET O 76 10.55 18.19 44.86
C MET O 76 9.98 19.58 45.10
N SER O 77 8.70 19.68 45.40
CA SER O 77 8.07 20.96 45.62
C SER O 77 6.89 20.80 46.59
N VAL O 78 6.59 21.87 47.31
CA VAL O 78 5.50 21.89 48.29
C VAL O 78 4.63 23.10 48.00
N ARG O 79 3.31 22.87 47.93
CA ARG O 79 2.33 23.93 47.78
C ARG O 79 1.29 23.80 48.88
N ALA O 80 0.77 24.93 49.35
CA ALA O 80 -0.14 24.93 50.48
C ALA O 80 -1.30 25.88 50.22
N TRP O 81 -2.49 25.44 50.60
CA TRP O 81 -3.70 26.26 50.53
C TRP O 81 -4.39 26.23 51.88
N THR O 82 -5.01 27.35 52.26
CA THR O 82 -5.77 27.40 53.48
C THR O 82 -7.06 26.60 53.31
N GLN O 83 -7.35 25.73 54.28
CA GLN O 83 -8.47 24.82 54.15
C GLN O 83 -9.73 25.33 54.84
N LEU O 84 -9.61 26.19 55.84
CA LEU O 84 -10.76 26.73 56.55
C LEU O 84 -10.75 28.25 56.49
N THR O 85 -11.86 28.85 56.89
CA THR O 85 -12.01 30.29 56.81
C THR O 85 -11.11 30.99 57.81
N PRO O 86 -10.71 32.22 57.53
CA PRO O 86 -9.84 32.97 58.45
C PRO O 86 -10.64 33.53 59.61
N PRO O 87 -9.97 34.13 60.59
CA PRO O 87 -10.70 34.84 61.64
C PRO O 87 -11.53 35.98 61.08
N VAL O 88 -12.40 36.52 61.93
CA VAL O 88 -13.26 37.62 61.52
C VAL O 88 -12.42 38.84 61.21
N ASN O 89 -12.80 39.55 60.14
CA ASN O 89 -12.20 40.79 59.65
C ASN O 89 -10.84 40.58 59.00
N GLU O 90 -10.33 39.35 58.93
CA GLU O 90 -9.00 39.08 58.43
C GLU O 90 -9.05 38.34 57.09
N TYR O 91 -8.01 38.54 56.29
CA TYR O 91 -7.80 37.77 55.06
C TYR O 91 -6.89 36.59 55.34
N SER O 92 -7.14 35.48 54.67
CA SER O 92 -6.36 34.27 54.91
C SER O 92 -4.92 34.47 54.49
N PHE O 93 -4.00 33.88 55.24
CA PHE O 93 -2.60 33.84 54.85
C PHE O 93 -2.04 32.48 55.23
N VAL O 94 -0.89 32.17 54.65
CA VAL O 94 -0.18 30.92 54.92
C VAL O 94 1.29 31.13 54.66
N ARG O 95 2.14 30.52 55.48
CA ARG O 95 3.58 30.62 55.37
C ARG O 95 4.19 29.22 55.34
N LEU O 96 5.35 29.11 54.70
CA LEU O 96 6.06 27.83 54.61
C LEU O 96 7.54 28.05 54.90
N LYS O 97 8.12 27.18 55.72
CA LYS O 97 9.56 27.22 56.04
C LYS O 97 10.18 25.87 55.74
N PRO O 98 10.94 25.75 54.64
CA PRO O 98 11.52 24.45 54.29
C PRO O 98 12.46 23.94 55.36
N LEU O 99 12.43 22.61 55.56
CA LEU O 99 13.27 21.95 56.53
C LEU O 99 14.12 20.90 55.82
N PHE O 100 15.36 20.73 56.28
CA PHE O 100 16.29 19.78 55.70
C PHE O 100 17.13 19.15 56.79
N LYS O 101 17.45 17.86 56.61
CA LYS O 101 18.23 17.15 57.61
C LYS O 101 19.67 17.66 57.66
N THR O 102 20.16 18.19 56.55
CA THR O 102 21.49 18.79 56.54
C THR O 102 21.51 20.20 57.09
N GLY O 103 20.34 20.80 57.32
CA GLY O 103 20.28 22.16 57.80
C GLY O 103 18.98 22.81 57.40
N ASP O 104 18.16 23.18 58.39
CA ASP O 104 16.87 23.78 58.14
C ASP O 104 17.04 25.19 57.58
N SER O 105 16.07 25.59 56.76
CA SER O 105 16.09 26.92 56.15
C SER O 105 15.28 27.90 56.99
N THR O 106 15.57 29.19 56.80
CA THR O 106 14.92 30.26 57.52
C THR O 106 14.07 31.15 56.62
N GLU O 107 13.63 30.63 55.48
CA GLU O 107 12.73 31.36 54.59
C GLU O 107 11.28 31.09 54.97
N GLU O 108 10.44 32.10 54.84
CA GLU O 108 9.01 31.99 55.15
C GLU O 108 8.23 32.47 53.94
N PHE O 109 8.13 31.61 52.93
CA PHE O 109 7.37 31.94 51.74
C PHE O 109 5.90 32.11 52.10
N GLU O 110 5.40 33.33 51.96
CA GLU O 110 4.06 33.69 52.39
C GLU O 110 3.21 34.08 51.20
N GLY O 111 1.97 33.60 51.20
CA GLY O 111 0.99 33.97 50.20
C GLY O 111 -0.34 34.27 50.85
N ARG O 112 -0.83 35.49 50.70
CA ARG O 112 -2.06 35.90 51.36
C ARG O 112 -3.22 35.86 50.37
N ALA O 113 -4.41 36.15 50.88
CA ALA O 113 -5.63 36.18 50.09
C ALA O 113 -6.11 37.60 49.93
N SER O 114 -6.36 38.00 48.69
CA SER O 114 -6.94 39.31 48.40
C SER O 114 -8.46 39.32 48.56
N ASN O 115 -9.04 38.17 48.89
CA ASN O 115 -10.47 38.05 49.15
C ASN O 115 -10.65 37.18 50.38
N ILE O 116 -11.41 37.69 51.35
CA ILE O 116 -11.59 36.98 52.62
C ILE O 116 -12.18 35.59 52.38
N ASN O 117 -13.04 35.45 51.38
CA ASN O 117 -13.66 34.17 51.08
C ASN O 117 -12.77 33.26 50.24
N THR O 118 -11.63 33.75 49.78
CA THR O 118 -10.76 33.00 48.90
C THR O 118 -9.57 32.43 49.66
N ARG O 119 -9.14 31.22 49.28
CA ARG O 119 -7.98 30.59 49.89
C ARG O 119 -6.73 31.45 49.71
N ALA O 120 -5.78 31.26 50.62
CA ALA O 120 -4.45 31.82 50.51
C ALA O 120 -3.49 30.71 50.10
N SER O 121 -2.70 30.97 49.07
CA SER O 121 -1.84 29.94 48.49
C SER O 121 -0.41 30.43 48.39
N VAL O 122 0.52 29.49 48.51
CA VAL O 122 1.94 29.77 48.35
C VAL O 122 2.65 28.43 48.21
N GLY O 123 3.86 28.47 47.66
CA GLY O 123 4.63 27.25 47.50
C GLY O 123 6.08 27.54 47.22
N TYR O 124 6.89 26.49 47.34
CA TYR O 124 8.32 26.59 47.10
C TYR O 124 8.82 25.34 46.36
N ARG O 125 9.90 25.52 45.62
CA ARG O 125 10.54 24.44 44.87
C ARG O 125 11.91 24.14 45.47
N ILE O 126 12.20 22.87 45.65
CA ILE O 126 13.47 22.43 46.23
C ILE O 126 14.49 22.29 45.11
N PRO O 127 15.70 22.81 45.26
CA PRO O 127 16.70 22.70 44.20
C PRO O 127 17.22 21.28 44.07
N THR O 128 17.81 21.01 42.91
CA THR O 128 18.31 19.67 42.63
C THR O 128 19.36 19.24 43.64
N ASN O 129 20.18 20.18 44.11
CA ASN O 129 21.24 19.85 45.05
C ASN O 129 20.73 19.45 46.43
N LEU O 130 19.46 19.70 46.73
CA LEU O 130 18.87 19.40 48.03
C LEU O 130 17.73 18.38 47.94
N ARG O 131 17.66 17.63 46.85
CA ARG O 131 16.62 16.63 46.66
C ARG O 131 17.17 15.27 47.03
N GLN O 132 17.20 15.01 48.33
CA GLN O 132 17.57 13.72 48.90
C GLN O 132 16.35 13.04 49.50
N ASN O 133 16.52 11.79 49.91
CA ASN O 133 15.43 11.04 50.50
C ASN O 133 15.07 11.56 51.89
N THR O 134 13.82 11.34 52.28
CA THR O 134 13.32 11.69 53.60
C THR O 134 12.44 10.56 54.09
N VAL O 135 12.70 10.08 55.30
CA VAL O 135 11.91 9.00 55.88
C VAL O 135 10.76 9.58 56.69
N ALA O 136 9.93 8.71 57.27
CA ALA O 136 8.72 9.18 57.94
C ALA O 136 9.06 10.03 59.16
N ALA O 137 10.15 9.70 59.87
CA ALA O 137 10.55 10.46 61.04
C ALA O 137 10.98 11.88 60.71
N ASP O 138 11.35 12.14 59.46
CA ASP O 138 11.77 13.47 59.06
C ASP O 138 10.55 14.39 58.95
N ASN O 139 10.83 15.66 58.68
CA ASN O 139 9.81 16.66 58.47
C ASN O 139 10.09 17.42 57.18
N VAL O 140 9.02 17.94 56.58
CA VAL O 140 9.15 18.64 55.30
C VAL O 140 9.33 20.12 55.55
N CYS O 141 8.40 20.72 56.29
CA CYS O 141 8.42 22.16 56.49
C CYS O 141 7.53 22.51 57.65
N GLU O 142 7.69 23.75 58.14
CA GLU O 142 6.80 24.35 59.12
C GLU O 142 5.72 25.15 58.40
N VAL O 143 4.50 25.11 58.96
CA VAL O 143 3.34 25.78 58.37
C VAL O 143 2.72 26.69 59.42
N ARG O 144 2.51 27.95 59.04
CA ARG O 144 1.82 28.93 59.87
C ARG O 144 0.66 29.53 59.10
N SER O 145 -0.47 29.73 59.78
CA SER O 145 -1.66 30.28 59.15
C SER O 145 -2.62 30.75 60.23
N ASN O 146 -3.40 31.78 59.90
CA ASN O 146 -4.46 32.21 60.80
C ASN O 146 -5.66 31.29 60.76
N CYS O 147 -5.73 30.38 59.79
CA CYS O 147 -6.78 29.39 59.70
C CYS O 147 -6.40 28.14 60.48
N ARG O 148 -7.41 27.40 60.92
CA ARG O 148 -7.17 26.25 61.78
C ARG O 148 -6.83 24.98 61.01
N GLN O 149 -6.74 25.06 59.69
CA GLN O 149 -6.41 23.89 58.90
C GLN O 149 -5.89 24.35 57.55
N VAL O 150 -4.85 23.67 57.06
CA VAL O 150 -4.21 23.99 55.80
C VAL O 150 -4.14 22.73 54.95
N ALA O 151 -4.39 22.89 53.65
CA ALA O 151 -4.30 21.81 52.68
C ALA O 151 -2.99 21.90 51.92
N LEU O 152 -2.35 20.76 51.70
CA LEU O 152 -1.07 20.69 51.03
C LEU O 152 -1.14 19.78 49.81
N VAL O 153 -0.35 20.11 48.79
CA VAL O 153 -0.13 19.25 47.63
C VAL O 153 1.37 19.21 47.38
N ILE O 154 1.96 18.02 47.49
CA ILE O 154 3.41 17.85 47.44
C ILE O 154 3.77 17.03 46.22
N SER O 155 4.51 17.63 45.29
CA SER O 155 5.05 16.91 44.15
C SER O 155 6.32 16.21 44.58
N CYS O 156 6.28 14.88 44.66
CA CYS O 156 7.40 14.11 45.20
C CYS O 156 7.57 12.83 44.39
N CYS O 157 8.76 12.25 44.51
CA CYS O 157 9.13 11.02 43.83
C CYS O 157 9.32 9.92 44.87
N PHE O 158 8.36 9.02 44.97
CA PHE O 158 8.47 7.91 45.90
C PHE O 158 9.46 6.88 45.38
N ASN O 159 10.28 6.35 46.29
CA ASN O 159 11.21 5.29 45.95
C ASN O 159 11.47 4.38 47.14
N ASN BA 16 -15.76 5.03 -43.84
CA ASN BA 16 -15.69 5.18 -45.29
C ASN BA 16 -17.08 5.06 -45.92
N SER BA 17 -17.15 5.26 -47.23
CA SER BA 17 -18.41 5.19 -47.95
C SER BA 17 -18.85 3.74 -48.13
N ASN BA 18 -20.16 3.51 -47.97
CA ASN BA 18 -20.76 2.21 -48.20
C ASN BA 18 -21.64 2.17 -49.43
N VAL BA 19 -21.85 3.30 -50.10
CA VAL BA 19 -22.67 3.37 -51.30
C VAL BA 19 -21.98 4.24 -52.33
N VAL BA 20 -22.52 4.21 -53.54
CA VAL BA 20 -22.03 5.06 -54.62
C VAL BA 20 -22.21 6.51 -54.24
N THR BA 21 -21.33 7.36 -54.78
CA THR BA 21 -21.40 8.81 -54.60
C THR BA 21 -21.27 9.49 -55.95
N MET BA 22 -21.69 10.75 -56.01
CA MET BA 22 -21.69 11.48 -57.27
C MET BA 22 -20.37 12.21 -57.47
N ILE BA 23 -19.88 12.21 -58.70
CA ILE BA 23 -18.67 12.92 -59.09
C ILE BA 23 -19.09 14.10 -59.96
N ARG BA 24 -18.66 15.30 -59.58
CA ARG BA 24 -18.97 16.52 -60.33
C ARG BA 24 -17.89 16.74 -61.39
N ALA BA 25 -17.93 15.89 -62.41
CA ALA BA 25 -16.97 15.95 -63.50
C ALA BA 25 -17.22 17.15 -64.39
N GLY BA 26 -16.14 17.80 -64.82
CA GLY BA 26 -16.24 18.99 -65.65
C GLY BA 26 -16.03 18.71 -67.11
N SER BA 27 -15.14 19.47 -67.74
CA SER BA 27 -14.90 19.31 -69.16
C SER BA 27 -14.30 17.94 -69.48
N TYR BA 28 -14.43 17.54 -70.73
CA TYR BA 28 -13.85 16.29 -71.16
C TYR BA 28 -12.34 16.36 -71.06
N PRO BA 29 -11.69 15.39 -70.46
CA PRO BA 29 -10.24 15.46 -70.22
C PRO BA 29 -9.46 14.99 -71.44
N LYS BA 30 -8.12 15.03 -71.30
CA LYS BA 30 -7.25 14.41 -72.27
C LYS BA 30 -7.22 12.90 -72.04
N VAL BA 31 -7.42 12.13 -73.10
CA VAL BA 31 -7.51 10.68 -72.98
C VAL BA 31 -6.45 10.02 -73.86
N ASN BA 32 -6.21 8.74 -73.60
CA ASN BA 32 -5.26 7.94 -74.38
C ASN BA 32 -5.65 6.48 -74.27
N PRO BA 33 -6.27 5.89 -75.29
CA PRO BA 33 -6.73 4.49 -75.17
C PRO BA 33 -5.59 3.48 -75.17
N THR BA 34 -4.40 3.86 -75.64
CA THR BA 34 -3.25 2.97 -75.75
C THR BA 34 -2.07 3.65 -75.07
N PRO BA 35 -1.97 3.55 -73.75
CA PRO BA 35 -0.88 4.24 -73.05
C PRO BA 35 0.42 3.44 -73.03
N THR BA 36 1.36 3.86 -72.20
CA THR BA 36 2.62 3.17 -72.03
C THR BA 36 2.53 2.22 -70.83
N TRP BA 37 3.60 1.43 -70.62
CA TRP BA 37 3.62 0.42 -69.57
C TRP BA 37 5.07 0.04 -69.28
N VAL BA 38 5.54 0.35 -68.07
CA VAL BA 38 6.84 -0.10 -67.59
C VAL BA 38 6.65 -1.48 -66.97
N ARG BA 39 7.48 -2.44 -67.39
CA ARG BA 39 7.30 -3.83 -67.00
C ARG BA 39 8.64 -4.50 -66.78
N ALA BA 40 8.60 -5.69 -66.15
CA ALA BA 40 9.72 -6.61 -66.10
C ALA BA 40 9.25 -7.95 -66.66
N ILE BA 41 9.81 -8.33 -67.81
CA ILE BA 41 9.30 -9.44 -68.60
C ILE BA 41 10.13 -10.68 -68.28
N PRO BA 42 9.54 -11.72 -67.68
CA PRO BA 42 10.28 -12.96 -67.45
C PRO BA 42 10.10 -13.97 -68.56
N PHE BA 43 11.18 -14.29 -69.25
CA PHE BA 43 11.14 -15.29 -70.31
C PHE BA 43 12.51 -15.94 -70.40
N GLU BA 44 12.53 -17.16 -70.92
CA GLU BA 44 13.75 -17.95 -71.01
C GLU BA 44 14.22 -18.02 -72.46
N VAL BA 45 15.52 -18.20 -72.62
CA VAL BA 45 16.14 -18.38 -73.93
C VAL BA 45 17.03 -19.61 -73.87
N SER BA 46 17.19 -20.26 -75.03
CA SER BA 46 17.98 -21.48 -75.13
C SER BA 46 19.41 -21.15 -75.53
N VAL BA 47 20.36 -21.48 -74.66
CA VAL BA 47 21.76 -21.20 -74.87
C VAL BA 47 22.51 -22.51 -75.03
N GLN BA 48 23.53 -22.51 -75.87
CA GLN BA 48 24.29 -23.70 -76.20
C GLN BA 48 25.75 -23.51 -75.82
N SER BA 49 26.42 -24.61 -75.51
CA SER BA 49 27.77 -24.54 -74.93
C SER BA 49 28.74 -23.89 -75.90
N GLY BA 50 29.50 -22.93 -75.40
CA GLY BA 50 30.50 -22.25 -76.21
C GLY BA 50 29.91 -21.46 -77.35
N ILE BA 51 28.74 -20.87 -77.13
CA ILE BA 51 28.00 -20.19 -78.19
C ILE BA 51 27.21 -19.05 -77.57
N ALA BA 52 27.13 -17.94 -78.31
CA ALA BA 52 26.36 -16.79 -77.88
C ALA BA 52 25.00 -16.78 -78.58
N PHE BA 53 23.97 -16.44 -77.82
CA PHE BA 53 22.60 -16.35 -78.31
C PHE BA 53 22.16 -14.89 -78.31
N LYS BA 54 21.83 -14.38 -79.49
CA LYS BA 54 21.33 -13.01 -79.62
C LYS BA 54 19.87 -12.99 -79.18
N VAL BA 55 19.59 -12.34 -78.06
CA VAL BA 55 18.24 -12.28 -77.49
C VAL BA 55 17.38 -11.34 -78.31
N PRO BA 56 16.34 -11.83 -78.98
CA PRO BA 56 15.52 -10.96 -79.82
C PRO BA 56 14.55 -10.13 -79.00
N VAL BA 57 14.42 -8.86 -79.40
CA VAL BA 57 13.45 -7.97 -78.76
C VAL BA 57 12.04 -8.43 -79.02
N GLY BA 58 11.80 -9.15 -80.12
CA GLY BA 58 10.48 -9.64 -80.44
C GLY BA 58 9.92 -10.61 -79.41
N SER BA 59 10.78 -11.20 -78.58
CA SER BA 59 10.32 -12.03 -77.49
C SER BA 59 9.62 -11.24 -76.40
N LEU BA 60 9.73 -9.91 -76.42
CA LEU BA 60 9.09 -9.06 -75.43
C LEU BA 60 7.67 -8.68 -75.82
N PHE BA 61 7.36 -8.68 -77.11
CA PHE BA 61 6.00 -8.45 -77.60
C PHE BA 61 5.31 -9.79 -77.73
N SER BA 62 4.32 -10.05 -76.87
CA SER BA 62 3.59 -11.30 -76.88
C SER BA 62 2.33 -11.13 -76.06
N ALA BA 63 1.34 -11.97 -76.37
CA ALA BA 63 0.12 -12.01 -75.57
C ALA BA 63 0.35 -12.68 -74.22
N ASN BA 64 1.44 -13.43 -74.07
CA ASN BA 64 1.80 -14.06 -72.81
C ASN BA 64 2.35 -13.06 -71.80
N PHE BA 65 2.59 -11.83 -72.22
CA PHE BA 65 2.95 -10.73 -71.33
C PHE BA 65 2.03 -9.54 -71.48
N ARG BA 66 0.94 -9.68 -72.24
CA ARG BA 66 -0.04 -8.63 -72.52
C ARG BA 66 0.55 -7.49 -73.36
N THR BA 67 1.68 -7.73 -74.04
CA THR BA 67 2.37 -6.68 -74.78
C THR BA 67 2.35 -6.91 -76.28
N ASP BA 68 1.42 -7.72 -76.78
CA ASP BA 68 1.30 -7.92 -78.23
C ASP BA 68 0.76 -6.70 -78.94
N SER BA 69 0.28 -5.70 -78.20
CA SER BA 69 -0.21 -4.46 -78.77
C SER BA 69 0.89 -3.42 -78.96
N PHE BA 70 2.10 -3.71 -78.50
CA PHE BA 70 3.22 -2.81 -78.64
C PHE BA 70 4.12 -3.24 -79.80
N THR BA 71 4.74 -2.26 -80.45
CA THR BA 71 5.70 -2.51 -81.51
C THR BA 71 7.10 -2.00 -81.20
N SER BA 72 7.28 -1.20 -80.15
CA SER BA 72 8.58 -0.70 -79.74
C SER BA 72 8.68 -0.76 -78.22
N VAL BA 73 9.92 -0.78 -77.72
CA VAL BA 73 10.15 -0.89 -76.29
C VAL BA 73 11.53 -0.32 -75.96
N THR BA 74 11.63 0.33 -74.81
CA THR BA 74 12.87 0.92 -74.32
C THR BA 74 13.37 0.07 -73.17
N VAL BA 75 14.44 -0.67 -73.43
CA VAL BA 75 15.02 -1.53 -72.40
C VAL BA 75 15.87 -0.70 -71.46
N MET BA 76 15.67 -0.88 -70.16
CA MET BA 76 16.37 -0.16 -69.12
C MET BA 76 17.46 -0.97 -68.46
N SER BA 77 17.17 -2.23 -68.12
CA SER BA 77 18.14 -3.10 -67.47
C SER BA 77 17.77 -4.55 -67.74
N VAL BA 78 18.80 -5.36 -68.00
CA VAL BA 78 18.64 -6.78 -68.28
C VAL BA 78 19.32 -7.57 -67.18
N ARG BA 79 18.63 -8.58 -66.66
CA ARG BA 79 19.19 -9.52 -65.70
C ARG BA 79 19.02 -10.93 -66.24
N ALA BA 80 19.93 -11.83 -65.84
CA ALA BA 80 19.94 -13.20 -66.34
C ALA BA 80 20.22 -14.18 -65.21
N TRP BA 81 19.58 -15.35 -65.29
CA TRP BA 81 19.77 -16.47 -64.38
C TRP BA 81 19.82 -17.75 -65.20
N THR BA 82 20.71 -18.66 -64.81
CA THR BA 82 20.75 -19.96 -65.47
C THR BA 82 19.51 -20.76 -65.10
N GLN BA 83 18.87 -21.35 -66.11
CA GLN BA 83 17.59 -22.02 -65.91
C GLN BA 83 17.71 -23.52 -65.70
N LEU BA 84 18.79 -24.14 -66.16
CA LEU BA 84 19.02 -25.56 -66.00
C LEU BA 84 20.34 -25.80 -65.27
N THR BA 85 20.60 -27.07 -64.96
CA THR BA 85 21.79 -27.44 -64.20
C THR BA 85 23.03 -27.43 -65.09
N PRO BA 86 24.19 -27.11 -64.53
CA PRO BA 86 25.41 -27.05 -65.31
C PRO BA 86 25.92 -28.45 -65.63
N PRO BA 87 26.90 -28.57 -66.51
CA PRO BA 87 27.48 -29.87 -66.79
C PRO BA 87 28.09 -30.47 -65.54
N VAL BA 88 28.32 -31.78 -65.60
CA VAL BA 88 28.88 -32.48 -64.46
C VAL BA 88 30.26 -31.89 -64.14
N ASN BA 89 30.53 -31.73 -62.85
CA ASN BA 89 31.79 -31.23 -62.27
C ASN BA 89 32.00 -29.74 -62.48
N GLU BA 90 31.05 -29.03 -63.08
CA GLU BA 90 31.20 -27.62 -63.39
C GLU BA 90 30.19 -26.79 -62.61
N TYR BA 91 30.54 -25.54 -62.39
CA TYR BA 91 29.65 -24.56 -61.77
C TYR BA 91 28.98 -23.71 -62.85
N SER BA 92 27.80 -23.21 -62.53
CA SER BA 92 27.05 -22.43 -63.50
C SER BA 92 27.66 -21.05 -63.68
N PHE BA 93 27.66 -20.57 -64.92
CA PHE BA 93 28.01 -19.20 -65.22
C PHE BA 93 27.07 -18.67 -66.29
N VAL BA 94 27.05 -17.35 -66.44
CA VAL BA 94 26.24 -16.71 -67.46
C VAL BA 94 26.88 -15.37 -67.80
N ARG BA 95 26.99 -15.09 -69.11
CA ARG BA 95 27.59 -13.85 -69.58
C ARG BA 95 26.56 -13.03 -70.36
N LEU BA 96 26.75 -11.72 -70.37
CA LEU BA 96 25.90 -10.79 -71.09
C LEU BA 96 26.75 -9.79 -71.85
N LYS BA 97 26.46 -9.64 -73.14
CA LYS BA 97 27.10 -8.62 -73.97
C LYS BA 97 26.05 -7.67 -74.51
N PRO BA 98 26.03 -6.40 -74.07
CA PRO BA 98 25.00 -5.48 -74.55
C PRO BA 98 25.13 -5.21 -76.04
N LEU BA 99 23.99 -5.22 -76.72
CA LEU BA 99 23.91 -4.93 -78.14
C LEU BA 99 23.10 -3.68 -78.37
N PHE BA 100 23.54 -2.85 -79.30
CA PHE BA 100 22.86 -1.62 -79.65
C PHE BA 100 22.96 -1.42 -81.15
N LYS BA 101 21.95 -0.76 -81.72
CA LYS BA 101 21.94 -0.56 -83.17
C LYS BA 101 23.05 0.40 -83.59
N THR BA 102 23.32 1.42 -82.78
CA THR BA 102 24.37 2.38 -83.03
C THR BA 102 25.76 1.84 -82.71
N GLY BA 103 25.87 0.58 -82.32
CA GLY BA 103 27.16 0.02 -81.99
C GLY BA 103 27.09 -1.03 -80.91
N ASP BA 104 27.44 -2.26 -81.25
CA ASP BA 104 27.42 -3.34 -80.27
C ASP BA 104 28.58 -3.20 -79.28
N SER BA 105 28.34 -3.64 -78.06
CA SER BA 105 29.35 -3.59 -77.01
C SER BA 105 30.18 -4.86 -77.00
N THR BA 106 31.33 -4.79 -76.34
CA THR BA 106 32.22 -5.93 -76.19
C THR BA 106 32.36 -6.37 -74.74
N GLU BA 107 31.56 -5.81 -73.85
CA GLU BA 107 31.58 -6.23 -72.45
C GLU BA 107 30.97 -7.60 -72.31
N GLU BA 108 31.49 -8.37 -71.37
CA GLU BA 108 30.99 -9.70 -71.07
C GLU BA 108 30.71 -9.78 -69.57
N PHE BA 109 29.65 -9.11 -69.13
CA PHE BA 109 29.26 -9.14 -67.72
C PHE BA 109 28.97 -10.57 -67.30
N GLU BA 110 29.89 -11.17 -66.56
CA GLU BA 110 29.80 -12.56 -66.19
C GLU BA 110 29.45 -12.71 -64.72
N GLY BA 111 28.56 -13.66 -64.43
CA GLY BA 111 28.23 -14.01 -63.07
C GLY BA 111 28.27 -15.51 -62.88
N ARG BA 112 29.01 -15.97 -61.88
CA ARG BA 112 29.16 -17.40 -61.64
C ARG BA 112 28.46 -17.79 -60.35
N ALA BA 113 28.11 -19.07 -60.28
CA ALA BA 113 27.51 -19.65 -59.09
C ALA BA 113 28.60 -20.29 -58.24
N SER BA 114 28.58 -20.03 -56.94
CA SER BA 114 29.53 -20.64 -56.02
C SER BA 114 29.09 -22.02 -55.55
N ASN BA 115 27.87 -22.42 -55.87
CA ASN BA 115 27.35 -23.75 -55.54
C ASN BA 115 26.80 -24.37 -56.82
N ILE BA 116 27.13 -25.64 -57.04
CA ILE BA 116 26.75 -26.28 -58.29
C ILE BA 116 25.23 -26.38 -58.42
N ASN BA 117 24.53 -26.50 -57.29
CA ASN BA 117 23.08 -26.61 -57.28
C ASN BA 117 22.37 -25.26 -57.39
N THR BA 118 23.11 -24.16 -57.31
CA THR BA 118 22.55 -22.82 -57.27
C THR BA 118 22.73 -22.13 -58.62
N ARG BA 119 21.77 -21.28 -58.97
CA ARG BA 119 21.82 -20.53 -60.23
C ARG BA 119 23.00 -19.57 -60.24
N ALA BA 120 23.42 -19.20 -61.45
CA ALA BA 120 24.35 -18.11 -61.68
C ALA BA 120 23.57 -16.92 -62.22
N SER BA 121 23.93 -15.73 -61.75
CA SER BA 121 23.16 -14.53 -62.08
C SER BA 121 24.09 -13.39 -62.42
N VAL BA 122 23.61 -12.50 -63.28
CA VAL BA 122 24.35 -11.30 -63.64
C VAL BA 122 23.39 -10.38 -64.39
N GLY BA 123 23.71 -9.09 -64.43
CA GLY BA 123 22.86 -8.14 -65.09
C GLY BA 123 23.63 -6.89 -65.42
N TYR BA 124 23.03 -6.06 -66.28
CA TYR BA 124 23.63 -4.80 -66.67
C TYR BA 124 22.55 -3.76 -66.88
N ARG BA 125 22.84 -2.53 -66.46
CA ARG BA 125 21.93 -1.40 -66.58
C ARG BA 125 22.31 -0.56 -67.79
N ILE BA 126 21.30 -0.14 -68.54
CA ILE BA 126 21.51 0.65 -69.75
C ILE BA 126 21.45 2.13 -69.37
N PRO BA 127 22.46 2.92 -69.73
CA PRO BA 127 22.45 4.33 -69.37
C PRO BA 127 21.36 5.08 -70.10
N THR BA 128 21.05 6.26 -69.57
CA THR BA 128 19.95 7.05 -70.11
C THR BA 128 20.25 7.50 -71.54
N ASN BA 129 21.51 7.82 -71.84
CA ASN BA 129 21.85 8.26 -73.19
C ASN BA 129 21.77 7.13 -74.21
N LEU BA 130 21.61 5.88 -73.76
CA LEU BA 130 21.50 4.73 -74.65
C LEU BA 130 20.13 4.06 -74.56
N ARG BA 131 19.13 4.75 -74.02
CA ARG BA 131 17.79 4.18 -73.85
C ARG BA 131 16.88 4.71 -74.96
N GLN BA 132 16.97 4.05 -76.11
CA GLN BA 132 16.10 4.31 -77.25
C GLN BA 132 15.22 3.10 -77.50
N ASN BA 133 14.21 3.28 -78.34
CA ASN BA 133 13.27 2.22 -78.64
C ASN BA 133 13.94 1.12 -79.47
N THR BA 134 13.40 -0.09 -79.35
CA THR BA 134 13.87 -1.23 -80.12
C THR BA 134 12.67 -1.99 -80.66
N VAL BA 135 12.78 -2.41 -81.91
CA VAL BA 135 11.69 -3.14 -82.55
C VAL BA 135 11.99 -4.63 -82.47
N ALA BA 136 11.06 -5.46 -82.97
CA ALA BA 136 11.20 -6.90 -82.86
C ALA BA 136 12.44 -7.40 -83.58
N ALA BA 137 12.75 -6.83 -84.74
CA ALA BA 137 13.91 -7.26 -85.51
C ALA BA 137 15.23 -6.92 -84.84
N ASP BA 138 15.20 -6.20 -83.73
CA ASP BA 138 16.42 -5.85 -83.02
C ASP BA 138 16.75 -6.91 -81.98
N ASN BA 139 17.92 -6.76 -81.38
CA ASN BA 139 18.40 -7.67 -80.35
C ASN BA 139 18.80 -6.89 -79.12
N VAL BA 140 18.63 -7.53 -77.96
CA VAL BA 140 18.97 -6.90 -76.69
C VAL BA 140 20.43 -7.13 -76.33
N CYS BA 141 20.86 -8.40 -76.32
CA CYS BA 141 22.20 -8.75 -75.87
C CYS BA 141 22.51 -10.16 -76.35
N GLU BA 142 23.78 -10.56 -76.17
CA GLU BA 142 24.21 -11.93 -76.39
C GLU BA 142 24.39 -12.63 -75.05
N VAL BA 143 24.05 -13.91 -75.01
CA VAL BA 143 24.10 -14.68 -73.77
C VAL BA 143 24.99 -15.90 -73.97
N ARG BA 144 25.88 -16.13 -73.02
CA ARG BA 144 26.74 -17.32 -73.01
C ARG BA 144 26.63 -18.01 -71.65
N SER BA 145 26.51 -19.33 -71.67
CA SER BA 145 26.40 -20.10 -70.44
C SER BA 145 26.68 -21.56 -70.72
N ASN BA 146 27.19 -22.27 -69.71
CA ASN BA 146 27.38 -23.70 -69.80
C ASN BA 146 26.09 -24.48 -69.65
N CYS BA 147 25.04 -23.82 -69.16
CA CYS BA 147 23.72 -24.42 -69.07
C CYS BA 147 23.00 -24.30 -70.40
N ARG BA 148 21.95 -25.10 -70.54
CA ARG BA 148 21.20 -25.16 -71.79
C ARG BA 148 20.09 -24.13 -71.89
N GLN BA 149 19.71 -23.50 -70.77
CA GLN BA 149 18.64 -22.52 -70.78
C GLN BA 149 18.96 -21.43 -69.76
N VAL BA 150 18.58 -20.20 -70.08
CA VAL BA 150 18.85 -19.05 -69.22
C VAL BA 150 17.56 -18.26 -69.04
N ALA BA 151 17.22 -17.99 -67.78
CA ALA BA 151 16.02 -17.21 -67.45
C ALA BA 151 16.36 -15.72 -67.47
N LEU BA 152 15.61 -14.96 -68.26
CA LEU BA 152 15.83 -13.53 -68.40
C LEU BA 152 14.68 -12.75 -67.77
N VAL BA 153 15.03 -11.66 -67.10
CA VAL BA 153 14.06 -10.71 -66.55
C VAL BA 153 14.52 -9.33 -67.01
N ILE BA 154 13.80 -8.75 -67.96
CA ILE BA 154 14.18 -7.50 -68.59
C ILE BA 154 13.22 -6.41 -68.12
N SER BA 155 13.77 -5.36 -67.51
CA SER BA 155 12.99 -4.20 -67.11
C SER BA 155 13.03 -3.20 -68.25
N CYS BA 156 11.87 -2.92 -68.82
CA CYS BA 156 11.79 -2.08 -70.01
C CYS BA 156 10.50 -1.29 -69.98
N CYS BA 157 10.41 -0.32 -70.89
CA CYS BA 157 9.24 0.54 -71.03
C CYS BA 157 8.63 0.29 -72.40
N PHE BA 158 7.39 -0.20 -72.43
CA PHE BA 158 6.69 -0.45 -73.67
C PHE BA 158 5.92 0.79 -74.12
N ASN BA 159 5.97 1.08 -75.42
CA ASN BA 159 5.25 2.21 -76.00
C ASN BA 159 4.94 2.00 -77.49
N ASN CA 16 -0.99 -16.18 -10.23
CA ASN CA 16 -0.37 -15.55 -9.07
C ASN CA 16 -1.04 -16.02 -7.78
N SER CA 17 -2.34 -16.28 -7.85
CA SER CA 17 -3.07 -16.81 -6.70
C SER CA 17 -2.90 -18.33 -6.63
N ASN CA 18 -3.04 -18.87 -5.43
CA ASN CA 18 -2.88 -20.31 -5.21
C ASN CA 18 -4.18 -21.03 -4.93
N VAL CA 19 -5.30 -20.30 -4.84
CA VAL CA 19 -6.61 -20.88 -4.57
C VAL CA 19 -7.64 -20.31 -5.54
N VAL CA 20 -8.77 -21.01 -5.62
CA VAL CA 20 -9.89 -20.53 -6.42
C VAL CA 20 -10.50 -19.30 -5.75
N THR CA 21 -10.94 -18.35 -6.58
CA THR CA 21 -11.51 -17.12 -6.08
C THR CA 21 -12.87 -16.89 -6.75
N MET CA 22 -13.78 -16.27 -6.01
CA MET CA 22 -15.12 -16.03 -6.51
C MET CA 22 -15.12 -14.91 -7.54
N ILE CA 23 -16.08 -14.98 -8.45
CA ILE CA 23 -16.25 -14.02 -9.55
C ILE CA 23 -17.65 -13.43 -9.43
N ARG CA 24 -17.72 -12.15 -9.06
CA ARG CA 24 -19.00 -11.46 -8.88
C ARG CA 24 -19.63 -11.20 -10.25
N ALA CA 25 -20.26 -12.25 -10.78
CA ALA CA 25 -20.90 -12.17 -12.09
C ALA CA 25 -22.24 -11.43 -12.00
N GLY CA 26 -22.68 -10.93 -13.14
CA GLY CA 26 -23.92 -10.16 -13.19
C GLY CA 26 -24.96 -10.76 -14.11
N SER CA 27 -25.53 -9.94 -15.00
CA SER CA 27 -26.52 -10.42 -15.95
C SER CA 27 -25.90 -11.41 -16.93
N TYR CA 28 -26.76 -12.23 -17.54
CA TYR CA 28 -26.28 -13.23 -18.49
C TYR CA 28 -25.71 -12.54 -19.73
N PRO CA 29 -24.53 -12.90 -20.19
CA PRO CA 29 -23.88 -12.15 -21.28
C PRO CA 29 -24.45 -12.55 -22.64
N LYS CA 30 -23.90 -11.92 -23.66
CA LYS CA 30 -24.17 -12.33 -25.03
C LYS CA 30 -23.22 -13.46 -25.40
N VAL CA 31 -23.75 -14.53 -25.97
CA VAL CA 31 -22.98 -15.73 -26.23
C VAL CA 31 -23.09 -16.09 -27.70
N ASN CA 32 -22.28 -17.07 -28.10
CA ASN CA 32 -22.28 -17.62 -29.45
C ASN CA 32 -21.56 -18.96 -29.43
N PRO CA 33 -22.29 -20.07 -29.52
CA PRO CA 33 -21.63 -21.38 -29.42
C PRO CA 33 -20.80 -21.75 -30.63
N THR CA 34 -21.04 -21.11 -31.78
CA THR CA 34 -20.33 -21.37 -33.03
C THR CA 34 -19.68 -20.06 -33.49
N PRO CA 35 -18.52 -19.72 -32.96
CA PRO CA 35 -17.88 -18.45 -33.33
C PRO CA 35 -17.14 -18.54 -34.66
N THR CA 36 -16.33 -17.53 -34.96
CA THR CA 36 -15.48 -17.51 -36.14
C THR CA 36 -14.06 -17.92 -35.76
N TRP CA 37 -13.23 -18.10 -36.78
CA TRP CA 37 -11.86 -18.54 -36.57
C TRP CA 37 -10.97 -18.05 -37.71
N VAL CA 38 -9.87 -17.40 -37.35
CA VAL CA 38 -8.85 -16.96 -38.31
C VAL CA 38 -7.76 -18.02 -38.35
N ARG CA 39 -7.59 -18.64 -39.51
CA ARG CA 39 -6.66 -19.74 -39.65
C ARG CA 39 -5.86 -19.58 -40.94
N ALA CA 40 -4.83 -20.41 -41.07
CA ALA CA 40 -4.17 -20.66 -42.34
C ALA CA 40 -3.90 -22.16 -42.44
N ILE CA 41 -4.47 -22.80 -43.45
CA ILE CA 41 -4.60 -24.25 -43.51
C ILE CA 41 -3.43 -24.81 -44.33
N PRO CA 42 -2.62 -25.71 -43.76
CA PRO CA 42 -1.60 -26.39 -44.57
C PRO CA 42 -2.11 -27.68 -45.18
N PHE CA 43 -2.08 -27.76 -46.51
CA PHE CA 43 -2.54 -28.96 -47.20
C PHE CA 43 -1.92 -28.99 -48.59
N GLU CA 44 -1.83 -30.20 -49.13
CA GLU CA 44 -1.10 -30.47 -50.35
C GLU CA 44 -2.03 -30.89 -51.47
N VAL CA 45 -1.59 -30.62 -52.70
CA VAL CA 45 -2.32 -30.99 -53.90
C VAL CA 45 -1.37 -31.65 -54.88
N SER CA 46 -1.93 -32.49 -55.75
CA SER CA 46 -1.18 -33.18 -56.78
C SER CA 46 -1.26 -32.41 -58.09
N VAL CA 47 -0.11 -32.18 -58.71
CA VAL CA 47 -0.01 -31.36 -59.91
C VAL CA 47 0.59 -32.19 -61.03
N GLN CA 48 0.05 -32.04 -62.23
CA GLN CA 48 0.58 -32.69 -63.42
C GLN CA 48 1.39 -31.72 -64.25
N SER CA 49 2.22 -32.28 -65.13
CA SER CA 49 3.08 -31.45 -65.97
C SER CA 49 2.27 -30.75 -67.05
N GLY CA 50 2.47 -29.44 -67.17
CA GLY CA 50 1.80 -28.70 -68.22
C GLY CA 50 0.30 -28.61 -68.05
N ILE CA 51 -0.19 -28.81 -66.83
CA ILE CA 51 -1.62 -28.75 -66.54
C ILE CA 51 -1.81 -27.93 -65.27
N ALA CA 52 -2.84 -27.09 -65.27
CA ALA CA 52 -3.17 -26.28 -64.10
C ALA CA 52 -4.25 -26.96 -63.30
N PHE CA 53 -4.01 -27.11 -62.00
CA PHE CA 53 -4.94 -27.77 -61.08
C PHE CA 53 -5.72 -26.73 -60.30
N LYS CA 54 -7.05 -26.85 -60.29
CA LYS CA 54 -7.90 -25.94 -59.56
C LYS CA 54 -8.01 -26.39 -58.11
N VAL CA 55 -7.67 -25.50 -57.18
CA VAL CA 55 -7.67 -25.81 -55.75
C VAL CA 55 -9.09 -25.65 -55.20
N PRO CA 56 -9.73 -26.73 -54.77
CA PRO CA 56 -11.09 -26.60 -54.26
C PRO CA 56 -11.13 -25.99 -52.87
N VAL CA 57 -12.17 -25.21 -52.63
CA VAL CA 57 -12.33 -24.62 -51.31
C VAL CA 57 -12.65 -25.70 -50.28
N GLY CA 58 -13.29 -26.78 -50.71
CA GLY CA 58 -13.69 -27.85 -49.79
C GLY CA 58 -12.53 -28.53 -49.10
N SER CA 59 -11.30 -28.28 -49.57
CA SER CA 59 -10.11 -28.75 -48.88
C SER CA 59 -9.89 -28.02 -47.56
N LEU CA 60 -10.41 -26.80 -47.42
CA LEU CA 60 -10.25 -26.06 -46.19
C LEU CA 60 -11.19 -26.55 -45.10
N PHE CA 61 -12.24 -27.28 -45.46
CA PHE CA 61 -13.21 -27.81 -44.51
C PHE CA 61 -12.92 -29.30 -44.32
N SER CA 62 -12.35 -29.65 -43.17
CA SER CA 62 -12.09 -31.04 -42.85
C SER CA 62 -11.89 -31.16 -41.35
N ALA CA 63 -12.10 -32.38 -40.84
CA ALA CA 63 -11.83 -32.66 -39.44
C ALA CA 63 -10.34 -32.64 -39.11
N ASN CA 64 -9.49 -32.74 -40.14
CA ASN CA 64 -8.05 -32.65 -39.95
C ASN CA 64 -7.59 -31.24 -39.61
N PHE CA 65 -8.44 -30.23 -39.82
CA PHE CA 65 -8.11 -28.86 -39.46
C PHE CA 65 -9.09 -28.28 -38.46
N ARG CA 66 -9.94 -29.12 -37.85
CA ARG CA 66 -10.96 -28.67 -36.90
C ARG CA 66 -11.96 -27.72 -37.55
N THR CA 67 -12.11 -27.79 -38.87
CA THR CA 67 -12.95 -26.86 -39.61
C THR CA 67 -14.09 -27.56 -40.34
N ASP CA 68 -14.43 -28.79 -39.93
CA ASP CA 68 -15.54 -29.51 -40.54
C ASP CA 68 -16.90 -28.96 -40.13
N SER CA 69 -16.94 -28.00 -39.20
CA SER CA 69 -18.20 -27.40 -38.78
C SER CA 69 -18.59 -26.20 -39.60
N PHE CA 70 -17.68 -25.66 -40.40
CA PHE CA 70 -17.96 -24.50 -41.23
C PHE CA 70 -18.46 -24.93 -42.59
N THR CA 71 -19.16 -24.00 -43.26
CA THR CA 71 -19.55 -24.18 -44.65
C THR CA 71 -19.06 -23.05 -45.54
N SER CA 72 -18.71 -21.90 -44.99
CA SER CA 72 -18.21 -20.76 -45.71
C SER CA 72 -16.88 -20.31 -45.11
N VAL CA 73 -16.10 -19.60 -45.92
CA VAL CA 73 -14.78 -19.15 -45.50
C VAL CA 73 -14.41 -17.93 -46.33
N THR CA 74 -13.74 -16.98 -45.69
CA THR CA 74 -13.27 -15.75 -46.34
C THR CA 74 -11.76 -15.83 -46.45
N VAL CA 75 -11.27 -16.10 -47.65
CA VAL CA 75 -9.83 -16.22 -47.88
C VAL CA 75 -9.21 -14.84 -48.01
N MET CA 76 -8.03 -14.67 -47.40
CA MET CA 76 -7.31 -13.41 -47.39
C MET CA 76 -6.01 -13.44 -48.17
N SER CA 77 -5.23 -14.51 -48.05
CA SER CA 77 -3.97 -14.64 -48.77
C SER CA 77 -3.67 -16.12 -48.95
N VAL CA 78 -2.99 -16.43 -50.06
CA VAL CA 78 -2.59 -17.78 -50.38
C VAL CA 78 -1.10 -17.78 -50.68
N ARG CA 79 -0.42 -18.84 -50.23
CA ARG CA 79 0.99 -19.03 -50.51
C ARG CA 79 1.25 -20.50 -50.79
N ALA CA 80 2.23 -20.78 -51.66
CA ALA CA 80 2.49 -22.12 -52.14
C ALA CA 80 3.97 -22.46 -52.05
N TRP CA 81 4.25 -23.76 -51.93
CA TRP CA 81 5.61 -24.29 -51.96
C TRP CA 81 5.59 -25.62 -52.69
N THR CA 82 6.62 -25.88 -53.48
CA THR CA 82 6.75 -27.16 -54.15
C THR CA 82 7.07 -28.23 -53.12
N GLN CA 83 6.24 -29.28 -53.09
CA GLN CA 83 6.33 -30.33 -52.08
C GLN CA 83 7.27 -31.46 -52.50
N LEU CA 84 7.59 -31.59 -53.79
CA LEU CA 84 8.49 -32.64 -54.26
C LEU CA 84 9.60 -32.04 -55.10
N THR CA 85 10.52 -32.90 -55.55
CA THR CA 85 11.65 -32.45 -56.35
C THR CA 85 11.24 -32.22 -57.80
N PRO CA 86 11.89 -31.29 -58.47
CA PRO CA 86 11.57 -31.02 -59.87
C PRO CA 86 12.16 -32.10 -60.76
N PRO CA 87 11.80 -32.09 -62.06
CA PRO CA 87 12.43 -33.01 -63.00
C PRO CA 87 13.94 -32.81 -63.05
N VAL CA 88 14.61 -33.77 -63.70
CA VAL CA 88 16.06 -33.74 -63.77
C VAL CA 88 16.52 -32.50 -64.54
N ASN CA 89 17.58 -31.87 -64.06
CA ASN CA 89 18.21 -30.70 -64.65
C ASN CA 89 17.36 -29.43 -64.55
N GLU CA 90 16.29 -29.44 -63.76
CA GLU CA 90 15.39 -28.31 -63.65
C GLU CA 90 15.41 -27.74 -62.23
N TYR CA 91 15.14 -26.43 -62.13
CA TYR CA 91 14.86 -25.75 -60.87
C TYR CA 91 13.36 -25.69 -60.64
N SER CA 92 12.96 -25.83 -59.38
CA SER CA 92 11.54 -25.86 -59.07
C SER CA 92 10.88 -24.50 -59.33
N PHE CA 93 9.66 -24.54 -59.83
CA PHE CA 93 8.86 -23.33 -59.99
C PHE CA 93 7.44 -23.63 -59.57
N VAL CA 94 6.67 -22.57 -59.40
CA VAL CA 94 5.25 -22.67 -59.03
C VAL CA 94 4.57 -21.39 -59.45
N ARG CA 95 3.38 -21.54 -60.03
CA ARG CA 95 2.57 -20.41 -60.44
C ARG CA 95 1.25 -20.43 -59.69
N LEU CA 96 0.59 -19.27 -59.63
CA LEU CA 96 -0.70 -19.12 -58.97
C LEU CA 96 -1.56 -18.15 -59.77
N LYS CA 97 -2.78 -18.58 -60.08
CA LYS CA 97 -3.76 -17.73 -60.76
C LYS CA 97 -5.00 -17.56 -59.91
N PRO CA 98 -5.24 -16.37 -59.34
CA PRO CA 98 -6.40 -16.22 -58.44
C PRO CA 98 -7.71 -16.34 -59.17
N LEU CA 99 -8.69 -16.96 -58.51
CA LEU CA 99 -10.01 -17.18 -59.05
C LEU CA 99 -11.06 -16.57 -58.14
N PHE CA 100 -12.09 -15.99 -58.74
CA PHE CA 100 -13.17 -15.37 -57.99
C PHE CA 100 -14.50 -15.67 -58.67
N LYS CA 101 -15.55 -15.77 -57.87
CA LYS CA 101 -16.86 -16.10 -58.43
C LYS CA 101 -17.41 -14.95 -59.26
N THR CA 102 -17.00 -13.72 -58.97
CA THR CA 102 -17.42 -12.57 -59.76
C THR CA 102 -16.58 -12.38 -61.01
N GLY CA 103 -15.43 -13.02 -61.10
CA GLY CA 103 -14.56 -12.89 -62.24
C GLY CA 103 -13.16 -13.42 -61.96
N ASP CA 104 -12.73 -14.40 -62.75
CA ASP CA 104 -11.41 -14.97 -62.58
C ASP CA 104 -10.33 -14.02 -63.09
N SER CA 105 -9.17 -14.08 -62.44
CA SER CA 105 -8.02 -13.29 -62.83
C SER CA 105 -7.16 -14.05 -63.82
N THR CA 106 -6.34 -13.31 -64.56
CA THR CA 106 -5.40 -13.87 -65.52
C THR CA 106 -3.95 -13.73 -65.06
N GLU CA 107 -3.72 -13.41 -63.79
CA GLU CA 107 -2.38 -13.27 -63.27
C GLU CA 107 -1.72 -14.63 -63.06
N GLU CA 108 -0.39 -14.63 -63.10
CA GLU CA 108 0.40 -15.85 -62.94
C GLU CA 108 1.62 -15.54 -62.07
N PHE CA 109 1.36 -15.29 -60.79
CA PHE CA 109 2.44 -15.03 -59.83
C PHE CA 109 3.33 -16.26 -59.72
N GLU CA 110 4.52 -16.18 -60.28
CA GLU CA 110 5.43 -17.31 -60.34
C GLU CA 110 6.57 -17.14 -59.35
N GLY CA 111 7.01 -18.27 -58.81
CA GLY CA 111 8.19 -18.28 -57.96
C GLY CA 111 9.08 -19.44 -58.35
N ARG CA 112 10.34 -19.15 -58.65
CA ARG CA 112 11.30 -20.17 -59.05
C ARG CA 112 12.40 -20.29 -58.00
N ALA CA 113 12.96 -21.48 -57.87
CA ALA CA 113 14.02 -21.75 -56.92
C ALA CA 113 15.38 -21.45 -57.55
N SER CA 114 16.23 -20.78 -56.79
CA SER CA 114 17.60 -20.54 -57.22
C SER CA 114 18.52 -21.73 -56.96
N ASN CA 115 18.07 -22.68 -56.15
CA ASN CA 115 18.81 -23.90 -55.87
C ASN CA 115 17.94 -25.08 -56.25
N ILE CA 116 18.52 -26.05 -56.97
CA ILE CA 116 17.72 -27.18 -57.43
C ILE CA 116 17.17 -27.98 -56.26
N ASN CA 117 17.88 -27.97 -55.13
CA ASN CA 117 17.47 -28.74 -53.96
C ASN CA 117 16.54 -27.95 -53.04
N THR CA 118 16.09 -26.78 -53.46
CA THR CA 118 15.27 -25.90 -52.62
C THR CA 118 13.89 -25.71 -53.23
N ARG CA 119 12.90 -25.57 -52.36
CA ARG CA 119 11.52 -25.33 -52.78
C ARG CA 119 11.40 -24.04 -53.57
N ALA CA 120 10.28 -23.92 -54.28
CA ALA CA 120 9.92 -22.68 -54.95
C ALA CA 120 8.65 -22.13 -54.32
N SER CA 121 8.70 -20.85 -53.92
CA SER CA 121 7.62 -20.26 -53.16
C SER CA 121 7.11 -19.00 -53.85
N VAL CA 122 5.82 -18.75 -53.68
CA VAL CA 122 5.18 -17.55 -54.19
C VAL CA 122 3.83 -17.44 -53.53
N GLY CA 123 3.28 -16.23 -53.49
CA GLY CA 123 1.95 -16.06 -52.92
C GLY CA 123 1.31 -14.80 -53.42
N TYR CA 124 0.02 -14.67 -53.14
CA TYR CA 124 -0.72 -13.47 -53.48
C TYR CA 124 -1.70 -13.13 -52.36
N ARG CA 125 -2.00 -11.85 -52.24
CA ARG CA 125 -2.93 -11.33 -51.24
C ARG CA 125 -4.22 -10.91 -51.92
N ILE CA 126 -5.34 -11.18 -51.26
CA ILE CA 126 -6.65 -10.79 -51.77
C ILE CA 126 -7.03 -9.45 -51.15
N PRO CA 127 -7.37 -8.44 -51.97
CA PRO CA 127 -7.71 -7.12 -51.42
C PRO CA 127 -9.03 -7.17 -50.67
N THR CA 128 -9.25 -6.11 -49.88
CA THR CA 128 -10.45 -6.03 -49.04
C THR CA 128 -11.73 -6.09 -49.87
N ASN CA 129 -11.75 -5.43 -51.02
CA ASN CA 129 -12.97 -5.37 -51.82
C ASN CA 129 -13.35 -6.70 -52.45
N LEU CA 130 -12.48 -7.71 -52.37
CA LEU CA 130 -12.74 -9.02 -52.95
C LEU CA 130 -12.79 -10.13 -51.92
N ARG CA 131 -12.84 -9.79 -50.63
CA ARG CA 131 -12.82 -10.78 -49.56
C ARG CA 131 -14.26 -11.11 -49.15
N GLN CA 132 -14.88 -12.00 -49.94
CA GLN CA 132 -16.20 -12.54 -49.65
C GLN CA 132 -16.08 -14.01 -49.25
N ASN CA 133 -17.22 -14.63 -48.99
CA ASN CA 133 -17.27 -16.03 -48.60
C ASN CA 133 -17.20 -16.94 -49.82
N THR CA 134 -16.70 -18.15 -49.60
CA THR CA 134 -16.63 -19.16 -50.63
C THR CA 134 -17.06 -20.50 -50.03
N VAL CA 135 -17.85 -21.25 -50.79
CA VAL CA 135 -18.34 -22.54 -50.33
C VAL CA 135 -17.45 -23.63 -50.92
N ALA CA 136 -17.70 -24.89 -50.54
CA ALA CA 136 -16.81 -25.98 -50.93
C ALA CA 136 -16.79 -26.18 -52.45
N ALA CA 137 -17.91 -25.91 -53.11
CA ALA CA 137 -17.95 -26.08 -54.56
C ALA CA 137 -17.07 -25.07 -55.28
N ASP CA 138 -16.77 -23.95 -54.64
CA ASP CA 138 -15.95 -22.92 -55.26
C ASP CA 138 -14.49 -23.37 -55.32
N ASN CA 139 -13.70 -22.57 -56.03
CA ASN CA 139 -12.27 -22.84 -56.19
C ASN CA 139 -11.49 -21.60 -55.80
N VAL CA 140 -10.28 -21.82 -55.29
CA VAL CA 140 -9.43 -20.74 -54.78
C VAL CA 140 -8.55 -20.19 -55.89
N CYS CA 141 -7.76 -21.05 -56.52
CA CYS CA 141 -6.82 -20.61 -57.54
C CYS CA 141 -6.34 -21.83 -58.32
N GLU CA 142 -5.71 -21.57 -59.46
CA GLU CA 142 -5.03 -22.59 -60.22
C GLU CA 142 -3.56 -22.64 -59.85
N VAL CA 143 -2.96 -23.82 -59.93
CA VAL CA 143 -1.57 -24.03 -59.61
C VAL CA 143 -0.86 -24.68 -60.79
N ARG CA 144 0.34 -24.21 -61.09
CA ARG CA 144 1.17 -24.76 -62.15
C ARG CA 144 2.59 -24.92 -61.63
N SER CA 145 3.15 -26.11 -61.79
CA SER CA 145 4.50 -26.38 -61.29
C SER CA 145 5.06 -27.59 -62.01
N ASN CA 146 6.39 -27.59 -62.15
CA ASN CA 146 7.08 -28.76 -62.68
C ASN CA 146 7.21 -29.89 -61.66
N CYS CA 147 6.87 -29.62 -60.41
CA CYS CA 147 6.86 -30.64 -59.36
C CYS CA 147 5.47 -31.25 -59.26
N ARG CA 148 5.44 -32.51 -58.80
CA ARG CA 148 4.20 -33.28 -58.80
C ARG CA 148 3.30 -32.98 -57.62
N GLN CA 149 3.80 -32.30 -56.59
CA GLN CA 149 2.99 -31.90 -55.45
C GLN CA 149 3.36 -30.48 -55.04
N VAL CA 150 2.39 -29.79 -54.45
CA VAL CA 150 2.56 -28.42 -53.99
C VAL CA 150 1.94 -28.30 -52.60
N ALA CA 151 2.63 -27.60 -51.69
CA ALA CA 151 2.14 -27.35 -50.35
C ALA CA 151 1.57 -25.94 -50.27
N LEU CA 152 0.33 -25.84 -49.79
CA LEU CA 152 -0.37 -24.56 -49.68
C LEU CA 152 -0.61 -24.22 -48.22
N VAL CA 153 -0.55 -22.93 -47.93
CA VAL CA 153 -0.93 -22.38 -46.62
C VAL CA 153 -1.86 -21.21 -46.92
N ILE CA 154 -3.15 -21.43 -46.75
CA ILE CA 154 -4.18 -20.47 -47.15
C ILE CA 154 -4.66 -19.76 -45.89
N SER CA 155 -4.17 -18.53 -45.69
CA SER CA 155 -4.67 -17.68 -44.61
C SER CA 155 -6.08 -17.20 -44.94
N CYS CA 156 -7.03 -17.56 -44.08
CA CYS CA 156 -8.45 -17.36 -44.35
C CYS CA 156 -9.16 -17.06 -43.02
N CYS CA 157 -10.47 -16.81 -43.12
CA CYS CA 157 -11.33 -16.52 -41.98
C CYS CA 157 -12.58 -17.40 -42.08
N PHE CA 158 -12.59 -18.51 -41.35
CA PHE CA 158 -13.75 -19.38 -41.32
C PHE CA 158 -14.91 -18.72 -40.59
N ASN CA 159 -16.10 -18.88 -41.13
CA ASN CA 159 -17.29 -18.31 -40.52
C ASN CA 159 -18.50 -19.18 -40.86
N SER DA 17 50.24 -13.87 -2.55
CA SER DA 17 49.61 -13.24 -3.70
C SER DA 17 48.85 -14.26 -4.53
N ASN DA 18 49.58 -15.10 -5.26
CA ASN DA 18 48.99 -16.17 -6.05
C ASN DA 18 48.89 -17.48 -5.27
N VAL DA 19 48.79 -17.42 -3.94
CA VAL DA 19 48.82 -18.61 -3.11
C VAL DA 19 47.51 -18.72 -2.33
N VAL DA 20 47.36 -19.81 -1.57
CA VAL DA 20 46.10 -20.09 -0.90
C VAL DA 20 45.82 -19.06 0.19
N THR DA 21 44.53 -18.94 0.53
CA THR DA 21 44.04 -18.06 1.58
C THR DA 21 43.04 -18.84 2.42
N MET DA 22 42.80 -18.35 3.63
CA MET DA 22 41.89 -18.99 4.56
C MET DA 22 40.56 -18.25 4.60
N ILE DA 23 39.48 -19.02 4.73
CA ILE DA 23 38.13 -18.49 4.82
C ILE DA 23 37.66 -18.58 6.26
N ARG DA 24 37.22 -17.45 6.81
CA ARG DA 24 36.73 -17.40 8.19
C ARG DA 24 35.29 -17.90 8.20
N ALA DA 25 35.15 -19.23 8.17
CA ALA DA 25 33.84 -19.84 8.11
C ALA DA 25 33.07 -19.65 9.41
N GLY DA 26 31.74 -19.66 9.30
CA GLY DA 26 30.87 -19.53 10.45
C GLY DA 26 30.13 -20.80 10.78
N SER DA 27 28.86 -20.69 11.16
CA SER DA 27 28.09 -21.87 11.50
C SER DA 27 27.92 -22.78 10.29
N TYR DA 28 27.62 -24.03 10.57
CA TYR DA 28 27.44 -25.01 9.51
C TYR DA 28 26.25 -24.61 8.65
N PRO DA 29 26.38 -24.60 7.32
CA PRO DA 29 25.31 -24.11 6.47
C PRO DA 29 24.28 -25.18 6.14
N LYS DA 30 23.24 -24.80 5.40
CA LYS DA 30 22.29 -25.77 4.87
C LYS DA 30 22.88 -26.39 3.62
N VAL DA 31 22.85 -27.72 3.54
CA VAL DA 31 23.47 -28.45 2.45
C VAL DA 31 22.42 -29.30 1.76
N ASN DA 32 22.74 -29.71 0.54
CA ASN DA 32 21.87 -30.59 -0.24
C ASN DA 32 22.77 -31.40 -1.16
N PRO DA 33 23.01 -32.67 -0.84
CA PRO DA 33 23.95 -33.45 -1.66
C PRO DA 33 23.41 -33.83 -3.02
N THR DA 34 22.09 -33.83 -3.20
CA THR DA 34 21.45 -34.25 -4.44
C THR DA 34 20.52 -33.13 -4.90
N PRO DA 35 21.06 -32.05 -5.45
CA PRO DA 35 20.22 -30.92 -5.83
C PRO DA 35 19.51 -31.13 -7.15
N THR DA 36 18.88 -30.06 -7.63
CA THR DA 36 18.22 -30.06 -8.93
C THR DA 36 19.23 -29.76 -10.03
N TRP DA 37 18.76 -29.78 -11.26
CA TRP DA 37 19.63 -29.54 -12.41
C TRP DA 37 18.78 -29.23 -13.64
N VAL DA 38 18.91 -28.03 -14.18
CA VAL DA 38 18.30 -27.65 -15.44
C VAL DA 38 19.23 -28.04 -16.57
N ARG DA 39 18.70 -28.76 -17.56
CA ARG DA 39 19.54 -29.38 -18.58
C ARG DA 39 18.87 -29.30 -19.94
N ALA DA 40 19.67 -29.50 -20.99
CA ALA DA 40 19.19 -29.75 -22.34
C ALA DA 40 19.74 -31.08 -22.79
N ILE DA 41 18.85 -32.04 -23.04
CA ILE DA 41 19.21 -33.44 -23.23
C ILE DA 41 19.09 -33.79 -24.72
N PRO DA 42 20.19 -34.08 -25.41
CA PRO DA 42 20.08 -34.50 -26.81
C PRO DA 42 20.03 -36.01 -26.95
N PHE DA 43 19.04 -36.50 -27.68
CA PHE DA 43 18.91 -37.93 -27.95
C PHE DA 43 18.05 -38.11 -29.19
N GLU DA 44 18.07 -39.33 -29.71
CA GLU DA 44 17.38 -39.67 -30.94
C GLU DA 44 16.43 -40.82 -30.71
N VAL DA 45 15.42 -40.90 -31.57
CA VAL DA 45 14.39 -41.94 -31.48
C VAL DA 45 14.09 -42.44 -32.89
N SER DA 46 13.80 -43.74 -33.00
CA SER DA 46 13.46 -44.36 -34.27
C SER DA 46 11.97 -44.22 -34.56
N VAL DA 47 11.65 -43.79 -35.79
CA VAL DA 47 10.29 -43.52 -36.20
C VAL DA 47 9.99 -44.31 -37.47
N GLN DA 48 8.74 -44.78 -37.58
CA GLN DA 48 8.26 -45.49 -38.75
C GLN DA 48 7.41 -44.56 -39.63
N SER DA 49 7.23 -44.97 -40.88
CA SER DA 49 6.47 -44.17 -41.83
C SER DA 49 4.98 -44.25 -41.54
N GLY DA 50 4.33 -43.10 -41.39
CA GLY DA 50 2.91 -43.05 -41.13
C GLY DA 50 2.49 -43.48 -39.75
N ILE DA 51 3.43 -43.80 -38.86
CA ILE DA 51 3.14 -44.24 -37.51
C ILE DA 51 3.71 -43.22 -36.53
N ALA DA 52 2.93 -42.92 -35.48
CA ALA DA 52 3.36 -41.97 -34.47
C ALA DA 52 4.06 -42.70 -33.32
N PHE DA 53 5.26 -42.25 -33.00
CA PHE DA 53 6.09 -42.86 -31.97
C PHE DA 53 5.93 -42.10 -30.65
N LYS DA 54 5.66 -42.84 -29.58
CA LYS DA 54 5.52 -42.26 -28.25
C LYS DA 54 6.89 -42.21 -27.57
N VAL DA 55 7.37 -41.01 -27.27
CA VAL DA 55 8.68 -40.81 -26.67
C VAL DA 55 8.58 -41.00 -25.15
N PRO DA 56 9.30 -41.95 -24.58
CA PRO DA 56 9.21 -42.15 -23.12
C PRO DA 56 10.09 -41.17 -22.37
N VAL DA 57 9.60 -40.76 -21.19
CA VAL DA 57 10.38 -39.85 -20.35
C VAL DA 57 11.62 -40.55 -19.81
N GLY DA 58 11.58 -41.89 -19.74
CA GLY DA 58 12.70 -42.66 -19.22
C GLY DA 58 13.98 -42.52 -20.02
N SER DA 59 13.89 -42.02 -21.25
CA SER DA 59 15.06 -41.74 -22.06
C SER DA 59 15.85 -40.53 -21.55
N LEU DA 60 15.26 -39.74 -20.65
CA LEU DA 60 15.97 -38.61 -20.07
C LEU DA 60 16.83 -39.01 -18.89
N PHE DA 61 16.52 -40.13 -18.23
CA PHE DA 61 17.30 -40.64 -17.11
C PHE DA 61 18.28 -41.67 -17.64
N SER DA 62 19.53 -41.26 -17.78
CA SER DA 62 20.57 -42.15 -18.31
C SER DA 62 21.92 -41.67 -17.82
N ALA DA 63 22.84 -42.62 -17.65
CA ALA DA 63 24.21 -42.27 -17.27
C ALA DA 63 24.92 -41.49 -18.37
N ASN DA 64 24.46 -41.59 -19.61
CA ASN DA 64 25.01 -40.79 -20.70
C ASN DA 64 24.68 -39.31 -20.56
N PHE DA 65 23.79 -38.96 -19.64
CA PHE DA 65 23.41 -37.58 -19.39
C PHE DA 65 23.69 -37.16 -17.96
N ARG DA 66 24.33 -38.04 -17.17
CA ARG DA 66 24.58 -37.80 -15.75
C ARG DA 66 23.28 -37.66 -14.96
N THR DA 67 22.21 -38.31 -15.44
CA THR DA 67 20.88 -38.20 -14.85
C THR DA 67 20.32 -39.55 -14.40
N ASP DA 68 21.15 -40.58 -14.28
CA ASP DA 68 20.70 -41.89 -13.83
C ASP DA 68 20.31 -41.92 -12.35
N SER DA 69 20.58 -40.85 -11.62
CA SER DA 69 20.20 -40.73 -10.22
C SER DA 69 18.86 -40.05 -10.02
N PHE DA 70 18.31 -39.42 -11.05
CA PHE DA 70 17.00 -38.79 -10.98
C PHE DA 70 15.90 -39.79 -11.30
N THR DA 71 14.73 -39.58 -10.71
CA THR DA 71 13.55 -40.38 -10.98
C THR DA 71 12.39 -39.60 -11.58
N SER DA 72 12.39 -38.27 -11.45
CA SER DA 72 11.36 -37.41 -12.01
C SER DA 72 12.02 -36.25 -12.73
N VAL DA 73 11.22 -35.52 -13.50
CA VAL DA 73 11.70 -34.36 -14.25
C VAL DA 73 10.51 -33.51 -14.63
N THR DA 74 10.71 -32.20 -14.68
CA THR DA 74 9.71 -31.24 -15.12
C THR DA 74 10.16 -30.70 -16.47
N VAL DA 75 9.42 -31.03 -17.52
CA VAL DA 75 9.77 -30.63 -18.88
C VAL DA 75 9.20 -29.25 -19.18
N MET DA 76 10.02 -28.40 -19.81
CA MET DA 76 9.67 -27.03 -20.18
C MET DA 76 9.44 -26.85 -21.67
N SER DA 77 10.30 -27.39 -22.52
CA SER DA 77 10.12 -27.28 -23.96
C SER DA 77 10.71 -28.50 -24.65
N VAL DA 78 10.22 -28.77 -25.85
CA VAL DA 78 10.69 -29.85 -26.70
C VAL DA 78 10.99 -29.30 -28.08
N ARG DA 79 12.12 -29.71 -28.65
CA ARG DA 79 12.49 -29.34 -30.01
C ARG DA 79 12.99 -30.57 -30.74
N ALA DA 80 12.60 -30.71 -32.01
CA ALA DA 80 12.89 -31.90 -32.80
C ALA DA 80 13.64 -31.54 -34.08
N TRP DA 81 14.48 -32.46 -34.53
CA TRP DA 81 15.23 -32.33 -35.78
C TRP DA 81 15.37 -33.70 -36.41
N THR DA 82 15.01 -33.81 -37.69
CA THR DA 82 15.21 -35.08 -38.37
C THR DA 82 16.69 -35.41 -38.44
N GLN DA 83 17.02 -36.69 -38.26
CA GLN DA 83 18.40 -37.13 -38.18
C GLN DA 83 18.86 -37.91 -39.41
N LEU DA 84 17.93 -38.42 -40.22
CA LEU DA 84 18.23 -39.16 -41.43
C LEU DA 84 17.54 -38.51 -42.63
N THR DA 85 17.93 -38.93 -43.83
CA THR DA 85 17.42 -38.32 -45.05
C THR DA 85 15.99 -38.78 -45.34
N PRO DA 86 15.18 -37.91 -45.93
CA PRO DA 86 13.80 -38.28 -46.25
C PRO DA 86 13.77 -39.25 -47.43
N PRO DA 87 12.59 -39.78 -47.76
CA PRO DA 87 12.48 -40.60 -48.97
C PRO DA 87 12.86 -39.82 -50.21
N VAL DA 88 13.05 -40.56 -51.30
CA VAL DA 88 13.46 -39.94 -52.54
C VAL DA 88 12.35 -39.03 -53.05
N ASN DA 89 12.74 -37.86 -53.55
CA ASN DA 89 11.88 -36.82 -54.13
C ASN DA 89 11.08 -36.06 -53.09
N GLU DA 90 11.17 -36.41 -51.82
CA GLU DA 90 10.39 -35.78 -50.76
C GLU DA 90 11.27 -34.84 -49.92
N TYR DA 91 10.63 -33.86 -49.31
CA TYR DA 91 11.27 -32.99 -48.33
C TYR DA 91 11.00 -33.50 -46.92
N SER DA 92 11.87 -33.14 -45.98
CA SER DA 92 11.74 -33.64 -44.63
C SER DA 92 10.64 -32.90 -43.88
N PHE DA 93 9.90 -33.64 -43.06
CA PHE DA 93 8.92 -33.04 -42.17
C PHE DA 93 8.94 -33.80 -40.85
N VAL DA 94 8.52 -33.10 -39.78
CA VAL DA 94 8.46 -33.69 -38.44
C VAL DA 94 7.32 -33.02 -37.69
N ARG DA 95 6.48 -33.84 -37.03
CA ARG DA 95 5.37 -33.36 -36.25
C ARG DA 95 5.56 -33.74 -34.79
N LEU DA 96 5.01 -32.90 -33.91
CA LEU DA 96 5.08 -33.11 -32.46
C LEU DA 96 3.70 -32.92 -31.87
N LYS DA 97 3.21 -33.94 -31.17
CA LYS DA 97 1.94 -33.85 -30.45
C LYS DA 97 2.20 -33.95 -28.95
N PRO DA 98 2.06 -32.86 -28.20
CA PRO DA 98 2.30 -32.91 -26.75
C PRO DA 98 1.37 -33.90 -26.06
N LEU DA 99 1.90 -34.58 -25.04
CA LEU DA 99 1.13 -35.53 -24.24
C LEU DA 99 1.24 -35.14 -22.78
N PHE DA 100 0.13 -35.25 -22.05
CA PHE DA 100 0.11 -34.92 -20.64
C PHE DA 100 -0.66 -36.00 -19.89
N LYS DA 101 -0.32 -36.16 -18.61
CA LYS DA 101 -1.04 -37.15 -17.80
C LYS DA 101 -2.43 -36.66 -17.45
N THR DA 102 -2.62 -35.35 -17.38
CA THR DA 102 -3.92 -34.75 -17.13
C THR DA 102 -4.78 -34.69 -18.39
N GLY DA 103 -4.23 -35.06 -19.53
CA GLY DA 103 -4.98 -35.05 -20.77
C GLY DA 103 -4.06 -34.85 -21.96
N ASP DA 104 -4.08 -35.79 -22.89
CA ASP DA 104 -3.26 -35.67 -24.09
C ASP DA 104 -3.76 -34.53 -24.96
N SER DA 105 -2.84 -33.95 -25.73
CA SER DA 105 -3.16 -32.87 -26.63
C SER DA 105 -3.41 -33.41 -28.03
N THR DA 106 -3.98 -32.56 -28.88
CA THR DA 106 -4.26 -32.92 -30.27
C THR DA 106 -3.57 -32.00 -31.26
N GLU DA 107 -2.61 -31.19 -30.80
CA GLU DA 107 -1.85 -30.34 -31.70
C GLU DA 107 -0.79 -31.14 -32.45
N GLU DA 108 -0.58 -30.81 -33.71
CA GLU DA 108 0.45 -31.44 -34.54
C GLU DA 108 1.38 -30.36 -35.07
N PHE DA 109 2.16 -29.76 -34.17
CA PHE DA 109 3.17 -28.78 -34.55
C PHE DA 109 4.16 -29.35 -35.54
N GLU DA 110 4.01 -28.98 -36.81
CA GLU DA 110 4.80 -29.57 -37.89
C GLU DA 110 5.79 -28.55 -38.44
N GLY DA 111 6.98 -29.03 -38.76
CA GLY DA 111 8.00 -28.22 -39.40
C GLY DA 111 8.60 -28.95 -40.58
N ARG DA 112 8.64 -28.29 -41.73
CA ARG DA 112 9.18 -28.91 -42.94
C ARG DA 112 10.43 -28.16 -43.39
N ALA DA 113 11.26 -28.87 -44.15
CA ALA DA 113 12.48 -28.31 -44.69
C ALA DA 113 12.23 -27.78 -46.10
N SER DA 114 12.78 -26.60 -46.38
CA SER DA 114 12.72 -26.03 -47.71
C SER DA 114 13.82 -26.57 -48.61
N ASN DA 115 14.66 -27.48 -48.10
CA ASN DA 115 15.72 -28.10 -48.87
C ASN DA 115 15.76 -29.59 -48.52
N ILE DA 116 15.91 -30.43 -49.55
CA ILE DA 116 15.89 -31.88 -49.32
C ILE DA 116 17.06 -32.31 -48.46
N ASN DA 117 18.20 -31.63 -48.59
CA ASN DA 117 19.41 -31.97 -47.84
C ASN DA 117 19.45 -31.34 -46.46
N THR DA 118 18.38 -30.68 -46.04
CA THR DA 118 18.36 -29.96 -44.78
C THR DA 118 17.34 -30.59 -43.84
N ARG DA 119 17.68 -30.58 -42.54
CA ARG DA 119 16.79 -31.10 -41.53
C ARG DA 119 15.48 -30.32 -41.48
N ALA DA 120 14.45 -30.97 -40.96
CA ALA DA 120 13.19 -30.33 -40.66
C ALA DA 120 13.08 -30.17 -39.14
N SER DA 121 12.76 -28.97 -38.69
CA SER DA 121 12.76 -28.67 -37.26
C SER DA 121 11.44 -28.08 -36.83
N VAL DA 122 11.05 -28.40 -35.60
CA VAL DA 122 9.86 -27.82 -34.98
C VAL DA 122 9.97 -28.04 -33.48
N GLY DA 123 9.21 -27.27 -32.71
CA GLY DA 123 9.22 -27.42 -31.27
C GLY DA 123 7.99 -26.84 -30.63
N TYR DA 124 7.86 -27.08 -29.32
CA TYR DA 124 6.74 -26.53 -28.58
C TYR DA 124 7.16 -26.27 -27.13
N ARG DA 125 6.57 -25.22 -26.55
CA ARG DA 125 6.85 -24.81 -25.19
C ARG DA 125 5.69 -25.22 -24.28
N ILE DA 126 6.03 -25.70 -23.08
CA ILE DA 126 5.03 -26.13 -22.10
C ILE DA 126 4.71 -24.97 -21.18
N PRO DA 127 3.45 -24.63 -20.97
CA PRO DA 127 3.12 -23.45 -20.16
C PRO DA 127 3.39 -23.71 -18.68
N THR DA 128 3.65 -22.64 -17.96
CA THR DA 128 3.98 -22.75 -16.55
C THR DA 128 2.73 -23.11 -15.73
N ASN DA 129 2.09 -24.22 -16.06
CA ASN DA 129 0.95 -24.69 -15.30
C ASN DA 129 0.77 -26.18 -15.55
N LEU DA 130 1.19 -26.62 -16.73
CA LEU DA 130 1.29 -28.02 -17.09
C LEU DA 130 2.68 -28.58 -16.84
N ARG DA 131 3.53 -27.81 -16.15
CA ARG DA 131 4.89 -28.21 -15.83
C ARG DA 131 4.89 -28.91 -14.46
N GLN DA 132 4.45 -30.17 -14.49
CA GLN DA 132 4.54 -31.08 -13.37
C GLN DA 132 5.52 -32.19 -13.70
N ASN DA 133 5.90 -32.94 -12.67
CA ASN DA 133 6.88 -33.99 -12.86
C ASN DA 133 6.33 -35.14 -13.69
N THR DA 134 7.24 -35.87 -14.31
CA THR DA 134 6.91 -37.06 -15.06
C THR DA 134 7.96 -38.13 -14.79
N VAL DA 135 7.50 -39.35 -14.58
CA VAL DA 135 8.41 -40.44 -14.28
C VAL DA 135 8.80 -41.15 -15.58
N ALA DA 136 9.64 -42.18 -15.47
CA ALA DA 136 10.12 -42.87 -16.67
C ALA DA 136 8.99 -43.50 -17.46
N ALA DA 137 7.96 -44.01 -16.77
CA ALA DA 137 6.85 -44.66 -17.46
C ALA DA 137 5.96 -43.69 -18.22
N ASP DA 138 6.12 -42.39 -17.99
CA ASP DA 138 5.29 -41.40 -18.65
C ASP DA 138 5.84 -41.08 -20.04
N ASN DA 139 4.96 -40.56 -20.89
CA ASN DA 139 5.30 -40.14 -22.24
C ASN DA 139 5.22 -38.62 -22.33
N VAL DA 140 6.03 -38.05 -23.21
CA VAL DA 140 6.12 -36.60 -23.33
C VAL DA 140 5.40 -36.09 -24.58
N CYS DA 141 5.57 -36.77 -25.71
CA CYS DA 141 4.96 -36.33 -26.97
C CYS DA 141 5.03 -37.46 -27.99
N GLU DA 142 4.13 -37.39 -28.97
CA GLU DA 142 4.15 -38.26 -30.14
C GLU DA 142 4.90 -37.58 -31.29
N VAL DA 143 5.61 -38.41 -32.06
CA VAL DA 143 6.46 -37.92 -33.14
C VAL DA 143 6.06 -38.62 -34.44
N ARG DA 144 5.83 -37.83 -35.49
CA ARG DA 144 5.61 -38.33 -36.84
C ARG DA 144 6.61 -37.68 -37.79
N SER DA 145 7.04 -38.44 -38.79
CA SER DA 145 8.02 -37.95 -39.74
C SER DA 145 8.14 -38.94 -40.89
N ASN DA 146 8.78 -38.48 -41.97
CA ASN DA 146 9.11 -39.36 -43.10
C ASN DA 146 10.55 -39.86 -43.04
N CYS DA 147 11.36 -39.29 -42.16
CA CYS DA 147 12.68 -39.80 -41.85
C CYS DA 147 12.58 -40.80 -40.69
N ARG DA 148 13.61 -41.62 -40.54
CA ARG DA 148 13.55 -42.81 -39.71
C ARG DA 148 14.21 -42.67 -38.35
N GLN DA 149 14.82 -41.52 -38.03
CA GLN DA 149 15.51 -41.38 -36.75
C GLN DA 149 15.56 -39.98 -36.13
N VAL DA 150 14.47 -39.22 -36.20
CA VAL DA 150 14.42 -37.82 -35.75
C VAL DA 150 15.13 -37.61 -34.41
N ALA DA 151 15.88 -36.51 -34.29
CA ALA DA 151 16.64 -36.19 -33.08
C ALA DA 151 15.90 -35.16 -32.24
N LEU DA 152 16.04 -35.31 -30.92
CA LEU DA 152 15.31 -34.49 -29.97
C LEU DA 152 16.27 -33.80 -29.01
N VAL DA 153 15.95 -32.55 -28.69
CA VAL DA 153 16.61 -31.79 -27.64
C VAL DA 153 15.52 -31.27 -26.72
N ILE DA 154 15.60 -31.64 -25.44
CA ILE DA 154 14.55 -31.35 -24.48
C ILE DA 154 15.15 -30.54 -23.34
N SER DA 155 14.67 -29.31 -23.18
CA SER DA 155 15.00 -28.50 -22.02
C SER DA 155 14.02 -28.81 -20.90
N CYS DA 156 14.55 -29.20 -19.75
CA CYS DA 156 13.72 -29.66 -18.64
C CYS DA 156 14.45 -29.42 -17.33
N CYS DA 157 13.79 -29.75 -16.24
CA CYS DA 157 14.29 -29.54 -14.89
C CYS DA 157 14.28 -30.87 -14.14
N PHE DA 158 15.45 -31.45 -13.93
CA PHE DA 158 15.55 -32.70 -13.18
C PHE DA 158 15.47 -32.43 -11.69
N ASN DA 159 14.80 -33.33 -10.98
CA ASN DA 159 14.67 -33.25 -9.53
C ASN DA 159 14.45 -34.62 -8.91
N ASN EA 16 56.89 10.58 -47.26
CA ASN EA 16 57.64 9.89 -46.23
C ASN EA 16 59.07 9.67 -46.66
N SER EA 17 59.79 8.85 -45.90
CA SER EA 17 61.21 8.64 -46.15
C SER EA 17 61.42 7.81 -47.41
N ASN EA 18 62.36 8.26 -48.25
CA ASN EA 18 62.67 7.57 -49.50
C ASN EA 18 64.07 6.96 -49.51
N VAL EA 19 64.83 7.10 -48.43
CA VAL EA 19 66.21 6.65 -48.38
C VAL EA 19 66.53 6.27 -46.94
N VAL EA 20 67.67 5.61 -46.75
CA VAL EA 20 68.04 5.11 -45.43
C VAL EA 20 68.31 6.27 -44.48
N THR EA 21 67.93 6.09 -43.22
CA THR EA 21 68.13 7.07 -42.17
C THR EA 21 68.90 6.43 -41.02
N MET EA 22 69.68 7.25 -40.32
CA MET EA 22 70.52 6.75 -39.23
C MET EA 22 69.71 6.54 -37.95
N ILE EA 23 70.01 5.47 -37.24
CA ILE EA 23 69.42 5.17 -35.95
C ILE EA 23 70.43 5.46 -34.86
N ARG EA 24 70.05 6.28 -33.89
CA ARG EA 24 70.92 6.62 -32.77
C ARG EA 24 70.73 5.58 -31.65
N ALA EA 25 71.21 4.37 -31.95
CA ALA EA 25 71.04 3.25 -31.04
C ALA EA 25 71.93 3.40 -29.82
N GLY EA 26 71.42 2.93 -28.68
CA GLY EA 26 72.11 3.09 -27.42
C GLY EA 26 72.72 1.80 -26.92
N SER EA 27 72.43 1.46 -25.65
CA SER EA 27 72.97 0.25 -25.05
C SER EA 27 72.39 -1.00 -25.72
N TYR EA 28 73.13 -2.11 -25.59
CA TYR EA 28 72.69 -3.38 -26.15
C TYR EA 28 71.42 -3.84 -25.44
N PRO EA 29 70.37 -4.20 -26.17
CA PRO EA 29 69.08 -4.45 -25.53
C PRO EA 29 69.01 -5.86 -24.96
N LYS EA 30 67.83 -6.18 -24.44
CA LYS EA 30 67.53 -7.54 -24.01
C LYS EA 30 67.01 -8.31 -25.21
N VAL EA 31 67.69 -9.41 -25.55
CA VAL EA 31 67.40 -10.16 -26.76
C VAL EA 31 66.92 -11.56 -26.40
N ASN EA 32 66.31 -12.22 -27.37
CA ASN EA 32 65.80 -13.58 -27.23
C ASN EA 32 65.73 -14.25 -28.60
N PRO EA 33 66.71 -15.09 -28.95
CA PRO EA 33 66.72 -15.67 -30.30
C PRO EA 33 65.63 -16.70 -30.53
N THR EA 34 65.06 -17.28 -29.49
CA THR EA 34 63.99 -18.26 -29.59
C THR EA 34 62.79 -17.76 -28.80
N PRO EA 35 61.94 -16.93 -29.41
CA PRO EA 35 60.79 -16.38 -28.69
C PRO EA 35 59.53 -17.23 -28.82
N THR EA 36 58.48 -16.83 -28.10
CA THR EA 36 57.23 -17.57 -28.14
C THR EA 36 56.44 -17.23 -29.40
N TRP EA 37 55.33 -17.92 -29.58
CA TRP EA 37 54.51 -17.74 -30.77
C TRP EA 37 53.09 -18.18 -30.46
N VAL EA 38 52.12 -17.30 -30.72
CA VAL EA 38 50.71 -17.60 -30.61
C VAL EA 38 50.21 -18.02 -31.99
N ARG EA 39 49.68 -19.23 -32.10
CA ARG EA 39 49.35 -19.82 -33.39
C ARG EA 39 47.97 -20.48 -33.33
N ALA EA 40 47.40 -20.70 -34.51
CA ALA EA 40 46.27 -21.61 -34.70
C ALA EA 40 46.68 -22.64 -35.74
N ILE EA 41 46.78 -23.89 -35.30
CA ILE EA 41 47.42 -24.96 -36.09
C ILE EA 41 46.33 -25.72 -36.84
N PRO EA 42 46.33 -25.73 -38.18
CA PRO EA 42 45.36 -26.53 -38.92
C PRO EA 42 45.92 -27.88 -39.36
N PHE EA 43 45.45 -28.94 -38.73
CA PHE EA 43 45.83 -30.29 -39.10
C PHE EA 43 44.63 -31.20 -38.92
N GLU EA 44 44.67 -32.33 -39.61
CA GLU EA 44 43.56 -33.27 -39.69
C GLU EA 44 43.89 -34.55 -38.95
N VAL EA 45 42.84 -35.23 -38.52
CA VAL EA 45 42.95 -36.53 -37.86
C VAL EA 45 41.90 -37.45 -38.42
N SER EA 46 42.28 -38.69 -38.71
CA SER EA 46 41.32 -39.71 -39.12
C SER EA 46 40.58 -40.27 -37.91
N VAL EA 47 39.31 -40.60 -38.12
CA VAL EA 47 38.45 -41.10 -37.05
C VAL EA 47 37.70 -42.33 -37.54
N GLN EA 48 37.45 -43.26 -36.62
CA GLN EA 48 36.64 -44.44 -36.90
C GLN EA 48 35.23 -44.27 -36.37
N SER EA 49 34.35 -45.18 -36.78
CA SER EA 49 32.95 -45.13 -36.39
C SER EA 49 32.78 -45.78 -35.01
N GLY EA 50 32.14 -45.06 -34.10
CA GLY EA 50 31.91 -45.58 -32.76
C GLY EA 50 33.14 -45.66 -31.89
N ILE EA 51 34.28 -45.18 -32.37
CA ILE EA 51 35.54 -45.23 -31.64
C ILE EA 51 36.09 -43.82 -31.50
N ALA EA 52 36.58 -43.49 -30.32
CA ALA EA 52 37.22 -42.20 -30.08
C ALA EA 52 38.67 -42.23 -30.54
N PHE EA 53 39.27 -41.06 -30.63
CA PHE EA 53 40.69 -40.94 -30.97
C PHE EA 53 41.30 -39.83 -30.15
N LYS EA 54 42.37 -40.14 -29.42
CA LYS EA 54 43.06 -39.15 -28.61
C LYS EA 54 44.08 -38.41 -29.47
N VAL EA 55 43.84 -37.12 -29.70
CA VAL EA 55 44.71 -36.30 -30.53
C VAL EA 55 46.02 -36.04 -29.79
N PRO EA 56 47.16 -36.49 -30.30
CA PRO EA 56 48.42 -36.24 -29.59
C PRO EA 56 48.93 -34.83 -29.82
N VAL EA 57 49.48 -34.25 -28.75
CA VAL EA 57 50.04 -32.91 -28.83
C VAL EA 57 51.20 -32.85 -29.82
N GLY EA 58 51.86 -33.99 -30.06
CA GLY EA 58 53.02 -34.01 -30.93
C GLY EA 58 52.72 -33.68 -32.38
N SER EA 59 51.44 -33.64 -32.74
CA SER EA 59 51.03 -33.20 -34.07
C SER EA 59 51.21 -31.70 -34.25
N LEU EA 60 51.35 -30.96 -33.16
CA LEU EA 60 51.53 -29.52 -33.20
C LEU EA 60 52.97 -29.11 -33.44
N PHE EA 61 53.92 -30.03 -33.29
CA PHE EA 61 55.34 -29.74 -33.48
C PHE EA 61 55.78 -30.40 -34.78
N SER EA 62 55.96 -29.58 -35.82
CA SER EA 62 56.37 -30.07 -37.12
C SER EA 62 56.97 -28.91 -37.89
N ALA EA 63 57.81 -29.25 -38.88
CA ALA EA 63 58.36 -28.24 -39.77
C ALA EA 63 57.31 -27.66 -40.71
N ASN EA 64 56.19 -28.37 -40.90
CA ASN EA 64 55.11 -27.90 -41.74
C ASN EA 64 54.33 -26.75 -41.11
N PHE EA 65 54.55 -26.50 -39.82
CA PHE EA 65 53.95 -25.38 -39.12
C PHE EA 65 54.99 -24.39 -38.61
N ARG EA 66 56.27 -24.59 -38.98
CA ARG EA 66 57.39 -23.79 -38.50
C ARG EA 66 57.58 -23.92 -36.98
N THR EA 67 57.20 -25.07 -36.43
CA THR EA 67 57.19 -25.27 -34.98
C THR EA 67 58.02 -26.47 -34.55
N ASP EA 68 58.87 -27.00 -35.43
CA ASP EA 68 59.72 -28.13 -35.06
C ASP EA 68 60.73 -27.76 -33.98
N SER EA 69 60.99 -26.46 -33.80
CA SER EA 69 61.95 -25.99 -32.82
C SER EA 69 61.35 -25.86 -31.43
N PHE EA 70 60.10 -26.27 -31.24
CA PHE EA 70 59.42 -26.21 -29.96
C PHE EA 70 59.28 -27.61 -29.39
N THR EA 71 59.32 -27.69 -28.06
CA THR EA 71 59.05 -28.92 -27.34
C THR EA 71 57.79 -28.86 -26.50
N SER EA 72 57.33 -27.67 -26.11
CA SER EA 72 56.14 -27.49 -25.30
C SER EA 72 55.18 -26.52 -25.97
N VAL EA 73 53.93 -26.53 -25.50
CA VAL EA 73 52.89 -25.68 -26.04
C VAL EA 73 51.78 -25.55 -25.01
N THR EA 74 51.11 -24.41 -25.00
CA THR EA 74 50.00 -24.14 -24.09
C THR EA 74 48.73 -23.97 -24.93
N VAL EA 75 47.87 -24.97 -24.89
CA VAL EA 75 46.64 -24.93 -25.66
C VAL EA 75 45.65 -23.97 -24.99
N MET EA 76 45.01 -23.13 -25.80
CA MET EA 76 43.99 -22.17 -25.36
C MET EA 76 42.59 -22.55 -25.76
N SER EA 77 42.38 -22.99 -27.00
CA SER EA 77 41.07 -23.42 -27.44
C SER EA 77 41.22 -24.38 -28.61
N VAL EA 78 40.31 -25.34 -28.68
CA VAL EA 78 40.28 -26.31 -29.76
C VAL EA 78 38.99 -26.11 -30.54
N ARG EA 79 39.07 -26.29 -31.86
CA ARG EA 79 37.89 -26.30 -32.72
C ARG EA 79 38.02 -27.45 -33.71
N ALA EA 80 36.89 -28.04 -34.09
CA ALA EA 80 36.89 -29.22 -34.94
C ALA EA 80 35.81 -29.13 -36.01
N TRP EA 81 36.18 -29.53 -37.23
CA TRP EA 81 35.26 -29.62 -38.36
C TRP EA 81 35.40 -30.99 -39.01
N THR EA 82 34.27 -31.57 -39.39
CA THR EA 82 34.29 -32.81 -40.13
C THR EA 82 34.91 -32.59 -41.51
N GLN EA 83 35.81 -33.49 -41.91
CA GLN EA 83 36.62 -33.27 -43.10
C GLN EA 83 36.16 -34.08 -44.31
N LEU EA 84 35.36 -35.12 -44.11
CA LEU EA 84 34.86 -35.93 -45.21
C LEU EA 84 33.34 -36.00 -45.13
N THR EA 85 32.73 -36.69 -46.10
CA THR EA 85 31.29 -36.85 -46.14
C THR EA 85 30.85 -37.91 -45.14
N PRO EA 86 29.65 -37.78 -44.58
CA PRO EA 86 29.16 -38.74 -43.61
C PRO EA 86 28.69 -40.02 -44.28
N PRO EA 87 28.33 -41.04 -43.50
CA PRO EA 87 27.72 -42.23 -44.11
C PRO EA 87 26.44 -41.86 -44.85
N VAL EA 88 26.00 -42.79 -45.70
CA VAL EA 88 24.79 -42.56 -46.48
C VAL EA 88 23.60 -42.45 -45.54
N ASN EA 89 22.71 -41.51 -45.86
CA ASN EA 89 21.47 -41.17 -45.14
C ASN EA 89 21.73 -40.45 -43.82
N GLU EA 90 22.97 -40.14 -43.48
CA GLU EA 90 23.31 -39.56 -42.20
C GLU EA 90 23.83 -38.14 -42.34
N TYR EA 91 23.55 -37.32 -41.34
CA TYR EA 91 24.16 -36.00 -41.21
C TYR EA 91 25.49 -36.12 -40.48
N SER EA 92 26.30 -35.07 -40.57
CA SER EA 92 27.60 -35.09 -39.95
C SER EA 92 27.52 -34.69 -38.49
N PHE EA 93 28.36 -35.31 -37.67
CA PHE EA 93 28.51 -34.88 -36.28
C PHE EA 93 29.95 -35.02 -35.86
N VAL EA 94 30.29 -34.39 -34.74
CA VAL EA 94 31.64 -34.44 -34.20
C VAL EA 94 31.54 -34.11 -32.71
N ARG EA 95 32.31 -34.82 -31.91
CA ARG EA 95 32.38 -34.65 -30.47
C ARG EA 95 33.81 -34.34 -30.06
N LEU EA 96 33.95 -33.58 -28.97
CA LEU EA 96 35.25 -33.22 -28.42
C LEU EA 96 35.24 -33.46 -26.92
N LYS EA 97 36.14 -34.31 -26.44
CA LYS EA 97 36.28 -34.55 -25.01
C LYS EA 97 37.64 -34.07 -24.55
N PRO EA 98 37.71 -33.01 -23.76
CA PRO EA 98 39.01 -32.45 -23.38
C PRO EA 98 39.79 -33.43 -22.50
N LEU EA 99 41.09 -33.48 -22.73
CA LEU EA 99 41.99 -34.35 -22.00
C LEU EA 99 43.07 -33.50 -21.36
N PHE EA 100 43.27 -33.69 -20.06
CA PHE EA 100 44.29 -32.98 -19.31
C PHE EA 100 45.12 -33.96 -18.53
N LYS EA 101 46.37 -33.58 -18.24
CA LYS EA 101 47.24 -34.45 -17.47
C LYS EA 101 46.83 -34.51 -16.01
N THR EA 102 46.30 -33.42 -15.46
CA THR EA 102 45.79 -33.40 -14.10
C THR EA 102 44.46 -34.12 -13.97
N GLY EA 103 43.79 -34.44 -15.08
CA GLY EA 103 42.51 -35.10 -15.03
C GLY EA 103 41.76 -34.97 -16.33
N ASP EA 104 41.34 -36.09 -16.90
CA ASP EA 104 40.58 -36.03 -18.15
C ASP EA 104 39.16 -35.57 -17.87
N SER EA 105 38.61 -34.80 -18.79
CA SER EA 105 37.23 -34.38 -18.69
C SER EA 105 36.32 -35.42 -19.33
N THR EA 106 35.07 -35.42 -18.88
CA THR EA 106 34.06 -36.32 -19.41
C THR EA 106 33.04 -35.58 -20.28
N GLU EA 107 33.35 -34.37 -20.74
CA GLU EA 107 32.45 -33.63 -21.60
C GLU EA 107 32.53 -34.16 -23.03
N GLU EA 108 31.41 -34.06 -23.75
CA GLU EA 108 31.34 -34.48 -25.14
C GLU EA 108 30.68 -33.37 -25.94
N PHE EA 109 31.40 -32.26 -26.10
CA PHE EA 109 30.87 -31.13 -26.85
C PHE EA 109 30.59 -31.58 -28.28
N GLU EA 110 29.33 -31.56 -28.68
CA GLU EA 110 28.91 -32.11 -29.95
C GLU EA 110 28.30 -31.03 -30.82
N GLY EA 111 28.57 -31.11 -32.12
CA GLY EA 111 27.95 -30.23 -33.08
C GLY EA 111 27.56 -31.01 -34.33
N ARG EA 112 26.30 -30.94 -34.72
CA ARG EA 112 25.82 -31.70 -35.86
C ARG EA 112 25.46 -30.76 -36.99
N ALA EA 113 25.66 -31.24 -38.23
CA ALA EA 113 25.35 -30.45 -39.40
C ALA EA 113 23.87 -30.54 -39.73
N SER EA 114 23.26 -29.39 -40.02
CA SER EA 114 21.86 -29.35 -40.42
C SER EA 114 21.67 -29.57 -41.91
N ASN EA 115 22.76 -29.77 -42.66
CA ASN EA 115 22.70 -30.16 -44.06
C ASN EA 115 23.71 -31.28 -44.27
N ILE EA 116 23.31 -32.32 -45.02
CA ILE EA 116 24.19 -33.47 -45.22
C ILE EA 116 25.46 -33.08 -45.97
N ASN EA 117 25.38 -32.07 -46.83
CA ASN EA 117 26.53 -31.63 -47.59
C ASN EA 117 27.38 -30.62 -46.84
N THR EA 118 27.06 -30.34 -45.58
CA THR EA 118 27.73 -29.32 -44.80
C THR EA 118 28.53 -29.96 -43.66
N ARG EA 119 29.69 -29.36 -43.35
CA ARG EA 119 30.48 -29.82 -42.22
C ARG EA 119 29.72 -29.65 -40.91
N ALA EA 120 30.13 -30.43 -39.91
CA ALA EA 120 29.65 -30.28 -38.55
C ALA EA 120 30.80 -29.74 -37.69
N SER EA 121 30.54 -28.65 -36.97
CA SER EA 121 31.58 -27.96 -36.23
C SER EA 121 31.27 -27.93 -34.74
N VAL EA 122 32.34 -27.91 -33.94
CA VAL EA 122 32.23 -27.78 -32.49
C VAL EA 122 33.61 -27.38 -31.98
N GLY EA 123 33.63 -26.68 -30.85
CA GLY EA 123 34.88 -26.28 -30.24
C GLY EA 123 34.73 -26.09 -28.75
N TYR EA 124 35.88 -25.99 -28.08
CA TYR EA 124 35.88 -25.75 -26.65
C TYR EA 124 37.06 -24.89 -26.27
N ARG EA 125 36.88 -24.11 -25.21
CA ARG EA 125 37.91 -23.20 -24.70
C ARG EA 125 38.42 -23.73 -23.37
N ILE EA 126 39.73 -23.80 -23.23
CA ILE EA 126 40.37 -24.23 -22.00
C ILE EA 126 40.50 -23.04 -21.06
N PRO EA 127 40.00 -23.14 -19.83
CA PRO EA 127 40.09 -22.01 -18.90
C PRO EA 127 41.54 -21.70 -18.53
N THR EA 128 41.72 -20.48 -18.02
CA THR EA 128 43.05 -20.02 -17.67
C THR EA 128 43.69 -20.89 -16.61
N ASN EA 129 42.89 -21.40 -15.67
CA ASN EA 129 43.43 -22.25 -14.61
C ASN EA 129 43.86 -23.62 -15.10
N LEU EA 130 43.65 -23.92 -16.39
CA LEU EA 130 44.04 -25.19 -16.99
C LEU EA 130 44.92 -25.00 -18.22
N ARG EA 131 45.62 -23.87 -18.32
CA ARG EA 131 46.46 -23.57 -19.48
C ARG EA 131 47.93 -23.75 -19.11
N GLN EA 132 48.31 -25.02 -18.93
CA GLN EA 132 49.69 -25.40 -18.69
C GLN EA 132 50.28 -26.04 -19.94
N ASN EA 133 51.58 -26.27 -19.93
CA ASN EA 133 52.25 -26.84 -21.09
C ASN EA 133 51.89 -28.31 -21.28
N THR EA 134 52.04 -28.77 -22.52
CA THR EA 134 51.90 -30.18 -22.88
C THR EA 134 52.99 -30.53 -23.88
N VAL EA 135 53.55 -31.73 -23.74
CA VAL EA 135 54.62 -32.19 -24.63
C VAL EA 135 54.05 -33.16 -25.66
N ALA EA 136 54.92 -33.69 -26.53
CA ALA EA 136 54.48 -34.52 -27.64
C ALA EA 136 53.86 -35.83 -27.17
N ALA EA 137 54.17 -36.26 -25.95
CA ALA EA 137 53.64 -37.50 -25.38
C ALA EA 137 52.24 -37.32 -24.81
N ASP EA 138 51.78 -36.09 -24.66
CA ASP EA 138 50.47 -35.82 -24.07
C ASP EA 138 49.39 -35.80 -25.16
N ASN EA 139 48.15 -35.78 -24.71
CA ASN EA 139 46.99 -35.74 -25.60
C ASN EA 139 46.22 -34.45 -25.37
N VAL EA 140 45.54 -34.00 -26.43
CA VAL EA 140 44.75 -32.78 -26.37
C VAL EA 140 43.31 -33.12 -26.00
N CYS EA 141 42.63 -33.88 -26.86
CA CYS EA 141 41.22 -34.20 -26.67
C CYS EA 141 40.91 -35.51 -27.37
N GLU EA 142 39.70 -36.01 -27.15
CA GLU EA 142 39.17 -37.16 -27.87
C GLU EA 142 38.18 -36.69 -28.91
N VAL EA 143 38.30 -37.22 -30.13
CA VAL EA 143 37.45 -36.83 -31.25
C VAL EA 143 36.62 -38.04 -31.68
N ARG EA 144 35.31 -37.91 -31.57
CA ARG EA 144 34.36 -38.91 -32.07
C ARG EA 144 33.54 -38.31 -33.20
N SER EA 145 33.34 -39.08 -34.26
CA SER EA 145 32.58 -38.59 -35.42
C SER EA 145 32.24 -39.78 -36.32
N ASN EA 146 31.24 -39.57 -37.18
CA ASN EA 146 30.86 -40.55 -38.17
C ASN EA 146 31.59 -40.36 -39.50
N CYS EA 147 32.34 -39.27 -39.64
CA CYS EA 147 33.16 -39.01 -40.82
C CYS EA 147 34.56 -39.54 -40.60
N ARG EA 148 35.18 -39.99 -41.69
CA ARG EA 148 36.44 -40.73 -41.57
C ARG EA 148 37.63 -39.83 -41.26
N GLN EA 149 37.47 -38.51 -41.33
CA GLN EA 149 38.51 -37.56 -40.97
C GLN EA 149 37.87 -36.34 -40.33
N VAL EA 150 38.65 -35.66 -39.50
CA VAL EA 150 38.20 -34.46 -38.79
C VAL EA 150 39.28 -33.39 -38.91
N ALA EA 151 38.90 -32.19 -39.33
CA ALA EA 151 39.82 -31.07 -39.41
C ALA EA 151 39.81 -30.29 -38.10
N LEU EA 152 40.99 -30.02 -37.58
CA LEU EA 152 41.16 -29.35 -36.30
C LEU EA 152 41.84 -28.00 -36.50
N VAL EA 153 41.45 -27.03 -35.68
CA VAL EA 153 42.13 -25.75 -35.59
C VAL EA 153 42.31 -25.46 -34.11
N ILE EA 154 43.55 -25.47 -33.64
CA ILE EA 154 43.86 -25.35 -32.23
C ILE EA 154 44.59 -24.04 -32.01
N SER EA 155 43.97 -23.15 -31.24
CA SER EA 155 44.61 -21.90 -30.84
C SER EA 155 45.45 -22.17 -29.60
N CYS EA 156 46.77 -22.11 -29.75
CA CYS EA 156 47.68 -22.44 -28.68
C CYS EA 156 48.82 -21.44 -28.67
N CYS EA 157 49.76 -21.65 -27.74
CA CYS EA 157 50.93 -20.80 -27.55
C CYS EA 157 52.15 -21.69 -27.44
N PHE EA 158 52.99 -21.69 -28.47
CA PHE EA 158 54.22 -22.47 -28.44
C PHE EA 158 55.29 -21.78 -27.60
N ASN EA 159 56.03 -22.58 -26.84
CA ASN EA 159 57.14 -22.06 -26.06
C ASN EA 159 58.25 -23.09 -25.85
N ASN FA 16 18.17 19.27 -68.93
CA ASN FA 16 19.48 19.91 -69.01
C ASN FA 16 19.80 20.34 -70.44
N SER FA 17 21.05 20.10 -70.85
CA SER FA 17 21.50 20.50 -72.17
C SER FA 17 20.95 19.56 -73.22
N ASN FA 18 20.13 20.09 -74.14
CA ASN FA 18 19.69 19.35 -75.32
C ASN FA 18 20.45 19.78 -76.57
N VAL FA 19 21.50 20.58 -76.40
CA VAL FA 19 22.13 21.30 -77.49
C VAL FA 19 23.64 21.18 -77.38
N VAL FA 20 24.31 21.06 -78.52
CA VAL FA 20 25.76 21.08 -78.55
C VAL FA 20 26.26 22.44 -78.06
N THR FA 21 27.14 22.41 -77.07
CA THR FA 21 27.67 23.63 -76.46
C THR FA 21 29.16 23.75 -76.74
N MET FA 22 29.63 24.99 -76.86
CA MET FA 22 31.02 25.25 -77.18
C MET FA 22 31.89 25.10 -75.94
N ILE FA 23 33.17 24.79 -76.17
CA ILE FA 23 34.17 24.67 -75.12
C ILE FA 23 35.29 25.64 -75.44
N ARG FA 24 35.47 26.66 -74.59
CA ARG FA 24 36.49 27.68 -74.81
C ARG FA 24 37.85 27.14 -74.35
N ALA FA 25 38.39 26.24 -75.16
CA ALA FA 25 39.65 25.59 -74.82
C ALA FA 25 40.79 26.60 -74.90
N GLY FA 26 41.88 26.27 -74.21
CA GLY FA 26 43.04 27.15 -74.23
C GLY FA 26 44.24 26.56 -74.92
N SER FA 27 45.29 26.29 -74.15
CA SER FA 27 46.49 25.68 -74.65
C SER FA 27 46.31 24.17 -74.80
N TYR FA 28 47.23 23.56 -75.52
CA TYR FA 28 47.19 22.12 -75.69
C TYR FA 28 47.59 21.44 -74.39
N PRO FA 29 46.83 20.47 -73.91
CA PRO FA 29 47.11 19.88 -72.59
C PRO FA 29 48.19 18.82 -72.66
N LYS FA 30 48.51 18.25 -71.51
CA LYS FA 30 49.44 17.13 -71.44
C LYS FA 30 48.68 15.85 -71.71
N VAL FA 31 49.05 15.16 -72.78
CA VAL FA 31 48.30 14.02 -73.28
C VAL FA 31 49.11 12.75 -73.09
N ASN FA 32 48.40 11.63 -73.06
CA ASN FA 32 49.00 10.30 -72.98
C ASN FA 32 48.12 9.33 -73.75
N PRO FA 33 48.58 8.86 -74.92
CA PRO FA 33 47.74 7.91 -75.68
C PRO FA 33 47.70 6.53 -75.08
N THR FA 34 48.75 6.13 -74.35
CA THR FA 34 48.86 4.81 -73.73
C THR FA 34 48.94 5.01 -72.22
N PRO FA 35 47.80 5.08 -71.54
CA PRO FA 35 47.84 5.29 -70.09
C PRO FA 35 47.92 3.98 -69.32
N THR FA 36 47.77 4.06 -68.01
CA THR FA 36 47.76 2.87 -67.17
C THR FA 36 46.32 2.37 -67.02
N TRP FA 37 46.15 1.33 -66.20
CA TRP FA 37 44.84 0.74 -65.97
C TRP FA 37 44.89 -0.11 -64.72
N VAL FA 38 43.93 0.12 -63.82
CA VAL FA 38 43.74 -0.72 -62.65
C VAL FA 38 42.64 -1.72 -62.99
N ARG FA 39 42.96 -3.01 -62.92
CA ARG FA 39 42.07 -4.05 -63.44
C ARG FA 39 41.94 -5.19 -62.45
N ALA FA 40 40.84 -5.92 -62.57
CA ALA FA 40 40.62 -7.18 -61.88
C ALA FA 40 40.41 -8.25 -62.95
N ILE FA 41 41.45 -9.02 -63.22
CA ILE FA 41 41.47 -9.93 -64.37
C ILE FA 41 40.96 -11.29 -63.91
N PRO FA 42 39.89 -11.83 -64.51
CA PRO FA 42 39.46 -13.18 -64.19
C PRO FA 42 39.94 -14.21 -65.21
N PHE FA 43 40.66 -15.22 -64.75
CA PHE FA 43 41.13 -16.29 -65.61
C PHE FA 43 41.32 -17.54 -64.77
N GLU FA 44 41.32 -18.69 -65.45
CA GLU FA 44 41.42 -19.98 -64.80
C GLU FA 44 42.76 -20.62 -65.13
N VAL FA 45 43.17 -21.56 -64.28
CA VAL FA 45 44.37 -22.35 -64.50
C VAL FA 45 44.04 -23.81 -64.17
N SER FA 46 44.83 -24.71 -64.73
CA SER FA 46 44.69 -26.14 -64.48
C SER FA 46 45.67 -26.58 -63.40
N VAL FA 47 45.19 -27.43 -62.49
CA VAL FA 47 45.95 -27.85 -61.32
C VAL FA 47 45.88 -29.37 -61.22
N GLN FA 48 47.01 -30.01 -60.96
CA GLN FA 48 47.05 -31.45 -60.74
C GLN FA 48 47.06 -31.76 -59.25
N SER FA 49 46.70 -32.99 -58.92
CA SER FA 49 46.64 -33.40 -57.53
C SER FA 49 48.05 -33.58 -56.96
N GLY FA 50 48.30 -32.95 -55.82
CA GLY FA 50 49.59 -33.07 -55.17
C GLY FA 50 50.71 -32.32 -55.84
N ILE FA 51 50.40 -31.44 -56.77
CA ILE FA 51 51.40 -30.67 -57.50
C ILE FA 51 51.00 -29.20 -57.43
N ALA FA 52 51.99 -28.33 -57.20
CA ALA FA 52 51.75 -26.90 -57.16
C ALA FA 52 52.01 -26.29 -58.53
N PHE FA 53 51.03 -25.55 -59.03
CA PHE FA 53 51.11 -24.91 -60.33
C PHE FA 53 51.53 -23.46 -60.17
N LYS FA 54 52.57 -23.06 -60.87
CA LYS FA 54 53.03 -21.67 -60.83
C LYS FA 54 52.20 -20.86 -61.82
N VAL FA 55 51.45 -19.89 -61.30
CA VAL FA 55 50.58 -19.06 -62.13
C VAL FA 55 51.42 -18.02 -62.86
N PRO FA 56 51.50 -18.06 -64.19
CA PRO FA 56 52.35 -17.11 -64.89
C PRO FA 56 51.72 -15.74 -64.97
N VAL FA 57 52.58 -14.73 -65.08
CA VAL FA 57 52.11 -13.37 -65.21
C VAL FA 57 51.57 -13.11 -66.62
N GLY FA 58 52.09 -13.82 -67.62
CA GLY FA 58 51.68 -13.59 -68.99
C GLY FA 58 50.21 -13.87 -69.26
N SER FA 59 49.54 -14.58 -68.35
CA SER FA 59 48.11 -14.82 -68.45
C SER FA 59 47.30 -13.54 -68.27
N LEU FA 60 47.91 -12.50 -67.71
CA LEU FA 60 47.28 -11.22 -67.53
C LEU FA 60 47.29 -10.40 -68.83
N PHE FA 61 48.28 -10.64 -69.69
CA PHE FA 61 48.40 -9.92 -70.95
C PHE FA 61 47.71 -10.73 -72.04
N SER FA 62 46.54 -10.28 -72.46
CA SER FA 62 45.79 -10.95 -73.51
C SER FA 62 44.81 -9.96 -74.11
N ALA FA 63 44.46 -10.19 -75.38
CA ALA FA 63 43.39 -9.41 -76.00
C ALA FA 63 42.04 -9.70 -75.37
N ASN FA 64 41.89 -10.88 -74.74
CA ASN FA 64 40.67 -11.22 -74.02
C ASN FA 64 40.42 -10.30 -72.84
N PHE FA 65 41.46 -9.59 -72.38
CA PHE FA 65 41.33 -8.64 -71.28
C PHE FA 65 41.67 -7.23 -71.71
N ARG FA 66 41.82 -6.99 -73.01
CA ARG FA 66 42.19 -5.68 -73.55
C ARG FA 66 43.59 -5.26 -73.09
N THR FA 67 44.43 -6.21 -72.72
CA THR FA 67 45.74 -5.91 -72.14
C THR FA 67 46.91 -6.38 -72.96
N ASP FA 68 46.70 -6.79 -74.22
CA ASP FA 68 47.82 -7.20 -75.05
C ASP FA 68 48.74 -6.03 -75.40
N SER FA 69 48.31 -4.80 -75.16
CA SER FA 69 49.14 -3.63 -75.40
C SER FA 69 50.08 -3.33 -74.25
N PHE FA 70 50.00 -4.10 -73.17
CA PHE FA 70 50.85 -3.91 -72.00
C PHE FA 70 51.96 -4.95 -72.00
N THR FA 71 53.08 -4.60 -71.39
CA THR FA 71 54.18 -5.54 -71.20
C THR FA 71 54.53 -5.78 -69.74
N SER FA 72 54.13 -4.89 -68.84
CA SER FA 72 54.39 -5.04 -67.42
C SER FA 72 53.12 -4.79 -66.64
N VAL FA 73 53.12 -5.20 -65.38
CA VAL FA 73 51.96 -5.07 -64.53
C VAL FA 73 52.41 -5.14 -63.08
N THR FA 74 51.68 -4.42 -62.22
CA THR FA 74 51.95 -4.39 -60.78
C THR FA 74 50.79 -5.05 -60.06
N VAL FA 75 51.00 -6.28 -59.60
CA VAL FA 75 49.95 -7.03 -58.91
C VAL FA 75 49.79 -6.50 -57.50
N MET FA 76 48.53 -6.31 -57.09
CA MET FA 76 48.19 -5.81 -55.77
C MET FA 76 47.61 -6.86 -54.84
N SER FA 77 46.79 -7.78 -55.37
CA SER FA 77 46.28 -8.88 -54.56
C SER FA 77 45.85 -9.99 -55.50
N VAL FA 78 45.81 -11.20 -54.95
CA VAL FA 78 45.38 -12.39 -55.66
C VAL FA 78 44.25 -13.04 -54.87
N ARG FA 79 43.22 -13.51 -55.57
CA ARG FA 79 42.14 -14.28 -54.98
C ARG FA 79 41.85 -15.49 -55.86
N ALA FA 80 41.61 -16.63 -55.22
CA ALA FA 80 41.46 -17.92 -55.90
C ALA FA 80 40.17 -18.61 -55.47
N TRP FA 81 39.50 -19.23 -56.46
CA TRP FA 81 38.29 -20.04 -56.26
C TRP FA 81 38.44 -21.36 -57.01
N THR FA 82 38.04 -22.45 -56.37
CA THR FA 82 38.03 -23.74 -57.04
C THR FA 82 36.97 -23.74 -58.14
N GLN FA 83 37.38 -24.10 -59.35
CA GLN FA 83 36.49 -23.98 -60.50
C GLN FA 83 35.69 -25.24 -60.77
N LEU FA 84 36.13 -26.38 -60.28
CA LEU FA 84 35.48 -27.66 -60.51
C LEU FA 84 35.18 -28.32 -59.18
N THR FA 85 34.45 -29.44 -59.25
CA THR FA 85 34.06 -30.13 -58.04
C THR FA 85 35.23 -30.92 -57.46
N PRO FA 86 35.27 -31.10 -56.15
CA PRO FA 86 36.36 -31.85 -55.52
C PRO FA 86 36.21 -33.33 -55.78
N PRO FA 87 37.21 -34.13 -55.41
CA PRO FA 87 37.06 -35.59 -55.50
C PRO FA 87 35.90 -36.07 -54.64
N VAL FA 88 35.62 -37.36 -54.75
CA VAL FA 88 34.51 -37.94 -54.02
C VAL FA 88 34.84 -37.98 -52.53
N ASN FA 89 33.83 -37.68 -51.70
CA ASN FA 89 33.86 -37.69 -50.24
C ASN FA 89 34.67 -36.54 -49.65
N GLU FA 90 35.24 -35.66 -50.48
CA GLU FA 90 36.11 -34.59 -50.01
C GLU FA 90 35.43 -33.23 -50.14
N TYR FA 91 35.86 -32.30 -49.30
CA TYR FA 91 35.54 -30.89 -49.41
C TYR FA 91 36.65 -30.17 -50.14
N SER FA 92 36.28 -29.12 -50.88
CA SER FA 92 37.26 -28.41 -51.70
C SER FA 92 38.27 -27.66 -50.83
N PHE FA 93 39.47 -27.48 -51.37
CA PHE FA 93 40.43 -26.59 -50.74
C PHE FA 93 41.25 -25.90 -51.83
N VAL FA 94 41.99 -24.88 -51.42
CA VAL FA 94 42.87 -24.14 -52.31
C VAL FA 94 43.92 -23.45 -51.46
N ARG FA 95 45.15 -23.41 -51.96
CA ARG FA 95 46.28 -22.77 -51.30
C ARG FA 95 46.98 -21.83 -52.26
N LEU FA 96 47.57 -20.77 -51.72
CA LEU FA 96 48.31 -19.78 -52.50
C LEU FA 96 49.65 -19.52 -51.82
N LYS FA 97 50.74 -19.70 -52.57
CA LYS FA 97 52.06 -19.35 -52.07
C LYS FA 97 52.62 -18.20 -52.90
N PRO FA 98 52.69 -16.99 -52.35
CA PRO FA 98 53.15 -15.85 -53.14
C PRO FA 98 54.61 -16.00 -53.56
N LEU FA 99 54.86 -15.74 -54.85
CA LEU FA 99 56.20 -15.80 -55.42
C LEU FA 99 56.65 -14.42 -55.85
N PHE FA 100 57.92 -14.10 -55.55
CA PHE FA 100 58.50 -12.79 -55.84
C PHE FA 100 59.87 -12.98 -56.45
N LYS FA 101 60.22 -12.09 -57.38
CA LYS FA 101 61.51 -12.22 -58.08
C LYS FA 101 62.68 -11.94 -57.15
N THR FA 102 62.45 -11.15 -56.10
CA THR FA 102 63.47 -10.88 -55.10
C THR FA 102 63.60 -11.98 -54.07
N GLY FA 103 62.55 -12.77 -53.88
CA GLY FA 103 62.56 -13.84 -52.90
C GLY FA 103 61.17 -14.42 -52.69
N ASP FA 104 60.99 -15.67 -53.12
CA ASP FA 104 59.71 -16.34 -52.96
C ASP FA 104 59.39 -16.54 -51.49
N SER FA 105 58.11 -16.44 -51.14
CA SER FA 105 57.66 -16.68 -49.78
C SER FA 105 57.24 -18.14 -49.61
N THR FA 106 57.10 -18.54 -48.35
CA THR FA 106 56.71 -19.91 -48.03
C THR FA 106 55.33 -20.01 -47.38
N GLU FA 107 54.53 -18.94 -47.45
CA GLU FA 107 53.17 -19.00 -46.92
C GLU FA 107 52.30 -19.91 -47.79
N GLU FA 108 51.22 -20.40 -47.18
CA GLU FA 108 50.27 -21.27 -47.86
C GLU FA 108 48.88 -20.89 -47.35
N PHE FA 109 48.44 -19.69 -47.74
CA PHE FA 109 47.10 -19.24 -47.40
C PHE FA 109 46.07 -20.21 -47.92
N GLU FA 110 45.40 -20.93 -47.01
CA GLU FA 110 44.47 -21.98 -47.39
C GLU FA 110 43.04 -21.61 -47.02
N GLY FA 111 42.12 -21.92 -47.93
CA GLY FA 111 40.71 -21.78 -47.65
C GLY FA 111 39.97 -23.05 -48.05
N ARG FA 112 39.08 -23.53 -47.17
CA ARG FA 112 38.33 -24.75 -47.40
C ARG FA 112 36.84 -24.45 -47.44
N ALA FA 113 36.10 -25.33 -48.11
CA ALA FA 113 34.66 -25.18 -48.25
C ALA FA 113 33.93 -25.97 -47.17
N SER FA 114 32.97 -25.34 -46.51
CA SER FA 114 32.14 -26.04 -45.54
C SER FA 114 30.97 -26.76 -46.20
N ASN FA 115 30.93 -26.79 -47.53
CA ASN FA 115 29.91 -27.54 -48.26
C ASN FA 115 30.59 -28.18 -49.46
N ILE FA 116 30.32 -29.47 -49.67
CA ILE FA 116 30.96 -30.18 -50.78
C ILE FA 116 30.58 -29.59 -52.13
N ASN FA 117 29.43 -28.93 -52.22
CA ASN FA 117 28.97 -28.36 -53.47
C ASN FA 117 29.43 -26.92 -53.68
N THR FA 118 30.08 -26.33 -52.69
CA THR FA 118 30.48 -24.93 -52.72
C THR FA 118 31.97 -24.80 -53.00
N ARG FA 119 32.35 -23.74 -53.70
CA ARG FA 119 33.76 -23.47 -54.00
C ARG FA 119 34.55 -23.22 -52.72
N ALA FA 120 35.88 -23.33 -52.85
CA ALA FA 120 36.81 -22.99 -51.78
C ALA FA 120 37.59 -21.75 -52.19
N SER FA 121 37.52 -20.72 -51.37
CA SER FA 121 38.10 -19.44 -51.70
C SER FA 121 39.16 -19.04 -50.70
N VAL FA 122 40.18 -18.35 -51.19
CA VAL FA 122 41.22 -17.77 -50.34
C VAL FA 122 41.96 -16.73 -51.17
N GLY FA 123 42.66 -15.82 -50.50
CA GLY FA 123 43.43 -14.79 -51.19
C GLY FA 123 44.47 -14.19 -50.29
N TYR FA 124 45.34 -13.38 -50.88
CA TYR FA 124 46.39 -12.70 -50.13
C TYR FA 124 46.65 -11.32 -50.70
N ARG FA 125 47.06 -10.40 -49.82
CA ARG FA 125 47.38 -9.02 -50.19
C ARG FA 125 48.89 -8.84 -50.25
N ILE FA 126 49.33 -8.09 -51.24
CA ILE FA 126 50.75 -7.77 -51.43
C ILE FA 126 51.00 -6.40 -50.81
N PRO FA 127 51.94 -6.26 -49.88
CA PRO FA 127 52.19 -4.95 -49.28
C PRO FA 127 52.76 -3.99 -50.30
N THR FA 128 52.63 -2.70 -49.97
CA THR FA 128 53.10 -1.66 -50.88
C THR FA 128 54.58 -1.80 -51.16
N ASN FA 129 55.37 -2.21 -50.16
CA ASN FA 129 56.80 -2.37 -50.36
C ASN FA 129 57.16 -3.52 -51.30
N LEU FA 130 56.19 -4.35 -51.71
CA LEU FA 130 56.46 -5.50 -52.58
C LEU FA 130 55.66 -5.43 -53.88
N ARG FA 131 55.17 -4.25 -54.23
CA ARG FA 131 54.39 -4.06 -55.46
C ARG FA 131 55.31 -3.44 -56.51
N GLN FA 132 56.15 -4.28 -57.08
CA GLN FA 132 56.97 -3.92 -58.23
C GLN FA 132 56.41 -4.58 -59.48
N ASN FA 133 56.94 -4.14 -60.63
CA ASN FA 133 56.46 -4.65 -61.91
C ASN FA 133 56.90 -6.08 -62.13
N THR FA 134 56.05 -6.83 -62.83
CA THR FA 134 56.33 -8.20 -63.23
C THR FA 134 56.05 -8.34 -64.73
N VAL FA 135 56.85 -9.14 -65.42
CA VAL FA 135 56.69 -9.36 -66.85
C VAL FA 135 56.10 -10.74 -67.09
N ALA FA 136 55.79 -11.07 -68.35
CA ALA FA 136 55.13 -12.33 -68.65
C ALA FA 136 55.95 -13.54 -68.20
N ALA FA 137 57.28 -13.43 -68.22
CA ALA FA 137 58.15 -14.54 -67.86
C ALA FA 137 58.15 -14.82 -66.37
N ASP FA 138 57.44 -14.04 -65.58
CA ASP FA 138 57.44 -14.20 -64.14
C ASP FA 138 56.23 -15.01 -63.69
N ASN FA 139 56.20 -15.33 -62.41
CA ASN FA 139 55.09 -16.03 -61.80
C ASN FA 139 54.62 -15.24 -60.59
N VAL FA 140 53.34 -15.34 -60.29
CA VAL FA 140 52.80 -14.59 -59.16
C VAL FA 140 52.73 -15.44 -57.91
N CYS FA 141 52.30 -16.69 -58.03
CA CYS FA 141 52.12 -17.55 -56.88
C CYS FA 141 52.01 -18.99 -57.35
N GLU FA 142 52.01 -19.91 -56.40
CA GLU FA 142 51.73 -21.30 -56.64
C GLU FA 142 50.32 -21.62 -56.15
N VAL FA 143 49.63 -22.49 -56.88
CA VAL FA 143 48.27 -22.90 -56.53
C VAL FA 143 48.25 -24.40 -56.28
N ARG FA 144 47.70 -24.80 -55.15
CA ARG FA 144 47.46 -26.18 -54.79
C ARG FA 144 45.98 -26.37 -54.50
N SER FA 145 45.43 -27.49 -54.97
CA SER FA 145 44.02 -27.75 -54.73
C SER FA 145 43.71 -29.19 -55.10
N ASN FA 146 42.63 -29.71 -54.52
CA ASN FA 146 42.13 -31.02 -54.91
C ASN FA 146 41.21 -30.96 -56.12
N CYS FA 147 40.81 -29.76 -56.52
CA CYS FA 147 40.05 -29.54 -57.74
C CYS FA 147 41.00 -29.36 -58.92
N ARG FA 148 40.55 -29.80 -60.09
CA ARG FA 148 41.41 -29.83 -61.26
C ARG FA 148 41.58 -28.45 -61.90
N GLN FA 149 40.69 -27.52 -61.62
CA GLN FA 149 40.80 -26.15 -62.11
C GLN FA 149 40.51 -25.17 -60.99
N VAL FA 150 41.19 -24.03 -61.04
CA VAL FA 150 41.03 -22.96 -60.07
C VAL FA 150 40.85 -21.66 -60.82
N ALA FA 151 39.90 -20.84 -60.36
CA ALA FA 151 39.64 -19.53 -60.93
C ALA FA 151 40.35 -18.47 -60.11
N LEU FA 152 40.98 -17.51 -60.78
CA LEU FA 152 41.71 -16.45 -60.11
C LEU FA 152 41.21 -15.09 -60.58
N VAL FA 153 41.02 -14.18 -59.63
CA VAL FA 153 40.65 -12.80 -59.93
C VAL FA 153 41.77 -11.93 -59.36
N ILE FA 154 42.73 -11.59 -60.21
CA ILE FA 154 43.93 -10.87 -59.79
C ILE FA 154 43.70 -9.37 -59.97
N SER FA 155 43.90 -8.63 -58.88
CA SER FA 155 43.80 -7.17 -58.90
C SER FA 155 45.19 -6.60 -59.09
N CYS FA 156 45.36 -5.80 -60.15
CA CYS FA 156 46.68 -5.32 -60.52
C CYS FA 156 46.56 -3.99 -61.26
N CYS FA 157 47.71 -3.33 -61.42
CA CYS FA 157 47.82 -2.06 -62.13
C CYS FA 157 48.66 -2.27 -63.38
N PHE FA 158 48.03 -2.23 -64.55
CA PHE FA 158 48.74 -2.38 -65.81
C PHE FA 158 49.44 -1.08 -66.21
N ASN FA 159 50.64 -1.22 -66.77
CA ASN FA 159 51.43 -0.08 -67.21
C ASN FA 159 52.43 -0.45 -68.31
#